data_7Y1C
#
_entry.id   7Y1C
#
_cell.length_a   1.00
_cell.length_b   1.00
_cell.length_c   1.00
_cell.angle_alpha   90.00
_cell.angle_beta   90.00
_cell.angle_gamma   90.00
#
_symmetry.space_group_name_H-M   'P 1'
#
loop_
_entity.id
_entity.type
_entity.pdbx_description
1 polymer 'phage connector protein'
2 polymer 'phage tail tubular protein A'
3 polymer 'phage tail tubular protein B'
4 polymer 'phage type I tail fiber'
#
loop_
_entity_poly.entity_id
_entity_poly.type
_entity_poly.pdbx_seq_one_letter_code
_entity_poly.pdbx_strand_id
1 'polypeptide(L)'
;MAEVKLEGFAEEGAKAVYDRLKNDRQPYETRAESCAQYTIPSLFPKDSDNASTDYTTPWQSVGARGLNNLASKLMLALFP
MQSWMKLTISEYEAKNLLGDAEGLAKVDEGLSMVERIIMNYIESNSYRVTLFECLKQLCVAGNALLYLPEPEGYTPMKLY
RLNSYVVQRDAFGNVLQIVTLDKIAFNALPEDVRSQVEAAQGEQKEDAEIDVYTHVYLNEAGDGYSKYEEVAEEVVPGSE
AEYPLEECPYIPVRMVRIDGESYGRSYVEEYLGDLKSLENLQESIVKMAMITAKVIGLVDPAGITQVRRLTAAQSGAFVP
GRKQDIEFLQLEKSGDFTVAKNVSDTIEARLSYAFMLNSAVQRTGERVTAEEIRYVASELEDTLGGVYSILSQELQLPLV
RVLLKQLQATQQIPELPKEAVEPTISTGLEAIGRGQDLDKLERCIAAWSALKALEGDDDLNLANLKLRIANAIGLDTAGM
LLTQEQKNALMAQQGAQIATQQGAAALGQGMAAQATASPEAMAAAADSVGMQPGM
;
A,L
2 'polypeptide(L)'
;MNMQDAYFGSAAELDAVNEMLAAIGESPVTTLDEDGSADVANARRILNRINRQIQSKGWAFNINESATLTPDASTGLIPF
RPAYLSILGGQYINRGGWVYDKSTGTDTFSGPITVTLITLQDYDEMPECFRQWIVTKASRQFNSRFFGAEDVENSLAQEE
MEARMACNEYEMDFGQYNMLDGDAYVQGLIGR
;
W,X
3 'polypeptide(L)'
;MALVSQSIKNLKGGISQQPEILRYPEQGTLQVNGWSSETEGLQKRPPMVFIKSLGPRGYLGEDPYIHLINRDEYEQYYAV
FTGNDVRVFDLSGYEYQVRGDRSYVTVNNPKDNLRMVTVADYTFIVNRTRQVRENQNRTNGGTFRDNVDAIINVRGGQYG
RKLEVNINGVWVSHQLPPGDNAKEDPPKVDAQAIAEAIATLLRTAHPTWTFNVGTGFIHCIAPADTTIDILETKDGYADQ
LINPVTHYVQSFSKLPLNAPDGYMVKIVGDTSKTADQYYVKYDKSQKVWKETVGWNISVGLEYHTMPWTLVRAADGNFDL
GYHEWKDRRAGDDDTNPQPSFVNSTITDVFFFRNRLGFISGENIVMSRTSKYFEFYPPSVANYTDDDPLDVAVSHNRVSV
LKYAVSFAEELLLWSDEAQFVLSANGVLSAKTAQLDLTTQFDVSDRARPYGIGRNIYYASPRSSFTSIMRYYAVQDVSSV
KNAEDMTAHVPNYIPNGVYSINGSGTENFACVLTKGAPSKVFIYKFLYMDENIRQQSWSHWDFGDGVEVMAANCINSTMY
MLMRNGYNVWIAAVDFKKESTDFPFEPYRFHVDAKRSYHISETAYDIETNQTVVNVKDIYGASFAKGTVAICESDGKITE
YEPTGNSWDSTPDIRISGDVSGKNIVIGFLYDFQYVFSRFLIKQEQNDGTTSTEDSGRLQLRRAWVNYQNTGAFTVSVDN
GSREFNYLVNARVGSTGLRLGQKATTTGQYRFPVTGNALYQKVSLSSFNASPVSIIGCGWEGNYSRRANGI
;
Y
4 'polypeptide(L)'
;MDQDIKTVIQYPVGTTEFDIPFDYLSRKFVRVSLVSDDNRRLLSNITEYRYVSKTRVKLLVATTGFDRVEIRRFTSASER
IVDFSDGSVLRANDLNVSQLQSAHIAEEARDAALLAMPEDDAGNLDARNRKIVRLAPGEAGTDAINKNQLDTTLGEAGGI
LSEVKDLQKDMEDYLQNWGDDTTAIRGVLWVYNQGSAVGGETSFVITKEGPVLAVPYIEINGSRQYRGWHYEYDLGSKTI
TLAKPLSAGDLVVCTTAETTLPLADSLAGPTGASQIGTANGLNVQIALDNLRSGVNVLDFMTFAERAAVLNYTGTNDNSE
AFRKAFATGSRQIIVPPGRYHVKDVEIPSKVKLFGTYSYKPYNVTSDASFGTDGTIIRKVAGADNMFLWNTACAAEGVMF
DGRDRTSPAIQSKSGGKISVGFFKCGFYRFDRVGNRRGAYIGCSFQFCNFNQNNIGIYNTVDGNHIGCTINANKSHGVML
ETGANSNTFTNCRNEWNEGDNWNFYGATSIQVINELCDRAFGYGFRISNSSVTLINVNIRRSARTAASGAASAQIYFESS
TLKMIGVNSSVGGDDTGGSITEPSPDYFFRMAGTSEGRLEISDSRLTGYTVGLISGTARPSVIRVINSPGWEDTINEGVA
RISGGRPYIGTMPTATGPANVSPAVLGLSCGGVNTYDNDMFDIHLTIRNTNNGGHNGAILTVLLYREGGAARATIVRVDS
RSNAVGEGDVNSTSADPQQVYQVSVEVTSNDASTFNLLVSTKSDNSASYRFRAKVKP
;
e,f,g
#
# COMPACT_ATOMS: atom_id res chain seq x y z
N GLU A 7 -52.50 -55.81 14.59
CA GLU A 7 -51.33 -55.57 13.76
C GLU A 7 -50.71 -54.21 14.07
N GLY A 8 -50.40 -53.98 15.35
CA GLY A 8 -49.91 -52.68 15.76
C GLY A 8 -48.67 -52.24 15.01
N PHE A 9 -47.75 -53.18 14.78
CA PHE A 9 -46.57 -52.90 13.98
C PHE A 9 -46.84 -52.95 12.48
N ALA A 10 -48.02 -53.41 12.06
CA ALA A 10 -48.32 -53.62 10.66
C ALA A 10 -49.63 -52.97 10.23
N GLU A 11 -50.04 -51.91 10.92
CA GLU A 11 -51.23 -51.17 10.49
C GLU A 11 -51.01 -50.52 9.12
N GLU A 12 -49.86 -49.88 8.93
CA GLU A 12 -49.62 -49.15 7.69
C GLU A 12 -49.25 -50.06 6.53
N GLY A 13 -48.61 -51.19 6.81
CA GLY A 13 -48.22 -52.10 5.75
C GLY A 13 -46.73 -52.34 5.68
N ALA A 14 -46.31 -53.42 5.03
CA ALA A 14 -44.89 -53.75 4.97
C ALA A 14 -44.10 -52.70 4.20
N LYS A 15 -44.63 -52.25 3.06
CA LYS A 15 -43.89 -51.28 2.24
C LYS A 15 -43.72 -49.95 2.95
N ALA A 16 -44.76 -49.50 3.67
CA ALA A 16 -44.68 -48.22 4.36
C ALA A 16 -43.63 -48.25 5.46
N VAL A 17 -43.55 -49.36 6.19
CA VAL A 17 -42.55 -49.48 7.25
C VAL A 17 -41.15 -49.47 6.67
N TYR A 18 -40.95 -50.16 5.55
CA TYR A 18 -39.64 -50.18 4.92
C TYR A 18 -39.22 -48.79 4.46
N ASP A 19 -40.15 -48.05 3.86
CA ASP A 19 -39.83 -46.71 3.38
C ASP A 19 -39.55 -45.76 4.53
N ARG A 20 -40.32 -45.87 5.63
CA ARG A 20 -40.10 -45.01 6.78
C ARG A 20 -38.77 -45.30 7.45
N LEU A 21 -38.49 -46.58 7.72
CA LEU A 21 -37.28 -46.97 8.42
C LEU A 21 -36.03 -46.86 7.56
N LYS A 22 -36.17 -46.65 6.26
CA LYS A 22 -35.01 -46.54 5.38
C LYS A 22 -34.17 -45.33 5.74
N ASN A 23 -34.78 -44.28 6.30
CA ASN A 23 -34.04 -43.08 6.65
C ASN A 23 -32.99 -43.36 7.72
N ASP A 24 -33.35 -44.16 8.73
CA ASP A 24 -32.40 -44.49 9.78
C ASP A 24 -31.26 -45.37 9.28
N ARG A 25 -31.48 -46.11 8.19
CA ARG A 25 -30.43 -46.93 7.60
C ARG A 25 -29.43 -46.12 6.80
N GLN A 26 -29.76 -44.88 6.44
CA GLN A 26 -28.90 -44.10 5.57
C GLN A 26 -27.50 -43.87 6.15
N PRO A 27 -27.32 -43.49 7.42
CA PRO A 27 -25.95 -43.30 7.92
C PRO A 27 -25.09 -44.55 7.82
N TYR A 28 -25.68 -45.73 8.00
CA TYR A 28 -24.89 -46.96 7.93
C TYR A 28 -24.55 -47.31 6.49
N GLU A 29 -25.46 -47.06 5.55
CA GLU A 29 -25.15 -47.29 4.15
C GLU A 29 -24.04 -46.38 3.66
N THR A 30 -24.12 -45.09 4.01
CA THR A 30 -23.09 -44.15 3.59
C THR A 30 -21.74 -44.50 4.18
N ARG A 31 -21.72 -44.90 5.46
CA ARG A 31 -20.46 -45.26 6.10
C ARG A 31 -19.90 -46.56 5.52
N ALA A 32 -20.78 -47.45 5.04
CA ALA A 32 -20.31 -48.70 4.46
C ALA A 32 -19.69 -48.47 3.08
N GLU A 33 -20.26 -47.55 2.29
CA GLU A 33 -19.70 -47.25 0.98
C GLU A 33 -18.32 -46.63 1.11
N SER A 34 -18.12 -45.77 2.10
CA SER A 34 -16.81 -45.18 2.33
C SER A 34 -15.79 -46.25 2.70
N CYS A 35 -16.16 -47.18 3.58
CA CYS A 35 -15.26 -48.24 3.97
C CYS A 35 -14.91 -49.14 2.79
N ALA A 36 -15.91 -49.48 1.97
CA ALA A 36 -15.65 -50.33 0.81
C ALA A 36 -14.81 -49.62 -0.23
N GLN A 37 -14.95 -48.30 -0.36
CA GLN A 37 -14.20 -47.57 -1.37
C GLN A 37 -12.69 -47.72 -1.17
N TYR A 38 -12.25 -47.89 0.08
CA TYR A 38 -10.82 -47.99 0.33
C TYR A 38 -10.32 -49.43 0.37
N THR A 39 -11.11 -50.36 0.90
CA THR A 39 -10.66 -51.75 0.95
C THR A 39 -10.94 -52.49 -0.36
N ILE A 40 -12.20 -52.68 -0.69
CA ILE A 40 -12.62 -53.41 -1.88
C ILE A 40 -13.87 -52.73 -2.44
N PRO A 41 -13.75 -51.91 -3.49
CA PRO A 41 -14.94 -51.19 -3.98
C PRO A 41 -16.06 -52.09 -4.45
N SER A 42 -15.75 -53.31 -4.88
CA SER A 42 -16.78 -54.19 -5.44
C SER A 42 -17.71 -54.76 -4.38
N LEU A 43 -17.29 -54.78 -3.11
CA LEU A 43 -18.11 -55.42 -2.08
C LEU A 43 -19.42 -54.68 -1.87
N PHE A 44 -19.38 -53.35 -1.79
CA PHE A 44 -20.53 -52.55 -1.43
C PHE A 44 -20.73 -51.44 -2.46
N PRO A 45 -21.37 -51.74 -3.59
CA PRO A 45 -21.78 -50.67 -4.50
C PRO A 45 -22.85 -49.80 -3.88
N LYS A 46 -22.91 -48.55 -4.35
CA LYS A 46 -23.71 -47.51 -3.72
C LYS A 46 -25.13 -47.43 -4.26
N ASP A 47 -25.70 -48.54 -4.70
CA ASP A 47 -27.12 -48.67 -5.01
C ASP A 47 -27.50 -47.89 -6.27
N SER A 48 -26.55 -47.13 -6.82
CA SER A 48 -26.73 -46.49 -8.11
C SER A 48 -25.82 -47.06 -9.18
N ASP A 49 -24.98 -48.03 -8.84
CA ASP A 49 -24.02 -48.59 -9.78
C ASP A 49 -24.66 -49.75 -10.53
N ASN A 50 -24.81 -49.59 -11.84
CA ASN A 50 -25.32 -50.63 -12.70
C ASN A 50 -24.16 -51.48 -13.23
N ALA A 51 -24.44 -52.31 -14.24
CA ALA A 51 -23.40 -53.16 -14.81
C ALA A 51 -22.29 -52.33 -15.45
N SER A 52 -22.61 -51.14 -15.92
CA SER A 52 -21.62 -50.29 -16.60
C SER A 52 -20.94 -49.33 -15.64
N THR A 53 -20.39 -49.86 -14.55
CA THR A 53 -19.61 -49.08 -13.60
C THR A 53 -18.31 -49.81 -13.33
N ASP A 54 -17.20 -49.09 -13.43
CA ASP A 54 -15.88 -49.65 -13.19
C ASP A 54 -15.41 -49.22 -11.81
N TYR A 55 -14.91 -50.18 -11.03
CA TYR A 55 -14.44 -49.91 -9.67
C TYR A 55 -12.92 -49.75 -9.72
N THR A 56 -12.46 -48.51 -9.64
CA THR A 56 -11.04 -48.23 -9.71
C THR A 56 -10.34 -48.74 -8.46
N THR A 57 -9.17 -49.34 -8.65
CA THR A 57 -8.44 -49.92 -7.54
C THR A 57 -7.95 -48.84 -6.60
N PRO A 58 -8.06 -49.04 -5.28
CA PRO A 58 -7.50 -48.06 -4.35
C PRO A 58 -5.98 -47.96 -4.50
N TRP A 59 -5.46 -46.76 -4.21
CA TRP A 59 -4.04 -46.50 -4.46
C TRP A 59 -3.16 -47.28 -3.50
N GLN A 60 -3.70 -47.79 -2.40
CA GLN A 60 -3.00 -48.65 -1.46
C GLN A 60 -3.66 -50.02 -1.42
N SER A 61 -2.84 -51.05 -1.30
CA SER A 61 -3.32 -52.43 -1.30
C SER A 61 -3.49 -53.02 0.08
N VAL A 62 -3.25 -52.24 1.14
CA VAL A 62 -3.36 -52.78 2.49
C VAL A 62 -4.81 -53.07 2.85
N GLY A 63 -5.73 -52.22 2.40
CA GLY A 63 -7.13 -52.43 2.72
C GLY A 63 -7.68 -53.72 2.13
N ALA A 64 -7.38 -53.98 0.86
CA ALA A 64 -7.86 -55.19 0.22
C ALA A 64 -7.20 -56.44 0.80
N ARG A 65 -5.88 -56.39 1.00
CA ARG A 65 -5.17 -57.54 1.55
C ARG A 65 -5.61 -57.83 2.98
N GLY A 66 -5.77 -56.79 3.79
CA GLY A 66 -6.19 -57.00 5.17
C GLY A 66 -7.62 -57.50 5.28
N LEU A 67 -8.52 -56.95 4.47
CA LEU A 67 -9.93 -57.35 4.55
C LEU A 67 -10.12 -58.81 4.15
N ASN A 68 -9.44 -59.24 3.09
CA ASN A 68 -9.55 -60.63 2.68
C ASN A 68 -8.95 -61.56 3.73
N ASN A 69 -7.81 -61.17 4.31
CA ASN A 69 -7.19 -62.00 5.33
C ASN A 69 -8.06 -62.11 6.58
N LEU A 70 -8.64 -60.99 7.02
CA LEU A 70 -9.45 -61.02 8.23
C LEU A 70 -10.71 -61.86 8.04
N ALA A 71 -11.34 -61.78 6.87
CA ALA A 71 -12.53 -62.58 6.61
C ALA A 71 -12.20 -64.07 6.62
N SER A 72 -11.06 -64.44 6.04
CA SER A 72 -10.68 -65.86 6.01
C SER A 72 -10.31 -66.36 7.39
N LYS A 73 -9.55 -65.56 8.15
CA LYS A 73 -9.19 -65.96 9.51
C LYS A 73 -10.42 -66.10 10.40
N LEU A 74 -11.37 -65.17 10.25
CA LEU A 74 -12.61 -65.27 11.02
C LEU A 74 -13.39 -66.53 10.64
N MET A 75 -13.45 -66.83 9.34
CA MET A 75 -14.16 -68.03 8.90
C MET A 75 -13.50 -69.29 9.43
N LEU A 76 -12.18 -69.35 9.41
CA LEU A 76 -11.47 -70.53 9.89
C LEU A 76 -11.68 -70.73 11.39
N ALA A 77 -11.62 -69.66 12.16
CA ALA A 77 -11.80 -69.79 13.60
C ALA A 77 -13.26 -70.04 13.97
N LEU A 78 -14.17 -69.29 13.36
CA LEU A 78 -15.59 -69.41 13.72
C LEU A 78 -16.15 -70.76 13.31
N PHE A 79 -15.86 -71.21 12.10
CA PHE A 79 -16.42 -72.45 11.55
C PHE A 79 -15.28 -73.34 11.10
N PRO A 80 -14.61 -74.02 12.06
CA PRO A 80 -13.52 -74.92 11.68
C PRO A 80 -14.00 -76.15 10.94
N MET A 81 -13.08 -77.08 10.68
CA MET A 81 -13.41 -78.22 9.83
C MET A 81 -14.53 -79.06 10.42
N GLN A 82 -14.52 -79.28 11.74
CA GLN A 82 -15.52 -80.15 12.34
C GLN A 82 -15.85 -79.71 13.75
N SER A 83 -17.15 -79.76 14.07
CA SER A 83 -17.67 -79.67 15.44
C SER A 83 -17.25 -78.35 16.11
N TRP A 84 -17.81 -77.27 15.58
CA TRP A 84 -17.75 -76.00 16.29
C TRP A 84 -18.91 -75.81 17.24
N MET A 85 -19.81 -76.78 17.34
CA MET A 85 -20.86 -76.77 18.35
C MET A 85 -20.88 -78.14 19.02
N LYS A 86 -21.61 -78.22 20.13
CA LYS A 86 -21.87 -79.51 20.77
C LYS A 86 -23.23 -79.45 21.44
N LEU A 87 -23.78 -80.63 21.73
CA LEU A 87 -25.06 -80.75 22.41
C LEU A 87 -24.80 -81.33 23.79
N THR A 88 -25.25 -80.63 24.83
CA THR A 88 -25.02 -81.04 26.20
C THR A 88 -26.35 -81.15 26.94
N ILE A 89 -26.48 -82.18 27.74
CA ILE A 89 -27.65 -82.39 28.59
C ILE A 89 -27.27 -82.07 30.02
N SER A 90 -28.24 -81.61 30.81
CA SER A 90 -27.98 -81.33 32.21
C SER A 90 -27.59 -82.61 32.93
N GLU A 91 -26.38 -82.62 33.50
CA GLU A 91 -25.84 -83.84 34.08
C GLU A 91 -26.65 -84.30 35.28
N TYR A 92 -27.07 -83.37 36.13
CA TYR A 92 -27.85 -83.74 37.32
C TYR A 92 -29.21 -84.31 36.91
N GLU A 93 -29.88 -83.67 35.95
CA GLU A 93 -31.18 -84.16 35.52
C GLU A 93 -31.06 -85.51 34.81
N ALA A 94 -30.05 -85.67 33.97
CA ALA A 94 -29.91 -86.91 33.21
C ALA A 94 -29.66 -88.09 34.13
N LYS A 95 -28.85 -87.90 35.18
CA LYS A 95 -28.54 -89.00 36.09
C LYS A 95 -29.79 -89.45 36.84
N ASN A 96 -30.67 -88.52 37.20
CA ASN A 96 -31.88 -88.89 37.93
C ASN A 96 -32.83 -89.69 37.04
N LEU A 97 -33.10 -89.18 35.83
CA LEU A 97 -34.05 -89.86 34.94
C LEU A 97 -33.53 -91.23 34.54
N LEU A 98 -32.25 -91.35 34.20
CA LEU A 98 -31.67 -92.60 33.78
C LEU A 98 -31.13 -93.34 35.00
N GLY A 99 -30.33 -94.37 34.75
CA GLY A 99 -29.69 -95.10 35.82
C GLY A 99 -28.28 -94.60 36.06
N ASP A 100 -27.30 -95.38 35.63
CA ASP A 100 -25.89 -95.00 35.76
C ASP A 100 -25.09 -95.78 34.73
N ALA A 101 -23.76 -95.74 34.88
CA ALA A 101 -22.81 -96.48 34.03
C ALA A 101 -22.98 -96.00 32.59
N GLU A 102 -23.37 -96.84 31.65
CA GLU A 102 -23.39 -96.48 30.23
C GLU A 102 -24.66 -95.74 29.81
N GLY A 103 -25.58 -95.47 30.74
CA GLY A 103 -26.77 -94.72 30.38
C GLY A 103 -26.46 -93.33 29.86
N LEU A 104 -25.54 -92.63 30.54
CA LEU A 104 -25.14 -91.31 30.06
C LEU A 104 -24.29 -91.41 28.80
N ALA A 105 -23.47 -92.45 28.69
CA ALA A 105 -22.66 -92.63 27.49
C ALA A 105 -23.53 -92.88 26.28
N LYS A 106 -24.59 -93.69 26.43
CA LYS A 106 -25.49 -93.96 25.32
C LYS A 106 -26.18 -92.69 24.87
N VAL A 107 -26.59 -91.84 25.82
CA VAL A 107 -27.25 -90.58 25.46
C VAL A 107 -26.30 -89.70 24.67
N ASP A 108 -25.03 -89.65 25.07
CA ASP A 108 -24.06 -88.82 24.37
C ASP A 108 -23.86 -89.26 22.93
N GLU A 109 -24.08 -90.54 22.63
CA GLU A 109 -24.06 -90.98 21.24
C GLU A 109 -25.19 -90.34 20.45
N GLY A 110 -26.38 -90.28 21.03
CA GLY A 110 -27.50 -89.63 20.35
C GLY A 110 -27.24 -88.15 20.13
N LEU A 111 -26.70 -87.47 21.14
CA LEU A 111 -26.36 -86.06 20.98
C LEU A 111 -25.25 -85.88 19.96
N SER A 112 -24.25 -86.75 19.98
CA SER A 112 -23.16 -86.64 19.00
C SER A 112 -23.66 -86.94 17.60
N MET A 113 -24.61 -87.87 17.46
CA MET A 113 -25.17 -88.18 16.14
C MET A 113 -25.93 -86.98 15.59
N VAL A 114 -26.62 -86.23 16.46
CA VAL A 114 -27.33 -85.04 16.01
C VAL A 114 -26.35 -83.99 15.50
N GLU A 115 -25.20 -83.86 16.17
CA GLU A 115 -24.21 -82.89 15.71
C GLU A 115 -23.70 -83.23 14.32
N ARG A 116 -23.45 -84.52 14.05
CA ARG A 116 -22.97 -84.91 12.73
C ARG A 116 -24.01 -84.63 11.66
N ILE A 117 -25.28 -84.78 11.98
CA ILE A 117 -26.34 -84.47 11.02
C ILE A 117 -26.37 -82.98 10.73
N ILE A 118 -26.17 -82.16 11.78
CA ILE A 118 -26.16 -80.71 11.60
C ILE A 118 -25.01 -80.30 10.68
N MET A 119 -23.82 -80.87 10.91
CA MET A 119 -22.68 -80.57 10.05
C MET A 119 -22.94 -81.01 8.62
N ASN A 120 -23.51 -82.20 8.43
CA ASN A 120 -23.79 -82.67 7.08
C ASN A 120 -24.79 -81.77 6.37
N TYR A 121 -25.83 -81.33 7.09
CA TYR A 121 -26.80 -80.43 6.49
C TYR A 121 -26.16 -79.09 6.13
N ILE A 122 -25.29 -78.57 7.00
CA ILE A 122 -24.61 -77.31 6.72
C ILE A 122 -23.69 -77.46 5.52
N GLU A 123 -22.92 -78.54 5.47
CA GLU A 123 -21.95 -78.72 4.40
C GLU A 123 -22.63 -79.05 3.07
N SER A 124 -23.66 -79.90 3.11
CA SER A 124 -24.30 -80.31 1.86
C SER A 124 -25.03 -79.17 1.18
N ASN A 125 -25.52 -78.20 1.94
CA ASN A 125 -26.23 -77.06 1.40
C ASN A 125 -25.32 -75.87 1.13
N SER A 126 -24.01 -76.06 1.25
CA SER A 126 -23.03 -75.01 0.95
C SER A 126 -23.27 -73.76 1.78
N TYR A 127 -23.48 -73.95 3.08
CA TYR A 127 -23.62 -72.81 3.97
C TYR A 127 -22.31 -72.04 4.09
N ARG A 128 -21.17 -72.73 4.02
CA ARG A 128 -19.88 -72.07 4.19
C ARG A 128 -19.65 -71.01 3.13
N VAL A 129 -20.30 -71.13 1.97
CA VAL A 129 -20.22 -70.08 0.96
C VAL A 129 -20.95 -68.83 1.44
N THR A 130 -22.15 -69.01 1.98
CA THR A 130 -22.91 -67.87 2.49
C THR A 130 -22.29 -67.31 3.76
N LEU A 131 -21.74 -68.18 4.60
CA LEU A 131 -21.06 -67.72 5.81
C LEU A 131 -19.88 -66.82 5.46
N PHE A 132 -19.09 -67.19 4.45
CA PHE A 132 -17.94 -66.38 4.10
C PHE A 132 -18.36 -65.06 3.48
N GLU A 133 -19.43 -65.07 2.67
CA GLU A 133 -19.97 -63.83 2.13
C GLU A 133 -20.51 -62.93 3.24
N CYS A 134 -21.18 -63.53 4.23
CA CYS A 134 -21.69 -62.75 5.36
C CYS A 134 -20.55 -62.11 6.15
N LEU A 135 -19.46 -62.84 6.36
CA LEU A 135 -18.35 -62.31 7.12
C LEU A 135 -17.69 -61.12 6.42
N LYS A 136 -17.54 -61.22 5.09
CA LYS A 136 -16.99 -60.08 4.35
C LYS A 136 -17.88 -58.87 4.46
N GLN A 137 -19.21 -59.07 4.38
CA GLN A 137 -20.14 -57.96 4.55
C GLN A 137 -20.07 -57.41 5.97
N LEU A 138 -19.93 -58.29 6.95
CA LEU A 138 -19.87 -57.84 8.34
C LEU A 138 -18.64 -56.96 8.59
N CYS A 139 -17.51 -57.34 8.00
CA CYS A 139 -16.28 -56.59 8.24
C CYS A 139 -16.32 -55.22 7.56
N VAL A 140 -16.86 -55.14 6.34
CA VAL A 140 -16.84 -53.88 5.62
C VAL A 140 -18.07 -53.04 5.92
N ALA A 141 -19.21 -53.69 6.09
CA ALA A 141 -20.47 -53.01 6.40
C ALA A 141 -20.90 -53.27 7.85
N GLY A 142 -20.69 -54.48 8.33
CA GLY A 142 -20.98 -54.82 9.71
C GLY A 142 -22.42 -55.19 9.97
N ASN A 143 -23.25 -55.10 8.94
CA ASN A 143 -24.64 -55.47 9.08
C ASN A 143 -24.97 -56.42 7.96
N ALA A 144 -25.50 -57.58 8.31
CA ALA A 144 -25.89 -58.56 7.31
C ALA A 144 -27.11 -59.30 7.81
N LEU A 145 -27.98 -59.71 6.90
CA LEU A 145 -29.15 -60.47 7.30
C LEU A 145 -29.15 -61.77 6.53
N LEU A 146 -29.25 -62.88 7.24
CA LEU A 146 -29.28 -64.18 6.60
C LEU A 146 -30.59 -64.85 6.98
N TYR A 147 -31.28 -65.39 5.98
CA TYR A 147 -32.56 -66.01 6.21
C TYR A 147 -32.47 -67.49 5.86
N LEU A 148 -32.90 -68.34 6.78
CA LEU A 148 -32.83 -69.79 6.57
C LEU A 148 -34.20 -70.28 6.13
N PRO A 149 -34.38 -70.66 4.87
CA PRO A 149 -35.68 -71.19 4.44
C PRO A 149 -35.90 -72.60 4.98
N GLU A 150 -37.16 -73.03 4.92
CA GLU A 150 -37.52 -74.35 5.41
C GLU A 150 -36.79 -75.42 4.59
N PRO A 151 -36.24 -76.45 5.24
CA PRO A 151 -35.51 -77.48 4.50
C PRO A 151 -36.40 -78.21 3.51
N GLU A 152 -36.02 -78.13 2.23
CA GLU A 152 -36.75 -78.82 1.17
C GLU A 152 -35.74 -79.13 0.06
N GLY A 153 -35.24 -80.37 0.06
CA GLY A 153 -34.20 -80.74 -0.89
C GLY A 153 -32.95 -79.92 -0.67
N TYR A 154 -32.28 -79.56 -1.76
CA TYR A 154 -31.10 -78.70 -1.67
C TYR A 154 -31.58 -77.27 -1.52
N THR A 155 -31.47 -76.73 -0.31
CA THR A 155 -31.93 -75.38 0.00
C THR A 155 -30.81 -74.57 0.66
N PRO A 156 -30.17 -73.68 -0.08
CA PRO A 156 -29.19 -72.77 0.53
C PRO A 156 -29.85 -71.50 1.03
N MET A 157 -29.42 -71.06 2.22
CA MET A 157 -30.00 -69.86 2.80
C MET A 157 -29.54 -68.63 2.03
N LYS A 158 -30.33 -67.57 2.11
CA LYS A 158 -30.06 -66.34 1.38
C LYS A 158 -29.51 -65.28 2.31
N LEU A 159 -28.54 -64.52 1.80
CA LEU A 159 -27.95 -63.40 2.52
C LEU A 159 -28.51 -62.10 1.98
N TYR A 160 -28.95 -61.23 2.88
CA TYR A 160 -29.45 -59.90 2.51
C TYR A 160 -28.39 -58.88 2.85
N ARG A 161 -27.97 -58.09 1.85
CA ARG A 161 -27.02 -57.02 2.10
C ARG A 161 -27.70 -55.90 2.89
N LEU A 162 -26.89 -54.96 3.35
CA LEU A 162 -27.42 -53.86 4.16
C LEU A 162 -28.45 -53.06 3.37
N ASN A 163 -28.19 -52.80 2.09
CA ASN A 163 -29.13 -52.06 1.27
C ASN A 163 -30.13 -52.96 0.55
N SER A 164 -30.65 -53.93 1.32
CA SER A 164 -31.75 -54.78 0.86
C SER A 164 -32.82 -55.01 1.89
N TYR A 165 -32.54 -54.78 3.18
CA TYR A 165 -33.49 -55.00 4.25
C TYR A 165 -33.42 -53.83 5.21
N VAL A 166 -34.28 -53.85 6.22
CA VAL A 166 -34.29 -52.82 7.25
C VAL A 166 -34.73 -53.46 8.56
N VAL A 167 -34.16 -52.98 9.66
CA VAL A 167 -34.47 -53.52 10.98
C VAL A 167 -34.64 -52.35 11.96
N GLN A 168 -35.58 -52.51 12.88
CA GLN A 168 -35.78 -51.57 13.97
C GLN A 168 -35.55 -52.28 15.29
N ARG A 169 -34.63 -51.75 16.09
CA ARG A 169 -34.33 -52.29 17.40
C ARG A 169 -34.69 -51.28 18.47
N ASP A 170 -34.88 -51.78 19.68
CA ASP A 170 -35.17 -50.92 20.82
C ASP A 170 -33.89 -50.37 21.40
N ALA A 171 -34.05 -49.44 22.35
CA ALA A 171 -32.91 -49.03 23.15
C ALA A 171 -32.45 -50.14 24.09
N PHE A 172 -33.37 -51.06 24.43
CA PHE A 172 -33.00 -52.22 25.22
C PHE A 172 -32.12 -53.18 24.42
N GLY A 173 -32.26 -53.19 23.10
CA GLY A 173 -31.45 -54.03 22.24
C GLY A 173 -32.21 -55.12 21.52
N ASN A 174 -33.45 -55.40 21.90
CA ASN A 174 -34.20 -56.45 21.25
C ASN A 174 -34.82 -55.96 19.95
N VAL A 175 -35.08 -56.90 19.04
CA VAL A 175 -35.58 -56.60 17.71
C VAL A 175 -37.10 -56.43 17.77
N LEU A 176 -37.59 -55.36 17.15
CA LEU A 176 -39.02 -55.11 17.08
C LEU A 176 -39.63 -55.56 15.75
N GLN A 177 -39.00 -55.22 14.63
CA GLN A 177 -39.54 -55.61 13.33
C GLN A 177 -38.42 -55.63 12.29
N ILE A 178 -38.58 -56.49 11.30
CA ILE A 178 -37.64 -56.62 10.19
C ILE A 178 -38.44 -56.64 8.89
N VAL A 179 -37.99 -55.85 7.91
CA VAL A 179 -38.60 -55.83 6.58
C VAL A 179 -37.48 -55.96 5.55
N THR A 180 -37.69 -56.84 4.57
CA THR A 180 -36.73 -57.05 3.51
C THR A 180 -37.37 -56.79 2.15
N LEU A 181 -36.54 -56.44 1.17
CA LEU A 181 -36.98 -56.15 -0.18
C LEU A 181 -36.42 -57.18 -1.13
N ASP A 182 -37.30 -57.77 -1.94
CA ASP A 182 -36.93 -58.70 -3.00
C ASP A 182 -37.52 -58.21 -4.31
N LYS A 183 -36.79 -58.42 -5.40
CA LYS A 183 -37.22 -58.01 -6.73
C LYS A 183 -37.20 -59.23 -7.63
N ILE A 184 -38.30 -59.97 -7.66
CA ILE A 184 -38.44 -61.18 -8.44
C ILE A 184 -39.13 -60.84 -9.76
N ALA A 185 -38.64 -61.42 -10.84
CA ALA A 185 -39.27 -61.24 -12.14
C ALA A 185 -40.67 -61.84 -12.14
N PHE A 186 -41.50 -61.38 -13.07
CA PHE A 186 -42.90 -61.78 -13.10
C PHE A 186 -43.04 -63.28 -13.31
N ASN A 187 -42.26 -63.85 -14.23
CA ASN A 187 -42.37 -65.28 -14.51
C ASN A 187 -41.83 -66.12 -13.35
N ALA A 188 -40.83 -65.63 -12.64
CA ALA A 188 -40.24 -66.38 -11.54
C ALA A 188 -41.11 -66.39 -10.30
N LEU A 189 -42.16 -65.57 -10.25
CA LEU A 189 -43.06 -65.56 -9.11
C LEU A 189 -43.93 -66.80 -9.11
N PRO A 190 -44.40 -67.24 -7.94
CA PRO A 190 -45.34 -68.37 -7.90
C PRO A 190 -46.67 -68.01 -8.56
N GLU A 191 -47.38 -69.06 -8.97
CA GLU A 191 -48.56 -68.88 -9.83
C GLU A 191 -49.63 -68.05 -9.14
N ASP A 192 -49.93 -68.35 -7.87
CA ASP A 192 -50.96 -67.59 -7.17
C ASP A 192 -50.55 -66.13 -7.01
N VAL A 193 -49.28 -65.89 -6.69
CA VAL A 193 -48.80 -64.51 -6.59
C VAL A 193 -48.77 -63.86 -7.96
N ARG A 194 -48.42 -64.62 -8.99
CA ARG A 194 -48.38 -64.08 -10.35
C ARG A 194 -49.76 -63.61 -10.79
N SER A 195 -50.79 -64.38 -10.49
CA SER A 195 -52.15 -63.96 -10.81
C SER A 195 -52.58 -62.76 -9.98
N GLN A 196 -52.13 -62.68 -8.74
CA GLN A 196 -52.50 -61.56 -7.87
C GLN A 196 -51.98 -60.24 -8.45
N VAL A 197 -50.76 -60.24 -8.97
CA VAL A 197 -50.21 -59.03 -9.59
C VAL A 197 -50.99 -58.66 -10.84
N GLU A 198 -51.44 -59.67 -11.59
CA GLU A 198 -52.19 -59.41 -12.81
C GLU A 198 -53.49 -58.67 -12.53
N ALA A 199 -54.10 -58.92 -11.37
CA ALA A 199 -55.34 -58.27 -11.00
C ALA A 199 -55.12 -56.99 -10.20
N ALA A 200 -53.86 -56.59 -10.00
CA ALA A 200 -53.54 -55.39 -9.23
C ALA A 200 -52.91 -54.30 -10.09
N GLN A 201 -51.92 -54.64 -10.92
CA GLN A 201 -51.24 -53.67 -11.76
C GLN A 201 -51.47 -53.95 -13.25
N GLY A 202 -52.56 -54.64 -13.58
CA GLY A 202 -52.82 -54.95 -14.96
C GLY A 202 -51.87 -56.01 -15.51
N GLU A 203 -51.59 -55.91 -16.81
CA GLU A 203 -50.72 -56.85 -17.49
C GLU A 203 -49.26 -56.44 -17.27
N GLN A 204 -48.41 -57.41 -16.97
CA GLN A 204 -47.00 -57.18 -16.71
C GLN A 204 -46.14 -57.95 -17.70
N LYS A 205 -44.95 -57.43 -17.95
CA LYS A 205 -44.00 -58.07 -18.83
C LYS A 205 -43.52 -59.39 -18.24
N GLU A 206 -42.97 -60.25 -19.09
CA GLU A 206 -42.52 -61.56 -18.63
C GLU A 206 -41.40 -61.44 -17.62
N ASP A 207 -40.45 -60.53 -17.84
CA ASP A 207 -39.31 -60.35 -16.96
C ASP A 207 -39.37 -59.03 -16.19
N ALA A 208 -40.58 -58.56 -15.90
CA ALA A 208 -40.72 -57.31 -15.16
C ALA A 208 -40.39 -57.52 -13.69
N GLU A 209 -39.53 -56.66 -13.15
CA GLU A 209 -39.16 -56.75 -11.74
C GLU A 209 -40.32 -56.32 -10.87
N ILE A 210 -40.64 -57.14 -9.87
CA ILE A 210 -41.75 -56.88 -8.94
C ILE A 210 -41.20 -56.87 -7.53
N ASP A 211 -41.45 -55.79 -6.81
CA ASP A 211 -40.98 -55.66 -5.44
C ASP A 211 -41.82 -56.51 -4.52
N VAL A 212 -41.17 -57.37 -3.74
CA VAL A 212 -41.83 -58.24 -2.78
C VAL A 212 -41.29 -57.93 -1.40
N TYR A 213 -42.19 -57.64 -0.46
CA TYR A 213 -41.84 -57.30 0.91
C TYR A 213 -42.29 -58.41 1.84
N THR A 214 -41.43 -58.79 2.77
CA THR A 214 -41.82 -59.65 3.89
C THR A 214 -41.55 -58.90 5.18
N HIS A 215 -42.54 -58.90 6.08
CA HIS A 215 -42.50 -58.09 7.29
C HIS A 215 -42.60 -59.02 8.50
N VAL A 216 -41.52 -59.11 9.26
CA VAL A 216 -41.48 -59.89 10.48
C VAL A 216 -41.45 -58.93 11.65
N TYR A 217 -42.48 -58.96 12.50
CA TYR A 217 -42.62 -58.01 13.59
C TYR A 217 -42.97 -58.74 14.87
N LEU A 218 -42.59 -58.12 15.99
CA LEU A 218 -42.88 -58.67 17.31
C LEU A 218 -44.38 -58.61 17.57
N ASN A 219 -45.01 -59.76 17.74
CA ASN A 219 -46.44 -59.80 17.96
C ASN A 219 -46.78 -59.28 19.35
N GLU A 220 -48.03 -58.82 19.49
CA GLU A 220 -48.49 -58.32 20.77
C GLU A 220 -48.72 -59.48 21.75
N ALA A 221 -48.83 -59.13 23.03
CA ALA A 221 -49.10 -60.09 24.09
C ALA A 221 -48.03 -61.15 24.18
N GLY A 222 -48.35 -62.37 23.74
CA GLY A 222 -47.42 -63.47 23.88
C GLY A 222 -46.15 -63.24 23.08
N ASP A 223 -45.04 -63.73 23.62
CA ASP A 223 -43.74 -63.53 23.00
C ASP A 223 -43.65 -64.35 21.72
N GLY A 224 -43.24 -63.71 20.63
CA GLY A 224 -43.11 -64.39 19.37
C GLY A 224 -42.93 -63.37 18.25
N TYR A 225 -42.96 -63.88 17.02
CA TYR A 225 -42.84 -63.04 15.83
C TYR A 225 -43.92 -63.43 14.85
N SER A 226 -44.41 -62.44 14.11
CA SER A 226 -45.42 -62.63 13.07
C SER A 226 -44.83 -62.24 11.73
N LYS A 227 -45.00 -63.09 10.73
CA LYS A 227 -44.43 -62.88 9.41
C LYS A 227 -45.55 -62.91 8.37
N TYR A 228 -45.45 -62.01 7.39
CA TYR A 228 -46.36 -62.00 6.26
C TYR A 228 -45.65 -61.41 5.06
N GLU A 229 -46.23 -61.62 3.88
CA GLU A 229 -45.65 -61.14 2.63
C GLU A 229 -46.68 -60.33 1.87
N GLU A 230 -46.27 -59.19 1.33
CA GLU A 230 -47.11 -58.37 0.47
C GLU A 230 -46.36 -58.06 -0.81
N VAL A 231 -47.09 -58.01 -1.92
CA VAL A 231 -46.46 -57.89 -3.23
C VAL A 231 -46.69 -56.52 -3.82
N ALA A 232 -47.95 -56.17 -4.08
CA ALA A 232 -48.27 -54.86 -4.66
C ALA A 232 -48.63 -53.85 -3.57
N GLU A 233 -49.75 -54.07 -2.90
CA GLU A 233 -50.10 -53.27 -1.73
C GLU A 233 -50.78 -54.08 -0.64
N GLU A 234 -50.92 -55.40 -0.80
CA GLU A 234 -51.74 -56.18 0.11
C GLU A 234 -51.06 -57.52 0.35
N VAL A 235 -51.45 -58.16 1.46
CA VAL A 235 -50.88 -59.45 1.83
C VAL A 235 -51.23 -60.50 0.77
N VAL A 236 -50.31 -61.44 0.59
CA VAL A 236 -50.52 -62.56 -0.32
C VAL A 236 -51.58 -63.47 0.27
N PRO A 237 -52.20 -64.36 -0.52
CA PRO A 237 -53.27 -65.22 0.05
C PRO A 237 -52.84 -65.99 1.29
N GLY A 238 -51.62 -66.51 1.33
CA GLY A 238 -51.11 -67.02 2.59
C GLY A 238 -49.61 -66.99 2.73
N SER A 239 -49.14 -66.27 3.75
CA SER A 239 -47.76 -66.36 4.20
C SER A 239 -47.65 -66.21 5.71
N GLU A 240 -48.76 -66.13 6.43
CA GLU A 240 -48.73 -65.85 7.85
C GLU A 240 -48.01 -66.96 8.60
N ALA A 241 -46.92 -66.60 9.27
CA ALA A 241 -46.10 -67.55 10.01
C ALA A 241 -45.84 -67.01 11.41
N GLU A 242 -45.79 -67.93 12.37
CA GLU A 242 -45.52 -67.58 13.77
C GLU A 242 -44.20 -68.20 14.17
N TYR A 243 -43.29 -67.36 14.66
CA TYR A 243 -42.00 -67.82 15.16
C TYR A 243 -41.79 -67.30 16.58
N PRO A 244 -41.36 -68.14 17.51
CA PRO A 244 -40.91 -67.63 18.80
C PRO A 244 -39.58 -66.91 18.68
N LEU A 245 -39.18 -66.24 19.76
CA LEU A 245 -37.95 -65.45 19.73
C LEU A 245 -36.73 -66.33 19.50
N GLU A 246 -36.70 -67.52 20.11
CA GLU A 246 -35.51 -68.36 20.05
C GLU A 246 -35.20 -68.81 18.63
N GLU A 247 -36.21 -69.20 17.87
CA GLU A 247 -36.01 -69.77 16.54
C GLU A 247 -36.79 -68.94 15.53
N CYS A 248 -36.12 -67.98 14.91
CA CYS A 248 -36.67 -67.18 13.82
C CYS A 248 -35.74 -67.29 12.63
N PRO A 249 -36.25 -67.62 11.44
CA PRO A 249 -35.37 -67.78 10.28
C PRO A 249 -34.59 -66.52 9.93
N TYR A 250 -35.16 -65.34 10.16
CA TYR A 250 -34.49 -64.08 9.85
C TYR A 250 -33.68 -63.65 11.06
N ILE A 251 -32.37 -63.82 10.98
CA ILE A 251 -31.49 -63.43 12.07
C ILE A 251 -30.57 -62.29 11.62
N PRO A 252 -30.78 -61.07 12.12
CA PRO A 252 -29.91 -59.95 11.75
C PRO A 252 -28.63 -59.97 12.57
N VAL A 253 -27.51 -60.24 11.91
CA VAL A 253 -26.21 -60.35 12.55
C VAL A 253 -25.45 -59.06 12.36
N ARG A 254 -24.81 -58.59 13.43
CA ARG A 254 -23.99 -57.39 13.38
C ARG A 254 -22.78 -57.60 14.27
N MET A 255 -21.65 -57.06 13.84
CA MET A 255 -20.43 -57.08 14.64
C MET A 255 -20.12 -55.67 15.10
N VAL A 256 -19.48 -55.57 16.28
CA VAL A 256 -19.27 -54.30 16.96
C VAL A 256 -20.65 -53.67 17.16
N ARG A 257 -21.34 -54.09 18.22
CA ARG A 257 -22.67 -53.59 18.51
C ARG A 257 -22.62 -52.51 19.57
N ILE A 258 -23.27 -51.39 19.31
CA ILE A 258 -23.37 -50.28 20.24
C ILE A 258 -24.81 -50.21 20.74
N ASP A 259 -24.98 -50.18 22.06
CA ASP A 259 -26.32 -50.18 22.64
C ASP A 259 -27.09 -48.94 22.23
N GLY A 260 -28.40 -49.11 22.05
CA GLY A 260 -29.26 -48.04 21.59
C GLY A 260 -29.33 -47.87 20.09
N GLU A 261 -28.55 -48.64 19.34
CA GLU A 261 -28.52 -48.56 17.88
C GLU A 261 -29.20 -49.78 17.28
N SER A 262 -29.88 -49.58 16.15
CA SER A 262 -30.54 -50.66 15.45
C SER A 262 -29.60 -51.47 14.57
N TYR A 263 -28.40 -50.97 14.31
CA TYR A 263 -27.44 -51.64 13.44
C TYR A 263 -26.08 -51.66 14.12
N GLY A 264 -25.21 -52.55 13.63
CA GLY A 264 -23.84 -52.60 14.10
C GLY A 264 -22.93 -51.71 13.27
N ARG A 265 -21.67 -51.67 13.69
CA ARG A 265 -20.64 -50.86 13.03
C ARG A 265 -19.56 -51.77 12.46
N SER A 266 -19.11 -51.44 11.25
CA SER A 266 -18.13 -52.26 10.57
C SER A 266 -16.78 -52.20 11.28
N TYR A 267 -15.97 -53.23 11.05
CA TYR A 267 -14.63 -53.27 11.64
C TYR A 267 -13.68 -52.32 10.94
N VAL A 268 -13.83 -52.14 9.63
CA VAL A 268 -12.95 -51.25 8.89
C VAL A 268 -13.18 -49.79 9.31
N GLU A 269 -14.40 -49.45 9.70
CA GLU A 269 -14.70 -48.08 10.12
C GLU A 269 -13.80 -47.62 11.25
N GLU A 270 -13.40 -48.55 12.13
CA GLU A 270 -12.51 -48.19 13.24
C GLU A 270 -11.16 -47.72 12.72
N TYR A 271 -10.67 -48.32 11.64
CA TYR A 271 -9.38 -47.98 11.07
C TYR A 271 -9.51 -47.29 9.72
N LEU A 272 -10.67 -46.70 9.44
CA LEU A 272 -10.87 -46.04 8.16
C LEU A 272 -9.96 -44.83 7.99
N GLY A 273 -9.77 -44.06 9.07
CA GLY A 273 -8.95 -42.86 8.95
C GLY A 273 -7.51 -43.16 8.61
N ASP A 274 -6.93 -44.20 9.20
CA ASP A 274 -5.58 -44.60 8.84
C ASP A 274 -5.49 -45.07 7.40
N LEU A 275 -6.56 -45.68 6.88
CA LEU A 275 -6.59 -46.04 5.47
C LEU A 275 -6.61 -44.81 4.59
N LYS A 276 -7.35 -43.77 4.99
CA LYS A 276 -7.41 -42.53 4.22
C LYS A 276 -6.04 -41.87 4.14
N SER A 277 -5.32 -41.80 5.27
CA SER A 277 -3.99 -41.20 5.25
C SER A 277 -3.03 -42.02 4.41
N LEU A 278 -3.09 -43.34 4.51
CA LEU A 278 -2.23 -44.19 3.70
C LEU A 278 -2.56 -44.05 2.21
N GLU A 279 -3.84 -43.92 1.89
CA GLU A 279 -4.23 -43.72 0.49
C GLU A 279 -3.63 -42.45 -0.07
N ASN A 280 -3.66 -41.37 0.70
CA ASN A 280 -3.11 -40.10 0.23
C ASN A 280 -1.60 -40.17 0.07
N LEU A 281 -0.91 -40.73 1.07
CA LEU A 281 0.54 -40.82 1.00
C LEU A 281 0.98 -41.76 -0.13
N GLN A 282 0.29 -42.89 -0.29
CA GLN A 282 0.61 -43.78 -1.38
C GLN A 282 0.29 -43.14 -2.73
N GLU A 283 -0.71 -42.28 -2.77
CA GLU A 283 -1.04 -41.61 -4.02
C GLU A 283 0.07 -40.70 -4.49
N SER A 284 0.58 -39.84 -3.59
CA SER A 284 1.60 -38.88 -3.98
C SER A 284 2.89 -39.57 -4.40
N ILE A 285 3.20 -40.71 -3.76
CA ILE A 285 4.44 -41.42 -4.07
C ILE A 285 4.43 -41.90 -5.51
N VAL A 286 3.31 -42.46 -5.96
CA VAL A 286 3.23 -42.96 -7.33
C VAL A 286 3.23 -41.80 -8.32
N LYS A 287 2.55 -40.70 -7.99
CA LYS A 287 2.52 -39.54 -8.87
C LYS A 287 3.94 -39.01 -9.11
N MET A 288 4.78 -39.03 -8.07
CA MET A 288 6.16 -38.62 -8.23
C MET A 288 6.91 -39.54 -9.19
N ALA A 289 6.58 -40.83 -9.20
CA ALA A 289 7.25 -41.76 -10.09
C ALA A 289 6.89 -41.49 -11.55
N MET A 290 5.65 -41.10 -11.82
CA MET A 290 5.26 -40.80 -13.20
C MET A 290 5.90 -39.52 -13.69
N ILE A 291 6.09 -38.53 -12.81
CA ILE A 291 6.91 -37.38 -13.15
C ILE A 291 8.32 -37.83 -13.49
N THR A 292 8.86 -38.76 -12.70
CA THR A 292 10.17 -39.32 -12.95
C THR A 292 10.23 -40.07 -14.29
N ALA A 293 9.12 -40.68 -14.71
CA ALA A 293 9.12 -41.47 -15.92
C ALA A 293 9.43 -40.63 -17.16
N LYS A 294 8.92 -39.42 -17.22
CA LYS A 294 9.13 -38.56 -18.38
C LYS A 294 10.60 -38.15 -18.49
N VAL A 295 11.08 -38.03 -19.72
CA VAL A 295 12.47 -37.67 -20.00
C VAL A 295 12.49 -36.34 -20.74
N ILE A 296 13.19 -35.36 -20.17
CA ILE A 296 13.33 -34.04 -20.78
C ILE A 296 14.80 -33.69 -20.84
N GLY A 297 15.26 -33.27 -22.01
CA GLY A 297 16.64 -32.83 -22.16
C GLY A 297 16.74 -31.33 -22.31
N LEU A 298 17.34 -30.66 -21.32
CA LEU A 298 17.45 -29.21 -21.31
C LEU A 298 18.81 -28.83 -21.91
N VAL A 299 18.79 -28.36 -23.15
CA VAL A 299 19.99 -27.90 -23.83
C VAL A 299 20.06 -26.39 -23.77
N ASP A 300 21.24 -25.86 -23.47
CA ASP A 300 21.43 -24.44 -23.28
C ASP A 300 21.32 -23.70 -24.61
N PRO A 301 20.43 -22.73 -24.74
CA PRO A 301 20.40 -21.94 -25.99
C PRO A 301 21.67 -21.14 -26.22
N ALA A 302 22.38 -20.78 -25.16
CA ALA A 302 23.65 -20.06 -25.30
C ALA A 302 24.80 -20.96 -25.71
N GLY A 303 24.59 -22.27 -25.77
CA GLY A 303 25.65 -23.19 -26.14
C GLY A 303 25.83 -23.29 -27.64
N ILE A 304 26.68 -24.23 -28.04
CA ILE A 304 26.99 -24.46 -29.45
C ILE A 304 26.39 -25.74 -29.99
N THR A 305 25.98 -26.67 -29.12
CA THR A 305 25.52 -27.97 -29.58
C THR A 305 24.17 -27.86 -30.26
N GLN A 306 24.06 -28.41 -31.46
CA GLN A 306 22.81 -28.47 -32.21
C GLN A 306 22.26 -29.88 -32.09
N VAL A 307 21.08 -30.00 -31.47
CA VAL A 307 20.50 -31.32 -31.22
C VAL A 307 19.96 -31.97 -32.48
N ARG A 308 19.88 -31.25 -33.59
CA ARG A 308 19.43 -31.87 -34.84
C ARG A 308 20.45 -32.91 -35.32
N ARG A 309 21.72 -32.76 -34.94
CA ARG A 309 22.72 -33.75 -35.30
C ARG A 309 22.63 -35.00 -34.44
N LEU A 310 22.23 -34.86 -33.18
CA LEU A 310 22.14 -36.02 -32.30
C LEU A 310 21.02 -36.96 -32.73
N THR A 311 19.84 -36.40 -33.01
CA THR A 311 18.70 -37.25 -33.36
C THR A 311 18.87 -37.90 -34.71
N ALA A 312 19.62 -37.28 -35.62
CA ALA A 312 19.87 -37.86 -36.93
C ALA A 312 21.08 -38.78 -36.95
N ALA A 313 21.80 -38.91 -35.83
CA ALA A 313 22.99 -39.75 -35.79
C ALA A 313 22.63 -41.23 -35.76
N GLN A 314 23.58 -42.05 -36.17
CA GLN A 314 23.43 -43.49 -36.21
C GLN A 314 23.88 -44.11 -34.89
N SER A 315 24.09 -45.44 -34.90
CA SER A 315 24.38 -46.18 -33.67
C SER A 315 25.56 -45.57 -32.92
N GLY A 316 26.66 -45.33 -33.62
CA GLY A 316 27.81 -44.67 -33.05
C GLY A 316 28.28 -43.59 -34.00
N ALA A 317 28.47 -42.37 -33.52
CA ALA A 317 28.79 -41.28 -34.44
C ALA A 317 29.59 -40.22 -33.72
N PHE A 318 30.34 -39.46 -34.51
CA PHE A 318 31.10 -38.31 -34.03
C PHE A 318 30.41 -37.05 -34.55
N VAL A 319 29.85 -36.26 -33.64
CA VAL A 319 29.12 -35.06 -34.03
C VAL A 319 29.64 -33.89 -33.20
N PRO A 320 29.64 -32.66 -33.74
CA PRO A 320 30.09 -31.52 -32.95
C PRO A 320 29.16 -31.23 -31.79
N GLY A 321 29.74 -30.78 -30.70
CA GLY A 321 28.96 -30.42 -29.53
C GLY A 321 29.81 -30.47 -28.28
N ARG A 322 29.13 -30.19 -27.16
CA ARG A 322 29.75 -30.21 -25.85
C ARG A 322 28.82 -30.90 -24.86
N LYS A 323 29.41 -31.57 -23.87
CA LYS A 323 28.60 -32.24 -22.85
C LYS A 323 27.87 -31.22 -21.98
N GLN A 324 28.53 -30.09 -21.68
CA GLN A 324 27.94 -29.10 -20.78
C GLN A 324 26.67 -28.49 -21.37
N ASP A 325 26.56 -28.46 -22.69
CA ASP A 325 25.37 -27.90 -23.32
C ASP A 325 24.15 -28.74 -23.02
N ILE A 326 24.29 -30.06 -23.03
CA ILE A 326 23.17 -30.97 -22.84
C ILE A 326 22.99 -31.23 -21.35
N GLU A 327 21.77 -31.02 -20.86
CA GLU A 327 21.42 -31.34 -19.48
C GLU A 327 20.07 -32.05 -19.47
N PHE A 328 19.86 -32.86 -18.44
CA PHE A 328 18.62 -33.62 -18.29
C PHE A 328 17.94 -33.19 -17.00
N LEU A 329 16.66 -32.85 -17.10
CA LEU A 329 15.88 -32.44 -15.95
C LEU A 329 15.45 -33.66 -15.16
N GLN A 330 15.98 -33.80 -13.95
CA GLN A 330 15.62 -34.93 -13.09
C GLN A 330 14.95 -34.40 -11.84
N LEU A 331 13.99 -35.19 -11.34
CA LEU A 331 13.18 -34.77 -10.21
C LEU A 331 13.99 -34.73 -8.93
N GLU A 332 13.90 -33.61 -8.22
CA GLU A 332 14.52 -33.45 -6.91
C GLU A 332 13.58 -34.03 -5.85
N LYS A 333 13.79 -33.68 -4.59
CA LYS A 333 13.00 -34.18 -3.46
C LYS A 333 13.32 -35.65 -3.18
N SER A 334 14.60 -36.01 -3.35
CA SER A 334 15.05 -37.31 -2.89
C SER A 334 14.92 -37.43 -1.37
N GLY A 335 15.29 -36.37 -0.65
CA GLY A 335 15.10 -36.36 0.79
C GLY A 335 13.64 -36.36 1.19
N ASP A 336 12.79 -35.69 0.41
CA ASP A 336 11.36 -35.73 0.67
C ASP A 336 10.80 -37.13 0.44
N PHE A 337 11.29 -37.83 -0.58
CA PHE A 337 10.78 -39.15 -0.90
C PHE A 337 10.94 -40.10 0.29
N THR A 338 12.08 -40.05 0.97
CA THR A 338 12.31 -40.94 2.10
C THR A 338 11.36 -40.63 3.24
N VAL A 339 11.05 -39.35 3.46
CA VAL A 339 10.16 -38.97 4.56
C VAL A 339 8.75 -39.53 4.32
N ALA A 340 8.27 -39.44 3.08
CA ALA A 340 6.95 -39.96 2.77
C ALA A 340 6.89 -41.48 2.92
N LYS A 341 7.94 -42.18 2.50
CA LYS A 341 7.96 -43.63 2.64
C LYS A 341 7.96 -44.04 4.10
N ASN A 342 8.73 -43.35 4.93
CA ASN A 342 8.82 -43.73 6.34
C ASN A 342 7.47 -43.63 7.04
N VAL A 343 6.74 -42.54 6.80
CA VAL A 343 5.42 -42.40 7.41
C VAL A 343 4.43 -43.38 6.77
N SER A 344 4.52 -43.56 5.46
CA SER A 344 3.67 -44.54 4.79
C SER A 344 3.95 -45.95 5.28
N ASP A 345 5.22 -46.28 5.51
CA ASP A 345 5.57 -47.59 6.06
C ASP A 345 5.02 -47.75 7.48
N THR A 346 5.07 -46.69 8.28
CA THR A 346 4.57 -46.78 9.65
C THR A 346 3.08 -47.04 9.69
N ILE A 347 2.31 -46.35 8.84
CA ILE A 347 0.86 -46.54 8.82
C ILE A 347 0.52 -47.94 8.31
N GLU A 348 1.29 -48.43 7.33
CA GLU A 348 1.08 -49.80 6.85
C GLU A 348 1.36 -50.81 7.95
N ALA A 349 2.41 -50.58 8.75
CA ALA A 349 2.77 -51.53 9.79
C ALA A 349 1.68 -51.63 10.85
N ARG A 350 1.11 -50.50 11.26
CA ARG A 350 0.07 -50.54 12.27
C ARG A 350 -1.24 -51.09 11.70
N LEU A 351 -1.52 -50.84 10.42
CA LEU A 351 -2.71 -51.40 9.80
C LEU A 351 -2.56 -52.90 9.59
N SER A 352 -1.35 -53.38 9.36
CA SER A 352 -1.12 -54.81 9.22
C SER A 352 -1.45 -55.55 10.51
N TYR A 353 -1.10 -54.97 11.66
CA TYR A 353 -1.41 -55.61 12.92
C TYR A 353 -2.90 -55.55 13.22
N ALA A 354 -3.58 -54.48 12.78
CA ALA A 354 -5.01 -54.36 13.02
C ALA A 354 -5.78 -55.51 12.39
N PHE A 355 -5.41 -55.89 11.17
CA PHE A 355 -5.91 -57.11 10.56
C PHE A 355 -5.00 -58.26 10.98
N MET A 356 -5.36 -59.47 10.56
CA MET A 356 -4.58 -60.64 10.94
C MET A 356 -3.44 -60.88 9.94
N LEU A 357 -2.57 -59.90 9.86
CA LEU A 357 -1.43 -59.93 8.95
C LEU A 357 -0.13 -59.97 9.75
N ASN A 358 0.77 -60.88 9.39
CA ASN A 358 2.02 -61.01 10.10
C ASN A 358 2.98 -59.88 9.72
N SER A 359 3.96 -59.65 10.58
CA SER A 359 4.95 -58.61 10.37
C SER A 359 5.91 -58.99 9.25
N VAL A 376 4.83 -62.51 17.47
CA VAL A 376 3.79 -62.14 16.51
C VAL A 376 2.75 -63.25 16.42
N ALA A 377 3.22 -64.50 16.39
CA ALA A 377 2.30 -65.63 16.30
C ALA A 377 1.38 -65.70 17.51
N SER A 378 1.91 -65.42 18.70
CA SER A 378 1.13 -65.44 19.93
C SER A 378 0.50 -64.09 20.26
N GLU A 379 0.58 -63.13 19.33
CA GLU A 379 -0.01 -61.82 19.53
C GLU A 379 -1.21 -61.53 18.64
N LEU A 380 -1.41 -62.28 17.56
CA LEU A 380 -2.53 -62.04 16.67
C LEU A 380 -3.74 -62.90 16.99
N GLU A 381 -3.54 -64.10 17.55
CA GLU A 381 -4.68 -64.91 17.96
C GLU A 381 -5.44 -64.24 19.10
N ASP A 382 -4.72 -63.71 20.08
CA ASP A 382 -5.37 -63.08 21.22
C ASP A 382 -6.19 -61.86 20.79
N THR A 383 -5.63 -61.04 19.89
CA THR A 383 -6.41 -59.97 19.31
C THR A 383 -7.60 -60.53 18.53
N LEU A 384 -7.38 -61.61 17.78
CA LEU A 384 -8.46 -62.24 17.03
C LEU A 384 -9.52 -62.80 17.95
N GLY A 385 -9.14 -63.22 19.17
CA GLY A 385 -10.11 -63.82 20.07
C GLY A 385 -11.24 -62.89 20.44
N GLY A 386 -10.96 -61.59 20.52
CA GLY A 386 -11.99 -60.63 20.84
C GLY A 386 -12.84 -60.19 19.67
N VAL A 387 -12.37 -60.40 18.44
CA VAL A 387 -13.13 -59.97 17.28
C VAL A 387 -14.38 -60.83 17.10
N TYR A 388 -14.24 -62.15 17.24
CA TYR A 388 -15.33 -63.08 16.97
C TYR A 388 -16.08 -63.52 18.22
N SER A 389 -15.75 -62.95 19.38
CA SER A 389 -16.48 -63.30 20.59
C SER A 389 -17.94 -62.90 20.48
N ILE A 390 -18.21 -61.71 19.93
CA ILE A 390 -19.59 -61.28 19.73
C ILE A 390 -20.28 -62.15 18.69
N LEU A 391 -19.55 -62.56 17.65
CA LEU A 391 -20.15 -63.28 16.54
C LEU A 391 -20.62 -64.68 16.94
N SER A 392 -20.03 -65.27 17.97
CA SER A 392 -20.49 -66.58 18.43
C SER A 392 -21.92 -66.51 18.93
N GLN A 393 -22.23 -65.51 19.75
CA GLN A 393 -23.60 -65.34 20.23
C GLN A 393 -24.49 -64.71 19.17
N GLU A 394 -23.94 -63.79 18.37
CA GLU A 394 -24.75 -63.06 17.40
C GLU A 394 -25.10 -63.91 16.19
N LEU A 395 -24.17 -64.75 15.75
CA LEU A 395 -24.35 -65.51 14.51
C LEU A 395 -24.40 -67.01 14.71
N GLN A 396 -23.41 -67.58 15.41
CA GLN A 396 -23.32 -69.03 15.52
C GLN A 396 -24.50 -69.61 16.28
N LEU A 397 -24.77 -69.08 17.47
CA LEU A 397 -25.82 -69.65 18.31
C LEU A 397 -27.21 -69.57 17.69
N PRO A 398 -27.69 -68.44 17.17
CA PRO A 398 -29.03 -68.42 16.57
C PRO A 398 -29.17 -69.35 15.38
N LEU A 399 -28.09 -69.53 14.59
CA LEU A 399 -28.18 -70.38 13.42
C LEU A 399 -28.42 -71.84 13.81
N VAL A 400 -27.77 -72.30 14.88
CA VAL A 400 -27.97 -73.68 15.33
C VAL A 400 -29.37 -73.86 15.88
N ARG A 401 -29.87 -72.88 16.63
CA ARG A 401 -31.20 -73.00 17.22
C ARG A 401 -32.28 -73.11 16.15
N VAL A 402 -32.15 -72.34 15.07
CA VAL A 402 -33.13 -72.40 13.99
C VAL A 402 -33.02 -73.74 13.26
N LEU A 403 -31.79 -74.21 13.02
CA LEU A 403 -31.62 -75.46 12.30
C LEU A 403 -32.19 -76.64 13.05
N LEU A 404 -32.00 -76.67 14.38
CA LEU A 404 -32.47 -77.80 15.16
C LEU A 404 -33.99 -77.93 15.09
N LYS A 405 -34.70 -76.81 15.22
CA LYS A 405 -36.16 -76.88 15.09
C LYS A 405 -36.58 -77.27 13.68
N GLN A 406 -35.89 -76.72 12.66
CA GLN A 406 -36.27 -77.01 11.29
C GLN A 406 -36.05 -78.47 10.94
N LEU A 407 -34.96 -79.07 11.43
CA LEU A 407 -34.69 -80.46 11.13
C LEU A 407 -35.59 -81.39 11.95
N GLN A 408 -36.01 -80.96 13.14
CA GLN A 408 -36.97 -81.75 13.91
C GLN A 408 -38.31 -81.84 13.20
N ALA A 409 -38.76 -80.72 12.61
CA ALA A 409 -40.05 -80.71 11.94
C ALA A 409 -40.07 -81.66 10.75
N THR A 410 -38.99 -81.68 9.98
CA THR A 410 -38.89 -82.51 8.78
C THR A 410 -38.32 -83.89 9.07
N GLN A 411 -38.31 -84.31 10.34
CA GLN A 411 -37.89 -85.66 10.74
C GLN A 411 -36.44 -85.96 10.33
N GLN A 412 -35.63 -84.91 10.16
CA GLN A 412 -34.23 -85.14 9.82
C GLN A 412 -33.42 -85.59 11.04
N ILE A 413 -33.82 -85.15 12.23
CA ILE A 413 -33.18 -85.55 13.48
C ILE A 413 -34.26 -86.04 14.43
N PRO A 414 -33.95 -86.90 15.39
CA PRO A 414 -34.97 -87.36 16.33
C PRO A 414 -35.47 -86.21 17.20
N GLU A 415 -36.70 -86.37 17.69
CA GLU A 415 -37.29 -85.34 18.54
C GLU A 415 -36.48 -85.18 19.81
N LEU A 416 -35.95 -83.99 20.04
CA LEU A 416 -35.15 -83.72 21.22
C LEU A 416 -36.04 -83.59 22.45
N PRO A 417 -35.53 -83.95 23.63
CA PRO A 417 -36.33 -83.82 24.87
C PRO A 417 -36.41 -82.40 25.41
N LYS A 418 -36.00 -81.39 24.64
CA LYS A 418 -36.07 -79.97 24.97
C LYS A 418 -35.19 -79.57 26.15
N GLU A 419 -34.42 -80.49 26.72
CA GLU A 419 -33.53 -80.19 27.83
C GLU A 419 -32.08 -80.04 27.39
N ALA A 420 -31.81 -80.10 26.08
CA ALA A 420 -30.45 -80.00 25.56
C ALA A 420 -30.12 -78.56 25.26
N VAL A 421 -28.93 -78.13 25.68
CA VAL A 421 -28.46 -76.76 25.48
C VAL A 421 -27.26 -76.80 24.55
N GLU A 422 -27.05 -75.71 23.81
CA GLU A 422 -26.07 -75.68 22.73
C GLU A 422 -24.95 -74.70 23.05
N PRO A 423 -23.78 -75.16 23.46
CA PRO A 423 -22.62 -74.26 23.50
C PRO A 423 -21.82 -74.31 22.20
N THR A 424 -21.45 -73.13 21.72
CA THR A 424 -20.64 -72.99 20.51
C THR A 424 -19.20 -72.82 20.94
N ILE A 425 -18.37 -73.83 20.64
CA ILE A 425 -16.99 -73.90 21.13
C ILE A 425 -16.06 -73.73 19.94
N SER A 426 -15.05 -72.87 20.11
CA SER A 426 -14.05 -72.65 19.06
C SER A 426 -12.72 -72.25 19.67
N ARG A 434 -17.46 -81.27 21.36
CA ARG A 434 -16.22 -81.80 21.94
C ARG A 434 -15.65 -80.82 22.94
N GLY A 435 -14.38 -80.46 22.76
CA GLY A 435 -13.72 -79.52 23.65
C GLY A 435 -12.76 -80.17 24.62
N GLN A 436 -13.02 -80.00 25.91
CA GLN A 436 -12.16 -80.56 26.94
C GLN A 436 -12.40 -82.05 27.16
N ASP A 437 -13.40 -82.64 26.52
CA ASP A 437 -13.71 -84.06 26.74
C ASP A 437 -12.53 -84.93 26.34
N LEU A 438 -11.95 -84.68 25.17
CA LEU A 438 -10.82 -85.48 24.72
C LEU A 438 -9.58 -85.22 25.57
N ASP A 439 -9.31 -83.95 25.89
CA ASP A 439 -8.11 -83.62 26.64
C ASP A 439 -8.14 -84.24 28.04
N LYS A 440 -9.30 -84.20 28.69
CA LYS A 440 -9.39 -84.78 30.03
C LYS A 440 -9.19 -86.28 30.00
N LEU A 441 -9.75 -86.97 28.99
CA LEU A 441 -9.55 -88.41 28.88
C LEU A 441 -8.08 -88.74 28.64
N GLU A 442 -7.42 -87.99 27.76
CA GLU A 442 -6.02 -88.28 27.47
C GLU A 442 -5.13 -87.94 28.65
N ARG A 443 -5.48 -86.91 29.41
CA ARG A 443 -4.66 -86.52 30.55
C ARG A 443 -4.73 -87.55 31.67
N CYS A 444 -5.91 -88.07 31.96
CA CYS A 444 -6.05 -89.07 33.01
C CYS A 444 -5.51 -90.42 32.58
N ILE A 445 -5.59 -90.75 31.30
CA ILE A 445 -5.02 -92.01 30.81
C ILE A 445 -3.51 -92.02 31.02
N ALA A 446 -2.85 -90.91 30.70
CA ALA A 446 -1.41 -90.82 30.95
C ALA A 446 -1.11 -90.89 32.43
N ALA A 447 -1.92 -90.23 33.26
CA ALA A 447 -1.72 -90.30 34.70
C ALA A 447 -1.95 -91.71 35.22
N TRP A 448 -2.98 -92.40 34.71
CA TRP A 448 -3.22 -93.77 35.11
C TRP A 448 -2.09 -94.69 34.67
N SER A 449 -1.53 -94.44 33.48
CA SER A 449 -0.40 -95.24 33.01
C SER A 449 0.81 -95.07 33.91
N ALA A 450 1.00 -93.87 34.47
CA ALA A 450 2.05 -93.68 35.46
C ALA A 450 1.77 -94.48 36.73
N LEU A 451 0.50 -94.57 37.12
CA LEU A 451 0.11 -95.37 38.27
C LEU A 451 0.23 -96.87 38.00
N LYS A 452 0.38 -97.26 36.73
CA LYS A 452 0.56 -98.67 36.41
C LYS A 452 1.88 -99.20 36.94
N ALA A 453 2.92 -98.36 36.95
CA ALA A 453 4.23 -98.79 37.41
C ALA A 453 4.26 -99.09 38.90
N LEU A 454 3.26 -98.66 39.66
CA LEU A 454 3.20 -98.90 41.09
C LEU A 454 2.39 -100.15 41.44
N GLU A 455 1.91 -100.90 40.44
CA GLU A 455 1.11 -102.08 40.72
C GLU A 455 1.96 -103.16 41.36
N GLY A 456 1.28 -104.08 42.05
CA GLY A 456 1.96 -105.06 42.87
C GLY A 456 2.33 -104.57 44.25
N ASP A 457 1.98 -103.34 44.60
CA ASP A 457 2.27 -102.77 45.91
C ASP A 457 1.08 -102.99 46.82
N ASP A 458 1.31 -103.64 47.96
CA ASP A 458 0.25 -103.93 48.91
C ASP A 458 0.05 -102.81 49.92
N ASP A 459 0.99 -101.87 50.04
CA ASP A 459 0.81 -100.77 50.97
C ASP A 459 -0.16 -99.71 50.45
N LEU A 460 -0.13 -99.44 49.16
CA LEU A 460 -0.90 -98.35 48.57
C LEU A 460 -2.24 -98.86 48.04
N ASN A 461 -3.29 -98.07 48.26
CA ASN A 461 -4.62 -98.38 47.75
C ASN A 461 -4.70 -97.83 46.32
N LEU A 462 -4.49 -98.71 45.35
CA LEU A 462 -4.45 -98.27 43.95
C LEU A 462 -5.80 -97.76 43.50
N ALA A 463 -6.89 -98.43 43.91
CA ALA A 463 -8.22 -98.06 43.43
C ALA A 463 -8.59 -96.65 43.90
N ASN A 464 -8.26 -96.30 45.14
CA ASN A 464 -8.53 -94.96 45.62
C ASN A 464 -7.74 -93.92 44.85
N LEU A 465 -6.47 -94.23 44.55
CA LEU A 465 -5.63 -93.28 43.81
C LEU A 465 -6.18 -93.02 42.41
N LYS A 466 -6.73 -94.05 41.77
CA LYS A 466 -7.36 -93.85 40.47
C LYS A 466 -8.56 -92.91 40.58
N LEU A 467 -9.35 -93.07 41.63
CA LEU A 467 -10.47 -92.16 41.85
C LEU A 467 -9.99 -90.75 42.12
N ARG A 468 -8.92 -90.60 42.91
CA ARG A 468 -8.39 -89.27 43.21
C ARG A 468 -7.84 -88.60 41.97
N ILE A 469 -7.19 -89.36 41.09
CA ILE A 469 -6.63 -88.79 39.87
C ILE A 469 -7.74 -88.25 38.98
N ALA A 470 -8.81 -89.02 38.81
CA ALA A 470 -9.89 -88.60 37.94
C ALA A 470 -10.56 -87.34 38.45
N ASN A 471 -10.73 -87.23 39.77
CA ASN A 471 -11.28 -86.00 40.34
C ASN A 471 -10.37 -84.82 40.09
N ALA A 472 -9.05 -85.02 40.20
CA ALA A 472 -8.11 -83.95 39.90
C ALA A 472 -8.17 -83.55 38.43
N ILE A 473 -8.28 -84.53 37.53
CA ILE A 473 -8.41 -84.20 36.11
C ILE A 473 -9.75 -83.51 35.85
N GLY A 474 -10.83 -84.09 36.37
CA GLY A 474 -12.14 -83.50 36.20
C GLY A 474 -13.15 -84.39 35.49
N LEU A 475 -12.84 -85.67 35.36
CA LEU A 475 -13.78 -86.60 34.74
C LEU A 475 -14.98 -86.84 35.66
N ASP A 476 -16.06 -87.32 35.05
CA ASP A 476 -17.30 -87.53 35.81
C ASP A 476 -17.21 -88.74 36.74
N THR A 477 -16.30 -89.68 36.46
CA THR A 477 -16.13 -90.89 37.27
C THR A 477 -17.45 -91.66 37.42
N ALA A 478 -18.33 -91.54 36.44
CA ALA A 478 -19.62 -92.22 36.45
C ALA A 478 -19.54 -93.40 35.49
N GLY A 479 -19.50 -94.60 36.05
CA GLY A 479 -19.42 -95.81 35.24
C GLY A 479 -18.04 -96.18 34.77
N MET A 480 -17.02 -95.39 35.11
CA MET A 480 -15.66 -95.73 34.71
C MET A 480 -15.05 -96.84 35.56
N LEU A 481 -15.65 -97.13 36.72
CA LEU A 481 -15.17 -98.19 37.60
C LEU A 481 -15.98 -99.45 37.41
N LEU A 482 -15.32 -100.60 37.59
CA LEU A 482 -15.95 -101.89 37.39
C LEU A 482 -16.65 -102.31 38.68
N THR A 483 -17.96 -102.50 38.60
CA THR A 483 -18.71 -103.00 39.74
C THR A 483 -18.47 -104.50 39.91
N GLN A 484 -18.94 -105.04 41.03
CA GLN A 484 -18.72 -106.45 41.32
C GLN A 484 -19.37 -107.34 40.26
N GLU A 485 -20.57 -106.98 39.82
CA GLU A 485 -21.23 -107.74 38.76
C GLU A 485 -20.44 -107.67 37.46
N GLN A 486 -19.90 -106.49 37.13
CA GLN A 486 -19.13 -106.35 35.90
C GLN A 486 -17.79 -107.06 35.99
N LYS A 487 -17.22 -107.19 37.20
CA LYS A 487 -16.01 -107.98 37.37
C LYS A 487 -16.27 -109.45 37.08
N ASN A 488 -17.42 -109.97 37.52
CA ASN A 488 -17.77 -111.35 37.23
C ASN A 488 -18.02 -111.57 35.74
N ALA A 489 -18.61 -110.59 35.05
CA ALA A 489 -18.87 -110.74 33.63
C ALA A 489 -17.57 -110.88 32.84
N LEU A 490 -16.55 -110.11 33.19
CA LEU A 490 -15.26 -110.24 32.53
C LEU A 490 -14.64 -111.60 32.79
N MET A 491 -14.75 -112.10 34.03
CA MET A 491 -14.22 -113.41 34.36
C MET A 491 -14.94 -114.51 33.58
N ALA A 492 -16.27 -114.42 33.49
CA ALA A 492 -17.02 -115.41 32.74
C ALA A 492 -16.65 -115.39 31.25
N GLN A 493 -16.52 -114.19 30.68
CA GLN A 493 -16.14 -114.08 29.28
C GLN A 493 -14.73 -114.60 29.05
N GLN A 494 -13.80 -114.29 29.96
CA GLN A 494 -12.45 -114.80 29.84
C GLN A 494 -12.40 -116.31 30.05
N GLY A 495 -13.19 -116.82 30.99
CA GLY A 495 -13.19 -118.25 31.23
C GLY A 495 -13.68 -119.06 30.04
N ALA A 496 -14.71 -118.55 29.35
CA ALA A 496 -15.21 -119.24 28.17
C ALA A 496 -14.16 -119.25 27.06
N GLN A 497 -13.39 -118.17 26.94
CA GLN A 497 -12.35 -118.11 25.92
C GLN A 497 -11.26 -119.15 26.19
N ILE A 498 -10.87 -119.31 27.45
CA ILE A 498 -9.84 -120.28 27.80
C ILE A 498 -10.35 -121.70 27.59
N ALA A 499 -11.61 -121.97 27.98
CA ALA A 499 -12.16 -123.30 27.80
C ALA A 499 -12.25 -123.68 26.33
N THR A 500 -12.68 -122.73 25.49
CA THR A 500 -12.76 -123.00 24.06
C THR A 500 -11.37 -123.18 23.45
N GLN A 501 -10.41 -122.36 23.86
CA GLN A 501 -9.05 -122.47 23.32
C GLN A 501 -8.42 -123.80 23.70
N GLN A 502 -8.54 -124.19 24.97
CA GLN A 502 -7.96 -125.45 25.41
C GLN A 502 -8.81 -126.65 25.00
N GLY A 503 -10.13 -126.47 24.97
CA GLY A 503 -10.99 -127.58 24.56
C GLY A 503 -10.82 -127.93 23.10
N ALA A 504 -10.66 -126.93 22.24
CA ALA A 504 -10.48 -127.19 20.81
C ALA A 504 -9.17 -127.93 20.55
N ALA A 505 -8.10 -127.55 21.25
CA ALA A 505 -6.82 -128.22 21.06
C ALA A 505 -6.90 -129.68 21.52
N ALA A 506 -7.50 -129.91 22.68
CA ALA A 506 -7.65 -131.28 23.18
C ALA A 506 -8.55 -132.10 22.28
N LEU A 507 -9.66 -131.52 21.83
CA LEU A 507 -10.57 -132.24 20.95
C LEU A 507 -9.92 -132.51 19.59
N GLY A 508 -9.16 -131.54 19.07
CA GLY A 508 -8.57 -131.73 17.75
C GLY A 508 -7.54 -132.85 17.72
N GLN A 509 -6.64 -132.87 18.71
CA GLN A 509 -5.63 -133.92 18.74
C GLN A 509 -6.19 -135.23 19.23
N GLY A 510 -7.25 -135.20 20.04
CA GLY A 510 -7.85 -136.44 20.50
C GLY A 510 -8.47 -137.24 19.39
N MET A 511 -9.23 -136.59 18.52
CA MET A 511 -9.86 -137.30 17.40
C MET A 511 -8.82 -137.83 16.43
N ALA A 512 -7.78 -137.03 16.15
CA ALA A 512 -6.73 -137.49 15.24
C ALA A 512 -5.98 -138.68 15.83
N ALA A 513 -5.73 -138.66 17.14
CA ALA A 513 -5.08 -139.80 17.78
C ALA A 513 -5.96 -141.04 17.72
N GLN A 514 -7.26 -140.88 17.94
CA GLN A 514 -8.17 -142.02 17.89
C GLN A 514 -8.32 -142.54 16.47
N ALA A 515 -8.38 -141.64 15.48
CA ALA A 515 -8.54 -142.07 14.10
C ALA A 515 -7.33 -142.86 13.62
N THR A 516 -6.12 -142.43 13.97
CA THR A 516 -4.91 -143.06 13.48
C THR A 516 -4.50 -144.29 14.28
N ALA A 517 -5.08 -144.52 15.44
CA ALA A 517 -4.73 -145.69 16.24
C ALA A 517 -5.22 -146.95 15.54
N SER A 518 -4.29 -147.88 15.30
CA SER A 518 -4.53 -149.15 14.61
C SER A 518 -4.85 -148.92 13.14
N PRO A 519 -4.31 -149.74 12.23
CA PRO A 519 -4.62 -149.57 10.80
C PRO A 519 -6.09 -149.74 10.47
N GLU A 520 -6.81 -150.57 11.23
CA GLU A 520 -8.23 -150.78 10.95
C GLU A 520 -9.03 -149.49 11.14
N ALA A 521 -8.72 -148.74 12.21
CA ALA A 521 -9.44 -147.48 12.44
C ALA A 521 -9.05 -146.43 11.42
N MET A 522 -7.84 -146.50 10.87
CA MET A 522 -7.47 -145.59 9.80
C MET A 522 -8.33 -145.81 8.56
N ALA A 523 -8.60 -147.08 8.23
CA ALA A 523 -9.52 -147.37 7.14
C ALA A 523 -10.93 -146.89 7.45
N ALA A 524 -11.38 -147.09 8.69
CA ALA A 524 -12.71 -146.63 9.07
C ALA A 524 -12.80 -145.11 9.03
N ALA A 525 -11.74 -144.42 9.46
CA ALA A 525 -11.74 -142.96 9.41
C ALA A 525 -11.83 -142.46 7.98
N ALA A 526 -11.09 -143.09 7.05
CA ALA A 526 -11.19 -142.73 5.65
C ALA A 526 -12.56 -143.05 5.08
N ASP A 527 -13.20 -144.11 5.57
CA ASP A 527 -14.54 -144.45 5.10
C ASP A 527 -15.55 -143.41 5.55
N SER A 528 -15.39 -142.87 6.76
CA SER A 528 -16.33 -141.87 7.27
C SER A 528 -16.29 -140.60 6.44
N VAL A 529 -15.09 -140.14 6.07
CA VAL A 529 -14.97 -138.92 5.28
C VAL A 529 -15.26 -139.17 3.81
N GLY A 530 -15.28 -140.43 3.37
CA GLY A 530 -15.61 -140.77 2.00
C GLY A 530 -14.45 -141.23 1.15
N MET A 531 -13.30 -141.54 1.72
CA MET A 531 -12.13 -141.97 0.99
C MET A 531 -11.99 -143.48 1.01
N GLN A 532 -11.09 -143.97 0.17
CA GLN A 532 -10.81 -145.39 0.02
C GLN A 532 -9.36 -145.68 0.38
N PRO A 533 -9.08 -146.64 1.26
CA PRO A 533 -7.68 -146.94 1.60
C PRO A 533 -6.91 -147.39 0.37
N GLY A 534 -5.67 -146.92 0.27
CA GLY A 534 -4.82 -147.29 -0.84
C GLY A 534 -5.14 -146.53 -2.11
N MET A 535 -4.10 -146.15 -2.86
CA MET A 535 -4.30 -145.45 -4.12
C MET A 535 -3.88 -146.31 -5.30
N GLU B 7 -39.80 -47.58 53.81
CA GLU B 7 -38.85 -47.45 52.71
C GLU B 7 -37.88 -46.30 52.98
N GLY B 8 -36.83 -46.56 53.77
CA GLY B 8 -35.88 -45.51 54.08
C GLY B 8 -35.14 -45.01 52.86
N PHE B 9 -34.63 -45.93 52.04
CA PHE B 9 -33.90 -45.57 50.84
C PHE B 9 -34.81 -45.34 49.64
N ALA B 10 -36.11 -45.61 49.77
CA ALA B 10 -37.05 -45.49 48.66
C ALA B 10 -38.20 -44.54 49.00
N GLU B 11 -37.96 -43.57 49.88
CA GLU B 11 -39.00 -42.60 50.20
C GLU B 11 -39.39 -41.78 48.97
N GLU B 12 -38.38 -41.28 48.25
CA GLU B 12 -38.63 -40.40 47.11
C GLU B 12 -38.88 -41.18 45.82
N GLY B 13 -38.31 -42.37 45.66
CA GLY B 13 -38.60 -43.19 44.49
C GLY B 13 -37.38 -43.56 43.69
N ALA B 14 -37.49 -44.57 42.84
CA ALA B 14 -36.35 -45.04 42.07
C ALA B 14 -35.85 -43.99 41.09
N LYS B 15 -36.78 -43.31 40.39
CA LYS B 15 -36.37 -42.29 39.43
C LYS B 15 -35.71 -41.11 40.11
N ALA B 16 -36.23 -40.69 41.26
CA ALA B 16 -35.64 -39.56 41.97
C ALA B 16 -34.24 -39.88 42.46
N VAL B 17 -34.03 -41.10 42.94
CA VAL B 17 -32.68 -41.51 43.36
C VAL B 17 -31.72 -41.48 42.18
N TYR B 18 -32.17 -41.99 41.02
CA TYR B 18 -31.29 -42.01 39.85
C TYR B 18 -30.88 -40.61 39.43
N ASP B 19 -31.83 -39.67 39.42
CA ASP B 19 -31.50 -38.30 39.04
C ASP B 19 -30.57 -37.65 40.04
N ARG B 20 -30.81 -37.86 41.33
CA ARG B 20 -29.96 -37.25 42.35
C ARG B 20 -28.54 -37.79 42.29
N LEU B 21 -28.39 -39.11 42.18
CA LEU B 21 -27.08 -39.74 42.21
C LEU B 21 -26.36 -39.67 40.88
N LYS B 22 -27.01 -39.19 39.82
CA LYS B 22 -26.36 -39.10 38.52
C LYS B 22 -25.23 -38.08 38.52
N ASN B 23 -25.33 -37.04 39.35
CA ASN B 23 -24.30 -36.02 39.39
C ASN B 23 -22.97 -36.58 39.86
N ASP B 24 -22.99 -37.47 40.84
CA ASP B 24 -21.76 -38.08 41.33
C ASP B 24 -21.11 -38.96 40.28
N ARG B 25 -21.91 -39.50 39.36
CA ARG B 25 -21.39 -40.31 38.27
C ARG B 25 -20.73 -39.49 37.17
N GLN B 26 -20.97 -38.18 37.14
CA GLN B 26 -20.46 -37.35 36.05
C GLN B 26 -18.95 -37.37 35.91
N PRO B 27 -18.15 -37.23 36.98
CA PRO B 27 -16.69 -37.28 36.80
C PRO B 27 -16.20 -38.58 36.19
N TYR B 28 -16.85 -39.71 36.51
CA TYR B 28 -16.40 -40.99 35.98
C TYR B 28 -16.80 -41.15 34.52
N GLU B 29 -17.95 -40.60 34.11
CA GLU B 29 -18.33 -40.64 32.71
C GLU B 29 -17.36 -39.85 31.84
N THR B 30 -16.97 -38.66 32.32
CA THR B 30 -16.07 -37.80 31.53
C THR B 30 -14.72 -38.47 31.33
N ARG B 31 -14.18 -39.09 32.37
CA ARG B 31 -12.90 -39.78 32.24
C ARG B 31 -13.02 -40.99 31.32
N ALA B 32 -14.17 -41.67 31.34
CA ALA B 32 -14.37 -42.80 30.45
C ALA B 32 -14.37 -42.36 28.99
N GLU B 33 -15.06 -41.27 28.68
CA GLU B 33 -15.08 -40.78 27.30
C GLU B 33 -13.71 -40.31 26.86
N SER B 34 -12.96 -39.67 27.76
CA SER B 34 -11.61 -39.24 27.41
C SER B 34 -10.70 -40.42 27.13
N CYS B 35 -10.78 -41.46 27.96
CA CYS B 35 -9.95 -42.65 27.73
C CYS B 35 -10.36 -43.35 26.44
N ALA B 36 -11.66 -43.44 26.18
CA ALA B 36 -12.14 -44.09 24.96
C ALA B 36 -11.70 -43.32 23.73
N GLN B 37 -11.68 -41.99 23.81
CA GLN B 37 -11.35 -41.18 22.64
C GLN B 37 -9.96 -41.50 22.11
N TYR B 38 -9.05 -41.97 22.96
CA TYR B 38 -7.69 -42.28 22.52
C TYR B 38 -7.48 -43.76 22.23
N THR B 39 -8.12 -44.66 22.98
CA THR B 39 -7.97 -46.09 22.70
C THR B 39 -8.90 -46.55 21.60
N ILE B 40 -10.21 -46.52 21.87
CA ILE B 40 -11.23 -46.98 20.92
C ILE B 40 -12.45 -46.07 21.06
N PRO B 41 -12.63 -45.09 20.17
CA PRO B 41 -13.74 -44.15 20.34
C PRO B 41 -15.11 -44.79 20.34
N SER B 42 -15.30 -45.88 19.58
CA SER B 42 -16.61 -46.49 19.48
C SER B 42 -17.01 -47.24 20.74
N LEU B 43 -16.06 -47.52 21.65
CA LEU B 43 -16.36 -48.39 22.77
C LEU B 43 -17.21 -47.67 23.82
N PHE B 44 -16.94 -46.39 24.07
CA PHE B 44 -17.68 -45.60 25.06
C PHE B 44 -18.13 -44.29 24.43
N PRO B 45 -19.28 -44.28 23.76
CA PRO B 45 -19.82 -43.02 23.24
C PRO B 45 -20.29 -42.11 24.35
N LYS B 46 -20.43 -40.82 24.02
CA LYS B 46 -20.67 -39.78 25.01
C LYS B 46 -22.15 -39.49 25.23
N ASP B 47 -23.01 -40.49 25.06
CA ASP B 47 -24.41 -40.45 25.49
C ASP B 47 -25.24 -39.48 24.65
N SER B 48 -24.60 -38.77 23.73
CA SER B 48 -25.32 -37.93 22.76
C SER B 48 -25.07 -38.38 21.34
N ASP B 49 -24.26 -39.41 21.11
CA ASP B 49 -23.94 -39.87 19.77
C ASP B 49 -25.06 -40.77 19.26
N ASN B 50 -25.73 -40.34 18.19
CA ASN B 50 -26.77 -41.13 17.57
C ASN B 50 -26.16 -42.00 16.47
N ALA B 51 -27.02 -42.58 15.62
CA ALA B 51 -26.53 -43.44 14.55
C ALA B 51 -25.65 -42.67 13.57
N SER B 52 -25.90 -41.37 13.39
CA SER B 52 -25.15 -40.57 12.43
C SER B 52 -23.96 -39.87 13.06
N THR B 53 -23.10 -40.64 13.72
CA THR B 53 -21.87 -40.12 14.30
C THR B 53 -20.70 -40.99 13.84
N ASP B 54 -19.64 -40.35 13.37
CA ASP B 54 -18.45 -41.05 12.90
C ASP B 54 -17.34 -40.91 13.93
N TYR B 55 -16.73 -42.03 14.29
CA TYR B 55 -15.67 -42.06 15.29
C TYR B 55 -14.32 -42.06 14.57
N THR B 56 -13.66 -40.91 14.56
CA THR B 56 -12.38 -40.80 13.89
C THR B 56 -11.31 -41.58 14.64
N THR B 57 -10.50 -42.32 13.90
CA THR B 57 -9.46 -43.12 14.52
C THR B 57 -8.36 -42.22 15.08
N PRO B 58 -7.78 -42.58 16.23
CA PRO B 58 -6.68 -41.78 16.78
C PRO B 58 -5.43 -41.87 15.92
N TRP B 59 -4.62 -40.81 15.99
CA TRP B 59 -3.38 -40.78 15.22
C TRP B 59 -2.37 -41.81 15.71
N GLN B 60 -2.53 -42.32 16.92
CA GLN B 60 -1.71 -43.40 17.46
C GLN B 60 -2.56 -44.65 17.60
N SER B 61 -1.97 -45.81 17.30
CA SER B 61 -2.69 -47.07 17.31
C SER B 61 -2.37 -47.94 18.52
N VAL B 62 -1.44 -47.54 19.37
CA VAL B 62 -1.08 -48.38 20.51
C VAL B 62 -2.22 -48.39 21.54
N GLY B 63 -3.06 -47.35 21.54
CA GLY B 63 -4.20 -47.35 22.44
C GLY B 63 -5.22 -48.42 22.08
N ALA B 64 -5.53 -48.55 20.79
CA ALA B 64 -6.46 -49.58 20.36
C ALA B 64 -5.83 -50.96 20.43
N ARG B 65 -4.58 -51.09 19.96
CA ARG B 65 -3.90 -52.37 20.00
C ARG B 65 -3.68 -52.83 21.45
N GLY B 66 -3.30 -51.92 22.33
CA GLY B 66 -3.09 -52.29 23.72
C GLY B 66 -4.37 -52.66 24.44
N LEU B 67 -5.46 -51.95 24.14
CA LEU B 67 -6.74 -52.23 24.80
C LEU B 67 -7.26 -53.61 24.43
N ASN B 68 -7.20 -53.94 23.13
CA ASN B 68 -7.67 -55.25 22.69
C ASN B 68 -6.82 -56.37 23.27
N ASN B 69 -5.51 -56.18 23.31
CA ASN B 69 -4.63 -57.21 23.85
C ASN B 69 -4.88 -57.43 25.33
N LEU B 70 -4.96 -56.34 26.10
CA LEU B 70 -5.14 -56.47 27.54
C LEU B 70 -6.46 -57.12 27.90
N ALA B 71 -7.52 -56.78 27.16
CA ALA B 71 -8.82 -57.39 27.42
C ALA B 71 -8.80 -58.89 27.14
N SER B 72 -8.13 -59.30 26.07
CA SER B 72 -8.06 -60.71 25.74
C SER B 72 -7.16 -61.46 26.71
N LYS B 73 -6.03 -60.87 27.10
CA LYS B 73 -5.15 -61.52 28.06
C LYS B 73 -5.83 -61.67 29.41
N LEU B 74 -6.61 -60.67 29.82
CA LEU B 74 -7.39 -60.79 31.04
C LEU B 74 -8.44 -61.88 30.92
N MET B 75 -9.05 -62.00 29.73
CA MET B 75 -10.07 -63.02 29.52
C MET B 75 -9.49 -64.42 29.65
N LEU B 76 -8.30 -64.65 29.09
CA LEU B 76 -7.69 -65.97 29.16
C LEU B 76 -7.32 -66.35 30.59
N ALA B 77 -6.79 -65.39 31.35
CA ALA B 77 -6.39 -65.70 32.73
C ALA B 77 -7.60 -65.83 33.64
N LEU B 78 -8.58 -64.94 33.50
CA LEU B 78 -9.71 -64.94 34.42
C LEU B 78 -10.62 -66.12 34.20
N PHE B 79 -10.95 -66.42 32.94
CA PHE B 79 -11.87 -67.49 32.59
C PHE B 79 -11.22 -68.40 31.57
N PRO B 80 -10.32 -69.27 32.01
CA PRO B 80 -9.67 -70.22 31.09
C PRO B 80 -10.65 -71.27 30.60
N MET B 81 -10.12 -72.25 29.84
CA MET B 81 -11.00 -73.23 29.20
C MET B 81 -11.81 -74.03 30.22
N GLN B 82 -11.19 -74.42 31.34
CA GLN B 82 -11.89 -75.27 32.28
C GLN B 82 -11.42 -75.00 33.71
N SER B 83 -12.37 -75.02 34.64
CA SER B 83 -12.13 -75.08 36.08
C SER B 83 -11.28 -73.90 36.56
N TRP B 84 -11.88 -72.71 36.46
CA TRP B 84 -11.33 -71.56 37.15
C TRP B 84 -11.92 -71.37 38.55
N MET B 85 -12.80 -72.28 38.98
CA MET B 85 -13.28 -72.30 40.35
C MET B 85 -13.28 -73.73 40.87
N LYS B 86 -13.20 -73.87 42.19
CA LYS B 86 -13.23 -75.16 42.85
C LYS B 86 -14.19 -75.08 44.03
N LEU B 87 -14.87 -76.19 44.31
CA LEU B 87 -15.73 -76.30 45.47
C LEU B 87 -15.05 -77.18 46.50
N THR B 88 -14.81 -76.63 47.69
CA THR B 88 -14.06 -77.30 48.74
C THR B 88 -14.91 -77.38 50.00
N ILE B 89 -14.88 -78.53 50.65
CA ILE B 89 -15.56 -78.75 51.91
C ILE B 89 -14.53 -78.75 53.02
N SER B 90 -14.94 -78.34 54.22
CA SER B 90 -14.02 -78.31 55.35
C SER B 90 -13.57 -79.73 55.69
N GLU B 91 -12.27 -79.97 55.58
CA GLU B 91 -11.76 -81.34 55.71
C GLU B 91 -11.99 -81.91 57.09
N TYR B 92 -11.76 -81.11 58.13
CA TYR B 92 -11.94 -81.61 59.50
C TYR B 92 -13.40 -81.95 59.77
N GLU B 93 -14.31 -81.04 59.42
CA GLU B 93 -15.72 -81.28 59.70
C GLU B 93 -16.29 -82.37 58.81
N ALA B 94 -15.82 -82.46 57.56
CA ALA B 94 -16.31 -83.51 56.66
C ALA B 94 -15.89 -84.88 57.16
N LYS B 95 -14.65 -85.01 57.64
CA LYS B 95 -14.17 -86.31 58.08
C LYS B 95 -14.91 -86.79 59.32
N ASN B 96 -15.28 -85.88 60.21
CA ASN B 96 -15.99 -86.28 61.43
C ASN B 96 -17.38 -86.83 61.11
N LEU B 97 -18.15 -86.09 60.30
CA LEU B 97 -19.51 -86.54 59.99
C LEU B 97 -19.51 -87.83 59.19
N LEU B 98 -18.63 -87.93 58.20
CA LEU B 98 -18.52 -89.12 57.39
C LEU B 98 -17.64 -90.14 58.10
N GLY B 99 -17.23 -91.19 57.38
CA GLY B 99 -16.32 -92.17 57.93
C GLY B 99 -14.88 -91.87 57.52
N ASP B 100 -14.35 -92.66 56.59
CA ASP B 100 -12.99 -92.45 56.10
C ASP B 100 -12.88 -93.12 54.73
N ALA B 101 -11.64 -93.22 54.24
CA ALA B 101 -11.32 -93.91 52.98
C ALA B 101 -12.06 -93.22 51.84
N GLU B 102 -12.98 -93.89 51.16
CA GLU B 102 -13.63 -93.35 49.97
C GLU B 102 -14.75 -92.37 50.30
N GLY B 103 -15.10 -92.21 51.57
CA GLY B 103 -16.16 -91.26 51.91
C GLY B 103 -15.83 -89.85 51.50
N LEU B 104 -14.60 -89.40 51.76
CA LEU B 104 -14.19 -88.07 51.33
C LEU B 104 -14.02 -88.01 49.82
N ALA B 105 -13.55 -89.09 49.20
CA ALA B 105 -13.40 -89.13 47.76
C ALA B 105 -14.75 -89.09 47.06
N LYS B 106 -15.74 -89.80 47.60
CA LYS B 106 -17.07 -89.79 47.00
C LYS B 106 -17.69 -88.40 47.05
N VAL B 107 -17.50 -87.68 48.16
CA VAL B 107 -18.03 -86.33 48.27
C VAL B 107 -17.41 -85.42 47.22
N ASP B 108 -16.10 -85.56 47.01
CA ASP B 108 -15.43 -84.73 46.01
C ASP B 108 -15.96 -85.00 44.60
N GLU B 109 -16.48 -86.21 44.36
CA GLU B 109 -17.13 -86.47 43.08
C GLU B 109 -18.37 -85.61 42.90
N GLY B 110 -19.18 -85.48 43.95
CA GLY B 110 -20.36 -84.63 43.85
C GLY B 110 -19.99 -83.17 43.70
N LEU B 111 -18.98 -82.71 44.43
CA LEU B 111 -18.52 -81.34 44.30
C LEU B 111 -17.95 -81.08 42.91
N SER B 112 -17.19 -82.04 42.38
CA SER B 112 -16.68 -81.90 41.02
C SER B 112 -17.81 -81.95 40.00
N MET B 113 -18.82 -82.78 40.24
CA MET B 113 -19.96 -82.85 39.33
C MET B 113 -20.73 -81.54 39.31
N VAL B 114 -20.82 -80.85 40.46
CA VAL B 114 -21.48 -79.55 40.49
C VAL B 114 -20.67 -78.53 39.69
N GLU B 115 -19.34 -78.60 39.77
CA GLU B 115 -18.50 -77.65 39.03
C GLU B 115 -18.73 -77.79 37.54
N ARG B 116 -18.81 -79.02 37.03
CA ARG B 116 -19.00 -79.22 35.60
C ARG B 116 -20.33 -78.67 35.12
N ILE B 117 -21.34 -78.67 35.99
CA ILE B 117 -22.63 -78.08 35.63
C ILE B 117 -22.50 -76.57 35.53
N ILE B 118 -21.76 -75.94 36.44
CA ILE B 118 -21.63 -74.49 36.45
C ILE B 118 -20.95 -74.01 35.17
N MET B 119 -19.86 -74.68 34.78
CA MET B 119 -19.20 -74.35 33.52
C MET B 119 -20.12 -74.57 32.33
N ASN B 120 -20.86 -75.69 32.34
CA ASN B 120 -21.78 -75.96 31.25
C ASN B 120 -22.87 -74.90 31.16
N TYR B 121 -23.40 -74.48 32.32
CA TYR B 121 -24.40 -73.42 32.32
C TYR B 121 -23.82 -72.11 31.81
N ILE B 122 -22.59 -71.79 32.20
CA ILE B 122 -21.94 -70.57 31.75
C ILE B 122 -21.72 -70.60 30.24
N GLU B 123 -21.23 -71.74 29.73
CA GLU B 123 -20.94 -71.84 28.30
C GLU B 123 -22.22 -71.88 27.47
N SER B 124 -23.24 -72.58 27.95
CA SER B 124 -24.47 -72.73 27.16
C SER B 124 -25.20 -71.40 27.03
N ASN B 125 -25.16 -70.56 28.05
CA ASN B 125 -25.81 -69.26 28.02
C ASN B 125 -24.90 -68.15 27.51
N SER B 126 -23.71 -68.50 27.02
CA SER B 126 -22.79 -67.55 26.39
C SER B 126 -22.44 -66.41 27.34
N TYR B 127 -22.07 -66.76 28.57
CA TYR B 127 -21.57 -65.76 29.50
C TYR B 127 -20.24 -65.21 29.04
N ARG B 128 -19.43 -66.01 28.37
CA ARG B 128 -18.12 -65.56 27.93
C ARG B 128 -18.22 -64.37 26.98
N VAL B 129 -19.30 -64.29 26.19
CA VAL B 129 -19.47 -63.13 25.33
C VAL B 129 -19.70 -61.88 26.17
N THR B 130 -20.54 -61.98 27.20
CA THR B 130 -20.80 -60.82 28.05
C THR B 130 -19.62 -60.51 28.95
N LEU B 131 -18.92 -61.54 29.46
CA LEU B 131 -17.76 -61.30 30.31
C LEU B 131 -16.66 -60.57 29.56
N PHE B 132 -16.44 -60.92 28.28
CA PHE B 132 -15.45 -60.19 27.50
C PHE B 132 -15.87 -58.74 27.29
N GLU B 133 -17.16 -58.51 27.06
CA GLU B 133 -17.64 -57.13 26.93
C GLU B 133 -17.50 -56.36 28.23
N CYS B 134 -17.71 -57.03 29.37
CA CYS B 134 -17.53 -56.38 30.66
C CYS B 134 -16.08 -55.99 30.88
N LEU B 135 -15.15 -56.86 30.49
CA LEU B 135 -13.73 -56.57 30.72
C LEU B 135 -13.28 -55.36 29.92
N LYS B 136 -13.75 -55.24 28.67
CA LYS B 136 -13.38 -54.08 27.86
C LYS B 136 -13.91 -52.79 28.48
N GLN B 137 -15.13 -52.82 28.99
CA GLN B 137 -15.67 -51.65 29.69
C GLN B 137 -14.88 -51.35 30.97
N LEU B 138 -14.38 -52.39 31.64
CA LEU B 138 -13.59 -52.17 32.84
C LEU B 138 -12.28 -51.46 32.51
N CYS B 139 -11.66 -51.81 31.39
CA CYS B 139 -10.40 -51.18 31.01
C CYS B 139 -10.59 -49.71 30.62
N VAL B 140 -11.66 -49.42 29.89
CA VAL B 140 -11.88 -48.06 29.40
C VAL B 140 -12.58 -47.21 30.44
N ALA B 141 -13.72 -47.68 30.92
CA ALA B 141 -14.52 -46.99 31.93
C ALA B 141 -14.10 -47.34 33.36
N GLY B 142 -13.82 -48.63 33.56
CA GLY B 142 -13.40 -49.16 34.84
C GLY B 142 -14.45 -49.58 35.85
N ASN B 143 -15.73 -49.33 35.57
CA ASN B 143 -16.77 -49.75 36.51
C ASN B 143 -18.10 -50.23 35.92
N ALA B 144 -18.11 -51.40 35.29
CA ALA B 144 -19.34 -51.95 34.71
C ALA B 144 -20.24 -52.73 35.69
N LEU B 145 -21.53 -52.78 35.36
CA LEU B 145 -22.53 -53.53 36.12
C LEU B 145 -23.13 -54.64 35.28
N LEU B 146 -23.15 -55.85 35.83
CA LEU B 146 -23.70 -57.01 35.13
C LEU B 146 -24.73 -57.67 36.02
N TYR B 147 -25.88 -58.00 35.43
CA TYR B 147 -27.04 -58.51 36.17
C TYR B 147 -27.37 -59.91 35.66
N LEU B 148 -27.52 -60.86 36.59
CA LEU B 148 -27.83 -62.23 36.24
C LEU B 148 -29.32 -62.49 36.46
N PRO B 149 -30.12 -62.63 35.41
CA PRO B 149 -31.54 -62.90 35.60
C PRO B 149 -31.77 -64.34 36.05
N GLU B 150 -33.00 -64.60 36.48
CA GLU B 150 -33.36 -65.93 36.94
C GLU B 150 -33.28 -66.91 35.77
N PRO B 151 -32.73 -68.11 35.99
CA PRO B 151 -32.56 -69.07 34.88
C PRO B 151 -33.92 -69.55 34.36
N GLU B 152 -34.13 -69.34 33.07
CA GLU B 152 -35.36 -69.79 32.40
C GLU B 152 -34.99 -70.11 30.96
N GLY B 153 -34.72 -71.38 30.69
CA GLY B 153 -34.26 -71.77 29.37
C GLY B 153 -32.93 -71.11 29.05
N TYR B 154 -32.82 -70.59 27.84
CA TYR B 154 -31.62 -69.84 27.44
C TYR B 154 -31.76 -68.41 27.95
N THR B 155 -30.99 -68.07 28.98
CA THR B 155 -31.03 -66.73 29.58
C THR B 155 -29.62 -66.16 29.67
N PRO B 156 -29.26 -65.19 28.84
CA PRO B 156 -27.96 -64.54 28.96
C PRO B 156 -28.03 -63.32 29.87
N MET B 157 -27.02 -63.17 30.71
CA MET B 157 -26.98 -62.05 31.64
C MET B 157 -26.78 -60.74 30.88
N LYS B 158 -27.26 -59.65 31.48
CA LYS B 158 -27.21 -58.34 30.85
C LYS B 158 -26.07 -57.51 31.43
N LEU B 159 -25.40 -56.77 30.56
CA LEU B 159 -24.33 -55.86 30.95
C LEU B 159 -24.85 -54.43 30.88
N TYR B 160 -24.65 -53.69 31.97
CA TYR B 160 -25.02 -52.28 32.02
C TYR B 160 -23.78 -51.42 31.90
N ARG B 161 -23.78 -50.50 30.93
CA ARG B 161 -22.66 -49.58 30.81
C ARG B 161 -22.71 -48.55 31.93
N LEU B 162 -21.65 -47.74 32.02
CA LEU B 162 -21.56 -46.77 33.10
C LEU B 162 -22.70 -45.76 33.04
N ASN B 163 -23.05 -45.29 31.85
CA ASN B 163 -24.15 -44.34 31.71
C ASN B 163 -25.48 -45.05 31.47
N SER B 164 -25.73 -46.08 32.27
CA SER B 164 -27.02 -46.77 32.30
C SER B 164 -27.51 -47.08 33.69
N TYR B 165 -26.65 -47.04 34.71
CA TYR B 165 -27.02 -47.35 36.08
C TYR B 165 -26.32 -46.37 37.01
N VAL B 166 -26.60 -46.49 38.30
CA VAL B 166 -25.97 -45.65 39.30
C VAL B 166 -25.87 -46.43 40.60
N VAL B 167 -24.79 -46.22 41.33
CA VAL B 167 -24.52 -46.95 42.57
C VAL B 167 -24.01 -45.98 43.62
N GLN B 168 -24.39 -46.22 44.87
CA GLN B 168 -23.94 -45.43 46.00
C GLN B 168 -23.26 -46.34 47.00
N ARG B 169 -22.01 -46.03 47.33
CA ARG B 169 -21.22 -46.78 48.29
C ARG B 169 -20.82 -45.87 49.45
N ASP B 170 -20.45 -46.49 50.55
CA ASP B 170 -19.95 -45.76 51.71
C ASP B 170 -18.42 -45.69 51.66
N ALA B 171 -17.84 -44.91 52.56
CA ALA B 171 -16.39 -44.92 52.73
C ALA B 171 -15.91 -46.28 53.20
N PHE B 172 -16.76 -47.01 53.93
CA PHE B 172 -16.43 -48.37 54.33
C PHE B 172 -16.36 -49.32 53.14
N GLY B 173 -17.00 -48.97 52.03
CA GLY B 173 -16.97 -49.78 50.84
C GLY B 173 -18.22 -50.59 50.56
N ASN B 174 -19.11 -50.71 51.54
CA ASN B 174 -20.34 -51.48 51.33
C ASN B 174 -21.32 -50.71 50.46
N VAL B 175 -22.13 -51.45 49.71
CA VAL B 175 -23.06 -50.87 48.75
C VAL B 175 -24.37 -50.54 49.46
N LEU B 176 -24.84 -49.31 49.28
CA LEU B 176 -26.11 -48.90 49.88
C LEU B 176 -27.28 -49.13 48.93
N GLN B 177 -27.22 -48.59 47.71
CA GLN B 177 -28.33 -48.72 46.79
C GLN B 177 -27.81 -48.71 45.35
N ILE B 178 -28.54 -49.40 44.47
CA ILE B 178 -28.23 -49.48 43.05
C ILE B 178 -29.50 -49.21 42.27
N VAL B 179 -29.41 -48.35 41.25
CA VAL B 179 -30.53 -48.04 40.38
C VAL B 179 -30.10 -48.28 38.94
N THR B 180 -30.93 -48.96 38.18
CA THR B 180 -30.68 -49.21 36.76
C THR B 180 -31.80 -48.60 35.94
N LEU B 181 -31.43 -48.13 34.75
CA LEU B 181 -32.38 -47.49 33.83
C LEU B 181 -32.42 -48.27 32.53
N ASP B 182 -33.64 -48.64 32.11
CA ASP B 182 -33.85 -49.35 30.85
C ASP B 182 -34.92 -48.63 30.05
N LYS B 183 -34.77 -48.68 28.73
CA LYS B 183 -35.71 -48.05 27.81
C LYS B 183 -36.29 -49.15 26.91
N ILE B 184 -37.46 -49.65 27.28
CA ILE B 184 -38.14 -50.72 26.55
C ILE B 184 -39.30 -50.10 25.78
N ALA B 185 -39.48 -50.55 24.54
CA ALA B 185 -40.62 -50.08 23.75
C ALA B 185 -41.92 -50.53 24.39
N PHE B 186 -43.01 -49.87 23.98
CA PHE B 186 -44.31 -50.14 24.59
C PHE B 186 -44.76 -51.57 24.34
N ASN B 187 -44.60 -52.07 23.12
CA ASN B 187 -45.06 -53.43 22.82
C ASN B 187 -44.20 -54.48 23.50
N ALA B 188 -42.90 -54.23 23.64
CA ALA B 188 -42.02 -55.22 24.24
C ALA B 188 -42.24 -55.38 25.74
N LEU B 189 -42.96 -54.46 26.37
CA LEU B 189 -43.24 -54.57 27.79
C LEU B 189 -44.29 -55.66 28.04
N PRO B 190 -44.28 -56.26 29.22
CA PRO B 190 -45.35 -57.21 29.57
C PRO B 190 -46.69 -56.52 29.68
N GLU B 191 -47.75 -57.33 29.55
CA GLU B 191 -49.10 -56.78 29.47
C GLU B 191 -49.49 -56.03 30.74
N ASP B 192 -49.16 -56.57 31.91
CA ASP B 192 -49.52 -55.91 33.16
C ASP B 192 -48.84 -54.55 33.27
N VAL B 193 -47.55 -54.48 32.89
CA VAL B 193 -46.87 -53.19 32.85
C VAL B 193 -47.44 -52.32 31.72
N ARG B 194 -47.75 -52.94 30.58
CA ARG B 194 -48.24 -52.17 29.44
C ARG B 194 -49.58 -51.49 29.77
N SER B 195 -50.47 -52.19 30.46
CA SER B 195 -51.73 -51.59 30.87
C SER B 195 -51.52 -50.48 31.88
N GLN B 196 -50.55 -50.64 32.78
CA GLN B 196 -50.27 -49.61 33.77
C GLN B 196 -49.83 -48.31 33.11
N VAL B 197 -48.95 -48.39 32.10
CA VAL B 197 -48.53 -47.20 31.38
C VAL B 197 -49.69 -46.59 30.63
N GLU B 198 -50.60 -47.42 30.12
CA GLU B 198 -51.78 -46.92 29.41
C GLU B 198 -52.62 -46.03 30.32
N ALA B 199 -52.79 -46.44 31.58
CA ALA B 199 -53.59 -45.69 32.54
C ALA B 199 -52.78 -44.63 33.28
N ALA B 200 -51.50 -44.47 32.97
CA ALA B 200 -50.65 -43.49 33.61
C ALA B 200 -50.26 -42.34 32.69
N GLN B 201 -49.80 -42.64 31.48
CA GLN B 201 -49.42 -41.62 30.52
C GLN B 201 -50.35 -41.57 29.31
N GLY B 202 -51.56 -42.13 29.44
CA GLY B 202 -52.50 -42.11 28.34
C GLY B 202 -52.11 -43.09 27.23
N GLU B 203 -52.55 -42.76 26.02
CA GLU B 203 -52.24 -43.58 24.85
C GLU B 203 -50.77 -43.47 24.49
N GLN B 204 -50.14 -44.61 24.24
CA GLN B 204 -48.71 -44.67 23.93
C GLN B 204 -48.49 -45.27 22.56
N LYS B 205 -47.47 -44.75 21.87
CA LYS B 205 -47.10 -45.25 20.56
C LYS B 205 -46.58 -46.68 20.67
N GLU B 206 -46.68 -47.41 19.56
CA GLU B 206 -46.30 -48.83 19.56
C GLU B 206 -44.82 -49.00 19.88
N ASP B 207 -43.96 -48.16 19.31
CA ASP B 207 -42.52 -48.26 19.51
C ASP B 207 -41.98 -47.17 20.44
N ALA B 208 -42.82 -46.59 21.28
CA ALA B 208 -42.38 -45.53 22.17
C ALA B 208 -41.51 -46.09 23.29
N GLU B 209 -40.34 -45.49 23.49
CA GLU B 209 -39.44 -45.93 24.54
C GLU B 209 -40.01 -45.56 25.91
N ILE B 210 -40.02 -46.53 26.82
CA ILE B 210 -40.56 -46.34 28.16
C ILE B 210 -39.43 -46.58 29.15
N ASP B 211 -39.18 -45.60 30.01
CA ASP B 211 -38.12 -45.71 31.01
C ASP B 211 -38.58 -46.58 32.17
N VAL B 212 -37.78 -47.58 32.51
CA VAL B 212 -38.07 -48.48 33.61
C VAL B 212 -36.89 -48.43 34.58
N TYR B 213 -37.18 -48.13 35.85
CA TYR B 213 -36.16 -48.02 36.89
C TYR B 213 -36.29 -49.19 37.85
N THR B 214 -35.19 -49.88 38.09
CA THR B 214 -35.13 -50.94 39.09
C THR B 214 -34.22 -50.48 40.22
N HIS B 215 -34.75 -50.49 41.44
CA HIS B 215 -34.06 -49.95 42.60
C HIS B 215 -33.75 -51.07 43.57
N VAL B 216 -32.47 -51.31 43.81
CA VAL B 216 -32.01 -52.31 44.78
C VAL B 216 -31.27 -51.56 45.88
N TYR B 217 -31.80 -51.63 47.10
CA TYR B 217 -31.26 -50.86 48.21
C TYR B 217 -31.13 -51.75 49.43
N LEU B 218 -30.19 -51.40 50.30
CA LEU B 218 -29.98 -52.11 51.55
C LEU B 218 -31.19 -51.90 52.46
N ASN B 219 -31.91 -52.98 52.76
CA ASN B 219 -33.10 -52.87 53.58
C ASN B 219 -32.74 -52.51 55.01
N GLU B 220 -33.72 -51.97 55.73
CA GLU B 220 -33.49 -51.55 57.09
C GLU B 220 -33.27 -52.76 57.99
N ALA B 221 -32.60 -52.52 59.12
CA ALA B 221 -32.34 -53.53 60.13
C ALA B 221 -31.54 -54.70 59.57
N GLY B 222 -32.21 -55.83 59.36
CA GLY B 222 -31.49 -57.05 59.01
C GLY B 222 -30.78 -56.92 57.67
N ASP B 223 -29.70 -57.69 57.54
CA ASP B 223 -28.93 -57.68 56.30
C ASP B 223 -29.75 -58.20 55.14
N GLY B 224 -29.73 -57.48 54.04
CA GLY B 224 -30.43 -57.88 52.85
C GLY B 224 -30.55 -56.74 51.87
N TYR B 225 -31.12 -57.04 50.72
CA TYR B 225 -31.38 -56.04 49.68
C TYR B 225 -32.83 -56.16 49.24
N SER B 226 -33.49 -55.00 49.12
CA SER B 226 -34.86 -54.93 48.65
C SER B 226 -34.87 -54.37 47.24
N LYS B 227 -35.57 -55.05 46.34
CA LYS B 227 -35.63 -54.67 44.94
C LYS B 227 -37.07 -54.45 44.51
N TYR B 228 -37.29 -53.38 43.75
CA TYR B 228 -38.59 -53.10 43.17
C TYR B 228 -38.39 -52.37 41.86
N GLU B 229 -39.43 -52.39 41.02
CA GLU B 229 -39.40 -51.73 39.73
C GLU B 229 -40.54 -50.72 39.65
N GLU B 230 -40.23 -49.53 39.14
CA GLU B 230 -41.22 -48.51 38.87
C GLU B 230 -41.09 -48.05 37.43
N VAL B 231 -42.22 -47.74 36.80
CA VAL B 231 -42.21 -47.44 35.38
C VAL B 231 -42.38 -45.95 35.14
N ALA B 232 -43.53 -45.40 35.53
CA ALA B 232 -43.77 -43.97 35.34
C ALA B 232 -43.43 -43.17 36.59
N GLU B 233 -44.19 -43.38 37.67
CA GLU B 233 -43.86 -42.78 38.96
C GLU B 233 -44.16 -43.70 40.14
N GLU B 234 -44.60 -44.93 39.90
CA GLU B 234 -45.04 -45.79 40.97
C GLU B 234 -44.62 -47.23 40.69
N VAL B 235 -44.61 -48.03 41.75
CA VAL B 235 -44.18 -49.42 41.63
C VAL B 235 -45.13 -50.18 40.72
N VAL B 236 -44.59 -51.18 40.03
CA VAL B 236 -45.36 -52.08 39.17
C VAL B 236 -46.26 -52.92 40.06
N PRO B 237 -47.24 -53.65 39.51
CA PRO B 237 -48.10 -54.48 40.38
C PRO B 237 -47.33 -55.42 41.29
N GLY B 238 -46.27 -56.05 40.81
CA GLY B 238 -45.37 -56.75 41.71
C GLY B 238 -43.99 -56.99 41.16
N SER B 239 -42.98 -56.51 41.88
CA SER B 239 -41.59 -56.84 41.60
C SER B 239 -40.77 -56.95 42.87
N GLU B 240 -41.39 -56.87 44.05
CA GLU B 240 -40.66 -56.86 45.30
C GLU B 240 -39.88 -58.15 45.49
N ALA B 241 -38.56 -58.07 45.40
CA ALA B 241 -37.67 -59.20 45.57
C ALA B 241 -36.67 -58.89 46.67
N GLU B 242 -36.38 -59.88 47.51
CA GLU B 242 -35.46 -59.73 48.62
C GLU B 242 -34.25 -60.64 48.38
N TYR B 243 -33.06 -60.07 48.45
CA TYR B 243 -31.84 -60.83 48.26
C TYR B 243 -30.91 -60.70 49.46
N PRO B 244 -30.21 -61.77 49.83
CA PRO B 244 -29.17 -61.64 50.86
C PRO B 244 -27.95 -60.92 50.30
N LEU B 245 -27.05 -60.56 51.22
CA LEU B 245 -25.86 -59.82 50.82
C LEU B 245 -24.97 -60.63 49.88
N GLU B 246 -24.77 -61.91 50.19
CA GLU B 246 -23.84 -62.71 49.40
C GLU B 246 -24.37 -62.98 48.00
N GLU B 247 -25.66 -63.24 47.87
CA GLU B 247 -26.27 -63.62 46.60
C GLU B 247 -27.23 -62.53 46.15
N CYS B 248 -26.71 -61.58 45.38
CA CYS B 248 -27.51 -60.53 44.78
C CYS B 248 -27.23 -60.52 43.28
N PRO B 249 -28.26 -60.60 42.43
CA PRO B 249 -28.01 -60.65 40.98
C PRO B 249 -27.27 -59.44 40.44
N TYR B 250 -27.51 -58.26 41.00
CA TYR B 250 -26.86 -57.03 40.53
C TYR B 250 -25.53 -56.90 41.26
N ILE B 251 -24.43 -57.23 40.58
CA ILE B 251 -23.10 -57.15 41.16
C ILE B 251 -22.33 -56.05 40.42
N PRO B 252 -22.07 -54.92 41.05
CA PRO B 252 -21.28 -53.85 40.42
C PRO B 252 -19.79 -54.16 40.51
N VAL B 253 -19.20 -54.50 39.39
CA VAL B 253 -17.78 -54.86 39.35
C VAL B 253 -16.97 -53.65 38.90
N ARG B 254 -15.88 -53.40 39.63
CA ARG B 254 -14.99 -52.29 39.31
C ARG B 254 -13.56 -52.75 39.46
N MET B 255 -12.66 -52.16 38.67
CA MET B 255 -11.23 -52.40 38.79
C MET B 255 -10.55 -51.11 39.23
N VAL B 256 -9.41 -51.26 39.90
CA VAL B 256 -8.69 -50.15 40.50
C VAL B 256 -9.66 -49.40 41.41
N ARG B 257 -9.98 -49.99 42.56
CA ARG B 257 -10.92 -49.39 43.49
C ARG B 257 -10.19 -48.55 44.51
N ILE B 258 -10.72 -47.35 44.75
CA ILE B 258 -10.18 -46.42 45.73
C ILE B 258 -11.19 -46.28 46.86
N ASP B 259 -10.73 -46.44 48.09
CA ASP B 259 -11.62 -46.36 49.24
C ASP B 259 -12.25 -44.97 49.36
N GLY B 260 -13.49 -44.95 49.81
CA GLY B 260 -14.25 -43.71 49.90
C GLY B 260 -14.94 -43.30 48.61
N GLU B 261 -14.80 -44.08 47.54
CA GLU B 261 -15.40 -43.76 46.25
C GLU B 261 -16.45 -44.81 45.90
N SER B 262 -17.52 -44.36 45.24
CA SER B 262 -18.61 -45.25 44.86
C SER B 262 -18.34 -45.99 43.55
N TYR B 263 -17.32 -45.58 42.80
CA TYR B 263 -17.01 -46.19 41.51
C TYR B 263 -15.52 -46.50 41.44
N GLY B 264 -15.17 -47.33 40.48
CA GLY B 264 -13.77 -47.62 40.22
C GLY B 264 -13.17 -46.69 39.18
N ARG B 265 -11.86 -46.79 39.04
CA ARG B 265 -11.12 -46.04 38.04
C ARG B 265 -10.59 -46.98 36.97
N SER B 266 -10.64 -46.54 35.72
CA SER B 266 -10.23 -47.41 34.63
C SER B 266 -8.71 -47.59 34.63
N TYR B 267 -8.28 -48.65 33.95
CA TYR B 267 -6.85 -48.93 33.86
C TYR B 267 -6.14 -47.97 32.90
N VAL B 268 -6.85 -47.43 31.92
CA VAL B 268 -6.25 -46.52 30.95
C VAL B 268 -5.86 -45.20 31.61
N GLU B 269 -6.61 -44.77 32.64
CA GLU B 269 -6.31 -43.51 33.31
C GLU B 269 -4.88 -43.45 33.81
N GLU B 270 -4.33 -44.59 34.26
CA GLU B 270 -2.95 -44.61 34.73
C GLU B 270 -1.96 -44.35 33.61
N TYR B 271 -2.38 -44.40 32.35
CA TYR B 271 -1.49 -44.17 31.22
C TYR B 271 -2.12 -43.27 30.17
N LEU B 272 -3.16 -42.51 30.54
CA LEU B 272 -3.79 -41.61 29.58
C LEU B 272 -2.85 -40.47 29.18
N GLY B 273 -2.03 -40.01 30.12
CA GLY B 273 -1.11 -38.92 29.81
C GLY B 273 -0.12 -39.27 28.72
N ASP B 274 0.44 -40.49 28.78
CA ASP B 274 1.31 -40.94 27.70
C ASP B 274 0.56 -41.09 26.39
N LEU B 275 -0.69 -41.54 26.44
CA LEU B 275 -1.49 -41.66 25.23
C LEU B 275 -1.73 -40.30 24.60
N LYS B 276 -2.00 -39.28 25.41
CA LYS B 276 -2.18 -37.93 24.88
C LYS B 276 -0.89 -37.41 24.27
N SER B 277 0.24 -37.63 24.95
CA SER B 277 1.52 -37.15 24.44
C SER B 277 1.88 -37.85 23.14
N LEU B 278 1.65 -39.16 23.06
CA LEU B 278 1.93 -39.89 21.83
C LEU B 278 0.97 -39.50 20.71
N GLU B 279 -0.28 -39.17 21.06
CA GLU B 279 -1.24 -38.74 20.06
C GLU B 279 -0.77 -37.49 19.33
N ASN B 280 -0.26 -36.51 20.07
CA ASN B 280 0.19 -35.26 19.46
C ASN B 280 1.42 -35.47 18.60
N LEU B 281 2.38 -36.26 19.08
CA LEU B 281 3.59 -36.50 18.30
C LEU B 281 3.29 -37.27 17.03
N GLN B 282 2.42 -38.27 17.11
CA GLN B 282 2.08 -39.04 15.92
C GLN B 282 1.30 -38.20 14.92
N GLU B 283 0.43 -37.31 15.41
CA GLU B 283 -0.31 -36.43 14.52
C GLU B 283 0.64 -35.55 13.72
N SER B 284 1.59 -34.90 14.39
CA SER B 284 2.48 -33.96 13.72
C SER B 284 3.38 -34.67 12.71
N ILE B 285 3.79 -35.90 13.01
CA ILE B 285 4.62 -36.66 12.08
C ILE B 285 3.88 -36.93 10.79
N VAL B 286 2.60 -37.32 10.89
CA VAL B 286 1.80 -37.54 9.70
C VAL B 286 1.55 -36.24 8.96
N LYS B 287 1.41 -35.13 9.70
CA LYS B 287 1.21 -33.84 9.07
C LYS B 287 2.40 -33.45 8.20
N MET B 288 3.62 -33.74 8.68
CA MET B 288 4.81 -33.39 7.91
C MET B 288 4.87 -34.18 6.61
N ALA B 289 4.47 -35.45 6.64
CA ALA B 289 4.50 -36.27 5.42
C ALA B 289 3.56 -35.71 4.37
N MET B 290 2.38 -35.21 4.78
CA MET B 290 1.44 -34.67 3.81
C MET B 290 1.99 -33.39 3.18
N ILE B 291 2.72 -32.57 3.95
CA ILE B 291 3.44 -31.45 3.36
C ILE B 291 4.45 -31.96 2.35
N THR B 292 5.18 -33.02 2.71
CA THR B 292 6.13 -33.65 1.81
C THR B 292 5.45 -34.22 0.57
N ALA B 293 4.20 -34.66 0.71
CA ALA B 293 3.50 -35.27 -0.42
C ALA B 293 3.34 -34.29 -1.57
N LYS B 294 3.11 -33.02 -1.27
CA LYS B 294 2.97 -32.01 -2.31
C LYS B 294 4.31 -31.75 -2.99
N VAL B 295 4.27 -31.55 -4.31
CA VAL B 295 5.45 -31.24 -5.10
C VAL B 295 5.26 -29.88 -5.75
N ILE B 296 6.28 -29.03 -5.63
CA ILE B 296 6.24 -27.68 -6.18
C ILE B 296 7.59 -27.38 -6.82
N GLY B 297 7.57 -26.89 -8.06
CA GLY B 297 8.77 -26.52 -8.76
C GLY B 297 9.00 -25.02 -8.69
N LEU B 298 10.04 -24.63 -7.98
CA LEU B 298 10.41 -23.22 -7.84
C LEU B 298 11.43 -22.88 -8.92
N VAL B 299 10.99 -22.14 -9.93
CA VAL B 299 11.86 -21.73 -11.03
C VAL B 299 12.18 -20.24 -10.89
N ASP B 300 13.43 -19.90 -11.13
CA ASP B 300 13.91 -18.54 -10.97
C ASP B 300 13.29 -17.63 -12.03
N PRO B 301 12.58 -16.57 -11.64
CA PRO B 301 12.07 -15.65 -12.66
C PRO B 301 13.16 -14.93 -13.43
N ALA B 302 14.36 -14.82 -12.86
CA ALA B 302 15.48 -14.21 -13.55
C ALA B 302 16.16 -15.16 -14.53
N GLY B 303 15.76 -16.42 -14.55
CA GLY B 303 16.34 -17.37 -15.48
C GLY B 303 15.78 -17.26 -16.87
N ILE B 304 16.27 -18.14 -17.75
CA ILE B 304 15.84 -18.15 -19.15
C ILE B 304 14.90 -19.29 -19.48
N THR B 305 14.79 -20.30 -18.61
CA THR B 305 13.99 -21.47 -18.92
C THR B 305 12.50 -21.12 -18.87
N GLN B 306 11.77 -21.52 -19.91
CA GLN B 306 10.32 -21.32 -19.97
C GLN B 306 9.64 -22.65 -19.67
N VAL B 307 8.84 -22.66 -18.59
CA VAL B 307 8.19 -23.91 -18.17
C VAL B 307 7.04 -24.31 -19.08
N ARG B 308 6.65 -23.46 -20.03
CA ARG B 308 5.62 -23.85 -20.98
C ARG B 308 6.12 -24.94 -21.93
N ARG B 309 7.44 -24.98 -22.16
CA ARG B 309 8.00 -26.00 -23.05
C ARG B 309 8.10 -27.36 -22.36
N LEU B 310 8.33 -27.38 -21.05
CA LEU B 310 8.45 -28.65 -20.35
C LEU B 310 7.12 -29.39 -20.29
N THR B 311 6.04 -28.69 -19.98
CA THR B 311 4.75 -29.35 -19.82
C THR B 311 4.16 -29.76 -21.16
N ALA B 312 4.47 -29.04 -22.23
CA ALA B 312 3.94 -29.35 -23.54
C ALA B 312 4.76 -30.38 -24.30
N ALA B 313 5.87 -30.84 -23.72
CA ALA B 313 6.73 -31.80 -24.40
C ALA B 313 6.21 -33.22 -24.24
N GLN B 314 6.80 -34.13 -25.01
CA GLN B 314 6.44 -35.54 -24.98
C GLN B 314 7.39 -36.30 -24.06
N SER B 315 7.32 -37.64 -24.09
CA SER B 315 8.12 -38.45 -23.19
C SER B 315 9.62 -38.25 -23.42
N GLY B 316 10.01 -37.92 -24.63
CA GLY B 316 11.38 -37.54 -24.93
C GLY B 316 11.37 -36.27 -25.73
N ALA B 317 12.21 -35.30 -25.36
CA ALA B 317 12.20 -34.02 -26.05
C ALA B 317 13.47 -33.25 -25.71
N PHE B 318 13.87 -32.40 -26.65
CA PHE B 318 14.95 -31.44 -26.44
C PHE B 318 14.34 -30.06 -26.44
N VAL B 319 14.42 -29.37 -25.31
CA VAL B 319 13.82 -28.04 -25.18
C VAL B 319 14.86 -27.09 -24.61
N PRO B 320 14.81 -25.80 -24.95
CA PRO B 320 15.76 -24.86 -24.36
C PRO B 320 15.52 -24.68 -22.88
N GLY B 321 16.62 -24.52 -22.15
CA GLY B 321 16.53 -24.30 -20.72
C GLY B 321 17.82 -24.68 -20.03
N ARG B 322 17.82 -24.46 -18.72
CA ARG B 322 18.95 -24.79 -17.87
C ARG B 322 18.46 -25.51 -16.62
N LYS B 323 19.28 -26.42 -16.11
CA LYS B 323 18.92 -27.13 -14.90
C LYS B 323 18.87 -26.21 -13.69
N GLN B 324 19.77 -25.22 -13.64
CA GLN B 324 19.85 -24.35 -12.47
C GLN B 324 18.59 -23.51 -12.31
N ASP B 325 17.86 -23.26 -13.40
CA ASP B 325 16.64 -22.47 -13.31
C ASP B 325 15.57 -23.19 -12.51
N ILE B 326 15.40 -24.48 -12.75
CA ILE B 326 14.32 -25.25 -12.13
C ILE B 326 14.84 -25.83 -10.81
N GLU B 327 14.12 -25.55 -9.72
CA GLU B 327 14.41 -26.10 -8.42
C GLU B 327 13.11 -26.56 -7.79
N PHE B 328 13.21 -27.53 -6.89
CA PHE B 328 12.05 -28.13 -6.26
C PHE B 328 12.06 -27.84 -4.77
N LEU B 329 10.94 -27.32 -4.27
CA LEU B 329 10.78 -27.08 -2.85
C LEU B 329 10.57 -28.40 -2.14
N GLN B 330 11.44 -28.73 -1.20
CA GLN B 330 11.30 -29.93 -0.40
C GLN B 330 11.40 -29.58 1.07
N LEU B 331 10.64 -30.30 1.88
CA LEU B 331 10.56 -30.02 3.31
C LEU B 331 11.89 -30.29 3.99
N GLU B 332 12.33 -29.34 4.80
CA GLU B 332 13.51 -29.48 5.63
C GLU B 332 13.08 -30.10 6.97
N LYS B 333 13.93 -29.98 7.98
CA LYS B 333 13.69 -30.57 9.31
C LYS B 333 13.85 -32.08 9.28
N SER B 334 14.87 -32.56 8.58
CA SER B 334 15.28 -33.95 8.73
C SER B 334 15.78 -34.20 10.15
N GLY B 335 16.50 -33.24 10.72
CA GLY B 335 16.95 -33.38 12.09
C GLY B 335 15.82 -33.40 13.10
N ASP B 336 14.76 -32.61 12.85
CA ASP B 336 13.58 -32.68 13.72
C ASP B 336 12.90 -34.03 13.62
N PHE B 337 12.78 -34.56 12.40
CA PHE B 337 11.99 -35.77 12.21
C PHE B 337 12.52 -36.92 13.06
N THR B 338 13.84 -37.04 13.18
CA THR B 338 14.42 -38.08 14.02
C THR B 338 14.14 -37.82 15.49
N VAL B 339 14.20 -36.56 15.92
CA VAL B 339 13.98 -36.23 17.33
C VAL B 339 12.55 -36.56 17.74
N ALA B 340 11.58 -36.18 16.90
CA ALA B 340 10.19 -36.51 17.19
C ALA B 340 9.95 -38.00 17.10
N LYS B 341 10.59 -38.67 16.13
CA LYS B 341 10.44 -40.11 15.99
C LYS B 341 11.03 -40.86 17.18
N ASN B 342 12.19 -40.41 17.66
CA ASN B 342 12.82 -41.10 18.78
C ASN B 342 11.96 -41.04 20.04
N VAL B 343 11.40 -39.87 20.34
CA VAL B 343 10.56 -39.75 21.53
C VAL B 343 9.26 -40.51 21.33
N SER B 344 8.71 -40.47 20.11
CA SER B 344 7.48 -41.22 19.84
C SER B 344 7.71 -42.72 20.00
N ASP B 345 8.87 -43.21 19.56
CA ASP B 345 9.18 -44.62 19.77
C ASP B 345 9.39 -44.94 21.23
N THR B 346 9.95 -44.00 22.00
CA THR B 346 10.17 -44.23 23.42
C THR B 346 8.86 -44.36 24.17
N ILE B 347 7.90 -43.47 23.90
CA ILE B 347 6.61 -43.52 24.57
C ILE B 347 5.84 -44.76 24.15
N GLU B 348 5.95 -45.14 22.88
CA GLU B 348 5.30 -46.37 22.42
C GLU B 348 5.88 -47.58 23.12
N ALA B 349 7.18 -47.58 23.40
CA ALA B 349 7.81 -48.70 24.08
C ALA B 349 7.29 -48.85 25.50
N ARG B 350 7.16 -47.74 26.23
CA ARG B 350 6.71 -47.85 27.61
C ARG B 350 5.23 -48.15 27.69
N LEU B 351 4.44 -47.70 26.71
CA LEU B 351 3.02 -48.04 26.69
C LEU B 351 2.80 -49.48 26.26
N SER B 352 3.67 -50.02 25.40
CA SER B 352 3.54 -51.41 25.00
C SER B 352 3.79 -52.34 26.18
N TYR B 353 4.67 -51.94 27.10
CA TYR B 353 4.88 -52.75 28.30
C TYR B 353 3.76 -52.55 29.31
N ALA B 354 3.14 -51.37 29.35
CA ALA B 354 2.03 -51.14 30.27
C ALA B 354 0.89 -52.09 29.98
N PHE B 355 0.56 -52.29 28.72
CA PHE B 355 -0.34 -53.35 28.31
C PHE B 355 0.49 -54.62 28.08
N MET B 356 -0.18 -55.72 27.76
CA MET B 356 0.51 -57.00 27.61
C MET B 356 0.97 -57.20 26.16
N LEU B 357 1.85 -56.32 25.73
CA LEU B 357 2.39 -56.34 24.38
C LEU B 357 3.88 -56.63 24.42
N ASN B 358 4.33 -57.52 23.52
CA ASN B 358 5.73 -57.90 23.49
C ASN B 358 6.56 -56.78 22.84
N SER B 359 7.87 -56.85 23.08
CA SER B 359 8.80 -55.87 22.54
C SER B 359 8.99 -56.05 21.03
N VAL B 376 11.37 -60.92 29.15
CA VAL B 376 10.14 -60.27 28.70
C VAL B 376 8.96 -61.20 28.87
N ALA B 377 9.13 -62.45 28.43
CA ALA B 377 8.04 -63.43 28.52
C ALA B 377 7.68 -63.71 29.98
N SER B 378 8.69 -63.76 30.86
CA SER B 378 8.47 -64.05 32.27
C SER B 378 8.18 -62.80 33.09
N GLU B 379 8.09 -61.64 32.45
CA GLU B 379 7.80 -60.39 33.15
C GLU B 379 6.37 -59.90 32.96
N LEU B 380 5.75 -60.20 31.82
CA LEU B 380 4.39 -59.75 31.59
C LEU B 380 3.38 -60.53 32.42
N GLU B 381 3.61 -61.82 32.61
CA GLU B 381 2.70 -62.62 33.44
C GLU B 381 2.72 -62.14 34.88
N ASP B 382 3.91 -61.85 35.42
CA ASP B 382 4.01 -61.38 36.80
C ASP B 382 3.30 -60.05 36.99
N THR B 383 3.49 -59.12 36.05
CA THR B 383 2.75 -57.86 36.10
C THR B 383 1.26 -58.11 35.93
N LEU B 384 0.88 -59.01 35.02
CA LEU B 384 -0.53 -59.31 34.82
C LEU B 384 -1.15 -59.92 36.06
N GLY B 385 -0.35 -60.58 36.90
CA GLY B 385 -0.91 -61.24 38.07
C GLY B 385 -1.58 -60.28 39.03
N GLY B 386 -1.06 -59.06 39.14
CA GLY B 386 -1.64 -58.09 40.04
C GLY B 386 -2.81 -57.32 39.47
N VAL B 387 -2.97 -57.29 38.14
CA VAL B 387 -4.06 -56.55 37.54
C VAL B 387 -5.40 -57.22 37.83
N TYR B 388 -5.47 -58.54 37.70
CA TYR B 388 -6.72 -59.26 37.85
C TYR B 388 -6.94 -59.81 39.25
N SER B 389 -6.04 -59.54 40.19
CA SER B 389 -6.23 -60.03 41.55
C SER B 389 -7.48 -59.43 42.17
N ILE B 390 -7.73 -58.14 41.94
CA ILE B 390 -8.97 -57.53 42.42
C ILE B 390 -10.17 -58.16 41.77
N LEU B 391 -10.09 -58.44 40.48
CA LEU B 391 -11.24 -58.93 39.73
C LEU B 391 -11.69 -60.31 40.17
N SER B 392 -10.80 -61.11 40.75
CA SER B 392 -11.20 -62.42 41.24
C SER B 392 -12.21 -62.29 42.37
N GLN B 393 -11.98 -61.37 43.30
CA GLN B 393 -12.95 -61.12 44.37
C GLN B 393 -14.12 -60.28 43.87
N GLU B 394 -13.85 -59.32 42.99
CA GLU B 394 -14.89 -58.39 42.56
C GLU B 394 -15.85 -59.01 41.56
N LEU B 395 -15.36 -59.88 40.67
CA LEU B 395 -16.17 -60.42 39.59
C LEU B 395 -16.34 -61.93 39.67
N GLN B 396 -15.26 -62.69 39.79
CA GLN B 396 -15.35 -64.14 39.72
C GLN B 396 -16.16 -64.70 40.88
N LEU B 397 -15.83 -64.28 42.09
CA LEU B 397 -16.49 -64.85 43.27
C LEU B 397 -17.98 -64.55 43.33
N PRO B 398 -18.45 -63.31 43.17
CA PRO B 398 -19.90 -63.09 43.23
C PRO B 398 -20.67 -63.79 42.14
N LEU B 399 -20.08 -63.95 40.95
CA LEU B 399 -20.77 -64.63 39.86
C LEU B 399 -21.05 -66.08 40.20
N VAL B 400 -20.10 -66.75 40.84
CA VAL B 400 -20.31 -68.14 41.24
C VAL B 400 -21.34 -68.23 42.37
N ARG B 401 -21.30 -67.29 43.31
CA ARG B 401 -22.23 -67.33 44.45
C ARG B 401 -23.67 -67.19 43.99
N VAL B 402 -23.94 -66.28 43.06
CA VAL B 402 -25.30 -66.11 42.56
C VAL B 402 -25.74 -67.33 41.78
N LEU B 403 -24.85 -67.89 40.95
CA LEU B 403 -25.19 -69.07 40.18
C LEU B 403 -25.48 -70.27 41.09
N LEU B 404 -24.70 -70.41 42.16
CA LEU B 404 -24.92 -71.54 43.07
C LEU B 404 -26.31 -71.48 43.70
N LYS B 405 -26.73 -70.29 44.12
CA LYS B 405 -28.07 -70.16 44.71
C LYS B 405 -29.16 -70.32 43.65
N GLN B 406 -28.95 -69.74 42.46
CA GLN B 406 -29.98 -69.76 41.43
C GLN B 406 -30.19 -71.16 40.89
N LEU B 407 -29.13 -71.94 40.74
CA LEU B 407 -29.27 -73.29 40.21
C LEU B 407 -29.89 -74.24 41.23
N GLN B 408 -29.65 -74.01 42.51
CA GLN B 408 -30.32 -74.81 43.54
C GLN B 408 -31.83 -74.59 43.52
N ALA B 409 -32.25 -73.33 43.35
CA ALA B 409 -33.67 -73.02 43.34
C ALA B 409 -34.40 -73.70 42.20
N THR B 410 -33.79 -73.74 41.02
CA THR B 410 -34.37 -74.40 39.86
C THR B 410 -33.95 -75.86 39.74
N GLN B 411 -33.42 -76.44 40.82
CA GLN B 411 -33.08 -77.86 40.89
C GLN B 411 -32.07 -78.27 39.83
N GLN B 412 -31.25 -77.33 39.36
CA GLN B 412 -30.22 -77.66 38.39
C GLN B 412 -29.04 -78.39 39.02
N ILE B 413 -28.79 -78.16 40.31
CA ILE B 413 -27.74 -78.85 41.05
C ILE B 413 -28.34 -79.36 42.35
N PRO B 414 -27.79 -80.41 42.95
CA PRO B 414 -28.33 -80.89 44.23
C PRO B 414 -28.18 -79.85 45.33
N GLU B 415 -29.10 -79.88 46.28
CA GLU B 415 -29.11 -78.91 47.36
C GLU B 415 -27.82 -78.98 48.17
N LEU B 416 -27.03 -77.92 48.09
CA LEU B 416 -25.77 -77.87 48.81
C LEU B 416 -26.01 -77.83 50.32
N PRO B 417 -25.14 -78.44 51.12
CA PRO B 417 -25.31 -78.43 52.57
C PRO B 417 -24.88 -77.13 53.26
N LYS B 418 -24.63 -76.07 52.49
CA LYS B 418 -24.27 -74.74 52.97
C LYS B 418 -22.89 -74.69 53.61
N GLU B 419 -22.15 -75.81 53.65
CA GLU B 419 -20.82 -75.85 54.22
C GLU B 419 -19.72 -75.81 53.16
N ALA B 420 -20.09 -75.64 51.88
CA ALA B 420 -19.13 -75.65 50.79
C ALA B 420 -18.68 -74.23 50.47
N VAL B 421 -17.37 -74.03 50.42
CA VAL B 421 -16.78 -72.73 50.11
C VAL B 421 -16.00 -72.87 48.82
N GLU B 422 -16.07 -71.85 47.98
CA GLU B 422 -15.44 -71.92 46.67
C GLU B 422 -14.29 -70.92 46.52
N PRO B 423 -13.05 -71.39 46.36
CA PRO B 423 -11.98 -70.49 45.93
C PRO B 423 -11.82 -70.50 44.42
N THR B 424 -11.63 -69.31 43.85
CA THR B 424 -11.44 -69.15 42.43
C THR B 424 -9.94 -69.21 42.12
N ILE B 425 -9.51 -70.28 41.47
CA ILE B 425 -8.10 -70.54 41.18
C ILE B 425 -7.84 -70.19 39.72
N SER B 426 -6.77 -69.46 39.48
CA SER B 426 -6.40 -69.06 38.12
C SER B 426 -4.97 -69.48 37.79
N ARG B 434 -9.97 -78.25 40.67
CA ARG B 434 -8.61 -78.72 40.45
C ARG B 434 -7.61 -77.85 41.21
N GLY B 435 -6.44 -77.65 40.62
CA GLY B 435 -5.41 -76.83 41.25
C GLY B 435 -4.14 -77.59 41.53
N GLN B 436 -3.73 -77.61 42.80
CA GLN B 436 -2.52 -78.31 43.20
C GLN B 436 -2.76 -79.80 43.46
N ASP B 437 -4.02 -80.25 43.44
CA ASP B 437 -4.30 -81.66 43.73
C ASP B 437 -3.66 -82.58 42.69
N LEU B 438 -3.75 -82.21 41.41
CA LEU B 438 -3.12 -83.02 40.36
C LEU B 438 -1.61 -83.00 40.51
N ASP B 439 -1.03 -81.83 40.78
CA ASP B 439 0.43 -81.74 40.91
C ASP B 439 0.93 -82.56 42.08
N LYS B 440 0.20 -82.53 43.20
CA LYS B 440 0.62 -83.31 44.37
C LYS B 440 0.54 -84.81 44.08
N LEU B 441 -0.49 -85.24 43.36
CA LEU B 441 -0.62 -86.67 43.07
C LEU B 441 0.48 -87.15 42.13
N GLU B 442 0.73 -86.41 41.06
CA GLU B 442 1.76 -86.81 40.10
C GLU B 442 3.15 -86.77 40.74
N ARG B 443 3.42 -85.75 41.54
CA ARG B 443 4.71 -85.67 42.23
C ARG B 443 4.89 -86.81 43.21
N CYS B 444 3.82 -87.14 43.93
CA CYS B 444 3.91 -88.22 44.92
C CYS B 444 4.09 -89.58 44.25
N ILE B 445 3.46 -89.78 43.08
CA ILE B 445 3.62 -91.04 42.36
C ILE B 445 5.06 -91.22 41.91
N ALA B 446 5.69 -90.16 41.39
CA ALA B 446 7.07 -90.26 40.93
C ALA B 446 8.01 -90.61 42.07
N ALA B 447 7.78 -90.05 43.25
CA ALA B 447 8.59 -90.40 44.41
C ALA B 447 8.41 -91.86 44.78
N TRP B 448 7.17 -92.36 44.73
CA TRP B 448 6.92 -93.77 45.01
C TRP B 448 7.57 -94.68 43.98
N SER B 449 7.56 -94.25 42.71
CA SER B 449 8.20 -95.04 41.66
C SER B 449 9.70 -95.17 41.90
N ALA B 450 10.34 -94.09 42.35
CA ALA B 450 11.75 -94.17 42.73
C ALA B 450 11.93 -95.08 43.93
N LEU B 451 11.02 -95.02 44.90
CA LEU B 451 11.06 -95.93 46.03
C LEU B 451 10.79 -97.36 45.64
N LYS B 452 10.14 -97.59 44.49
CA LYS B 452 9.88 -98.95 44.03
C LYS B 452 11.17 -99.67 43.70
N ALA B 453 12.24 -98.95 43.36
CA ALA B 453 13.52 -99.58 43.09
C ALA B 453 14.12 -100.23 44.33
N LEU B 454 13.64 -99.86 45.52
CA LEU B 454 14.15 -100.39 46.77
C LEU B 454 13.33 -101.56 47.31
N GLU B 455 12.34 -102.03 46.55
CA GLU B 455 11.51 -103.13 47.03
C GLU B 455 12.35 -104.42 47.13
N GLY B 456 11.90 -105.32 47.99
CA GLY B 456 12.66 -106.51 48.30
C GLY B 456 13.71 -106.31 49.37
N ASP B 457 13.86 -105.10 49.88
CA ASP B 457 14.82 -104.81 50.94
C ASP B 457 14.16 -105.12 52.28
N ASP B 458 14.85 -105.90 53.11
CA ASP B 458 14.36 -106.24 54.43
C ASP B 458 14.85 -105.29 55.51
N ASP B 459 15.87 -104.48 55.23
CA ASP B 459 16.35 -103.53 56.23
C ASP B 459 15.41 -102.34 56.38
N LEU B 460 14.91 -101.81 55.27
CA LEU B 460 14.15 -100.56 55.28
C LEU B 460 12.67 -100.84 55.36
N ASN B 461 11.96 -100.03 56.15
CA ASN B 461 10.51 -100.13 56.30
C ASN B 461 9.88 -99.33 55.17
N LEU B 462 9.52 -100.02 54.09
CA LEU B 462 8.99 -99.35 52.92
C LEU B 462 7.66 -98.66 53.23
N ALA B 463 6.80 -99.31 54.01
CA ALA B 463 5.48 -98.75 54.31
C ALA B 463 5.60 -97.42 55.03
N ASN B 464 6.52 -97.32 55.98
CA ASN B 464 6.71 -96.05 56.68
C ASN B 464 7.22 -94.97 55.74
N LEU B 465 8.14 -95.32 54.83
CA LEU B 465 8.69 -94.33 53.91
C LEU B 465 7.63 -93.81 52.95
N LYS B 466 6.71 -94.67 52.52
CA LYS B 466 5.61 -94.20 51.67
C LYS B 466 4.76 -93.17 52.39
N LEU B 467 4.49 -93.40 53.68
CA LEU B 467 3.74 -92.43 54.46
C LEU B 467 4.51 -91.13 54.61
N ARG B 468 5.82 -91.23 54.85
CA ARG B 468 6.63 -90.03 55.01
C ARG B 468 6.68 -89.22 53.72
N ILE B 469 6.75 -89.91 52.57
CA ILE B 469 6.79 -89.21 51.29
C ILE B 469 5.49 -88.43 51.07
N ALA B 470 4.35 -89.05 51.36
CA ALA B 470 3.08 -88.36 51.18
C ALA B 470 2.97 -87.15 52.09
N ASN B 471 3.45 -87.25 53.33
CA ASN B 471 3.43 -86.12 54.23
C ASN B 471 4.30 -84.97 53.69
N ALA B 472 5.47 -85.31 53.15
CA ALA B 472 6.33 -84.27 52.59
C ALA B 472 5.68 -83.57 51.41
N ILE B 473 5.04 -84.33 50.53
CA ILE B 473 4.32 -83.71 49.41
C ILE B 473 3.14 -82.90 49.92
N GLY B 474 2.36 -83.46 50.85
CA GLY B 474 1.25 -82.74 51.43
C GLY B 474 -0.11 -83.34 51.15
N LEU B 475 -0.15 -84.61 50.73
CA LEU B 475 -1.44 -85.27 50.52
C LEU B 475 -2.14 -85.53 51.84
N ASP B 476 -3.45 -85.79 51.75
CA ASP B 476 -4.25 -86.01 52.95
C ASP B 476 -3.94 -87.34 53.61
N THR B 477 -3.37 -88.30 52.89
CA THR B 477 -3.02 -89.62 53.41
C THR B 477 -4.21 -90.31 54.06
N ALA B 478 -5.40 -90.07 53.54
CA ALA B 478 -6.62 -90.68 54.06
C ALA B 478 -7.19 -91.60 53.00
N GLY B 479 -7.06 -92.91 53.22
CA GLY B 479 -7.55 -93.91 52.30
C GLY B 479 -6.55 -94.39 51.28
N MET B 480 -5.36 -93.78 51.20
CA MET B 480 -4.37 -94.25 50.25
C MET B 480 -3.69 -95.54 50.70
N LEU B 481 -3.70 -95.84 51.99
CA LEU B 481 -3.11 -97.07 52.49
C LEU B 481 -4.18 -98.17 52.56
N LEU B 482 -3.74 -99.40 52.34
CA LEU B 482 -4.63 -100.55 52.32
C LEU B 482 -4.76 -101.12 53.72
N THR B 483 -5.99 -101.20 54.22
CA THR B 483 -6.24 -101.83 55.51
C THR B 483 -6.18 -103.34 55.37
N GLN B 484 -6.11 -104.02 56.53
CA GLN B 484 -6.03 -105.48 56.51
C GLN B 484 -7.28 -106.10 55.89
N GLU B 485 -8.44 -105.51 56.16
CA GLU B 485 -9.67 -105.97 55.51
C GLU B 485 -9.62 -105.74 54.01
N GLN B 486 -9.06 -104.61 53.58
CA GLN B 486 -8.96 -104.33 52.16
C GLN B 486 -7.92 -105.20 51.48
N LYS B 487 -6.88 -105.62 52.21
CA LYS B 487 -5.91 -106.55 51.65
C LYS B 487 -6.54 -107.92 51.39
N ASN B 488 -7.46 -108.34 52.27
CA ASN B 488 -8.13 -109.62 52.07
C ASN B 488 -8.98 -109.60 50.79
N ALA B 489 -9.64 -108.48 50.52
CA ALA B 489 -10.46 -108.38 49.32
C ALA B 489 -9.62 -108.52 48.06
N LEU B 490 -8.43 -107.93 48.05
CA LEU B 490 -7.54 -108.04 46.90
C LEU B 490 -7.10 -109.47 46.67
N MET B 491 -6.74 -110.18 47.74
CA MET B 491 -6.37 -111.58 47.60
C MET B 491 -7.55 -112.44 47.15
N ALA B 492 -8.73 -112.17 47.70
CA ALA B 492 -9.92 -112.95 47.32
C ALA B 492 -10.26 -112.74 45.86
N GLN B 493 -10.20 -111.49 45.37
CA GLN B 493 -10.48 -111.24 43.96
C GLN B 493 -9.39 -111.84 43.07
N GLN B 494 -8.13 -111.71 43.47
CA GLN B 494 -7.05 -112.29 42.68
C GLN B 494 -7.12 -113.81 42.70
N GLY B 495 -7.47 -114.40 43.85
CA GLY B 495 -7.58 -115.84 43.93
C GLY B 495 -8.72 -116.38 43.08
N ALA B 496 -9.83 -115.66 43.03
CA ALA B 496 -10.97 -116.11 42.21
C ALA B 496 -10.61 -116.12 40.74
N GLN B 497 -9.79 -115.16 40.30
CA GLN B 497 -9.36 -115.14 38.91
C GLN B 497 -8.53 -116.37 38.57
N ILE B 498 -7.62 -116.75 39.45
CA ILE B 498 -6.75 -117.90 39.18
C ILE B 498 -7.57 -119.19 39.16
N ALA B 499 -8.53 -119.33 40.07
CA ALA B 499 -9.38 -120.51 40.08
C ALA B 499 -10.19 -120.61 38.81
N THR B 500 -10.74 -119.48 38.35
CA THR B 500 -11.51 -119.48 37.10
C THR B 500 -10.62 -119.72 35.89
N GLN B 501 -9.44 -119.08 35.86
CA GLN B 501 -8.54 -119.27 34.74
C GLN B 501 -8.02 -120.69 34.64
N GLN B 502 -7.62 -121.28 35.77
CA GLN B 502 -7.13 -122.65 35.76
C GLN B 502 -8.27 -123.66 35.68
N GLY B 503 -9.42 -123.34 36.27
CA GLY B 503 -10.55 -124.24 36.17
C GLY B 503 -11.09 -124.37 34.76
N ALA B 504 -11.11 -123.26 34.02
CA ALA B 504 -11.62 -123.31 32.64
C ALA B 504 -10.73 -124.17 31.76
N ALA B 505 -9.41 -124.04 31.90
CA ALA B 505 -8.50 -124.84 31.08
C ALA B 505 -8.65 -126.32 31.38
N ALA B 506 -8.73 -126.69 32.66
CA ALA B 506 -8.90 -128.09 33.02
C ALA B 506 -10.27 -128.60 32.59
N LEU B 507 -11.32 -127.79 32.76
CA LEU B 507 -12.66 -128.21 32.36
C LEU B 507 -12.76 -128.38 30.86
N GLY B 508 -12.23 -127.42 30.09
CA GLY B 508 -12.29 -127.53 28.64
C GLY B 508 -11.48 -128.70 28.12
N GLN B 509 -10.29 -128.92 28.69
CA GLN B 509 -9.47 -130.06 28.26
C GLN B 509 -10.03 -131.36 28.79
N GLY B 510 -10.64 -131.34 29.98
CA GLY B 510 -11.24 -132.55 30.51
C GLY B 510 -12.44 -133.02 29.71
N MET B 511 -13.33 -132.09 29.34
CA MET B 511 -14.50 -132.46 28.56
C MET B 511 -14.11 -132.96 27.18
N ALA B 512 -13.16 -132.29 26.53
CA ALA B 512 -12.74 -132.70 25.19
C ALA B 512 -12.08 -134.07 25.22
N ALA B 513 -11.26 -134.33 26.23
CA ALA B 513 -10.60 -135.63 26.35
C ALA B 513 -11.60 -136.74 26.56
N GLN B 514 -12.61 -136.51 27.41
CA GLN B 514 -13.61 -137.53 27.68
C GLN B 514 -14.47 -137.80 26.45
N ALA B 515 -14.82 -136.75 25.71
CA ALA B 515 -15.65 -136.92 24.52
C ALA B 515 -14.92 -137.66 23.43
N THR B 516 -13.62 -137.38 23.25
CA THR B 516 -12.88 -137.94 22.13
C THR B 516 -12.28 -139.31 22.42
N ALA B 517 -12.33 -139.78 23.66
CA ALA B 517 -11.82 -141.11 23.98
C ALA B 517 -12.80 -142.17 23.51
N SER B 518 -12.29 -143.21 22.85
CA SER B 518 -13.04 -144.34 22.32
C SER B 518 -13.92 -143.95 21.15
N PRO B 519 -13.97 -144.76 20.09
CA PRO B 519 -14.79 -144.37 18.92
C PRO B 519 -16.27 -144.26 19.20
N GLU B 520 -16.82 -145.10 20.07
CA GLU B 520 -18.25 -145.05 20.34
C GLU B 520 -18.64 -143.86 21.21
N ALA B 521 -17.76 -143.44 22.12
CA ALA B 521 -18.03 -142.22 22.88
C ALA B 521 -17.92 -140.98 22.01
N MET B 522 -17.12 -141.05 20.94
CA MET B 522 -17.10 -139.96 19.97
C MET B 522 -18.44 -139.80 19.28
N ALA B 523 -19.09 -140.91 18.93
CA ALA B 523 -20.40 -140.86 18.31
C ALA B 523 -21.45 -140.34 19.30
N ALA B 524 -21.35 -140.76 20.57
CA ALA B 524 -22.27 -140.26 21.58
C ALA B 524 -22.10 -138.75 21.78
N ALA B 525 -20.86 -138.27 21.78
CA ALA B 525 -20.62 -136.84 21.90
C ALA B 525 -21.22 -136.08 20.72
N ALA B 526 -21.08 -136.63 19.51
CA ALA B 526 -21.71 -136.01 18.34
C ALA B 526 -23.22 -136.04 18.45
N ASP B 527 -23.78 -137.09 19.04
CA ASP B 527 -25.23 -137.17 19.21
C ASP B 527 -25.74 -136.08 20.14
N SER B 528 -24.95 -135.73 21.17
CA SER B 528 -25.38 -134.74 22.13
C SER B 528 -25.58 -133.37 21.48
N VAL B 529 -24.68 -132.98 20.58
CA VAL B 529 -24.80 -131.69 19.90
C VAL B 529 -25.69 -131.75 18.67
N GLY B 530 -26.27 -132.90 18.37
CA GLY B 530 -27.16 -133.03 17.23
C GLY B 530 -26.51 -133.46 15.94
N MET B 531 -25.25 -133.87 15.97
CA MET B 531 -24.54 -134.25 14.76
C MET B 531 -24.66 -135.75 14.50
N GLN B 532 -24.34 -136.14 13.28
CA GLN B 532 -24.43 -137.53 12.83
C GLN B 532 -23.05 -138.05 12.48
N PRO B 533 -22.64 -139.20 13.00
CA PRO B 533 -21.35 -139.77 12.60
C PRO B 533 -21.32 -140.06 11.10
N GLY B 534 -20.19 -139.74 10.48
CA GLY B 534 -20.04 -139.94 9.05
C GLY B 534 -20.74 -138.87 8.23
N MET B 535 -20.11 -138.44 7.15
CA MET B 535 -20.72 -137.42 6.29
C MET B 535 -21.22 -138.01 4.98
N MET C 1 2.89 13.69 22.83
CA MET C 1 2.13 14.51 23.77
C MET C 1 2.42 14.12 25.22
N ASN C 2 2.59 15.12 26.07
CA ASN C 2 2.80 14.93 27.50
C ASN C 2 1.72 15.70 28.26
N MET C 3 0.75 14.98 28.80
CA MET C 3 -0.33 15.63 29.54
C MET C 3 0.14 16.12 30.91
N GLN C 4 1.17 15.49 31.47
CA GLN C 4 1.69 15.93 32.76
C GLN C 4 2.29 17.33 32.65
N ASP C 5 3.08 17.57 31.61
CA ASP C 5 3.73 18.86 31.40
C ASP C 5 4.03 19.02 29.93
N ALA C 6 3.45 20.05 29.31
CA ALA C 6 3.64 20.26 27.88
C ALA C 6 5.08 20.62 27.53
N TYR C 7 5.89 21.02 28.51
CA TYR C 7 7.29 21.32 28.24
C TYR C 7 8.04 20.09 27.74
N PHE C 8 7.78 18.93 28.34
CA PHE C 8 8.55 17.74 27.99
C PHE C 8 8.32 17.32 26.54
N GLY C 9 7.16 17.64 25.98
CA GLY C 9 6.91 17.30 24.58
C GLY C 9 7.68 18.16 23.60
N SER C 10 8.10 19.35 24.00
CA SER C 10 8.87 20.24 23.15
C SER C 10 10.35 20.22 23.46
N ALA C 11 10.73 20.05 24.73
CA ALA C 11 12.13 19.94 25.08
C ALA C 11 12.76 18.69 24.48
N ALA C 12 12.06 17.57 24.54
CA ALA C 12 12.59 16.33 23.98
C ALA C 12 12.75 16.43 22.48
N GLU C 13 11.77 17.02 21.79
CA GLU C 13 11.85 17.15 20.34
C GLU C 13 12.90 18.17 19.94
N LEU C 14 13.16 19.17 20.78
CA LEU C 14 14.25 20.10 20.51
C LEU C 14 15.59 19.38 20.54
N ASP C 15 15.80 18.51 21.52
CA ASP C 15 17.07 17.78 21.61
C ASP C 15 17.27 16.86 20.42
N ALA C 16 16.20 16.25 19.92
CA ALA C 16 16.32 15.38 18.76
C ALA C 16 16.83 16.15 17.55
N VAL C 17 16.22 17.30 17.26
CA VAL C 17 16.72 18.14 16.18
C VAL C 17 18.10 18.67 16.51
N ASN C 18 18.32 19.07 17.76
CA ASN C 18 19.61 19.59 18.18
C ASN C 18 20.70 18.53 18.15
N GLU C 19 20.32 17.24 18.09
CA GLU C 19 21.30 16.17 18.01
C GLU C 19 21.63 15.80 16.57
N MET C 20 20.66 15.91 15.66
CA MET C 20 20.95 15.66 14.26
C MET C 20 21.80 16.77 13.66
N LEU C 21 21.68 17.99 14.19
CA LEU C 21 22.55 19.08 13.75
C LEU C 21 24.01 18.78 14.09
N ALA C 22 24.26 18.23 15.28
CA ALA C 22 25.63 17.90 15.68
C ALA C 22 26.21 16.75 14.87
N ALA C 23 25.37 15.98 14.17
CA ALA C 23 25.88 14.89 13.35
C ALA C 23 26.74 15.39 12.20
N ILE C 24 26.50 16.62 11.73
CA ILE C 24 27.30 17.22 10.68
C ILE C 24 28.19 18.33 11.22
N GLY C 25 28.36 18.41 12.54
CA GLY C 25 29.21 19.41 13.14
C GLY C 25 28.62 20.80 13.09
N GLU C 26 27.49 21.01 13.75
CA GLU C 26 26.82 22.30 13.80
C GLU C 26 26.61 22.70 15.25
N SER C 27 26.76 23.99 15.53
CA SER C 27 26.53 24.49 16.87
C SER C 27 25.07 24.31 17.27
N PRO C 28 24.80 24.02 18.54
CA PRO C 28 23.41 23.78 18.95
C PRO C 28 22.56 25.03 18.87
N VAL C 29 21.27 24.83 18.59
CA VAL C 29 20.31 25.92 18.61
C VAL C 29 19.61 25.94 19.96
N THR C 30 19.00 27.07 20.29
CA THR C 30 18.33 27.27 21.56
C THR C 30 16.81 27.20 21.44
N THR C 31 16.23 27.94 20.51
CA THR C 31 14.80 27.96 20.29
C THR C 31 14.50 27.40 18.91
N LEU C 32 13.63 26.40 18.84
CA LEU C 32 13.31 25.77 17.57
C LEU C 32 12.35 26.63 16.75
N ASP C 33 11.39 27.28 17.40
CA ASP C 33 10.40 28.08 16.68
C ASP C 33 11.02 29.34 16.11
N GLU C 34 11.94 29.97 16.85
CA GLU C 34 12.51 31.24 16.47
C GLU C 34 13.75 31.10 15.59
N ASP C 35 14.11 29.88 15.21
CA ASP C 35 15.27 29.63 14.34
C ASP C 35 14.77 28.83 13.14
N GLY C 36 14.32 29.53 12.12
CA GLY C 36 13.78 28.88 10.94
C GLY C 36 14.84 28.21 10.09
N SER C 37 15.65 29.01 9.39
CA SER C 37 16.73 28.53 8.54
C SER C 37 16.23 27.54 7.50
N ALA C 38 17.15 26.94 6.75
CA ALA C 38 16.84 25.87 5.82
C ALA C 38 17.45 24.54 6.25
N ASP C 39 18.13 24.51 7.38
CA ASP C 39 18.80 23.31 7.89
C ASP C 39 18.06 22.68 9.04
N VAL C 40 17.55 23.48 9.98
CA VAL C 40 16.68 22.96 11.03
C VAL C 40 15.38 22.45 10.41
N ALA C 41 14.83 23.19 9.45
CA ALA C 41 13.57 22.78 8.82
C ALA C 41 13.73 21.45 8.11
N ASN C 42 14.86 21.25 7.43
CA ASN C 42 15.13 19.95 6.81
C ASN C 42 15.28 18.86 7.86
N ALA C 43 15.87 19.21 9.01
CA ALA C 43 16.09 18.22 10.06
C ALA C 43 14.76 17.71 10.63
N ARG C 44 13.81 18.60 10.87
CA ARG C 44 12.52 18.18 11.42
C ARG C 44 11.76 17.32 10.44
N ARG C 45 11.85 17.62 9.15
CA ARG C 45 11.14 16.84 8.15
C ARG C 45 11.62 15.40 8.11
N ILE C 46 12.94 15.20 8.21
CA ILE C 46 13.49 13.85 8.21
C ILE C 46 13.14 13.13 9.51
N LEU C 47 13.19 13.84 10.63
CA LEU C 47 12.85 13.23 11.91
C LEU C 47 11.41 12.74 11.92
N ASN C 48 10.49 13.53 11.35
CA ASN C 48 9.09 13.11 11.30
C ASN C 48 8.91 11.86 10.45
N ARG C 49 9.59 11.80 9.30
CA ARG C 49 9.45 10.64 8.43
C ARG C 49 10.06 9.40 9.06
N ILE C 50 11.25 9.54 9.66
CA ILE C 50 11.89 8.39 10.29
C ILE C 50 11.09 7.90 11.47
N ASN C 51 10.44 8.82 12.20
CA ASN C 51 9.68 8.43 13.38
C ASN C 51 8.59 7.43 13.05
N ARG C 52 7.76 7.73 12.05
CA ARG C 52 6.69 6.81 11.70
C ARG C 52 7.18 5.60 10.92
N GLN C 53 8.35 5.69 10.28
CA GLN C 53 8.89 4.53 9.57
C GLN C 53 9.26 3.42 10.55
N ILE C 54 9.92 3.78 11.65
CA ILE C 54 10.30 2.80 12.65
C ILE C 54 9.07 2.28 13.40
N GLN C 55 8.13 3.18 13.70
CA GLN C 55 6.93 2.76 14.41
C GLN C 55 6.09 1.80 13.59
N SER C 56 6.00 2.03 12.28
CA SER C 56 5.16 1.20 11.42
C SER C 56 5.70 -0.21 11.25
N LYS C 57 6.94 -0.47 11.67
CA LYS C 57 7.49 -1.82 11.54
C LYS C 57 6.73 -2.82 12.42
N GLY C 58 6.23 -2.38 13.57
CA GLY C 58 5.49 -3.26 14.44
C GLY C 58 6.35 -3.80 15.57
N TRP C 59 6.08 -3.36 16.80
CA TRP C 59 6.82 -3.78 17.97
C TRP C 59 5.84 -4.20 19.06
N ALA C 60 6.38 -4.86 20.08
CA ALA C 60 5.52 -5.43 21.12
C ALA C 60 4.77 -4.37 21.91
N PHE C 61 5.22 -3.11 21.89
CA PHE C 61 4.60 -2.07 22.69
C PHE C 61 3.64 -1.18 21.90
N ASN C 62 3.83 -1.03 20.60
CA ASN C 62 2.98 -0.17 19.79
C ASN C 62 1.93 -0.94 19.01
N ILE C 63 1.83 -2.24 19.18
CA ILE C 63 0.81 -3.06 18.53
C ILE C 63 -0.30 -3.35 19.52
N ASN C 64 -1.53 -3.03 19.13
CA ASN C 64 -2.71 -3.26 19.95
C ASN C 64 -3.59 -4.28 19.23
N GLU C 65 -3.55 -5.52 19.69
CA GLU C 65 -4.31 -6.58 19.04
C GLU C 65 -5.80 -6.52 19.33
N SER C 66 -6.23 -5.74 20.31
CA SER C 66 -7.62 -5.64 20.69
C SER C 66 -8.22 -4.27 20.38
N ALA C 67 -7.59 -3.51 19.49
CA ALA C 67 -8.08 -2.19 19.16
C ALA C 67 -9.42 -2.26 18.44
N THR C 68 -10.32 -1.36 18.79
CA THR C 68 -11.65 -1.30 18.20
C THR C 68 -11.84 0.02 17.48
N LEU C 69 -12.64 -0.02 16.41
CA LEU C 69 -12.97 1.17 15.62
C LEU C 69 -14.48 1.32 15.57
N THR C 70 -14.99 2.38 16.15
CA THR C 70 -16.43 2.61 16.19
C THR C 70 -16.91 3.17 14.85
N PRO C 71 -17.84 2.51 14.17
CA PRO C 71 -18.25 2.93 12.82
C PRO C 71 -19.43 3.90 12.82
N ASP C 72 -19.21 5.10 13.37
CA ASP C 72 -20.24 6.14 13.39
C ASP C 72 -21.49 5.65 14.10
N ALA C 73 -22.56 6.44 14.06
CA ALA C 73 -23.84 6.04 14.64
C ALA C 73 -24.93 5.90 13.60
N SER C 74 -25.19 6.95 12.81
CA SER C 74 -26.20 6.86 11.76
C SER C 74 -25.67 6.07 10.56
N THR C 75 -24.58 6.54 9.97
CA THR C 75 -23.91 5.78 8.93
C THR C 75 -23.01 4.72 9.57
N GLY C 76 -22.32 3.94 8.74
CA GLY C 76 -21.45 2.91 9.26
C GLY C 76 -20.02 3.05 8.78
N LEU C 77 -19.60 4.27 8.51
CA LEU C 77 -18.32 4.53 7.88
C LEU C 77 -17.26 4.81 8.93
N ILE C 78 -16.11 4.14 8.81
CA ILE C 78 -14.96 4.38 9.67
C ILE C 78 -13.95 5.19 8.86
N PRO C 79 -13.67 6.44 9.25
CA PRO C 79 -12.65 7.22 8.54
C PRO C 79 -11.27 6.58 8.72
N PHE C 80 -10.51 6.52 7.63
CA PHE C 80 -9.15 5.97 7.65
C PHE C 80 -8.17 7.12 7.89
N ARG C 81 -8.04 7.51 9.16
CA ARG C 81 -7.16 8.62 9.50
C ARG C 81 -5.72 8.25 9.19
N PRO C 82 -4.89 9.24 8.83
CA PRO C 82 -3.48 8.94 8.54
C PRO C 82 -2.68 8.49 9.74
N ALA C 83 -3.24 8.57 10.95
CA ALA C 83 -2.54 8.07 12.13
C ALA C 83 -2.45 6.55 12.15
N TYR C 84 -3.28 5.87 11.37
CA TYR C 84 -3.29 4.40 11.33
C TYR C 84 -2.16 3.95 10.44
N LEU C 85 -1.01 3.63 11.05
CA LEU C 85 0.16 3.21 10.28
C LEU C 85 -0.08 1.88 9.58
N SER C 86 -0.71 0.93 10.27
CA SER C 86 -0.98 -0.37 9.67
C SER C 86 -2.17 -1.00 10.38
N ILE C 87 -3.23 -1.30 9.63
CA ILE C 87 -4.38 -1.99 10.18
C ILE C 87 -4.44 -3.42 9.63
N LEU C 88 -3.96 -4.37 10.41
CA LEU C 88 -3.88 -5.76 10.01
C LEU C 88 -4.63 -6.62 11.03
N GLY C 89 -4.68 -7.92 10.76
CA GLY C 89 -5.54 -8.80 11.52
C GLY C 89 -6.90 -9.01 10.91
N GLY C 90 -7.09 -8.62 9.64
CA GLY C 90 -8.35 -8.78 8.95
C GLY C 90 -8.17 -8.60 7.46
N GLN C 91 -9.10 -7.92 6.81
CA GLN C 91 -9.05 -7.67 5.38
C GLN C 91 -9.46 -6.23 5.07
N TYR C 92 -8.93 -5.28 5.83
CA TYR C 92 -9.30 -3.87 5.68
C TYR C 92 -8.22 -3.15 4.89
N ILE C 93 -8.63 -2.48 3.80
CA ILE C 93 -7.70 -2.06 2.76
C ILE C 93 -7.77 -0.57 2.43
N ASN C 94 -8.58 0.21 3.14
CA ASN C 94 -8.69 1.66 2.87
C ASN C 94 -9.14 1.91 1.43
N ARG C 95 -10.38 1.51 1.15
CA ARG C 95 -10.93 1.60 -0.20
C ARG C 95 -10.94 3.01 -0.76
N GLY C 96 -11.69 3.91 -0.13
CA GLY C 96 -11.85 5.25 -0.65
C GLY C 96 -11.63 6.33 0.37
N GLY C 97 -10.65 6.13 1.24
CA GLY C 97 -10.49 6.96 2.42
C GLY C 97 -11.23 6.46 3.63
N TRP C 98 -12.03 5.41 3.48
CA TRP C 98 -12.74 4.74 4.56
C TRP C 98 -12.18 3.34 4.72
N VAL C 99 -12.63 2.65 5.76
CA VAL C 99 -12.17 1.30 6.05
C VAL C 99 -13.04 0.32 5.25
N TYR C 100 -12.42 -0.40 4.32
CA TYR C 100 -13.09 -1.44 3.56
C TYR C 100 -12.99 -2.77 4.29
N ASP C 101 -13.57 -3.82 3.68
CA ASP C 101 -13.56 -5.13 4.28
C ASP C 101 -13.07 -6.25 3.37
N LYS C 102 -12.98 -6.02 2.06
CA LYS C 102 -12.37 -6.97 1.13
C LYS C 102 -13.09 -8.32 1.14
N SER C 103 -13.03 -9.03 2.27
CA SER C 103 -13.72 -10.31 2.37
C SER C 103 -15.22 -10.14 2.12
N THR C 104 -15.84 -9.17 2.77
CA THR C 104 -17.20 -8.76 2.48
C THR C 104 -17.15 -7.42 1.77
N GLY C 105 -17.74 -7.35 0.58
CA GLY C 105 -17.66 -6.15 -0.21
C GLY C 105 -18.51 -5.01 0.33
N THR C 106 -18.24 -4.58 1.56
CA THR C 106 -19.04 -3.56 2.21
C THR C 106 -18.13 -2.49 2.81
N ASP C 107 -18.69 -1.28 2.94
CA ASP C 107 -18.02 -0.16 3.56
C ASP C 107 -18.67 0.28 4.87
N THR C 108 -19.95 -0.01 5.06
CA THR C 108 -20.66 0.35 6.26
C THR C 108 -20.64 -0.79 7.25
N PHE C 109 -20.39 -0.47 8.53
CA PHE C 109 -20.32 -1.46 9.59
C PHE C 109 -21.42 -1.18 10.60
N SER C 110 -22.06 -2.25 11.08
CA SER C 110 -23.16 -2.10 12.03
C SER C 110 -22.64 -1.71 13.41
N GLY C 111 -21.56 -2.32 13.86
CA GLY C 111 -21.03 -2.05 15.18
C GLY C 111 -19.53 -2.04 15.21
N PRO C 112 -18.95 -1.74 16.38
CA PRO C 112 -17.49 -1.67 16.49
C PRO C 112 -16.83 -2.98 16.10
N ILE C 113 -15.67 -2.88 15.47
CA ILE C 113 -14.93 -4.04 14.99
C ILE C 113 -13.55 -4.04 15.64
N THR C 114 -13.14 -5.20 16.15
CA THR C 114 -11.83 -5.35 16.75
C THR C 114 -10.81 -5.72 15.69
N VAL C 115 -9.60 -5.18 15.82
CA VAL C 115 -8.57 -5.34 14.81
C VAL C 115 -7.24 -4.95 15.45
N THR C 116 -6.16 -5.56 14.95
CA THR C 116 -4.82 -5.22 15.43
C THR C 116 -4.36 -3.94 14.76
N LEU C 117 -4.18 -2.88 15.54
CA LEU C 117 -3.91 -1.56 15.01
C LEU C 117 -2.56 -1.04 15.51
N ILE C 118 -1.88 -0.31 14.64
CA ILE C 118 -0.68 0.45 15.00
C ILE C 118 -0.99 1.92 14.75
N THR C 119 -1.00 2.71 15.82
CA THR C 119 -1.32 4.13 15.74
C THR C 119 -0.04 4.95 15.82
N LEU C 120 0.06 5.96 14.96
CA LEU C 120 1.20 6.87 14.99
C LEU C 120 1.28 7.55 16.34
N GLN C 121 2.38 7.33 17.06
CA GLN C 121 2.57 7.84 18.40
C GLN C 121 3.72 8.83 18.40
N ASP C 122 3.62 9.83 19.28
CA ASP C 122 4.57 10.94 19.28
C ASP C 122 5.98 10.46 19.63
N TYR C 123 6.97 11.20 19.12
CA TYR C 123 8.37 10.82 19.35
C TYR C 123 8.72 10.86 20.82
N ASP C 124 8.27 11.87 21.54
CA ASP C 124 8.69 12.05 22.93
C ASP C 124 8.16 10.97 23.86
N GLU C 125 7.17 10.20 23.44
CA GLU C 125 6.59 9.14 24.25
C GLU C 125 6.90 7.76 23.69
N MET C 126 8.13 7.58 23.23
CA MET C 126 8.69 6.31 22.83
C MET C 126 9.65 5.78 23.90
N PRO C 127 9.93 4.49 23.91
CA PRO C 127 10.98 3.98 24.81
C PRO C 127 12.31 4.65 24.48
N GLU C 128 13.13 4.82 25.52
CA GLU C 128 14.38 5.55 25.35
C GLU C 128 15.27 4.88 24.31
N CYS C 129 15.29 3.55 24.29
CA CYS C 129 16.07 2.84 23.28
C CYS C 129 15.59 3.17 21.87
N PHE C 130 14.27 3.23 21.68
CA PHE C 130 13.73 3.56 20.37
C PHE C 130 13.92 5.03 20.05
N ARG C 131 13.91 5.90 21.06
CA ARG C 131 14.20 7.31 20.83
C ARG C 131 15.62 7.51 20.31
N GLN C 132 16.58 6.77 20.88
CA GLN C 132 17.96 6.86 20.40
C GLN C 132 18.09 6.35 18.97
N TRP C 133 17.40 5.25 18.65
CA TRP C 133 17.47 4.71 17.29
C TRP C 133 16.86 5.67 16.29
N ILE C 134 15.74 6.30 16.64
CA ILE C 134 15.09 7.23 15.72
C ILE C 134 16.00 8.40 15.40
N VAL C 135 16.63 8.97 16.43
CA VAL C 135 17.51 10.12 16.22
C VAL C 135 18.74 9.71 15.44
N THR C 136 19.38 8.60 15.82
CA THR C 136 20.61 8.18 15.16
C THR C 136 20.35 7.84 13.69
N LYS C 137 19.25 7.14 13.41
CA LYS C 137 18.91 6.84 12.03
C LYS C 137 18.59 8.10 11.24
N ALA C 138 17.85 9.03 11.85
CA ALA C 138 17.49 10.27 11.17
C ALA C 138 18.72 11.11 10.87
N SER C 139 19.63 11.23 11.84
CA SER C 139 20.84 12.01 11.63
C SER C 139 21.71 11.40 10.53
N ARG C 140 21.76 10.07 10.47
CA ARG C 140 22.49 9.41 9.39
C ARG C 140 21.85 9.69 8.04
N GLN C 141 20.51 9.67 7.98
CA GLN C 141 19.82 10.02 6.74
C GLN C 141 19.95 11.50 6.44
N PHE C 142 20.01 12.34 7.48
CA PHE C 142 20.16 13.77 7.29
C PHE C 142 21.56 14.15 6.82
N ASN C 143 22.56 13.34 7.14
CA ASN C 143 23.91 13.56 6.61
C ASN C 143 23.97 13.29 5.11
N SER C 144 23.50 12.12 4.68
CA SER C 144 23.68 11.71 3.30
C SER C 144 22.92 12.61 2.34
N ARG C 145 21.72 13.04 2.74
CA ARG C 145 20.89 13.84 1.85
C ARG C 145 21.50 15.22 1.59
N PHE C 146 22.03 15.86 2.62
CA PHE C 146 22.47 17.25 2.52
C PHE C 146 23.97 17.43 2.63
N PHE C 147 24.58 16.96 3.71
CA PHE C 147 26.04 17.08 3.82
C PHE C 147 26.74 16.07 2.93
N GLY C 148 26.44 14.79 3.10
CA GLY C 148 27.00 13.74 2.27
C GLY C 148 28.50 13.55 2.43
N ALA C 149 28.99 13.54 3.66
CA ALA C 149 30.39 13.27 3.91
C ALA C 149 30.67 11.78 3.77
N GLU C 150 31.92 11.39 4.03
CA GLU C 150 32.34 10.00 3.91
C GLU C 150 32.65 9.37 5.26
N ASP C 151 33.56 9.98 6.03
CA ASP C 151 33.88 9.43 7.34
C ASP C 151 32.76 9.64 8.34
N VAL C 152 31.92 10.67 8.13
CA VAL C 152 30.79 10.88 9.01
C VAL C 152 29.75 9.80 8.81
N GLU C 153 29.51 9.41 7.56
CA GLU C 153 28.52 8.36 7.28
C GLU C 153 29.01 6.99 7.76
N ASN C 154 30.32 6.73 7.66
CA ASN C 154 30.84 5.47 8.16
C ASN C 154 30.66 5.35 9.67
N SER C 155 30.90 6.44 10.41
CA SER C 155 30.72 6.41 11.85
C SER C 155 29.25 6.31 12.22
N LEU C 156 28.38 7.00 11.49
CA LEU C 156 26.95 6.97 11.80
C LEU C 156 26.33 5.63 11.49
N ALA C 157 26.85 4.92 10.48
CA ALA C 157 26.33 3.59 10.16
C ALA C 157 26.57 2.62 11.31
N GLN C 158 27.74 2.70 11.94
CA GLN C 158 28.01 1.86 13.10
C GLN C 158 27.09 2.21 14.26
N GLU C 159 26.86 3.50 14.49
CA GLU C 159 26.00 3.91 15.60
C GLU C 159 24.57 3.46 15.40
N GLU C 160 24.06 3.53 14.16
CA GLU C 160 22.69 3.08 13.91
C GLU C 160 22.57 1.58 14.13
N MET C 161 23.56 0.81 13.68
CA MET C 161 23.53 -0.63 13.94
C MET C 161 23.60 -0.93 15.42
N GLU C 162 24.47 -0.22 16.15
CA GLU C 162 24.57 -0.42 17.59
C GLU C 162 23.28 -0.03 18.29
N ALA C 163 22.63 1.05 17.84
CA ALA C 163 21.38 1.48 18.46
C ALA C 163 20.23 0.55 18.11
N ARG C 164 20.25 -0.05 16.92
CA ARG C 164 19.17 -0.96 16.54
C ARG C 164 19.20 -2.23 17.39
N MET C 165 20.40 -2.71 17.73
CA MET C 165 20.50 -3.88 18.60
C MET C 165 19.87 -3.62 19.95
N ALA C 166 20.08 -2.43 20.51
CA ALA C 166 19.52 -2.10 21.82
C ALA C 166 18.00 -2.17 21.80
N CYS C 167 17.37 -1.71 20.71
CA CYS C 167 15.93 -1.83 20.59
C CYS C 167 15.50 -3.28 20.45
N ASN C 168 16.28 -4.08 19.71
CA ASN C 168 15.94 -5.49 19.54
C ASN C 168 15.99 -6.24 20.86
N GLU C 169 16.98 -5.95 21.71
CA GLU C 169 17.03 -6.58 23.02
C GLU C 169 15.86 -6.13 23.89
N TYR C 170 15.52 -4.84 23.85
CA TYR C 170 14.37 -4.36 24.62
C TYR C 170 13.07 -4.97 24.13
N GLU C 171 12.93 -5.12 22.81
CA GLU C 171 11.73 -5.76 22.27
C GLU C 171 11.60 -7.18 22.78
N MET C 172 12.72 -7.88 22.94
CA MET C 172 12.70 -9.22 23.49
C MET C 172 12.46 -9.21 24.99
N ASP C 173 13.09 -8.26 25.71
CA ASP C 173 12.89 -8.17 27.14
C ASP C 173 11.47 -7.75 27.47
N PHE C 174 10.87 -6.89 26.65
CA PHE C 174 9.52 -6.43 26.89
C PHE C 174 8.52 -7.57 26.75
N GLY C 175 8.66 -8.38 25.71
CA GLY C 175 7.72 -9.44 25.43
C GLY C 175 8.02 -10.77 26.11
N GLN C 176 9.29 -11.00 26.41
CA GLN C 176 9.80 -12.25 26.99
C GLN C 176 9.10 -13.47 26.37
N TYR C 177 9.29 -13.61 25.06
CA TYR C 177 8.61 -14.65 24.31
C TYR C 177 9.12 -16.03 24.70
N ASN C 178 8.23 -17.01 24.63
CA ASN C 178 8.49 -18.38 25.05
C ASN C 178 8.07 -19.35 23.96
N MET C 179 8.91 -20.34 23.70
CA MET C 179 8.60 -21.37 22.71
C MET C 179 7.99 -22.62 23.32
N LEU C 180 7.77 -22.64 24.64
CA LEU C 180 7.12 -23.76 25.32
C LEU C 180 5.80 -23.37 25.96
N ASP C 181 5.78 -22.31 26.76
CA ASP C 181 4.58 -21.88 27.45
C ASP C 181 3.99 -20.59 26.89
N GLY C 182 4.71 -19.88 26.04
CA GLY C 182 4.17 -18.70 25.40
C GLY C 182 3.78 -18.98 23.96
N ASP C 183 4.14 -20.16 23.46
CA ASP C 183 3.86 -20.51 22.09
C ASP C 183 2.40 -20.90 21.94
N ALA C 184 1.76 -20.40 20.89
CA ALA C 184 0.33 -20.56 20.71
C ALA C 184 -0.09 -21.97 20.32
N TYR C 185 0.86 -22.83 19.96
CA TYR C 185 0.53 -24.19 19.54
C TYR C 185 1.19 -25.25 20.38
N VAL C 186 2.41 -25.02 20.86
CA VAL C 186 3.07 -26.01 21.71
C VAL C 186 2.36 -26.14 23.05
N GLN C 187 1.75 -25.06 23.53
CA GLN C 187 1.03 -25.11 24.81
C GLN C 187 0.03 -26.25 24.83
N GLY C 188 -0.70 -26.44 23.73
CA GLY C 188 -1.64 -27.55 23.66
C GLY C 188 -0.93 -28.90 23.69
N LEU C 189 0.22 -28.99 23.02
CA LEU C 189 0.94 -30.25 22.99
C LEU C 189 1.56 -30.58 24.35
N ILE C 190 1.96 -29.55 25.10
CA ILE C 190 2.55 -29.78 26.41
C ILE C 190 1.52 -30.37 27.37
N GLY C 191 0.24 -30.05 27.16
CA GLY C 191 -0.81 -30.52 28.04
C GLY C 191 -0.87 -32.03 28.19
N ARG C 192 -0.89 -32.49 29.42
CA ARG C 192 -0.84 -33.91 29.71
C ARG C 192 -1.64 -34.27 30.96
N MET D 1 1.61 30.50 19.07
CA MET D 1 1.07 29.29 18.46
C MET D 1 1.75 28.05 19.04
N ASN D 2 0.98 27.26 19.79
CA ASN D 2 1.47 26.03 20.39
C ASN D 2 1.11 24.86 19.49
N MET D 3 2.13 24.17 18.98
CA MET D 3 1.89 23.09 18.03
C MET D 3 1.27 21.88 18.71
N GLN D 4 1.44 21.74 20.02
CA GLN D 4 0.89 20.57 20.71
C GLN D 4 -0.63 20.63 20.79
N ASP D 5 -1.22 21.82 20.71
CA ASP D 5 -2.67 21.92 20.73
C ASP D 5 -3.28 21.67 19.36
N ALA D 6 -2.47 21.70 18.31
CA ALA D 6 -2.96 21.59 16.94
C ALA D 6 -2.54 20.25 16.34
N TYR D 7 -3.47 19.61 15.64
CA TYR D 7 -3.20 18.40 14.88
C TYR D 7 -3.73 18.61 13.46
N PHE D 8 -2.85 18.63 12.48
CA PHE D 8 -3.26 18.72 11.09
C PHE D 8 -2.24 17.99 10.22
N GLY D 9 -2.67 17.64 9.02
CA GLY D 9 -1.83 16.89 8.10
C GLY D 9 -1.78 17.54 6.74
N SER D 10 -0.63 17.42 6.09
CA SER D 10 -0.43 17.99 4.76
C SER D 10 -0.89 17.01 3.69
N ALA D 11 -0.68 17.42 2.43
CA ALA D 11 -0.98 16.54 1.31
C ALA D 11 0.05 15.42 1.22
N ALA D 12 -0.43 14.19 1.03
CA ALA D 12 0.48 13.06 0.93
C ALA D 12 1.24 13.07 -0.39
N GLU D 13 0.57 13.47 -1.47
CA GLU D 13 1.21 13.52 -2.79
C GLU D 13 2.34 14.54 -2.81
N LEU D 14 2.11 15.71 -2.22
CA LEU D 14 3.13 16.76 -2.21
C LEU D 14 4.36 16.31 -1.43
N ASP D 15 4.14 15.67 -0.28
CA ASP D 15 5.27 15.22 0.54
C ASP D 15 6.12 14.19 -0.19
N ALA D 16 5.48 13.28 -0.94
CA ALA D 16 6.23 12.26 -1.66
C ALA D 16 7.16 12.89 -2.68
N VAL D 17 6.65 13.83 -3.48
CA VAL D 17 7.51 14.55 -4.41
C VAL D 17 8.52 15.38 -3.66
N ASN D 18 8.08 16.03 -2.57
CA ASN D 18 8.98 16.85 -1.78
C ASN D 18 10.08 16.02 -1.12
N GLU D 19 9.75 14.79 -0.68
CA GLU D 19 10.77 13.92 -0.13
C GLU D 19 11.71 13.40 -1.21
N MET D 20 11.22 13.29 -2.44
CA MET D 20 12.07 12.82 -3.54
C MET D 20 13.15 13.83 -3.86
N LEU D 21 12.82 15.12 -3.79
CA LEU D 21 13.80 16.17 -4.09
C LEU D 21 14.86 16.28 -3.00
N ALA D 22 14.48 16.06 -1.74
CA ALA D 22 15.45 16.11 -0.65
C ALA D 22 16.48 15.00 -0.77
N ALA D 23 16.18 13.93 -1.50
CA ALA D 23 17.13 12.83 -1.65
C ALA D 23 18.40 13.29 -2.36
N ILE D 24 18.30 14.30 -3.23
CA ILE D 24 19.48 14.85 -3.89
C ILE D 24 19.91 16.16 -3.28
N GLY D 25 19.30 16.57 -2.17
CA GLY D 25 19.72 17.75 -1.45
C GLY D 25 19.06 19.05 -1.85
N GLU D 26 18.04 19.00 -2.71
CA GLU D 26 17.40 20.23 -3.16
C GLU D 26 16.37 20.72 -2.15
N SER D 27 15.99 21.98 -2.31
CA SER D 27 15.05 22.64 -1.41
C SER D 27 13.63 22.17 -1.70
N PRO D 28 12.74 22.29 -0.72
CA PRO D 28 11.35 21.88 -0.93
C PRO D 28 10.62 22.81 -1.89
N VAL D 29 9.56 22.26 -2.49
CA VAL D 29 8.68 23.01 -3.40
C VAL D 29 7.35 23.20 -2.71
N THR D 30 6.79 24.41 -2.82
CA THR D 30 5.57 24.73 -2.10
C THR D 30 4.34 24.08 -2.75
N THR D 31 4.27 24.08 -4.09
CA THR D 31 3.11 23.57 -4.78
C THR D 31 3.54 22.72 -5.97
N LEU D 32 2.64 21.83 -6.40
CA LEU D 32 2.90 20.92 -7.52
C LEU D 32 2.47 21.61 -8.82
N ASP D 33 3.37 22.46 -9.32
CA ASP D 33 3.05 23.28 -10.48
C ASP D 33 2.95 22.45 -11.76
N GLU D 34 3.94 21.60 -12.00
CA GLU D 34 3.99 20.69 -13.15
C GLU D 34 4.26 21.43 -14.46
N ASP D 35 4.22 22.75 -14.42
CA ASP D 35 4.52 23.58 -15.58
C ASP D 35 5.67 24.54 -15.34
N GLY D 36 5.66 25.24 -14.21
CA GLY D 36 6.72 26.20 -13.94
C GLY D 36 8.06 25.54 -13.67
N SER D 37 8.06 24.43 -12.93
CA SER D 37 9.29 23.80 -12.46
C SER D 37 9.47 22.45 -13.12
N ALA D 38 10.69 22.17 -13.58
CA ALA D 38 10.98 20.88 -14.18
C ALA D 38 11.11 19.78 -13.14
N ASP D 39 11.54 20.12 -11.93
CA ASP D 39 11.65 19.12 -10.88
C ASP D 39 10.29 18.51 -10.56
N VAL D 40 9.25 19.32 -10.44
CA VAL D 40 7.93 18.80 -10.17
C VAL D 40 7.43 17.97 -11.34
N ALA D 41 7.68 18.43 -12.56
CA ALA D 41 7.27 17.67 -13.73
C ALA D 41 8.01 16.35 -13.83
N ASN D 42 9.31 16.36 -13.54
CA ASN D 42 10.10 15.14 -13.62
C ASN D 42 9.81 14.21 -12.45
N ALA D 43 9.64 14.76 -11.25
CA ALA D 43 9.43 13.92 -10.07
C ALA D 43 8.08 13.22 -10.12
N ARG D 44 7.01 13.96 -10.43
CA ARG D 44 5.68 13.36 -10.45
C ARG D 44 5.58 12.28 -11.53
N ARG D 45 6.24 12.48 -12.66
CA ARG D 45 6.23 11.47 -13.71
C ARG D 45 6.89 10.19 -13.24
N ILE D 46 8.01 10.31 -12.51
CA ILE D 46 8.68 9.12 -11.98
C ILE D 46 7.86 8.48 -10.87
N LEU D 47 7.28 9.31 -9.99
CA LEU D 47 6.51 8.78 -8.87
C LEU D 47 5.29 8.00 -9.37
N ASN D 48 4.62 8.51 -10.40
CA ASN D 48 3.47 7.81 -10.95
C ASN D 48 3.87 6.46 -11.53
N ARG D 49 5.00 6.41 -12.23
CA ARG D 49 5.44 5.15 -12.83
C ARG D 49 5.82 4.13 -11.76
N ILE D 50 6.53 4.57 -10.72
CA ILE D 50 6.94 3.64 -9.66
C ILE D 50 5.72 3.16 -8.87
N ASN D 51 4.78 4.06 -8.61
CA ASN D 51 3.56 3.67 -7.92
C ASN D 51 2.78 2.63 -8.73
N ARG D 52 2.65 2.85 -10.04
CA ARG D 52 1.94 1.91 -10.89
C ARG D 52 2.69 0.59 -10.98
N GLN D 53 4.02 0.65 -11.07
CA GLN D 53 4.82 -0.56 -11.22
C GLN D 53 4.74 -1.46 -10.00
N ILE D 54 4.81 -0.88 -8.80
CA ILE D 54 4.81 -1.69 -7.59
C ILE D 54 3.46 -2.34 -7.36
N GLN D 55 2.37 -1.62 -7.65
CA GLN D 55 1.04 -2.21 -7.50
C GLN D 55 0.84 -3.38 -8.44
N SER D 56 1.42 -3.32 -9.64
CA SER D 56 1.21 -4.37 -10.63
C SER D 56 1.88 -5.68 -10.23
N LYS D 57 2.74 -5.67 -9.22
CA LYS D 57 3.39 -6.90 -8.78
C LYS D 57 2.37 -7.88 -8.21
N GLY D 58 1.36 -7.37 -7.51
CA GLY D 58 0.32 -8.22 -6.96
C GLY D 58 0.55 -8.55 -5.49
N TRP D 59 -0.29 -7.98 -4.63
CA TRP D 59 -0.19 -8.17 -3.19
C TRP D 59 -1.55 -8.60 -2.64
N ALA D 60 -1.55 -9.06 -1.40
CA ALA D 60 -2.75 -9.63 -0.82
C ALA D 60 -3.87 -8.60 -0.62
N PHE D 61 -3.56 -7.32 -0.66
CA PHE D 61 -4.57 -6.30 -0.41
C PHE D 61 -5.11 -5.62 -1.66
N ASN D 62 -4.35 -5.60 -2.75
CA ASN D 62 -4.82 -4.99 -3.98
C ASN D 62 -5.27 -6.00 -5.04
N ILE D 63 -5.18 -7.30 -4.73
CA ILE D 63 -5.64 -8.34 -5.63
C ILE D 63 -7.08 -8.68 -5.27
N ASN D 64 -7.98 -8.54 -6.23
CA ASN D 64 -9.40 -8.81 -6.04
C ASN D 64 -9.74 -10.04 -6.89
N GLU D 65 -9.95 -11.18 -6.22
CA GLU D 65 -10.17 -12.44 -6.91
C GLU D 65 -11.60 -12.65 -7.36
N SER D 66 -12.54 -11.80 -6.95
CA SER D 66 -13.94 -11.92 -7.32
C SER D 66 -14.41 -10.77 -8.19
N ALA D 67 -13.49 -10.08 -8.85
CA ALA D 67 -13.87 -8.94 -9.68
C ALA D 67 -14.70 -9.40 -10.87
N THR D 68 -15.74 -8.62 -11.20
CA THR D 68 -16.63 -8.92 -12.30
C THR D 68 -16.61 -7.78 -13.31
N LEU D 69 -16.87 -8.13 -14.57
CA LEU D 69 -16.80 -7.18 -15.68
C LEU D 69 -18.07 -7.33 -16.51
N THR D 70 -18.96 -6.36 -16.42
CA THR D 70 -20.21 -6.42 -17.18
C THR D 70 -19.94 -6.16 -18.65
N PRO D 71 -20.43 -7.01 -19.56
CA PRO D 71 -20.10 -6.88 -20.99
C PRO D 71 -21.05 -5.95 -21.74
N ASP D 72 -21.07 -4.68 -21.33
CA ASP D 72 -21.89 -3.64 -21.95
C ASP D 72 -23.35 -4.10 -21.97
N ALA D 73 -24.16 -3.56 -22.87
CA ALA D 73 -25.54 -3.96 -23.02
C ALA D 73 -25.86 -4.51 -24.40
N SER D 74 -25.54 -3.76 -25.46
CA SER D 74 -25.90 -4.17 -26.81
C SER D 74 -24.87 -5.12 -27.40
N THR D 75 -23.59 -4.78 -27.31
CA THR D 75 -22.51 -5.63 -27.79
C THR D 75 -21.79 -6.24 -26.59
N GLY D 76 -21.25 -7.43 -26.79
CA GLY D 76 -20.58 -8.12 -25.71
C GLY D 76 -19.20 -7.60 -25.36
N LEU D 77 -18.74 -6.54 -26.04
CA LEU D 77 -17.40 -6.04 -25.83
C LEU D 77 -17.24 -5.46 -24.43
N ILE D 78 -16.16 -5.83 -23.76
CA ILE D 78 -15.80 -5.31 -22.45
C ILE D 78 -14.59 -4.40 -22.62
N PRO D 79 -14.65 -3.14 -22.18
CA PRO D 79 -13.50 -2.25 -22.35
C PRO D 79 -12.33 -2.68 -21.49
N PHE D 80 -11.20 -2.95 -22.12
CA PHE D 80 -9.97 -3.29 -21.41
C PHE D 80 -9.29 -1.99 -21.05
N ARG D 81 -9.65 -1.45 -19.88
CA ARG D 81 -9.14 -0.16 -19.47
C ARG D 81 -7.64 -0.23 -19.24
N PRO D 82 -6.89 0.82 -19.58
CA PRO D 82 -5.46 0.85 -19.25
C PRO D 82 -5.18 0.82 -17.77
N ALA D 83 -6.17 1.14 -16.94
CA ALA D 83 -5.98 1.09 -15.49
C ALA D 83 -5.74 -0.33 -14.99
N TYR D 84 -6.25 -1.33 -15.71
CA TYR D 84 -6.09 -2.72 -15.29
C TYR D 84 -4.62 -3.10 -15.36
N LEU D 85 -3.97 -3.20 -14.20
CA LEU D 85 -2.55 -3.54 -14.17
C LEU D 85 -2.33 -4.99 -14.55
N SER D 86 -3.26 -5.87 -14.19
CA SER D 86 -3.16 -7.27 -14.56
C SER D 86 -4.52 -7.93 -14.44
N ILE D 87 -4.82 -8.83 -15.37
CA ILE D 87 -6.00 -9.68 -15.30
C ILE D 87 -5.53 -11.12 -15.25
N LEU D 88 -5.92 -11.82 -14.19
CA LEU D 88 -5.54 -13.22 -13.97
C LEU D 88 -6.80 -14.02 -13.67
N GLY D 89 -6.60 -15.26 -13.25
CA GLY D 89 -7.72 -16.18 -13.06
C GLY D 89 -8.28 -16.73 -14.34
N GLY D 90 -7.72 -16.34 -15.48
CA GLY D 90 -8.16 -16.79 -16.79
C GLY D 90 -7.16 -16.30 -17.81
N GLN D 91 -7.48 -16.52 -19.07
CA GLN D 91 -6.63 -16.07 -20.16
C GLN D 91 -7.32 -14.91 -20.88
N TYR D 92 -6.90 -13.69 -20.59
CA TYR D 92 -7.44 -12.50 -21.23
C TYR D 92 -6.28 -11.60 -21.63
N ILE D 93 -6.30 -11.14 -22.88
CA ILE D 93 -5.09 -10.63 -23.52
C ILE D 93 -5.22 -9.21 -24.07
N ASN D 94 -6.39 -8.58 -23.96
CA ASN D 94 -6.59 -7.24 -24.50
C ASN D 94 -6.29 -7.21 -26.01
N ARG D 95 -7.12 -7.95 -26.74
CA ARG D 95 -6.82 -8.24 -28.13
C ARG D 95 -6.85 -6.98 -28.99
N GLY D 96 -7.92 -6.19 -28.89
CA GLY D 96 -8.04 -5.02 -29.72
C GLY D 96 -8.56 -3.80 -29.00
N GLY D 97 -8.17 -3.64 -27.74
CA GLY D 97 -8.81 -2.69 -26.86
C GLY D 97 -9.97 -3.25 -26.08
N TRP D 98 -10.35 -4.51 -26.34
CA TRP D 98 -11.40 -5.20 -25.62
C TRP D 98 -10.85 -6.44 -24.96
N VAL D 99 -11.56 -6.93 -23.95
CA VAL D 99 -11.18 -8.16 -23.28
C VAL D 99 -11.42 -9.34 -24.23
N TYR D 100 -10.41 -10.19 -24.36
CA TYR D 100 -10.46 -11.34 -25.27
C TYR D 100 -10.41 -12.62 -24.46
N ASP D 101 -11.28 -13.58 -24.80
CA ASP D 101 -11.42 -14.77 -23.97
C ASP D 101 -10.23 -15.70 -24.10
N LYS D 102 -9.66 -15.81 -25.30
CA LYS D 102 -8.34 -16.42 -25.53
C LYS D 102 -8.37 -17.94 -25.30
N SER D 103 -9.47 -18.45 -24.75
CA SER D 103 -9.70 -19.88 -24.63
C SER D 103 -10.77 -20.35 -25.59
N THR D 104 -11.86 -19.60 -25.67
CA THR D 104 -12.80 -19.66 -26.79
C THR D 104 -12.58 -18.41 -27.63
N GLY D 105 -12.39 -18.58 -28.94
CA GLY D 105 -12.02 -17.46 -29.77
C GLY D 105 -13.16 -16.49 -29.96
N THR D 106 -13.56 -15.80 -28.89
CA THR D 106 -14.67 -14.88 -28.91
C THR D 106 -14.27 -13.56 -28.28
N ASP D 107 -14.89 -12.49 -28.74
CA ASP D 107 -14.68 -11.15 -28.20
C ASP D 107 -15.91 -10.58 -27.53
N THR D 108 -17.05 -11.25 -27.66
CA THR D 108 -18.33 -10.78 -27.13
C THR D 108 -18.78 -11.73 -26.03
N PHE D 109 -19.18 -11.16 -24.89
CA PHE D 109 -19.61 -11.94 -23.73
C PHE D 109 -21.09 -11.70 -23.47
N SER D 110 -21.83 -12.78 -23.26
CA SER D 110 -23.26 -12.65 -22.99
C SER D 110 -23.52 -12.06 -21.61
N GLY D 111 -22.76 -12.50 -20.61
CA GLY D 111 -22.95 -12.04 -19.25
C GLY D 111 -21.65 -11.67 -18.56
N PRO D 112 -21.75 -11.11 -17.36
CA PRO D 112 -20.55 -10.71 -16.63
C PRO D 112 -19.63 -11.89 -16.37
N ILE D 113 -18.34 -11.62 -16.39
CA ILE D 113 -17.30 -12.63 -16.19
C ILE D 113 -16.52 -12.28 -14.93
N THR D 114 -16.17 -13.32 -14.15
CA THR D 114 -15.40 -13.14 -12.94
C THR D 114 -13.93 -13.36 -13.21
N VAL D 115 -13.10 -12.38 -12.83
CA VAL D 115 -11.67 -12.41 -13.11
C VAL D 115 -10.93 -11.95 -11.87
N THR D 116 -9.63 -12.27 -11.81
CA THR D 116 -8.75 -11.70 -10.80
C THR D 116 -8.16 -10.41 -11.36
N LEU D 117 -8.43 -9.29 -10.69
CA LEU D 117 -8.14 -7.98 -11.23
C LEU D 117 -7.29 -7.17 -10.26
N ILE D 118 -6.37 -6.39 -10.82
CA ILE D 118 -5.58 -5.41 -10.08
C ILE D 118 -5.79 -4.08 -10.76
N THR D 119 -6.55 -3.20 -10.13
CA THR D 119 -6.84 -1.88 -10.67
C THR D 119 -5.92 -0.85 -10.04
N LEU D 120 -5.52 0.15 -10.82
CA LEU D 120 -4.65 1.19 -10.33
C LEU D 120 -5.33 1.97 -9.21
N GLN D 121 -4.55 2.33 -8.19
CA GLN D 121 -5.04 3.05 -7.03
C GLN D 121 -4.23 4.31 -6.81
N ASP D 122 -4.84 5.26 -6.12
CA ASP D 122 -4.14 6.50 -5.79
C ASP D 122 -2.98 6.22 -4.84
N TYR D 123 -1.96 7.07 -4.91
CA TYR D 123 -0.78 6.87 -4.09
C TYR D 123 -1.09 6.97 -2.60
N ASP D 124 -1.95 7.92 -2.23
CA ASP D 124 -2.28 8.11 -0.83
C ASP D 124 -3.11 6.98 -0.24
N GLU D 125 -3.57 6.04 -1.08
CA GLU D 125 -4.48 4.99 -0.68
C GLU D 125 -3.76 3.67 -0.40
N MET D 126 -2.49 3.75 -0.03
CA MET D 126 -1.62 2.60 0.17
C MET D 126 -1.18 2.47 1.62
N PRO D 127 -0.82 1.27 2.06
CA PRO D 127 -0.25 1.11 3.40
C PRO D 127 1.04 1.91 3.53
N GLU D 128 1.32 2.34 4.76
CA GLU D 128 2.46 3.22 5.00
C GLU D 128 3.76 2.55 4.58
N CYS D 129 3.90 1.25 4.84
CA CYS D 129 5.11 0.54 4.43
C CYS D 129 5.26 0.57 2.91
N PHE D 130 4.16 0.39 2.18
CA PHE D 130 4.24 0.43 0.72
C PHE D 130 4.50 1.85 0.22
N ARG D 131 3.95 2.85 0.91
CA ARG D 131 4.21 4.24 0.52
C ARG D 131 5.69 4.58 0.67
N GLN D 132 6.32 4.11 1.75
CA GLN D 132 7.74 4.39 1.94
C GLN D 132 8.59 3.72 0.87
N TRP D 133 8.23 2.50 0.47
CA TRP D 133 8.95 1.84 -0.61
C TRP D 133 8.78 2.57 -1.93
N ILE D 134 7.58 3.08 -2.20
CA ILE D 134 7.33 3.79 -3.46
C ILE D 134 8.18 5.04 -3.52
N VAL D 135 8.22 5.81 -2.44
CA VAL D 135 8.98 7.06 -2.43
C VAL D 135 10.48 6.77 -2.51
N THR D 136 10.96 5.83 -1.70
CA THR D 136 12.39 5.54 -1.68
C THR D 136 12.88 4.99 -3.01
N LYS D 137 12.10 4.10 -3.63
CA LYS D 137 12.48 3.58 -4.93
C LYS D 137 12.44 4.67 -5.99
N ALA D 138 11.41 5.52 -5.96
CA ALA D 138 11.30 6.59 -6.93
C ALA D 138 12.42 7.61 -6.78
N SER D 139 12.74 7.99 -5.55
CA SER D 139 13.81 8.95 -5.32
C SER D 139 15.16 8.37 -5.76
N ARG D 140 15.36 7.07 -5.54
CA ARG D 140 16.58 6.43 -6.02
C ARG D 140 16.66 6.44 -7.54
N GLN D 141 15.53 6.18 -8.20
CA GLN D 141 15.50 6.31 -9.65
C GLN D 141 15.68 7.77 -10.08
N PHE D 142 14.98 8.68 -9.42
CA PHE D 142 15.05 10.10 -9.77
C PHE D 142 16.47 10.65 -9.64
N ASN D 143 17.29 10.08 -8.75
CA ASN D 143 18.70 10.43 -8.71
C ASN D 143 19.41 9.99 -9.99
N SER D 144 19.26 8.73 -10.37
CA SER D 144 20.04 8.19 -11.47
C SER D 144 19.68 8.84 -12.80
N ARG D 145 18.38 9.07 -13.04
CA ARG D 145 17.98 9.67 -14.30
C ARG D 145 18.46 11.11 -14.42
N PHE D 146 18.36 11.88 -13.34
CA PHE D 146 18.60 13.32 -13.41
C PHE D 146 19.85 13.75 -12.65
N PHE D 147 19.94 13.52 -11.35
CA PHE D 147 21.12 14.03 -10.64
C PHE D 147 22.32 13.12 -10.83
N GLY D 148 22.19 11.85 -10.48
CA GLY D 148 23.26 10.90 -10.73
C GLY D 148 24.51 11.08 -9.90
N ALA D 149 24.35 11.25 -8.59
CA ALA D 149 25.50 11.26 -7.69
C ALA D 149 25.92 9.82 -7.40
N GLU D 150 27.07 9.68 -6.74
CA GLU D 150 27.62 8.36 -6.41
C GLU D 150 27.32 7.95 -4.99
N ASP D 151 27.66 8.79 -4.01
CA ASP D 151 27.37 8.46 -2.62
C ASP D 151 25.88 8.46 -2.34
N VAL D 152 25.12 9.27 -3.08
CA VAL D 152 23.67 9.29 -2.89
C VAL D 152 23.04 8.01 -3.39
N GLU D 153 23.53 7.50 -4.53
CA GLU D 153 22.98 6.26 -5.08
C GLU D 153 23.29 5.08 -4.18
N ASN D 154 24.50 5.02 -3.62
CA ASN D 154 24.84 3.93 -2.71
C ASN D 154 23.98 3.95 -1.46
N SER D 155 23.75 5.14 -0.90
CA SER D 155 22.92 5.24 0.29
C SER D 155 21.48 4.87 0.00
N LEU D 156 20.95 5.30 -1.15
CA LEU D 156 19.56 5.02 -1.47
C LEU D 156 19.35 3.56 -1.86
N ALA D 157 20.40 2.90 -2.34
CA ALA D 157 20.29 1.48 -2.66
C ALA D 157 20.02 0.65 -1.41
N GLN D 158 20.69 0.99 -0.30
CA GLN D 158 20.43 0.31 0.96
C GLN D 158 19.05 0.66 1.50
N GLU D 159 18.64 1.92 1.35
CA GLU D 159 17.34 2.34 1.85
C GLU D 159 16.21 1.64 1.12
N GLU D 160 16.32 1.50 -0.21
CA GLU D 160 15.28 0.82 -0.96
C GLU D 160 15.18 -0.65 -0.57
N MET D 161 16.32 -1.31 -0.35
CA MET D 161 16.30 -2.70 0.07
C MET D 161 15.60 -2.85 1.41
N GLU D 162 15.92 -1.99 2.37
CA GLU D 162 15.30 -2.07 3.68
C GLU D 162 13.79 -1.84 3.61
N ALA D 163 13.36 -0.91 2.76
CA ALA D 163 11.93 -0.66 2.61
C ALA D 163 11.22 -1.82 1.94
N ARG D 164 11.90 -2.54 1.04
CA ARG D 164 11.27 -3.69 0.39
C ARG D 164 11.04 -4.82 1.38
N MET D 165 11.96 -5.02 2.33
CA MET D 165 11.75 -6.03 3.36
C MET D 165 10.53 -5.70 4.20
N ALA D 166 10.37 -4.43 4.57
CA ALA D 166 9.24 -4.04 5.41
C ALA D 166 7.91 -4.32 4.71
N CYS D 167 7.86 -4.13 3.39
CA CYS D 167 6.66 -4.47 2.65
C CYS D 167 6.44 -5.97 2.58
N ASN D 168 7.53 -6.74 2.50
CA ASN D 168 7.41 -8.18 2.43
C ASN D 168 6.84 -8.75 3.73
N GLU D 169 7.32 -8.25 4.88
CA GLU D 169 6.77 -8.71 6.15
C GLU D 169 5.30 -8.34 6.29
N TYR D 170 4.91 -7.15 5.81
CA TYR D 170 3.51 -6.76 5.84
C TYR D 170 2.68 -7.65 4.94
N GLU D 171 3.26 -8.12 3.82
CA GLU D 171 2.55 -9.04 2.94
C GLU D 171 2.23 -10.35 3.65
N MET D 172 3.19 -10.87 4.41
CA MET D 172 2.94 -12.11 5.13
C MET D 172 2.04 -11.89 6.34
N ASP D 173 2.20 -10.76 7.03
CA ASP D 173 1.35 -10.47 8.17
C ASP D 173 -0.10 -10.27 7.73
N PHE D 174 -0.31 -9.66 6.57
CA PHE D 174 -1.67 -9.45 6.08
C PHE D 174 -2.31 -10.75 5.62
N GLY D 175 -1.55 -11.59 4.90
CA GLY D 175 -2.13 -12.79 4.33
C GLY D 175 -2.20 -13.96 5.29
N GLN D 176 -1.23 -14.09 6.18
CA GLN D 176 -1.16 -15.20 7.13
C GLN D 176 -1.24 -16.54 6.43
N TYR D 177 -0.35 -16.74 5.47
CA TYR D 177 -0.36 -17.96 4.68
C TYR D 177 0.15 -19.14 5.48
N ASN D 178 -0.46 -20.29 5.27
CA ASN D 178 -0.16 -21.51 6.00
C ASN D 178 0.04 -22.65 5.02
N MET D 179 1.01 -23.50 5.31
CA MET D 179 1.34 -24.63 4.46
C MET D 179 0.64 -25.92 4.88
N LEU D 180 -0.19 -25.87 5.91
CA LEU D 180 -0.97 -27.02 6.35
C LEU D 180 -2.47 -26.79 6.26
N ASP D 181 -2.98 -25.70 6.82
CA ASP D 181 -4.41 -25.44 6.85
C ASP D 181 -4.85 -24.42 5.83
N GLY D 182 -3.96 -23.57 5.34
CA GLY D 182 -4.31 -22.60 4.32
C GLY D 182 -3.94 -23.10 2.94
N ASP D 183 -3.19 -24.19 2.87
CA ASP D 183 -2.77 -24.73 1.58
C ASP D 183 -3.96 -25.40 0.90
N ALA D 184 -4.03 -25.24 -0.42
CA ALA D 184 -5.17 -25.71 -1.19
C ALA D 184 -5.19 -27.21 -1.40
N TYR D 185 -4.05 -27.89 -1.27
CA TYR D 185 -3.98 -29.31 -1.55
C TYR D 185 -3.64 -30.13 -0.32
N VAL D 186 -2.76 -29.63 0.56
CA VAL D 186 -2.44 -30.35 1.79
C VAL D 186 -3.65 -30.40 2.71
N GLN D 187 -4.47 -29.34 2.73
CA GLN D 187 -5.64 -29.32 3.60
C GLN D 187 -6.55 -30.51 3.34
N GLY D 188 -6.70 -30.92 2.07
CA GLY D 188 -7.46 -32.11 1.77
C GLY D 188 -6.81 -33.36 2.33
N LEU D 189 -5.48 -33.42 2.31
CA LEU D 189 -4.79 -34.60 2.81
C LEU D 189 -4.89 -34.72 4.32
N ILE D 190 -5.08 -33.61 5.02
CA ILE D 190 -5.14 -33.63 6.48
C ILE D 190 -6.36 -34.39 6.96
N GLY D 191 -7.44 -34.38 6.18
CA GLY D 191 -8.68 -35.05 6.55
C GLY D 191 -8.49 -36.52 6.83
N ARG D 192 -9.03 -36.97 7.97
CA ARG D 192 -8.87 -38.36 8.40
C ARG D 192 -10.16 -38.89 9.03
N ALA E 2 30.84 11.29 -15.68
CA ALA E 2 30.23 11.47 -14.37
C ALA E 2 29.78 12.91 -14.19
N LEU E 3 29.37 13.26 -12.97
CA LEU E 3 28.93 14.62 -12.67
C LEU E 3 30.13 15.55 -12.69
N VAL E 4 30.22 16.39 -13.72
CA VAL E 4 31.26 17.39 -13.84
C VAL E 4 30.62 18.76 -13.79
N SER E 5 31.24 19.68 -13.05
CA SER E 5 30.67 21.01 -12.85
C SER E 5 31.70 22.08 -13.18
N GLN E 6 31.20 23.22 -13.62
CA GLN E 6 32.01 24.41 -13.86
C GLN E 6 31.26 25.62 -13.33
N SER E 7 32.01 26.59 -12.83
CA SER E 7 31.43 27.80 -12.27
C SER E 7 32.03 29.03 -12.95
N ILE E 8 31.17 30.02 -13.19
CA ILE E 8 31.59 31.31 -13.74
C ILE E 8 31.60 32.29 -12.57
N LYS E 9 32.81 32.64 -12.11
CA LYS E 9 32.94 33.41 -10.88
C LYS E 9 32.29 34.78 -11.03
N ASN E 10 32.51 35.46 -12.15
CA ASN E 10 32.01 36.81 -12.35
C ASN E 10 31.38 36.91 -13.72
N LEU E 11 30.35 37.74 -13.83
CA LEU E 11 29.64 37.97 -15.08
C LEU E 11 29.91 39.37 -15.62
N LYS E 12 31.16 39.84 -15.51
CA LYS E 12 31.50 41.12 -16.13
C LYS E 12 31.24 41.08 -17.62
N GLY E 13 31.79 40.09 -18.31
CA GLY E 13 31.30 39.63 -19.60
C GLY E 13 30.95 40.69 -20.61
N GLY E 14 29.66 40.78 -20.91
CA GLY E 14 29.15 41.69 -21.91
C GLY E 14 28.25 40.97 -22.88
N ILE E 15 28.45 41.21 -24.17
CA ILE E 15 27.73 40.52 -25.23
C ILE E 15 28.75 40.03 -26.23
N SER E 16 28.49 38.86 -26.82
CA SER E 16 29.33 38.32 -27.88
C SER E 16 28.46 37.93 -29.06
N GLN E 17 28.89 38.32 -30.26
CA GLN E 17 28.27 37.86 -31.49
C GLN E 17 28.91 36.59 -32.01
N GLN E 18 29.94 36.10 -31.32
CA GLN E 18 30.68 34.93 -31.76
C GLN E 18 29.84 33.67 -31.62
N PRO E 19 30.18 32.61 -32.35
CA PRO E 19 29.49 31.34 -32.17
C PRO E 19 29.63 30.84 -30.74
N GLU E 20 28.61 30.12 -30.27
CA GLU E 20 28.56 29.70 -28.88
C GLU E 20 29.77 28.86 -28.50
N ILE E 21 30.34 28.11 -29.44
CA ILE E 21 31.51 27.30 -29.15
C ILE E 21 32.72 28.18 -28.89
N LEU E 22 32.82 29.32 -29.59
CA LEU E 22 34.03 30.13 -29.54
C LEU E 22 34.01 31.18 -28.43
N ARG E 23 32.83 31.60 -27.99
CA ARG E 23 32.74 32.72 -27.05
C ARG E 23 33.13 32.29 -25.64
N TYR E 24 33.60 33.27 -24.86
CA TYR E 24 34.01 33.04 -23.49
C TYR E 24 32.80 32.75 -22.60
N PRO E 25 33.02 32.06 -21.47
CA PRO E 25 31.91 31.84 -20.54
C PRO E 25 31.31 33.12 -19.98
N GLU E 26 32.13 34.16 -19.78
CA GLU E 26 31.62 35.40 -19.18
C GLU E 26 30.66 36.12 -20.11
N GLN E 27 30.95 36.12 -21.42
CA GLN E 27 30.12 36.85 -22.37
C GLN E 27 28.79 36.13 -22.58
N GLY E 28 27.71 36.92 -22.63
CA GLY E 28 26.39 36.40 -22.87
C GLY E 28 25.92 36.65 -24.29
N THR E 29 24.67 36.28 -24.54
CA THR E 29 24.08 36.47 -25.86
C THR E 29 23.26 37.75 -25.94
N LEU E 30 22.46 38.04 -24.92
CA LEU E 30 21.64 39.25 -24.87
C LEU E 30 21.77 39.89 -23.50
N GLN E 31 21.79 41.23 -23.49
CA GLN E 31 21.82 41.99 -22.25
C GLN E 31 21.20 43.35 -22.52
N VAL E 32 20.04 43.62 -21.92
CA VAL E 32 19.30 44.85 -22.13
C VAL E 32 19.01 45.46 -20.77
N ASN E 33 19.25 46.77 -20.65
CA ASN E 33 19.00 47.52 -19.41
C ASN E 33 19.80 46.93 -18.25
N GLY E 34 21.01 46.50 -18.53
CA GLY E 34 21.88 45.90 -17.53
C GLY E 34 23.14 46.72 -17.34
N TRP E 35 23.57 46.85 -16.09
CA TRP E 35 24.77 47.58 -15.74
C TRP E 35 25.75 46.61 -15.09
N SER E 36 26.81 46.25 -15.82
CA SER E 36 27.78 45.27 -15.34
C SER E 36 28.83 45.99 -14.52
N SER E 37 28.58 46.13 -13.23
CA SER E 37 29.48 46.85 -12.34
C SER E 37 30.75 46.04 -12.07
N GLU E 38 31.75 46.71 -11.51
CA GLU E 38 33.02 46.04 -11.21
C GLU E 38 32.89 45.15 -9.99
N THR E 39 32.22 45.63 -8.94
CA THR E 39 32.11 44.86 -7.71
C THR E 39 31.00 43.83 -7.79
N GLU E 40 29.79 44.27 -8.16
CA GLU E 40 28.67 43.35 -8.38
C GLU E 40 28.64 42.97 -9.86
N GLY E 41 28.51 41.66 -10.11
CA GLY E 41 28.71 41.17 -11.47
C GLY E 41 27.73 41.75 -12.47
N LEU E 42 26.45 41.80 -12.11
CA LEU E 42 25.43 42.29 -13.02
C LEU E 42 24.35 42.98 -12.21
N GLN E 43 23.90 44.13 -12.70
CA GLN E 43 22.90 44.92 -11.99
C GLN E 43 21.90 45.49 -12.97
N LYS E 44 20.70 45.76 -12.47
CA LYS E 44 19.74 46.53 -13.24
C LYS E 44 20.20 47.98 -13.33
N ARG E 45 20.03 48.57 -14.51
CA ARG E 45 20.52 49.92 -14.72
C ARG E 45 19.77 50.90 -13.83
N PRO E 46 20.43 51.98 -13.40
CA PRO E 46 19.78 52.91 -12.50
C PRO E 46 18.59 53.57 -13.17
N PRO E 47 17.57 53.94 -12.39
CA PRO E 47 16.37 54.51 -12.99
C PRO E 47 16.65 55.85 -13.66
N MET E 48 15.85 56.15 -14.68
CA MET E 48 15.93 57.41 -15.40
C MET E 48 14.96 58.40 -14.77
N VAL E 49 15.48 59.45 -14.16
CA VAL E 49 14.63 60.45 -13.53
C VAL E 49 14.16 61.45 -14.57
N PHE E 50 12.92 61.89 -14.44
CA PHE E 50 12.28 62.78 -15.40
C PHE E 50 12.21 64.18 -14.79
N ILE E 51 12.81 65.15 -15.48
CA ILE E 51 12.82 66.53 -15.04
C ILE E 51 12.42 67.43 -16.21
N LYS E 52 11.28 68.12 -16.06
CA LYS E 52 10.81 69.12 -17.00
C LYS E 52 10.43 68.53 -18.36
N SER E 53 9.51 69.17 -19.06
CA SER E 53 9.15 68.83 -20.43
C SER E 53 9.40 70.04 -21.32
N LEU E 54 10.07 69.82 -22.43
CA LEU E 54 10.54 70.89 -23.30
C LEU E 54 9.56 71.24 -24.41
N GLY E 55 8.43 70.56 -24.52
CA GLY E 55 7.45 70.88 -25.53
C GLY E 55 7.08 69.70 -26.39
N PRO E 56 6.37 69.96 -27.49
CA PRO E 56 5.92 68.88 -28.36
C PRO E 56 7.07 68.28 -29.15
N ARG E 57 6.81 67.15 -29.81
CA ARG E 57 7.81 66.57 -30.68
C ARG E 57 8.05 67.47 -31.87
N GLY E 58 9.29 67.50 -32.34
CA GLY E 58 9.70 68.44 -33.35
C GLY E 58 10.04 69.82 -32.84
N TYR E 59 9.91 70.04 -31.53
CA TYR E 59 10.35 71.31 -30.94
C TYR E 59 11.84 71.52 -31.13
N LEU E 60 12.61 70.44 -31.16
CA LEU E 60 14.05 70.49 -31.36
C LEU E 60 14.45 70.16 -32.78
N GLY E 61 13.50 70.05 -33.70
CA GLY E 61 13.78 69.64 -35.05
C GLY E 61 13.87 68.13 -35.18
N GLU E 62 13.89 67.67 -36.43
CA GLU E 62 13.94 66.23 -36.67
C GLU E 62 15.32 65.66 -36.38
N ASP E 63 16.38 66.33 -36.84
CA ASP E 63 17.74 65.85 -36.73
C ASP E 63 18.65 66.98 -36.24
N PRO E 64 18.52 67.35 -34.97
CA PRO E 64 19.27 68.50 -34.46
C PRO E 64 20.73 68.15 -34.16
N TYR E 65 21.53 69.20 -33.99
CA TYR E 65 22.89 69.10 -33.49
C TYR E 65 22.92 69.72 -32.11
N ILE E 66 23.37 68.95 -31.12
CA ILE E 66 23.28 69.34 -29.72
C ILE E 66 24.68 69.37 -29.13
N HIS E 67 24.97 70.43 -28.39
CA HIS E 67 26.25 70.58 -27.70
C HIS E 67 26.00 70.92 -26.24
N LEU E 68 26.82 70.37 -25.35
CA LEU E 68 26.71 70.59 -23.91
C LEU E 68 27.83 71.52 -23.47
N ILE E 69 27.47 72.57 -22.74
CA ILE E 69 28.42 73.55 -22.24
C ILE E 69 28.53 73.38 -20.73
N ASN E 70 29.74 73.09 -20.26
CA ASN E 70 30.03 72.85 -18.85
C ASN E 70 31.11 73.82 -18.41
N ARG E 71 30.71 74.94 -17.82
CA ARG E 71 31.63 75.98 -17.39
C ARG E 71 31.86 75.98 -15.89
N ASP E 72 30.79 76.06 -15.10
CA ASP E 72 30.88 76.10 -13.65
C ASP E 72 29.92 75.10 -13.05
N GLU E 73 30.12 74.80 -11.76
CA GLU E 73 29.16 73.97 -11.03
C GLU E 73 27.79 74.63 -10.95
N TYR E 74 27.72 75.95 -11.14
CA TYR E 74 26.46 76.66 -11.06
C TYR E 74 25.74 76.73 -12.41
N GLU E 75 26.48 76.99 -13.50
CA GLU E 75 25.88 77.13 -14.81
C GLU E 75 26.32 76.00 -15.72
N GLN E 76 25.35 75.30 -16.30
CA GLN E 76 25.59 74.32 -17.35
C GLN E 76 24.53 74.55 -18.42
N TYR E 77 24.97 74.83 -19.64
CA TYR E 77 24.07 75.19 -20.74
C TYR E 77 24.04 74.04 -21.73
N TYR E 78 22.88 73.84 -22.36
CA TYR E 78 22.64 72.64 -23.15
C TYR E 78 22.12 73.14 -24.49
N ALA E 79 23.04 73.54 -25.37
CA ALA E 79 22.67 74.25 -26.59
C ALA E 79 22.24 73.29 -27.69
N VAL E 80 21.15 73.64 -28.37
CA VAL E 80 20.56 72.83 -29.42
C VAL E 80 20.44 73.66 -30.68
N PHE E 81 20.94 73.11 -31.79
CA PHE E 81 20.86 73.76 -33.10
C PHE E 81 19.86 72.96 -33.95
N THR E 82 18.66 73.53 -34.10
CA THR E 82 17.64 72.88 -34.93
C THR E 82 17.97 73.13 -36.40
N GLY E 83 17.05 72.77 -37.29
CA GLY E 83 17.28 73.00 -38.71
C GLY E 83 17.39 74.48 -39.06
N ASN E 84 16.54 75.30 -38.45
CA ASN E 84 16.49 76.72 -38.77
C ASN E 84 16.46 77.62 -37.55
N ASP E 85 16.86 77.12 -36.38
CA ASP E 85 16.79 77.89 -35.15
C ASP E 85 17.78 77.33 -34.15
N VAL E 86 18.07 78.12 -33.11
CA VAL E 86 18.92 77.70 -32.01
C VAL E 86 18.14 77.85 -30.72
N ARG E 87 18.28 76.87 -29.83
CA ARG E 87 17.63 76.89 -28.53
C ARG E 87 18.64 76.51 -27.46
N VAL E 88 18.49 77.10 -26.28
CA VAL E 88 19.40 76.88 -25.17
C VAL E 88 18.59 76.49 -23.94
N PHE E 89 18.99 75.41 -23.29
CA PHE E 89 18.36 74.92 -22.06
C PHE E 89 19.43 74.73 -21.01
N ASP E 90 19.03 74.79 -19.75
CA ASP E 90 19.91 74.40 -18.65
C ASP E 90 19.55 73.00 -18.19
N LEU E 91 20.41 72.45 -17.32
CA LEU E 91 20.20 71.10 -16.85
C LEU E 91 18.98 70.96 -15.96
N SER E 92 18.39 72.08 -15.52
CA SER E 92 17.15 72.02 -14.76
C SER E 92 15.91 72.07 -15.64
N GLY E 93 16.07 72.23 -16.96
CA GLY E 93 14.96 72.26 -17.88
C GLY E 93 14.48 73.64 -18.26
N TYR E 94 14.94 74.69 -17.59
CA TYR E 94 14.53 76.04 -17.92
C TYR E 94 15.06 76.45 -19.28
N GLU E 95 14.26 77.20 -20.02
CA GLU E 95 14.62 77.63 -21.37
C GLU E 95 15.00 79.10 -21.36
N TYR E 96 16.11 79.43 -22.03
CA TYR E 96 16.60 80.79 -22.14
C TYR E 96 16.33 81.30 -23.54
N GLN E 97 15.76 82.50 -23.63
CA GLN E 97 15.51 83.12 -24.93
C GLN E 97 16.82 83.53 -25.58
N VAL E 98 16.93 83.28 -26.88
CA VAL E 98 18.12 83.61 -27.65
C VAL E 98 17.72 84.53 -28.79
N ARG E 99 18.45 85.62 -28.96
CA ARG E 99 18.14 86.65 -29.94
C ARG E 99 19.32 86.84 -30.89
N GLY E 100 19.01 86.97 -32.17
CA GLY E 100 20.05 87.20 -33.16
C GLY E 100 19.58 86.79 -34.54
N ASP E 101 20.51 86.87 -35.48
CA ASP E 101 20.25 86.45 -36.85
C ASP E 101 20.46 84.95 -36.99
N ARG E 102 19.48 84.26 -37.56
CA ARG E 102 19.52 82.83 -37.74
C ARG E 102 19.98 82.42 -39.13
N SER E 103 20.47 83.36 -39.93
CA SER E 103 20.89 83.03 -41.29
C SER E 103 22.10 82.10 -41.30
N TYR E 104 23.05 82.31 -40.38
CA TYR E 104 24.26 81.49 -40.37
C TYR E 104 23.95 80.07 -39.90
N VAL E 105 23.11 79.94 -38.86
CA VAL E 105 22.81 78.62 -38.31
C VAL E 105 21.78 77.86 -39.12
N THR E 106 21.11 78.51 -40.07
CA THR E 106 20.13 77.83 -40.90
C THR E 106 20.84 76.91 -41.89
N VAL E 107 20.57 75.61 -41.78
CA VAL E 107 21.22 74.62 -42.64
C VAL E 107 20.32 73.38 -42.67
N ASN E 108 20.48 72.56 -43.70
CA ASN E 108 19.60 71.40 -43.85
C ASN E 108 19.97 70.27 -42.91
N ASN E 109 21.27 70.05 -42.67
CA ASN E 109 21.75 68.92 -41.87
C ASN E 109 22.62 69.45 -40.73
N PRO E 110 22.02 69.80 -39.60
CA PRO E 110 22.79 70.39 -38.51
C PRO E 110 23.90 69.50 -37.96
N LYS E 111 23.70 68.18 -37.96
CA LYS E 111 24.64 67.29 -37.28
C LYS E 111 26.03 67.34 -37.92
N ASP E 112 26.09 67.30 -39.25
CA ASP E 112 27.37 67.24 -39.94
C ASP E 112 27.80 68.57 -40.55
N ASN E 113 26.89 69.52 -40.73
CA ASN E 113 27.24 70.82 -41.31
C ASN E 113 27.60 71.86 -40.27
N LEU E 114 27.18 71.68 -39.03
CA LEU E 114 27.43 72.63 -37.96
C LEU E 114 28.34 72.02 -36.89
N ARG E 115 29.30 72.81 -36.43
CA ARG E 115 30.20 72.41 -35.36
C ARG E 115 30.28 73.54 -34.35
N MET E 116 30.19 73.20 -33.07
CA MET E 116 30.32 74.16 -31.99
C MET E 116 31.48 73.78 -31.09
N VAL E 117 32.39 74.71 -30.88
CA VAL E 117 33.52 74.53 -29.98
C VAL E 117 33.42 75.61 -28.91
N THR E 118 33.33 75.21 -27.65
CA THR E 118 33.18 76.15 -26.55
C THR E 118 34.36 76.04 -25.60
N VAL E 119 34.84 77.20 -25.14
CA VAL E 119 35.88 77.31 -24.14
C VAL E 119 35.39 78.32 -23.12
N ALA E 120 36.00 78.30 -21.94
CA ALA E 120 35.52 79.17 -20.85
C ALA E 120 35.59 80.65 -21.22
N ASP E 121 36.40 81.02 -22.19
CA ASP E 121 36.52 82.42 -22.60
C ASP E 121 35.71 82.74 -23.85
N TYR E 122 35.73 81.87 -24.86
CA TYR E 122 35.06 82.14 -26.11
C TYR E 122 34.30 80.91 -26.58
N THR E 123 33.25 81.14 -27.36
CA THR E 123 32.51 80.09 -28.04
C THR E 123 32.54 80.35 -29.54
N PHE E 124 32.55 79.27 -30.32
CA PHE E 124 32.58 79.35 -31.77
C PHE E 124 31.52 78.45 -32.36
N ILE E 125 30.81 78.95 -33.37
CA ILE E 125 29.84 78.19 -34.13
C ILE E 125 30.30 78.17 -35.57
N VAL E 126 30.50 76.98 -36.12
CA VAL E 126 31.10 76.79 -37.43
C VAL E 126 30.07 76.17 -38.36
N ASN E 127 29.88 76.79 -39.52
CA ASN E 127 29.03 76.25 -40.58
C ASN E 127 29.94 75.77 -41.69
N ARG E 128 30.09 74.45 -41.80
CA ARG E 128 31.05 73.87 -42.73
C ARG E 128 30.64 74.00 -44.19
N THR E 129 29.42 74.44 -44.47
CA THR E 129 28.97 74.59 -45.85
C THR E 129 29.15 76.00 -46.39
N ARG E 130 29.53 76.96 -45.55
CA ARG E 130 29.66 78.35 -45.95
C ARG E 130 31.12 78.72 -46.11
N GLN E 131 31.45 79.36 -47.23
CA GLN E 131 32.79 79.89 -47.46
C GLN E 131 32.85 81.34 -47.02
N VAL E 132 34.02 81.77 -46.56
CA VAL E 132 34.12 83.03 -45.85
C VAL E 132 34.34 84.23 -46.77
N ARG E 133 34.95 84.03 -47.92
CA ARG E 133 35.14 85.01 -49.00
C ARG E 133 35.72 86.33 -48.44
N GLU E 134 35.51 87.43 -49.16
CA GLU E 134 36.07 88.72 -48.80
C GLU E 134 34.98 89.78 -48.92
N ASN E 135 35.20 90.90 -48.22
CA ASN E 135 34.36 92.07 -48.40
C ASN E 135 34.86 92.87 -49.60
N GLN E 136 33.92 93.53 -50.28
CA GLN E 136 34.25 94.21 -51.52
C GLN E 136 34.98 95.53 -51.31
N ASN E 137 34.99 96.05 -50.09
CA ASN E 137 35.64 97.33 -49.83
C ASN E 137 37.15 97.21 -49.96
N ARG E 138 37.77 98.22 -50.57
CA ARG E 138 39.21 98.29 -50.72
C ARG E 138 39.76 99.38 -49.80
N THR E 139 41.09 99.39 -49.65
CA THR E 139 41.73 100.31 -48.73
C THR E 139 41.51 101.76 -49.15
N ASN E 140 41.81 102.08 -50.40
CA ASN E 140 41.59 103.41 -50.95
C ASN E 140 40.42 103.44 -51.91
N GLY E 141 39.50 102.48 -51.81
CA GLY E 141 38.39 102.38 -52.72
C GLY E 141 38.73 101.76 -54.05
N GLY E 142 39.97 101.32 -54.25
CA GLY E 142 40.37 100.80 -55.54
C GLY E 142 40.58 101.86 -56.59
N THR E 143 40.55 103.14 -56.21
CA THR E 143 40.67 104.26 -57.12
C THR E 143 41.94 105.06 -56.83
N PHE E 144 43.04 104.35 -56.59
CA PHE E 144 44.34 104.98 -56.36
C PHE E 144 45.25 104.67 -57.53
N ARG E 145 45.82 105.71 -58.12
CA ARG E 145 46.76 105.56 -59.23
C ARG E 145 48.05 106.29 -58.88
N ASP E 146 49.18 105.61 -59.05
CA ASP E 146 50.45 106.17 -58.62
C ASP E 146 50.98 107.23 -59.58
N ASN E 147 50.48 107.30 -60.80
CA ASN E 147 50.94 108.27 -61.78
C ASN E 147 50.03 109.49 -61.88
N VAL E 148 49.10 109.67 -60.95
CA VAL E 148 48.22 110.84 -61.01
C VAL E 148 48.88 112.04 -60.36
N ASP E 149 49.48 111.86 -59.18
CA ASP E 149 50.12 112.94 -58.46
C ASP E 149 51.52 112.55 -58.06
N ALA E 150 52.40 113.55 -57.99
CA ALA E 150 53.78 113.35 -57.59
C ALA E 150 54.27 114.61 -56.91
N ILE E 151 55.36 114.47 -56.16
CA ILE E 151 55.93 115.61 -55.44
C ILE E 151 57.41 115.72 -55.77
N ILE E 152 57.92 116.95 -55.66
CA ILE E 152 59.35 117.23 -55.75
C ILE E 152 59.70 118.11 -54.55
N ASN E 153 60.75 117.73 -53.84
CA ASN E 153 61.14 118.43 -52.63
C ASN E 153 62.39 119.27 -52.87
N VAL E 154 62.42 120.45 -52.26
CA VAL E 154 63.52 121.39 -52.40
C VAL E 154 64.27 121.47 -51.08
N ARG E 155 65.60 121.44 -51.16
CA ARG E 155 66.45 121.45 -49.98
C ARG E 155 67.42 122.62 -49.96
N GLY E 156 67.19 123.64 -50.79
CA GLY E 156 68.10 124.77 -50.87
C GLY E 156 69.11 124.59 -51.98
N GLY E 157 69.53 125.69 -52.60
CA GLY E 157 70.41 125.64 -53.74
C GLY E 157 71.66 126.49 -53.51
N GLN E 158 72.74 126.11 -54.17
CA GLN E 158 73.99 126.86 -54.08
C GLN E 158 74.09 127.86 -55.22
N TYR E 159 75.19 128.60 -55.25
CA TYR E 159 75.39 129.62 -56.27
C TYR E 159 75.74 128.99 -57.61
N GLY E 160 75.22 129.59 -58.68
CA GLY E 160 75.55 129.18 -60.02
C GLY E 160 75.07 127.79 -60.40
N ARG E 161 73.87 127.42 -59.97
CA ARG E 161 73.28 126.13 -60.31
C ARG E 161 72.03 126.37 -61.15
N LYS E 162 71.97 125.76 -62.32
CA LYS E 162 70.81 125.82 -63.19
C LYS E 162 70.00 124.56 -62.96
N LEU E 163 68.87 124.68 -62.27
CA LEU E 163 68.02 123.55 -61.93
C LEU E 163 66.72 123.64 -62.72
N GLU E 164 66.36 122.55 -63.38
CA GLU E 164 65.17 122.51 -64.21
C GLU E 164 64.45 121.19 -64.00
N VAL E 165 63.13 121.22 -64.19
CA VAL E 165 62.27 120.06 -64.00
C VAL E 165 61.29 119.99 -65.17
N ASN E 166 61.07 118.77 -65.67
CA ASN E 166 60.12 118.54 -66.75
C ASN E 166 59.09 117.50 -66.30
N ILE E 167 57.87 117.66 -66.79
CA ILE E 167 56.75 116.80 -66.43
C ILE E 167 56.34 115.89 -67.59
N ASN E 168 55.96 116.49 -68.72
CA ASN E 168 55.70 115.76 -69.96
C ASN E 168 56.38 116.57 -71.05
N GLY E 169 57.67 116.31 -71.27
CA GLY E 169 58.45 117.24 -72.06
C GLY E 169 58.45 118.59 -71.39
N VAL E 170 58.26 119.64 -72.18
CA VAL E 170 58.09 121.04 -71.73
C VAL E 170 58.97 121.35 -70.53
N TRP E 171 60.28 121.32 -70.71
CA TRP E 171 61.20 121.60 -69.63
C TRP E 171 61.00 123.01 -69.10
N VAL E 172 61.18 123.18 -67.79
CA VAL E 172 61.04 124.47 -67.12
C VAL E 172 62.34 124.74 -66.39
N SER E 173 63.05 125.80 -66.80
CA SER E 173 64.39 126.10 -66.32
C SER E 173 64.37 127.28 -65.38
N HIS E 174 65.08 127.16 -64.26
CA HIS E 174 65.27 128.24 -63.30
C HIS E 174 66.75 128.32 -62.96
N GLN E 175 67.32 129.52 -63.05
CA GLN E 175 68.75 129.72 -62.87
C GLN E 175 69.00 130.41 -61.54
N LEU E 176 69.78 129.76 -60.68
CA LEU E 176 70.18 130.38 -59.42
C LEU E 176 71.28 131.40 -59.67
N PRO E 177 71.31 132.50 -58.93
CA PRO E 177 72.30 133.53 -59.19
C PRO E 177 73.70 133.05 -58.83
N PRO E 178 74.72 133.51 -59.53
CA PRO E 178 76.10 133.26 -59.09
C PRO E 178 76.40 134.08 -57.85
N GLY E 179 77.40 133.62 -57.09
CA GLY E 179 77.75 134.28 -55.85
C GLY E 179 78.44 135.61 -56.06
N ASP E 180 77.76 136.56 -56.71
CA ASP E 180 78.34 137.85 -57.03
C ASP E 180 77.69 138.99 -56.25
N ASN E 181 76.38 139.14 -56.36
CA ASN E 181 75.70 140.20 -55.62
C ASN E 181 75.79 139.91 -54.12
N ALA E 182 75.76 140.98 -53.34
CA ALA E 182 75.84 140.84 -51.89
C ALA E 182 74.46 140.86 -51.25
N LYS E 183 73.66 141.90 -51.53
CA LYS E 183 72.36 142.03 -50.89
C LYS E 183 71.37 140.99 -51.40
N GLU E 184 71.36 140.74 -52.71
CA GLU E 184 70.27 139.99 -53.33
C GLU E 184 70.57 138.51 -53.54
N ASP E 185 71.82 138.07 -53.36
CA ASP E 185 72.13 136.67 -53.64
C ASP E 185 71.66 135.73 -52.53
N PRO E 186 71.99 135.95 -51.25
CA PRO E 186 71.57 135.01 -50.20
C PRO E 186 70.05 134.83 -50.13
N PRO E 187 69.23 135.87 -50.32
CA PRO E 187 67.77 135.63 -50.28
C PRO E 187 67.29 134.65 -51.33
N LYS E 188 67.90 134.62 -52.53
CA LYS E 188 67.48 133.66 -53.54
C LYS E 188 68.09 132.28 -53.33
N VAL E 189 69.02 132.14 -52.38
CA VAL E 189 69.50 130.83 -51.98
C VAL E 189 68.45 130.09 -51.14
N ASP E 190 67.52 130.83 -50.54
CA ASP E 190 66.54 130.24 -49.64
C ASP E 190 65.73 129.16 -50.34
N ALA E 191 65.52 128.05 -49.64
CA ALA E 191 64.84 126.90 -50.23
C ALA E 191 63.39 127.22 -50.57
N GLN E 192 62.70 127.94 -49.68
CA GLN E 192 61.31 128.33 -49.96
C GLN E 192 61.24 129.23 -51.19
N ALA E 193 62.19 130.16 -51.31
CA ALA E 193 62.20 131.06 -52.46
C ALA E 193 62.26 130.27 -53.76
N ILE E 194 63.04 129.20 -53.80
CA ILE E 194 63.12 128.36 -54.99
C ILE E 194 61.80 127.65 -55.23
N ALA E 195 61.12 127.23 -54.16
CA ALA E 195 59.91 126.44 -54.31
C ALA E 195 58.81 127.23 -55.01
N GLU E 196 58.52 128.45 -54.53
CA GLU E 196 57.55 129.29 -55.22
C GLU E 196 58.03 129.72 -56.60
N ALA E 197 59.35 129.87 -56.77
CA ALA E 197 59.88 130.20 -58.09
C ALA E 197 59.57 129.11 -59.09
N ILE E 198 59.76 127.85 -58.69
CA ILE E 198 59.41 126.74 -59.57
C ILE E 198 57.90 126.62 -59.72
N ALA E 199 57.16 126.86 -58.63
CA ALA E 199 55.72 126.69 -58.66
C ALA E 199 55.07 127.62 -59.68
N THR E 200 55.42 128.90 -59.64
CA THR E 200 54.85 129.84 -60.62
C THR E 200 55.29 129.48 -62.02
N LEU E 201 56.53 129.05 -62.19
CA LEU E 201 57.02 128.64 -63.50
C LEU E 201 56.27 127.42 -64.01
N LEU E 202 56.00 126.45 -63.13
CA LEU E 202 55.28 125.26 -63.54
C LEU E 202 53.81 125.55 -63.83
N ARG E 203 53.21 126.49 -63.10
CA ARG E 203 51.82 126.85 -63.37
C ARG E 203 51.67 127.45 -64.76
N THR E 204 52.63 128.28 -65.18
CA THR E 204 52.60 128.82 -66.54
C THR E 204 52.76 127.72 -67.58
N ALA E 205 53.65 126.76 -67.32
CA ALA E 205 53.87 125.68 -68.28
C ALA E 205 52.69 124.74 -68.34
N HIS E 206 52.05 124.47 -67.20
CA HIS E 206 50.90 123.56 -67.11
C HIS E 206 49.75 124.32 -66.45
N PRO E 207 49.06 125.17 -67.21
CA PRO E 207 47.96 125.96 -66.62
C PRO E 207 46.82 125.10 -66.09
N THR E 208 46.64 123.90 -66.62
CA THR E 208 45.51 123.07 -66.22
C THR E 208 45.70 122.50 -64.83
N TRP E 209 46.94 122.28 -64.40
CA TRP E 209 47.19 121.55 -63.17
C TRP E 209 47.21 122.51 -61.98
N THR E 210 47.28 121.93 -60.79
CA THR E 210 47.39 122.68 -59.54
C THR E 210 48.69 122.30 -58.85
N PHE E 211 49.48 123.30 -58.48
CA PHE E 211 50.77 123.10 -57.83
C PHE E 211 50.75 123.76 -56.47
N ASN E 212 51.12 123.01 -55.44
CA ASN E 212 51.14 123.50 -54.06
C ASN E 212 52.54 123.33 -53.49
N VAL E 213 52.97 124.31 -52.72
CA VAL E 213 54.27 124.28 -52.07
C VAL E 213 54.07 124.08 -50.57
N GLY E 214 54.81 123.15 -50.00
CA GLY E 214 54.79 122.92 -48.56
C GLY E 214 56.13 123.26 -47.95
N THR E 215 56.46 122.63 -46.82
CA THR E 215 57.75 122.85 -46.18
C THR E 215 58.81 122.11 -46.99
N GLY E 216 59.41 122.81 -47.95
CA GLY E 216 60.49 122.25 -48.72
C GLY E 216 60.10 121.27 -49.80
N PHE E 217 58.84 121.29 -50.24
CA PHE E 217 58.41 120.41 -51.31
C PHE E 217 57.34 121.09 -52.14
N ILE E 218 57.18 120.60 -53.38
CA ILE E 218 56.16 121.08 -54.30
C ILE E 218 55.28 119.88 -54.67
N HIS E 219 53.97 120.02 -54.47
CA HIS E 219 53.03 118.94 -54.68
C HIS E 219 52.27 119.18 -55.99
N CYS E 220 52.29 118.18 -56.88
CA CYS E 220 51.76 118.29 -58.22
C CYS E 220 50.51 117.43 -58.38
N ILE E 221 49.51 117.95 -59.08
CA ILE E 221 48.25 117.24 -59.26
C ILE E 221 47.91 117.25 -60.75
N ALA E 222 47.66 116.07 -61.32
CA ALA E 222 47.09 116.00 -62.64
C ALA E 222 45.61 116.38 -62.60
N PRO E 223 45.12 117.11 -63.61
CA PRO E 223 43.78 117.70 -63.50
C PRO E 223 42.64 116.70 -63.30
N ALA E 224 42.40 115.83 -64.28
CA ALA E 224 41.44 114.75 -64.04
C ALA E 224 41.90 113.40 -64.55
N ASP E 225 42.47 113.36 -65.76
CA ASP E 225 42.70 112.09 -66.44
C ASP E 225 44.02 112.09 -67.20
N THR E 226 45.07 112.61 -66.58
CA THR E 226 46.39 112.63 -67.21
C THR E 226 47.42 111.98 -66.28
N THR E 227 48.45 111.42 -66.88
CA THR E 227 49.52 110.77 -66.14
C THR E 227 50.73 111.69 -66.05
N ILE E 228 51.70 111.28 -65.23
CA ILE E 228 52.92 112.04 -65.04
C ILE E 228 54.09 111.22 -65.56
N ASP E 229 53.84 110.45 -66.62
CA ASP E 229 54.87 109.63 -67.22
C ASP E 229 56.00 110.51 -67.77
N ILE E 230 57.22 109.95 -67.75
CA ILE E 230 58.42 110.63 -68.23
C ILE E 230 58.61 111.91 -67.43
N LEU E 231 59.00 111.78 -66.17
CA LEU E 231 59.35 112.92 -65.34
C LEU E 231 60.82 112.82 -64.96
N GLU E 232 61.54 113.93 -65.13
CA GLU E 232 62.95 114.01 -64.75
C GLU E 232 63.18 115.32 -64.04
N THR E 233 64.40 115.51 -63.54
CA THR E 233 64.77 116.72 -62.82
C THR E 233 66.28 116.89 -62.89
N LYS E 234 66.73 117.97 -63.52
CA LYS E 234 68.16 118.26 -63.66
C LYS E 234 68.58 119.13 -62.49
N ASP E 235 69.28 118.53 -61.53
CA ASP E 235 69.69 119.26 -60.35
C ASP E 235 70.87 120.19 -60.63
N GLY E 236 71.81 119.74 -61.46
CA GLY E 236 73.03 120.46 -61.68
C GLY E 236 74.07 120.29 -60.60
N TYR E 237 73.83 119.40 -59.64
CA TYR E 237 74.74 119.17 -58.52
C TYR E 237 74.68 117.68 -58.21
N ALA E 238 75.13 117.30 -57.01
CA ALA E 238 75.12 115.91 -56.59
C ALA E 238 73.70 115.46 -56.21
N ASP E 239 72.71 116.25 -56.61
CA ASP E 239 71.27 115.97 -56.56
C ASP E 239 70.64 116.20 -55.20
N GLN E 240 71.33 116.83 -54.26
CA GLN E 240 70.73 117.13 -52.96
C GLN E 240 69.83 118.36 -53.00
N LEU E 241 69.97 119.23 -54.01
CA LEU E 241 69.10 120.40 -54.11
C LEU E 241 67.65 119.98 -54.31
N ILE E 242 67.35 119.36 -55.44
CA ILE E 242 65.99 118.92 -55.76
C ILE E 242 66.05 117.54 -56.38
N ASN E 243 65.18 116.65 -55.93
CA ASN E 243 65.02 115.35 -56.56
C ASN E 243 63.56 114.93 -56.50
N PRO E 244 63.06 114.27 -57.55
CA PRO E 244 61.65 113.88 -57.58
C PRO E 244 61.40 112.48 -57.05
N VAL E 245 60.35 112.37 -56.25
CA VAL E 245 59.82 111.08 -55.81
C VAL E 245 58.31 111.10 -56.03
N THR E 246 57.82 110.16 -56.84
CA THR E 246 56.37 110.11 -57.09
C THR E 246 55.66 109.32 -56.01
N HIS E 247 55.92 108.02 -55.93
CA HIS E 247 55.36 107.21 -54.87
C HIS E 247 56.29 106.11 -54.39
N TYR E 248 57.54 106.07 -54.84
CA TYR E 248 58.46 105.00 -54.52
C TYR E 248 59.80 105.57 -54.10
N VAL E 249 60.43 104.96 -53.10
CA VAL E 249 61.75 105.36 -52.64
C VAL E 249 62.62 104.12 -52.52
N GLN E 250 63.93 104.33 -52.59
CA GLN E 250 64.86 103.21 -52.54
C GLN E 250 64.92 102.59 -51.15
N SER E 251 65.03 103.43 -50.12
CA SER E 251 65.09 102.96 -48.74
C SER E 251 64.30 103.92 -47.88
N PHE E 252 64.17 103.56 -46.60
CA PHE E 252 63.40 104.39 -45.68
C PHE E 252 64.06 105.74 -45.45
N SER E 253 65.40 105.77 -45.36
CA SER E 253 66.11 107.01 -45.13
C SER E 253 66.05 107.96 -46.31
N LYS E 254 65.62 107.49 -47.48
CA LYS E 254 65.49 108.33 -48.66
C LYS E 254 64.10 108.94 -48.80
N LEU E 255 63.25 108.77 -47.80
CA LEU E 255 61.92 109.36 -47.84
C LEU E 255 62.01 110.88 -47.79
N PRO E 256 61.09 111.58 -48.46
CA PRO E 256 61.03 113.04 -48.32
C PRO E 256 60.79 113.44 -46.88
N LEU E 257 61.47 114.50 -46.44
CA LEU E 257 61.40 114.89 -45.04
C LEU E 257 60.00 115.38 -44.68
N ASN E 258 59.26 115.94 -45.64
CA ASN E 258 57.88 116.31 -45.45
C ASN E 258 57.06 115.81 -46.63
N ALA E 259 55.75 115.66 -46.41
CA ALA E 259 54.83 115.21 -47.43
C ALA E 259 53.47 115.81 -47.13
N PRO E 260 52.62 115.97 -48.15
CA PRO E 260 51.29 116.53 -47.88
C PRO E 260 50.32 115.53 -47.26
N ASP E 261 50.08 115.68 -45.96
CA ASP E 261 49.12 114.87 -45.20
C ASP E 261 49.46 113.39 -45.44
N GLY E 262 48.49 112.55 -45.78
CA GLY E 262 48.76 111.14 -45.97
C GLY E 262 49.27 110.81 -47.35
N TYR E 263 50.58 110.60 -47.47
CA TYR E 263 51.23 110.29 -48.73
C TYR E 263 51.72 108.85 -48.69
N MET E 264 51.26 108.04 -49.64
CA MET E 264 51.61 106.63 -49.67
C MET E 264 52.88 106.46 -50.49
N VAL E 265 53.93 105.91 -49.85
CA VAL E 265 55.20 105.66 -50.50
C VAL E 265 55.59 104.20 -50.27
N LYS E 266 56.05 103.55 -51.33
CA LYS E 266 56.47 102.16 -51.28
C LYS E 266 57.99 102.09 -51.20
N ILE E 267 58.51 101.44 -50.16
CA ILE E 267 59.95 101.29 -49.97
C ILE E 267 60.35 99.95 -50.58
N VAL E 268 61.01 99.99 -51.74
CA VAL E 268 61.43 98.75 -52.38
C VAL E 268 62.56 98.08 -51.60
N GLY E 269 63.37 98.86 -50.92
CA GLY E 269 64.49 98.30 -50.18
C GLY E 269 65.77 98.33 -50.98
N ASP E 270 66.90 98.41 -50.26
CA ASP E 270 68.21 98.50 -50.87
C ASP E 270 68.91 97.14 -50.94
N THR E 271 68.14 96.05 -50.89
CA THR E 271 68.69 94.70 -50.95
C THR E 271 69.77 94.48 -49.89
N SER E 272 69.50 94.97 -48.68
CA SER E 272 70.46 94.85 -47.58
C SER E 272 70.22 93.58 -46.76
N LYS E 273 69.01 93.42 -46.23
CA LYS E 273 68.70 92.29 -45.37
C LYS E 273 67.67 91.35 -45.97
N THR E 274 66.48 91.84 -46.32
CA THR E 274 65.40 90.99 -46.80
C THR E 274 64.68 91.72 -47.94
N ALA E 275 63.55 91.15 -48.36
CA ALA E 275 62.79 91.74 -49.46
C ALA E 275 62.14 93.05 -49.04
N ASP E 276 61.64 93.13 -47.81
CA ASP E 276 60.95 94.31 -47.30
C ASP E 276 59.70 94.61 -48.13
N GLN E 277 59.76 95.66 -48.94
CA GLN E 277 58.65 96.07 -49.80
C GLN E 277 57.42 96.43 -48.96
N TYR E 278 57.61 97.35 -48.02
CA TYR E 278 56.53 97.84 -47.18
C TYR E 278 56.12 99.25 -47.59
N TYR E 279 54.97 99.67 -47.11
CA TYR E 279 54.39 100.96 -47.45
C TYR E 279 54.35 101.86 -46.23
N VAL E 280 54.39 103.16 -46.45
CA VAL E 280 54.30 104.15 -45.38
C VAL E 280 53.30 105.22 -45.77
N LYS E 281 52.80 105.92 -44.77
CA LYS E 281 51.89 107.04 -44.96
C LYS E 281 52.28 108.16 -44.01
N TYR E 282 52.63 109.32 -44.57
CA TYR E 282 53.03 110.45 -43.74
C TYR E 282 51.85 110.95 -42.92
N ASP E 283 52.14 111.40 -41.70
CA ASP E 283 51.13 111.97 -40.82
C ASP E 283 51.39 113.45 -40.66
N LYS E 284 50.37 114.26 -40.94
CA LYS E 284 50.54 115.71 -40.82
C LYS E 284 50.57 116.15 -39.37
N SER E 285 49.68 115.59 -38.54
CA SER E 285 49.60 116.00 -37.15
C SER E 285 50.88 115.65 -36.40
N GLN E 286 51.42 114.46 -36.63
CA GLN E 286 52.66 114.01 -36.01
C GLN E 286 53.70 113.86 -37.10
N LYS E 287 54.79 114.61 -37.01
CA LYS E 287 55.74 114.66 -38.12
C LYS E 287 56.53 113.36 -38.21
N VAL E 288 55.85 112.28 -38.55
CA VAL E 288 56.46 110.95 -38.62
C VAL E 288 55.86 110.19 -39.80
N TRP E 289 56.55 109.12 -40.19
CA TRP E 289 56.06 108.19 -41.19
C TRP E 289 55.61 106.92 -40.49
N LYS E 290 54.43 106.43 -40.85
CA LYS E 290 53.84 105.24 -40.24
C LYS E 290 53.53 104.21 -41.31
N GLU E 291 53.78 102.94 -40.98
CA GLU E 291 53.49 101.86 -41.91
C GLU E 291 51.99 101.73 -42.13
N THR E 292 51.61 101.41 -43.37
CA THR E 292 50.20 101.38 -43.73
C THR E 292 49.97 100.29 -44.77
N VAL E 293 48.73 99.82 -44.84
CA VAL E 293 48.29 98.76 -45.77
C VAL E 293 48.39 99.28 -47.20
N GLY E 294 48.33 98.38 -48.18
CA GLY E 294 48.37 98.74 -49.58
C GLY E 294 47.25 99.64 -50.04
N TRP E 295 47.23 99.99 -51.32
CA TRP E 295 46.22 100.92 -51.83
C TRP E 295 45.09 100.24 -52.61
N ASN E 296 45.37 99.22 -53.41
CA ASN E 296 44.36 98.63 -54.28
C ASN E 296 43.93 97.23 -53.82
N ILE E 297 44.11 96.90 -52.54
CA ILE E 297 43.78 95.59 -52.03
C ILE E 297 42.55 95.68 -51.14
N SER E 298 41.98 94.52 -50.82
CA SER E 298 40.83 94.43 -49.95
C SER E 298 41.23 94.61 -48.49
N VAL E 299 40.24 94.82 -47.63
CA VAL E 299 40.45 95.03 -46.20
C VAL E 299 39.77 93.91 -45.42
N GLY E 300 40.58 93.18 -44.65
CA GLY E 300 40.01 92.23 -43.70
C GLY E 300 39.16 91.15 -44.36
N LEU E 301 38.08 90.79 -43.67
CA LEU E 301 37.21 89.69 -44.06
C LEU E 301 35.76 90.15 -43.98
N GLU E 302 34.85 89.22 -44.32
CA GLU E 302 33.44 89.58 -44.45
C GLU E 302 32.79 89.85 -43.10
N TYR E 303 33.34 89.29 -42.03
CA TYR E 303 32.88 89.49 -40.65
C TYR E 303 31.57 88.79 -40.33
N HIS E 304 30.89 88.24 -41.34
CA HIS E 304 29.64 87.54 -41.07
C HIS E 304 29.69 86.10 -41.55
N THR E 305 30.47 85.85 -42.61
CA THR E 305 30.73 84.48 -43.04
C THR E 305 31.67 83.77 -42.08
N MET E 306 32.37 84.54 -41.23
CA MET E 306 33.25 84.01 -40.20
C MET E 306 32.43 83.29 -39.14
N PRO E 307 33.03 82.39 -38.36
CA PRO E 307 32.27 81.69 -37.32
C PRO E 307 31.63 82.65 -36.34
N TRP E 308 30.41 82.33 -35.92
CA TRP E 308 29.63 83.18 -35.05
C TRP E 308 29.88 82.79 -33.59
N THR E 309 29.07 83.34 -32.69
CA THR E 309 29.21 83.06 -31.27
C THR E 309 27.91 83.43 -30.57
N LEU E 310 27.82 83.09 -29.29
CA LEU E 310 26.72 83.53 -28.45
C LEU E 310 27.22 83.66 -27.02
N VAL E 311 26.78 84.72 -26.35
CA VAL E 311 27.26 85.08 -25.01
C VAL E 311 26.06 85.34 -24.10
N ARG E 312 26.34 85.32 -22.79
CA ARG E 312 25.28 85.50 -21.81
C ARG E 312 24.74 86.93 -21.81
N ALA E 313 25.60 87.91 -22.06
CA ALA E 313 25.26 89.32 -22.10
C ALA E 313 24.74 89.85 -20.77
N ALA E 314 24.93 89.10 -19.69
CA ALA E 314 24.63 89.49 -18.31
C ALA E 314 23.13 89.66 -18.06
N ASP E 315 22.28 89.49 -19.06
CA ASP E 315 20.84 89.56 -18.87
C ASP E 315 20.24 88.22 -18.44
N GLY E 316 21.02 87.14 -18.49
CA GLY E 316 20.50 85.81 -18.30
C GLY E 316 20.01 85.14 -19.57
N ASN E 317 19.97 85.86 -20.68
CA ASN E 317 19.53 85.32 -21.96
C ASN E 317 20.63 85.49 -22.99
N PHE E 318 20.88 84.43 -23.75
CA PHE E 318 21.95 84.44 -24.74
C PHE E 318 21.56 85.27 -25.96
N ASP E 319 22.57 85.78 -26.65
CA ASP E 319 22.37 86.50 -27.90
C ASP E 319 23.41 86.05 -28.92
N LEU E 320 22.96 85.82 -30.14
CA LEU E 320 23.78 85.21 -31.19
C LEU E 320 24.29 86.27 -32.15
N GLY E 321 25.59 86.27 -32.39
CA GLY E 321 26.20 87.22 -33.29
C GLY E 321 27.56 86.74 -33.73
N TYR E 322 28.18 87.52 -34.61
CA TYR E 322 29.48 87.18 -35.17
C TYR E 322 30.60 87.90 -34.43
N HIS E 323 31.83 87.52 -34.78
CA HIS E 323 33.01 88.10 -34.18
C HIS E 323 33.55 89.25 -35.04
N GLU E 324 34.53 89.97 -34.50
CA GLU E 324 35.21 91.05 -35.20
C GLU E 324 36.69 90.68 -35.34
N TRP E 325 37.18 90.73 -36.57
CA TRP E 325 38.52 90.25 -36.91
C TRP E 325 39.35 91.42 -37.41
N LYS E 326 40.54 91.59 -36.85
CA LYS E 326 41.38 92.73 -37.18
C LYS E 326 41.73 92.74 -38.66
N ASP E 327 41.58 93.91 -39.28
CA ASP E 327 41.81 94.07 -40.71
C ASP E 327 43.31 94.14 -41.00
N ARG E 328 43.65 93.83 -42.25
CA ARG E 328 45.05 93.81 -42.65
C ARG E 328 45.60 95.23 -42.70
N ARG E 329 46.82 95.41 -42.16
CA ARG E 329 47.42 96.74 -42.06
C ARG E 329 48.90 96.75 -42.41
N ALA E 330 49.43 95.69 -43.02
CA ALA E 330 50.88 95.59 -43.24
C ALA E 330 51.28 95.95 -44.66
N GLY E 331 50.74 95.25 -45.66
CA GLY E 331 51.20 95.46 -47.02
C GLY E 331 50.24 94.86 -48.02
N ASP E 332 50.69 94.80 -49.27
CA ASP E 332 49.87 94.31 -50.36
C ASP E 332 49.89 92.78 -50.38
N ASP E 333 49.33 92.20 -51.44
CA ASP E 333 49.41 90.77 -51.63
C ASP E 333 50.85 90.36 -51.96
N ASP E 334 51.12 89.07 -51.81
CA ASP E 334 52.43 88.47 -52.04
C ASP E 334 53.42 88.87 -50.96
N THR E 335 53.01 89.77 -50.07
CA THR E 335 53.80 90.15 -48.91
C THR E 335 52.93 90.06 -47.67
N ASN E 336 51.63 90.29 -47.85
CA ASN E 336 50.62 90.12 -46.81
C ASN E 336 49.49 89.30 -47.41
N PRO E 337 49.75 88.04 -47.75
CA PRO E 337 48.79 87.27 -48.54
C PRO E 337 47.52 86.96 -47.77
N GLN E 338 46.45 86.76 -48.51
CA GLN E 338 45.17 86.41 -47.92
C GLN E 338 45.22 84.98 -47.40
N PRO E 339 44.57 84.69 -46.26
CA PRO E 339 44.62 83.33 -45.71
C PRO E 339 44.05 82.30 -46.69
N SER E 340 44.59 81.09 -46.61
CA SER E 340 44.25 80.04 -47.56
C SER E 340 42.81 79.56 -47.45
N PHE E 341 42.10 79.91 -46.38
CA PHE E 341 40.73 79.44 -46.18
C PHE E 341 39.69 80.45 -46.66
N VAL E 342 40.11 81.55 -47.29
CA VAL E 342 39.17 82.61 -47.62
C VAL E 342 38.19 82.18 -48.70
N ASN E 343 38.68 81.53 -49.75
CA ASN E 343 37.81 81.03 -50.80
C ASN E 343 37.36 79.59 -50.55
N SER E 344 37.37 79.15 -49.29
CA SER E 344 36.97 77.79 -48.94
C SER E 344 36.16 77.84 -47.66
N THR E 345 35.76 76.66 -47.18
CA THR E 345 35.00 76.51 -45.94
C THR E 345 35.92 76.02 -44.84
N ILE E 346 35.65 76.48 -43.62
CA ILE E 346 36.48 76.14 -42.46
C ILE E 346 35.69 75.24 -41.53
N THR E 347 36.40 74.33 -40.86
CA THR E 347 35.80 73.38 -39.93
C THR E 347 36.66 73.29 -38.68
N ASP E 348 36.01 73.04 -37.55
CA ASP E 348 36.66 72.58 -36.32
C ASP E 348 37.79 73.51 -35.88
N VAL E 349 37.39 74.72 -35.47
CA VAL E 349 38.32 75.63 -34.82
C VAL E 349 38.94 74.94 -33.62
N PHE E 350 40.24 75.20 -33.41
CA PHE E 350 40.97 74.56 -32.32
C PHE E 350 42.04 75.51 -31.79
N PHE E 351 42.50 75.23 -30.57
CA PHE E 351 43.57 76.00 -29.94
C PHE E 351 44.77 75.08 -29.75
N PHE E 352 45.93 75.51 -30.23
CA PHE E 352 47.18 74.77 -30.06
C PHE E 352 48.17 75.51 -29.18
N ARG E 353 48.40 76.78 -29.45
CA ARG E 353 49.29 77.62 -28.65
C ARG E 353 48.48 78.84 -28.25
N ASN E 354 49.18 79.88 -27.78
CA ASN E 354 48.52 81.15 -27.45
C ASN E 354 47.71 81.67 -28.63
N ARG E 355 47.89 81.10 -29.81
CA ARG E 355 47.17 81.47 -31.01
C ARG E 355 45.95 80.57 -31.22
N LEU E 356 45.16 80.93 -32.23
CA LEU E 356 43.94 80.24 -32.58
C LEU E 356 44.09 79.57 -33.94
N GLY E 357 43.63 78.33 -34.05
CA GLY E 357 43.79 77.54 -35.26
C GLY E 357 42.48 77.27 -35.97
N PHE E 358 42.54 77.17 -37.28
CA PHE E 358 41.40 76.80 -38.12
C PHE E 358 41.81 75.66 -39.02
N ILE E 359 40.84 74.79 -39.35
CA ILE E 359 41.03 73.68 -40.28
C ILE E 359 40.15 73.93 -41.49
N SER E 360 40.75 73.86 -42.68
CA SER E 360 39.99 74.08 -43.90
C SER E 360 40.70 73.36 -45.06
N GLY E 361 40.19 72.19 -45.42
CA GLY E 361 40.68 71.48 -46.59
C GLY E 361 42.17 71.18 -46.56
N GLU E 362 42.57 70.27 -45.68
CA GLU E 362 43.97 69.94 -45.39
C GLU E 362 44.85 71.18 -45.30
N ASN E 363 44.36 72.22 -44.65
CA ASN E 363 45.15 73.42 -44.42
C ASN E 363 44.95 73.87 -42.97
N ILE E 364 46.04 74.13 -42.28
CA ILE E 364 46.01 74.59 -40.90
C ILE E 364 46.42 76.05 -40.88
N VAL E 365 45.51 76.90 -40.44
CA VAL E 365 45.73 78.35 -40.38
C VAL E 365 45.65 78.79 -38.94
N MET E 366 46.67 79.51 -38.49
CA MET E 366 46.78 79.95 -37.11
C MET E 366 46.92 81.47 -37.05
N SER E 367 46.48 82.04 -35.93
CA SER E 367 46.53 83.48 -35.73
C SER E 367 47.82 83.86 -35.01
N ARG E 368 47.91 85.11 -34.56
CA ARG E 368 49.05 85.55 -33.78
C ARG E 368 48.93 85.05 -32.35
N THR E 369 50.08 84.80 -31.73
CA THR E 369 50.09 84.33 -30.35
C THR E 369 49.49 85.39 -29.43
N SER E 370 48.62 84.93 -28.52
CA SER E 370 47.96 85.79 -27.54
C SER E 370 47.08 86.83 -28.20
N LYS E 371 46.94 86.76 -29.52
CA LYS E 371 46.15 87.73 -30.29
C LYS E 371 45.21 86.94 -31.19
N TYR E 372 44.05 86.58 -30.65
CA TYR E 372 43.02 85.95 -31.48
C TYR E 372 42.44 86.99 -32.43
N PHE E 373 41.74 86.50 -33.45
CA PHE E 373 41.05 87.29 -34.46
C PHE E 373 41.99 88.11 -35.34
N GLU E 374 43.31 87.97 -35.17
CA GLU E 374 44.28 88.65 -36.02
C GLU E 374 44.96 87.60 -36.88
N PHE E 375 44.55 87.51 -38.15
CA PHE E 375 45.10 86.54 -39.08
C PHE E 375 45.99 87.20 -40.12
N TYR E 376 46.46 88.41 -39.86
CA TYR E 376 47.37 89.13 -40.72
C TYR E 376 48.58 89.59 -39.92
N PRO E 377 49.77 89.59 -40.53
CA PRO E 377 50.95 90.10 -39.85
C PRO E 377 50.78 91.56 -39.49
N PRO E 378 51.20 91.96 -38.29
CA PRO E 378 51.09 93.39 -37.93
C PRO E 378 51.98 94.28 -38.76
N SER E 379 53.14 93.78 -39.20
CA SER E 379 54.06 94.57 -40.00
C SER E 379 54.67 93.66 -41.06
N VAL E 380 54.78 94.18 -42.28
CA VAL E 380 55.40 93.43 -43.37
C VAL E 380 56.85 93.82 -43.58
N ALA E 381 57.30 94.94 -43.02
CA ALA E 381 58.71 95.32 -43.12
C ALA E 381 59.60 94.30 -42.42
N ASN E 382 59.21 93.88 -41.21
CA ASN E 382 59.96 92.91 -40.45
C ASN E 382 59.01 91.79 -40.03
N TYR E 383 59.42 90.55 -40.26
CA TYR E 383 58.62 89.38 -39.92
C TYR E 383 59.09 88.84 -38.57
N THR E 384 58.15 88.75 -37.63
CA THR E 384 58.44 88.22 -36.30
C THR E 384 57.99 86.77 -36.20
N ASP E 385 58.44 86.11 -35.12
CA ASP E 385 58.13 84.69 -34.94
C ASP E 385 56.64 84.47 -34.73
N ASP E 386 56.00 85.35 -33.96
CA ASP E 386 54.58 85.19 -33.64
C ASP E 386 53.72 85.91 -34.68
N ASP E 387 53.74 85.34 -35.88
CA ASP E 387 52.93 85.79 -37.01
C ASP E 387 52.02 84.66 -37.47
N PRO E 388 50.88 84.98 -38.08
CA PRO E 388 49.99 83.93 -38.57
C PRO E 388 50.70 83.02 -39.56
N LEU E 389 50.44 81.72 -39.44
CA LEU E 389 51.11 80.72 -40.25
C LEU E 389 50.08 79.84 -40.94
N ASP E 390 50.51 79.22 -42.04
CA ASP E 390 49.64 78.39 -42.87
C ASP E 390 50.44 77.20 -43.37
N VAL E 391 50.10 76.01 -42.90
CA VAL E 391 50.79 74.78 -43.26
C VAL E 391 49.75 73.75 -43.70
N ALA E 392 49.96 73.16 -44.87
CA ALA E 392 48.92 72.32 -45.48
C ALA E 392 48.94 70.87 -44.99
N VAL E 393 49.93 70.10 -45.42
CA VAL E 393 49.94 68.67 -45.20
C VAL E 393 51.30 68.12 -45.61
N SER E 394 51.69 66.97 -45.06
CA SER E 394 52.90 66.28 -45.46
C SER E 394 52.59 64.90 -46.04
N HIS E 395 51.47 64.76 -46.75
CA HIS E 395 51.03 63.49 -47.27
C HIS E 395 50.76 63.61 -48.76
N ASN E 396 51.30 62.67 -49.55
CA ASN E 396 51.10 62.69 -50.99
C ASN E 396 49.71 62.21 -51.39
N ARG E 397 49.10 61.32 -50.60
CA ARG E 397 47.75 60.90 -50.88
C ARG E 397 46.76 61.99 -50.48
N VAL E 398 45.59 61.96 -51.12
CA VAL E 398 44.56 62.96 -50.85
C VAL E 398 43.98 62.75 -49.45
N SER E 399 43.81 63.84 -48.72
CA SER E 399 43.27 63.79 -47.38
C SER E 399 42.69 65.15 -47.02
N VAL E 400 41.60 65.15 -46.26
CA VAL E 400 40.92 66.36 -45.83
C VAL E 400 40.75 66.28 -44.32
N LEU E 401 41.43 67.17 -43.59
CA LEU E 401 41.34 67.16 -42.14
C LEU E 401 39.95 67.55 -41.68
N LYS E 402 39.45 66.86 -40.66
CA LYS E 402 38.09 67.08 -40.21
C LYS E 402 38.00 67.27 -38.70
N TYR E 403 38.95 66.70 -37.96
CA TYR E 403 38.92 66.78 -36.51
C TYR E 403 40.31 67.12 -35.98
N ALA E 404 40.33 67.83 -34.85
CA ALA E 404 41.56 68.17 -34.15
C ALA E 404 41.41 67.70 -32.70
N VAL E 405 42.15 66.66 -32.34
CA VAL E 405 42.08 66.06 -31.01
C VAL E 405 43.45 66.13 -30.38
N SER E 406 43.50 66.58 -29.12
CA SER E 406 44.77 66.71 -28.39
C SER E 406 44.99 65.43 -27.59
N PHE E 407 45.83 64.55 -28.14
CA PHE E 407 46.16 63.27 -27.52
C PHE E 407 47.60 63.29 -27.06
N ALA E 408 47.83 62.91 -25.82
CA ALA E 408 49.16 63.01 -25.18
C ALA E 408 49.58 64.48 -25.26
N GLU E 409 50.88 64.76 -25.22
CA GLU E 409 51.37 66.13 -25.21
C GLU E 409 51.49 66.71 -26.61
N GLU E 410 50.74 66.18 -27.56
CA GLU E 410 50.79 66.60 -28.95
C GLU E 410 49.38 66.74 -29.48
N LEU E 411 49.23 67.51 -30.55
CA LEU E 411 47.94 67.77 -31.15
C LEU E 411 47.84 67.03 -32.48
N LEU E 412 46.78 66.25 -32.64
CA LEU E 412 46.58 65.42 -33.82
C LEU E 412 45.41 65.96 -34.62
N LEU E 413 45.62 66.12 -35.92
CA LEU E 413 44.61 66.65 -36.84
C LEU E 413 44.08 65.49 -37.67
N TRP E 414 43.06 64.82 -37.16
CA TRP E 414 42.56 63.59 -37.76
C TRP E 414 41.84 63.87 -39.07
N SER E 415 41.87 62.88 -39.95
CA SER E 415 41.14 62.91 -41.21
C SER E 415 40.66 61.50 -41.50
N ASP E 416 40.13 61.29 -42.70
CA ASP E 416 39.78 59.93 -43.14
C ASP E 416 41.01 59.25 -43.70
N GLU E 417 41.29 58.04 -43.23
CA GLU E 417 42.40 57.21 -43.67
C GLU E 417 43.77 57.80 -43.34
N ALA E 418 43.81 58.84 -42.50
CA ALA E 418 45.08 59.42 -42.07
C ALA E 418 44.85 60.18 -40.78
N GLN E 419 45.90 60.29 -39.97
CA GLN E 419 45.78 60.89 -38.65
C GLN E 419 46.62 62.15 -38.49
N PHE E 420 47.90 62.10 -38.85
CA PHE E 420 48.79 63.27 -38.79
C PHE E 420 49.04 63.77 -37.37
N VAL E 421 50.02 64.64 -37.20
CA VAL E 421 50.32 65.25 -35.91
C VAL E 421 50.99 66.59 -36.16
N LEU E 422 50.73 67.54 -35.28
CA LEU E 422 51.27 68.89 -35.38
C LEU E 422 52.27 69.13 -34.26
N SER E 423 53.48 69.53 -34.63
CA SER E 423 54.53 69.78 -33.65
C SER E 423 55.55 70.74 -34.25
N ALA E 424 56.37 71.31 -33.37
CA ALA E 424 57.42 72.23 -33.76
C ALA E 424 58.66 71.96 -32.92
N ASN E 425 59.83 72.05 -33.56
CA ASN E 425 61.08 71.80 -32.84
C ASN E 425 61.31 72.85 -31.76
N GLY E 426 61.23 74.12 -32.13
CA GLY E 426 61.39 75.20 -31.17
C GLY E 426 60.16 76.07 -31.06
N VAL E 427 60.29 77.34 -31.44
CA VAL E 427 59.13 78.24 -31.47
C VAL E 427 58.25 77.89 -32.66
N LEU E 428 56.94 77.97 -32.46
CA LEU E 428 55.99 77.67 -33.52
C LEU E 428 55.99 78.81 -34.53
N SER E 429 56.86 78.69 -35.52
CA SER E 429 56.94 79.65 -36.61
C SER E 429 56.26 79.09 -37.84
N ALA E 430 56.26 79.87 -38.91
CA ALA E 430 55.72 79.39 -40.18
C ALA E 430 56.62 78.34 -40.82
N LYS E 431 57.87 78.25 -40.39
CA LYS E 431 58.81 77.29 -40.94
C LYS E 431 59.03 76.06 -40.06
N THR E 432 58.65 76.14 -38.78
CA THR E 432 58.89 75.04 -37.85
C THR E 432 57.74 74.05 -37.75
N ALA E 433 56.59 74.33 -38.36
CA ALA E 433 55.47 73.41 -38.30
C ALA E 433 55.76 72.14 -39.11
N GLN E 434 55.39 71.00 -38.55
CA GLN E 434 55.78 69.70 -39.11
C GLN E 434 54.67 69.03 -39.91
N LEU E 435 53.53 68.76 -39.26
CA LEU E 435 52.40 68.04 -39.89
C LEU E 435 52.82 66.68 -40.45
N ASP E 436 53.58 65.93 -39.68
CA ASP E 436 53.94 64.57 -40.08
C ASP E 436 52.77 63.61 -39.88
N LEU E 437 52.72 62.58 -40.71
CA LEU E 437 51.71 61.55 -40.58
C LEU E 437 52.06 60.61 -39.43
N THR E 438 51.02 60.03 -38.82
CA THR E 438 51.23 59.04 -37.76
C THR E 438 50.72 57.66 -38.16
N THR E 439 49.44 57.54 -38.50
CA THR E 439 48.83 56.27 -38.86
C THR E 439 47.86 56.49 -40.01
N GLN E 440 47.25 55.41 -40.47
CA GLN E 440 46.31 55.45 -41.60
C GLN E 440 45.06 54.65 -41.28
N PHE E 441 44.49 54.90 -40.10
CA PHE E 441 43.25 54.23 -39.68
C PHE E 441 42.04 55.01 -40.20
N ASP E 442 41.06 54.27 -40.71
CA ASP E 442 39.84 54.90 -41.23
C ASP E 442 38.99 55.42 -40.08
N VAL E 443 38.51 56.65 -40.21
CA VAL E 443 37.74 57.32 -39.16
C VAL E 443 36.46 57.87 -39.77
N SER E 444 35.37 57.81 -39.01
CA SER E 444 34.10 58.40 -39.42
C SER E 444 34.02 59.82 -38.90
N ASP E 445 33.73 60.76 -39.80
CA ASP E 445 33.63 62.17 -39.42
C ASP E 445 32.34 62.50 -38.69
N ARG E 446 31.34 61.62 -38.72
CA ARG E 446 30.06 61.92 -38.10
C ARG E 446 30.17 62.05 -36.59
N ALA E 447 31.00 61.21 -35.97
CA ALA E 447 31.15 61.19 -34.52
C ALA E 447 32.53 61.74 -34.16
N ARG E 448 32.54 62.79 -33.35
CA ARG E 448 33.80 63.37 -32.92
C ARG E 448 34.50 62.43 -31.95
N PRO E 449 35.80 62.17 -32.13
CA PRO E 449 36.51 61.28 -31.20
C PRO E 449 36.45 61.80 -29.77
N TYR E 450 36.31 60.87 -28.83
CA TYR E 450 36.15 61.20 -27.42
C TYR E 450 37.23 60.50 -26.61
N GLY E 451 37.76 61.19 -25.61
CA GLY E 451 38.79 60.62 -24.76
C GLY E 451 38.38 60.51 -23.32
N ILE E 452 38.52 59.32 -22.74
CA ILE E 452 38.19 59.08 -21.34
C ILE E 452 39.41 59.14 -20.45
N GLY E 453 40.45 58.39 -20.79
CA GLY E 453 41.67 58.36 -20.03
C GLY E 453 42.88 58.49 -20.95
N ARG E 454 43.77 57.50 -20.90
CA ARG E 454 44.86 57.45 -21.87
C ARG E 454 44.38 57.11 -23.27
N ASN E 455 43.09 56.84 -23.46
CA ASN E 455 42.56 56.36 -24.73
C ASN E 455 41.60 57.37 -25.35
N ILE E 456 41.46 57.28 -26.67
CA ILE E 456 40.45 58.03 -27.41
C ILE E 456 39.60 57.03 -28.18
N TYR E 457 38.29 57.16 -28.06
CA TYR E 457 37.35 56.25 -28.70
C TYR E 457 36.66 56.95 -29.86
N TYR E 458 36.69 56.31 -31.02
CA TYR E 458 36.04 56.84 -32.21
C TYR E 458 35.34 55.70 -32.94
N ALA E 459 34.57 56.05 -33.97
CA ALA E 459 33.76 55.10 -34.70
C ALA E 459 34.24 54.99 -36.14
N SER E 460 34.16 53.77 -36.69
CA SER E 460 34.50 53.52 -38.08
C SER E 460 33.50 52.54 -38.68
N PRO E 461 32.61 53.00 -39.56
CA PRO E 461 31.55 52.11 -40.05
C PRO E 461 32.11 51.09 -41.03
N ARG E 462 31.70 49.83 -40.88
CA ARG E 462 32.32 48.77 -41.67
C ARG E 462 31.68 48.70 -43.06
N SER E 463 30.46 48.14 -43.15
CA SER E 463 29.58 48.33 -44.28
C SER E 463 28.11 48.48 -43.90
N SER E 464 27.68 47.86 -42.81
CA SER E 464 26.33 47.99 -42.29
C SER E 464 26.31 48.12 -40.78
N PHE E 465 27.47 48.07 -40.13
CA PHE E 465 27.59 48.27 -38.70
C PHE E 465 28.91 48.96 -38.42
N THR E 466 28.95 49.75 -37.35
CA THR E 466 30.14 50.47 -36.96
C THR E 466 30.93 49.67 -35.93
N SER E 467 32.24 49.93 -35.89
CA SER E 467 33.13 49.31 -34.92
C SER E 467 33.81 50.42 -34.13
N ILE E 468 33.51 50.49 -32.84
CA ILE E 468 34.12 51.52 -31.99
C ILE E 468 35.58 51.15 -31.78
N MET E 469 36.47 52.06 -32.18
CA MET E 469 37.91 51.84 -32.11
C MET E 469 38.51 52.65 -30.98
N ARG E 470 39.67 52.22 -30.51
CA ARG E 470 40.36 52.85 -29.40
C ARG E 470 41.74 53.29 -29.86
N TYR E 471 42.02 54.59 -29.76
CA TYR E 471 43.32 55.14 -30.11
C TYR E 471 44.16 55.28 -28.85
N TYR E 472 45.41 54.86 -28.92
CA TYR E 472 46.28 54.85 -27.75
C TYR E 472 47.73 54.85 -28.21
N ALA E 473 48.63 55.12 -27.28
CA ALA E 473 50.06 55.09 -27.52
C ALA E 473 50.62 53.80 -26.92
N VAL E 474 51.31 53.01 -27.75
CA VAL E 474 51.81 51.71 -27.32
C VAL E 474 53.07 51.89 -26.50
N GLN E 475 53.54 50.81 -25.86
CA GLN E 475 54.72 50.86 -25.02
C GLN E 475 56.02 51.05 -25.81
N ASP E 476 55.95 51.01 -27.13
CA ASP E 476 57.13 51.19 -27.95
C ASP E 476 57.69 52.61 -27.79
N VAL E 477 58.98 52.74 -28.08
CA VAL E 477 59.67 54.02 -27.90
C VAL E 477 59.24 55.01 -28.97
N SER E 478 59.42 56.29 -28.67
CA SER E 478 59.14 57.41 -29.57
C SER E 478 57.64 57.54 -29.84
N SER E 479 57.28 58.32 -30.86
CA SER E 479 55.88 58.59 -31.18
C SER E 479 55.39 57.50 -32.10
N VAL E 480 54.76 56.47 -31.52
CA VAL E 480 54.08 55.43 -32.27
C VAL E 480 52.71 55.22 -31.66
N LYS E 481 51.68 55.19 -32.52
CA LYS E 481 50.31 55.09 -32.08
C LYS E 481 49.63 53.93 -32.79
N ASN E 482 48.58 53.40 -32.15
CA ASN E 482 47.88 52.26 -32.70
C ASN E 482 46.41 52.39 -32.34
N ALA E 483 45.57 51.69 -33.12
CA ALA E 483 44.14 51.61 -32.84
C ALA E 483 43.72 50.16 -33.00
N GLU E 484 43.03 49.64 -31.98
CA GLU E 484 42.56 48.26 -32.00
C GLU E 484 41.09 48.22 -31.64
N ASP E 485 40.36 47.31 -32.28
CA ASP E 485 38.91 47.31 -32.24
C ASP E 485 38.40 46.89 -30.86
N MET E 486 37.47 47.68 -30.32
CA MET E 486 36.79 47.33 -29.08
C MET E 486 35.52 46.53 -29.31
N THR E 487 35.10 46.37 -30.57
CA THR E 487 33.92 45.59 -30.91
C THR E 487 34.28 44.43 -31.83
N ALA E 488 35.46 43.83 -31.59
CA ALA E 488 35.87 42.70 -32.40
C ALA E 488 34.92 41.52 -32.23
N HIS E 489 34.47 41.28 -31.00
CA HIS E 489 33.54 40.20 -30.72
C HIS E 489 32.10 40.56 -31.01
N VAL E 490 31.78 41.84 -31.21
CA VAL E 490 30.42 42.27 -31.53
C VAL E 490 30.43 43.14 -32.79
N PRO E 491 30.70 42.56 -33.97
CA PRO E 491 30.72 43.39 -35.18
C PRO E 491 29.34 43.86 -35.60
N ASN E 492 28.34 42.99 -35.54
CA ASN E 492 27.00 43.32 -36.01
C ASN E 492 26.12 43.73 -34.83
N TYR E 493 26.46 44.89 -34.24
CA TYR E 493 25.74 45.30 -33.04
C TYR E 493 25.28 46.75 -33.08
N ILE E 494 25.98 47.61 -33.82
CA ILE E 494 25.67 49.04 -33.87
C ILE E 494 25.30 49.39 -35.30
N PRO E 495 24.07 49.86 -35.56
CA PRO E 495 23.53 49.95 -36.93
C PRO E 495 24.07 51.12 -37.76
N ASN E 496 25.40 51.18 -37.88
CA ASN E 496 26.08 51.84 -38.99
C ASN E 496 26.00 53.37 -39.01
N GLY E 497 25.19 53.98 -38.17
CA GLY E 497 25.19 55.43 -38.14
C GLY E 497 25.41 55.97 -36.75
N VAL E 498 26.55 56.61 -36.50
CA VAL E 498 26.93 57.03 -35.17
C VAL E 498 27.22 58.52 -35.20
N TYR E 499 26.63 59.26 -34.27
CA TYR E 499 26.86 60.70 -34.17
C TYR E 499 27.32 61.17 -32.81
N SER E 500 27.08 60.42 -31.74
CA SER E 500 27.47 60.84 -30.40
C SER E 500 28.24 59.71 -29.74
N ILE E 501 29.47 60.01 -29.31
CA ILE E 501 30.28 59.11 -28.50
C ILE E 501 30.66 59.85 -27.25
N ASN E 502 30.33 59.29 -26.09
CA ASN E 502 30.55 59.98 -24.82
C ASN E 502 30.66 58.95 -23.72
N GLY E 503 31.22 59.36 -22.59
CA GLY E 503 31.40 58.46 -21.47
C GLY E 503 31.83 59.20 -20.24
N SER E 504 31.83 58.49 -19.12
CA SER E 504 32.16 59.05 -17.82
C SER E 504 33.49 58.49 -17.35
N GLY E 505 34.43 59.37 -17.02
CA GLY E 505 35.70 58.92 -16.50
C GLY E 505 35.58 58.28 -15.13
N THR E 506 34.79 58.90 -14.24
CA THR E 506 34.60 58.33 -12.90
C THR E 506 33.85 57.02 -12.96
N GLU E 507 32.70 56.99 -13.64
CA GLU E 507 31.92 55.77 -13.74
C GLU E 507 32.56 54.74 -14.65
N ASN E 508 33.55 55.13 -15.44
CA ASN E 508 34.40 54.22 -16.18
C ASN E 508 33.61 53.42 -17.22
N PHE E 509 32.94 54.17 -18.10
CA PHE E 509 32.17 53.56 -19.18
C PHE E 509 32.02 54.60 -20.30
N ALA E 510 31.56 54.13 -21.45
CA ALA E 510 31.32 54.99 -22.60
C ALA E 510 29.98 54.65 -23.22
N CYS E 511 29.20 55.69 -23.56
CA CYS E 511 27.89 55.53 -24.16
C CYS E 511 27.92 56.01 -25.61
N VAL E 512 27.34 55.21 -26.50
CA VAL E 512 27.37 55.47 -27.93
C VAL E 512 25.93 55.60 -28.43
N LEU E 513 25.66 56.68 -29.15
CA LEU E 513 24.34 56.92 -29.74
C LEU E 513 24.42 56.68 -31.23
N THR E 514 23.34 56.13 -31.79
CA THR E 514 23.31 55.77 -33.20
C THR E 514 22.00 56.22 -33.85
N LYS E 515 22.06 56.42 -35.16
CA LYS E 515 20.88 56.78 -35.93
C LYS E 515 20.14 55.57 -36.45
N GLY E 516 20.85 54.46 -36.70
CA GLY E 516 20.18 53.25 -37.13
C GLY E 516 19.26 52.67 -36.08
N ALA E 517 19.59 52.85 -34.80
CA ALA E 517 18.78 52.38 -33.69
C ALA E 517 18.54 53.56 -32.74
N PRO E 518 17.59 54.42 -33.08
CA PRO E 518 17.38 55.64 -32.25
C PRO E 518 17.02 55.36 -30.81
N SER E 519 16.27 54.29 -30.55
CA SER E 519 15.78 54.04 -29.19
C SER E 519 16.88 53.52 -28.28
N LYS E 520 17.77 52.68 -28.81
CA LYS E 520 18.75 52.00 -27.99
C LYS E 520 19.99 52.86 -27.76
N VAL E 521 20.50 52.83 -26.54
CA VAL E 521 21.73 53.54 -26.16
C VAL E 521 22.76 52.48 -25.81
N PHE E 522 23.81 52.39 -26.64
CA PHE E 522 24.84 51.38 -26.43
C PHE E 522 25.86 51.89 -25.43
N ILE E 523 26.09 51.12 -24.38
CA ILE E 523 27.09 51.47 -23.36
C ILE E 523 28.22 50.46 -23.43
N TYR E 524 29.42 50.92 -23.12
CA TYR E 524 30.63 50.09 -23.16
C TYR E 524 31.35 50.25 -21.84
N LYS E 525 31.20 49.27 -20.96
CA LYS E 525 31.83 49.31 -19.65
C LYS E 525 33.21 48.65 -19.73
N PHE E 526 34.21 49.34 -19.20
CA PHE E 526 35.58 48.85 -19.25
C PHE E 526 36.28 49.16 -17.93
N LEU E 527 37.38 48.45 -17.70
CA LEU E 527 38.18 48.66 -16.51
C LEU E 527 39.64 48.40 -16.87
N TYR E 528 40.52 49.27 -16.41
CA TYR E 528 41.95 49.17 -16.69
C TYR E 528 42.71 49.13 -15.37
N MET E 529 43.50 48.08 -15.18
CA MET E 529 44.36 47.95 -14.01
C MET E 529 45.73 47.49 -14.47
N ASP E 530 46.77 48.13 -13.92
CA ASP E 530 48.15 47.82 -14.27
C ASP E 530 48.37 47.93 -15.77
N GLU E 531 47.80 48.98 -16.37
CA GLU E 531 47.93 49.28 -17.79
C GLU E 531 47.38 48.16 -18.68
N ASN E 532 46.50 47.33 -18.13
CA ASN E 532 45.89 46.23 -18.87
C ASN E 532 44.39 46.27 -18.67
N ILE E 533 43.66 45.78 -19.66
CA ILE E 533 42.20 45.83 -19.62
C ILE E 533 41.67 44.66 -18.80
N ARG E 534 40.62 44.91 -18.03
CA ARG E 534 40.03 43.90 -17.16
C ARG E 534 38.64 43.46 -17.60
N GLN E 535 37.91 44.27 -18.35
CA GLN E 535 36.61 43.86 -18.84
C GLN E 535 36.22 44.68 -20.07
N GLN E 536 35.43 44.07 -20.94
CA GLN E 536 34.89 44.71 -22.15
C GLN E 536 33.41 44.36 -22.21
N SER E 537 32.57 45.17 -21.57
CA SER E 537 31.15 44.88 -21.45
C SER E 537 30.37 45.73 -22.43
N TRP E 538 29.87 45.12 -23.50
CA TRP E 538 29.06 45.80 -24.51
C TRP E 538 27.61 45.41 -24.29
N SER E 539 26.75 46.41 -24.11
CA SER E 539 25.32 46.19 -23.95
C SER E 539 24.60 47.49 -24.28
N HIS E 540 23.29 47.40 -24.42
CA HIS E 540 22.49 48.56 -24.80
C HIS E 540 21.34 48.76 -23.81
N TRP E 541 20.89 50.00 -23.70
CA TRP E 541 19.78 50.38 -22.85
C TRP E 541 18.58 50.77 -23.70
N ASP E 542 17.40 50.47 -23.18
CA ASP E 542 16.15 50.78 -23.85
C ASP E 542 15.22 51.50 -22.88
N PHE E 543 14.52 52.53 -23.37
CA PHE E 543 13.72 53.38 -22.50
C PHE E 543 12.24 53.43 -22.84
N GLY E 544 11.84 52.95 -24.02
CA GLY E 544 10.43 52.98 -24.36
C GLY E 544 10.19 52.29 -25.69
N ASP E 545 8.91 52.03 -25.95
CA ASP E 545 8.53 51.40 -27.21
C ASP E 545 8.83 52.30 -28.40
N GLY E 546 8.44 53.56 -28.31
CA GLY E 546 8.69 54.51 -29.37
C GLY E 546 9.44 55.73 -28.89
N VAL E 547 10.26 55.54 -27.87
CA VAL E 547 11.03 56.63 -27.26
C VAL E 547 12.39 56.68 -27.93
N GLU E 548 12.72 57.83 -28.51
CA GLU E 548 13.98 58.02 -29.22
C GLU E 548 14.91 58.86 -28.36
N VAL E 549 16.15 58.39 -28.21
CA VAL E 549 17.14 59.05 -27.38
C VAL E 549 18.09 59.84 -28.27
N MET E 550 18.33 61.10 -27.91
CA MET E 550 19.27 61.96 -28.61
C MET E 550 20.07 62.77 -27.60
N ALA E 551 21.34 63.03 -27.91
CA ALA E 551 22.19 63.93 -27.14
C ALA E 551 22.33 63.45 -25.69
N ALA E 552 22.97 62.29 -25.55
CA ALA E 552 23.26 61.72 -24.23
C ALA E 552 24.65 62.14 -23.80
N ASN E 553 24.73 63.12 -22.90
CA ASN E 553 25.99 63.63 -22.38
C ASN E 553 26.02 63.51 -20.87
N CYS E 554 27.16 63.11 -20.33
CA CYS E 554 27.29 62.83 -18.90
C CYS E 554 28.33 63.73 -18.26
N ILE E 555 27.99 64.28 -17.10
CA ILE E 555 28.90 65.06 -16.27
C ILE E 555 29.10 64.29 -14.97
N ASN E 556 30.34 63.90 -14.70
CA ASN E 556 30.67 63.05 -13.54
C ASN E 556 29.87 61.77 -13.69
N SER E 557 29.16 61.32 -12.66
CA SER E 557 28.31 60.13 -12.80
C SER E 557 27.04 60.43 -13.57
N THR E 558 26.39 61.56 -13.28
CA THR E 558 25.09 61.86 -13.87
C THR E 558 25.20 61.96 -15.38
N MET E 559 24.20 61.40 -16.08
CA MET E 559 24.23 61.30 -17.53
C MET E 559 22.95 61.94 -18.08
N TYR E 560 23.07 63.16 -18.59
CA TYR E 560 21.94 63.90 -19.09
C TYR E 560 21.69 63.59 -20.55
N MET E 561 20.43 63.66 -20.95
CA MET E 561 20.03 63.16 -22.27
C MET E 561 18.59 63.54 -22.55
N LEU E 562 18.31 63.77 -23.83
CA LEU E 562 17.03 64.28 -24.30
C LEU E 562 16.33 63.20 -25.12
N MET E 563 15.00 63.19 -25.04
CA MET E 563 14.23 62.12 -25.66
C MET E 563 13.03 62.67 -26.40
N ARG E 564 12.66 61.97 -27.47
CA ARG E 564 11.43 62.22 -28.20
C ARG E 564 10.48 61.05 -27.96
N ASN E 565 9.18 61.35 -27.99
CA ASN E 565 8.17 60.37 -27.60
C ASN E 565 7.07 60.17 -28.63
N GLY E 566 7.00 61.03 -29.65
CA GLY E 566 5.84 61.06 -30.51
C GLY E 566 4.76 62.01 -30.03
N TYR E 567 4.88 62.52 -28.81
CA TYR E 567 3.97 63.54 -28.31
C TYR E 567 4.72 64.72 -27.71
N ASN E 568 5.91 64.48 -27.17
CA ASN E 568 6.60 65.50 -26.41
C ASN E 568 8.11 65.25 -26.42
N VAL E 569 8.85 66.26 -25.98
CA VAL E 569 10.30 66.20 -25.81
C VAL E 569 10.61 66.61 -24.38
N TRP E 570 11.56 65.90 -23.76
CA TRP E 570 11.91 66.18 -22.38
C TRP E 570 13.38 65.87 -22.15
N ILE E 571 13.91 66.36 -21.03
CA ILE E 571 15.29 66.12 -20.62
C ILE E 571 15.27 65.20 -19.41
N ALA E 572 16.15 64.21 -19.41
CA ALA E 572 16.21 63.23 -18.34
C ALA E 572 17.65 62.98 -17.98
N ALA E 573 17.87 62.47 -16.76
CA ALA E 573 19.20 62.17 -16.27
C ALA E 573 19.22 60.78 -15.64
N VAL E 574 20.39 60.16 -15.68
CA VAL E 574 20.62 58.85 -15.07
C VAL E 574 21.75 59.01 -14.07
N ASP E 575 21.49 58.71 -12.80
CA ASP E 575 22.44 58.90 -11.73
C ASP E 575 22.77 57.56 -11.10
N PHE E 576 24.06 57.31 -10.87
CA PHE E 576 24.53 56.05 -10.31
C PHE E 576 24.66 56.16 -8.78
N LYS E 577 23.54 56.46 -8.14
CA LYS E 577 23.53 56.59 -6.69
C LYS E 577 23.77 55.23 -6.03
N LYS E 578 24.59 55.22 -4.98
CA LYS E 578 24.87 54.02 -4.21
C LYS E 578 24.37 54.24 -2.79
N GLU E 579 23.51 53.32 -2.32
CA GLU E 579 22.97 53.38 -0.95
C GLU E 579 22.30 54.71 -0.66
N SER E 580 21.56 55.23 -1.64
CA SER E 580 20.85 56.48 -1.47
C SER E 580 19.62 56.48 -2.37
N THR E 581 18.69 57.36 -2.05
CA THR E 581 17.42 57.46 -2.77
C THR E 581 17.25 58.86 -3.34
N ASP E 582 16.49 58.95 -4.43
CA ASP E 582 16.23 60.24 -5.06
C ASP E 582 15.41 61.13 -4.15
N PHE E 583 14.43 60.57 -3.45
CA PHE E 583 13.52 61.35 -2.62
C PHE E 583 13.56 60.83 -1.18
N PRO E 584 13.41 61.73 -0.20
CA PRO E 584 13.57 61.31 1.21
C PRO E 584 12.58 60.25 1.66
N PHE E 585 11.34 60.30 1.18
CA PHE E 585 10.29 59.46 1.75
C PHE E 585 10.39 58.00 1.29
N GLU E 586 10.87 57.76 0.09
CA GLU E 586 10.89 56.39 -0.42
C GLU E 586 11.90 55.53 0.35
N PRO E 587 11.58 54.26 0.61
CA PRO E 587 12.50 53.42 1.40
C PRO E 587 13.76 53.04 0.64
N TYR E 588 13.60 52.64 -0.63
CA TYR E 588 14.74 52.32 -1.46
C TYR E 588 14.65 53.04 -2.80
N ARG E 589 15.52 52.67 -3.74
CA ARG E 589 15.72 53.50 -4.93
C ARG E 589 14.49 53.54 -5.83
N PHE E 590 13.64 52.52 -5.81
CA PHE E 590 12.48 52.45 -6.71
C PHE E 590 12.92 52.52 -8.17
N HIS E 591 13.56 51.44 -8.61
CA HIS E 591 14.12 51.42 -9.96
C HIS E 591 13.01 51.40 -10.99
N VAL E 592 12.36 52.55 -11.17
CA VAL E 592 11.28 52.71 -12.13
C VAL E 592 11.64 53.84 -13.07
N ASP E 593 11.41 53.61 -14.36
CA ASP E 593 11.87 54.53 -15.40
C ASP E 593 10.98 55.76 -15.47
N ALA E 594 11.56 56.89 -15.89
CA ALA E 594 10.87 58.17 -15.99
C ALA E 594 10.21 58.56 -14.67
N LYS E 595 10.95 58.39 -13.58
CA LYS E 595 10.37 58.54 -12.26
C LYS E 595 10.37 59.99 -11.81
N ARG E 596 9.34 60.36 -11.06
CA ARG E 596 9.25 61.66 -10.41
C ARG E 596 8.25 61.56 -9.27
N SER E 597 8.39 62.46 -8.31
CA SER E 597 7.54 62.48 -7.13
C SER E 597 6.40 63.45 -7.33
N TYR E 598 5.19 63.00 -7.06
CA TYR E 598 3.99 63.81 -7.20
C TYR E 598 3.22 63.80 -5.88
N HIS E 599 2.70 64.96 -5.50
CA HIS E 599 1.89 65.11 -4.29
C HIS E 599 0.44 65.27 -4.71
N ILE E 600 -0.36 64.22 -4.48
CA ILE E 600 -1.75 64.24 -4.92
C ILE E 600 -2.54 65.21 -4.06
N SER E 601 -3.35 66.05 -4.71
CA SER E 601 -4.12 67.05 -3.99
C SER E 601 -5.17 66.41 -3.10
N GLU E 602 -5.54 67.12 -2.04
CA GLU E 602 -6.52 66.59 -1.09
C GLU E 602 -7.87 66.38 -1.75
N THR E 603 -8.27 67.30 -2.63
CA THR E 603 -9.58 67.23 -3.26
C THR E 603 -9.68 66.12 -4.30
N ALA E 604 -8.58 65.46 -4.64
CA ALA E 604 -8.57 64.43 -5.68
C ALA E 604 -9.04 63.09 -5.13
N TYR E 605 -10.22 63.08 -4.55
CA TYR E 605 -10.83 61.86 -4.05
C TYR E 605 -12.34 61.99 -4.15
N ASP E 606 -13.00 60.93 -4.61
CA ASP E 606 -14.43 60.93 -4.84
C ASP E 606 -15.09 59.89 -3.97
N ILE E 607 -16.08 60.32 -3.18
CA ILE E 607 -16.82 59.39 -2.33
C ILE E 607 -17.66 58.45 -3.18
N GLU E 608 -18.23 58.97 -4.27
CA GLU E 608 -19.13 58.16 -5.11
C GLU E 608 -18.42 56.92 -5.64
N THR E 609 -17.36 57.12 -6.42
CA THR E 609 -16.65 56.02 -7.05
C THR E 609 -15.59 55.41 -6.15
N ASN E 610 -15.29 56.03 -5.00
CA ASN E 610 -14.26 55.55 -4.07
C ASN E 610 -12.95 55.31 -4.80
N GLN E 611 -12.50 56.33 -5.54
CA GLN E 611 -11.26 56.26 -6.28
C GLN E 611 -10.54 57.60 -6.21
N THR E 612 -9.21 57.55 -6.27
CA THR E 612 -8.37 58.74 -6.31
C THR E 612 -7.88 58.92 -7.74
N VAL E 613 -8.43 59.90 -8.45
CA VAL E 613 -8.13 60.07 -9.86
C VAL E 613 -6.83 60.88 -10.00
N VAL E 614 -5.87 60.32 -10.73
CA VAL E 614 -4.59 60.96 -10.97
C VAL E 614 -4.37 61.02 -12.49
N ASN E 615 -4.03 62.20 -12.99
CA ASN E 615 -3.82 62.41 -14.41
C ASN E 615 -2.34 62.31 -14.72
N VAL E 616 -2.00 61.49 -15.71
CA VAL E 616 -0.60 61.33 -16.11
C VAL E 616 -0.07 62.62 -16.73
N LYS E 617 -0.87 63.25 -17.60
CA LYS E 617 -0.41 64.44 -18.29
C LYS E 617 -0.27 65.64 -17.35
N ASP E 618 -1.10 65.71 -16.31
CA ASP E 618 -1.06 66.85 -15.41
C ASP E 618 0.14 66.79 -14.47
N ILE E 619 0.74 65.63 -14.29
CA ILE E 619 1.83 65.47 -13.35
C ILE E 619 3.16 65.41 -14.08
N TYR E 620 3.13 64.96 -15.33
CA TYR E 620 4.35 64.86 -16.12
C TYR E 620 4.57 66.08 -17.00
N GLY E 621 3.50 66.75 -17.42
CA GLY E 621 3.61 67.80 -18.40
C GLY E 621 3.77 67.31 -19.83
N ALA E 622 3.68 66.00 -20.05
CA ALA E 622 3.85 65.41 -21.37
C ALA E 622 2.81 64.31 -21.54
N SER E 623 2.90 63.59 -22.65
CA SER E 623 2.01 62.47 -22.94
C SER E 623 2.85 61.29 -23.41
N PHE E 624 2.44 60.09 -23.01
CA PHE E 624 3.18 58.88 -23.31
C PHE E 624 2.30 57.92 -24.12
N ALA E 625 2.95 57.11 -24.96
CA ALA E 625 2.21 56.18 -25.80
C ALA E 625 1.85 54.90 -25.06
N LYS E 626 2.85 54.13 -24.66
CA LYS E 626 2.61 52.82 -24.06
C LYS E 626 3.55 52.60 -22.90
N GLY E 627 3.20 51.63 -22.07
CA GLY E 627 4.02 51.29 -20.92
C GLY E 627 3.20 50.98 -19.69
N THR E 628 3.79 50.31 -18.72
CA THR E 628 3.14 49.98 -17.46
C THR E 628 3.55 51.01 -16.43
N VAL E 629 2.61 51.89 -16.06
CA VAL E 629 2.87 52.92 -15.07
C VAL E 629 2.77 52.30 -13.68
N ALA E 630 3.82 52.46 -12.88
CA ALA E 630 3.87 51.95 -11.52
C ALA E 630 3.83 53.11 -10.55
N ILE E 631 2.89 53.07 -9.62
CA ILE E 631 2.74 54.10 -8.60
C ILE E 631 3.16 53.52 -7.26
N CYS E 632 4.15 54.13 -6.62
CA CYS E 632 4.78 53.60 -5.42
C CYS E 632 4.46 54.53 -4.25
N GLU E 633 3.86 53.97 -3.21
CA GLU E 633 3.60 54.73 -2.00
C GLU E 633 4.83 54.71 -1.09
N SER E 634 4.74 55.44 0.03
CA SER E 634 5.89 55.60 0.91
C SER E 634 6.28 54.29 1.58
N ASP E 635 5.30 53.48 1.97
CA ASP E 635 5.59 52.24 2.69
C ASP E 635 6.29 51.20 1.82
N GLY E 636 6.28 51.36 0.51
CA GLY E 636 6.87 50.39 -0.40
C GLY E 636 5.87 49.63 -1.24
N LYS E 637 4.57 49.89 -1.08
CA LYS E 637 3.57 49.24 -1.89
C LYS E 637 3.65 49.75 -3.32
N ILE E 638 3.57 48.84 -4.29
CA ILE E 638 3.69 49.18 -5.71
C ILE E 638 2.53 48.55 -6.46
N THR E 639 1.85 49.34 -7.27
CA THR E 639 0.72 48.89 -8.06
C THR E 639 0.91 49.28 -9.52
N GLU E 640 0.71 48.32 -10.42
CA GLU E 640 0.85 48.56 -11.85
C GLU E 640 -0.49 49.00 -12.44
N TYR E 641 -0.45 50.02 -13.29
CA TYR E 641 -1.66 50.71 -13.74
C TYR E 641 -1.77 50.83 -15.25
N GLU E 642 -1.60 49.74 -16.00
CA GLU E 642 -1.74 49.69 -17.45
C GLU E 642 -2.91 50.53 -17.93
N PRO E 643 -2.78 51.28 -19.03
CA PRO E 643 -3.84 52.21 -19.44
C PRO E 643 -5.13 51.50 -19.76
N THR E 644 -6.25 52.22 -19.58
CA THR E 644 -7.57 51.64 -19.81
C THR E 644 -7.72 51.19 -21.26
N GLY E 645 -7.27 52.00 -22.20
CA GLY E 645 -7.33 51.63 -23.59
C GLY E 645 -6.75 52.65 -24.54
N ASN E 646 -6.05 52.18 -25.57
CA ASN E 646 -5.52 53.00 -26.65
C ASN E 646 -4.61 54.11 -26.12
N SER E 647 -3.49 53.65 -25.55
CA SER E 647 -2.40 54.52 -25.11
C SER E 647 -2.79 55.44 -23.98
N TRP E 648 -1.83 56.25 -23.51
CA TRP E 648 -2.08 57.21 -22.44
C TRP E 648 -2.53 58.57 -22.94
N ASP E 649 -2.26 58.89 -24.21
CA ASP E 649 -2.73 60.16 -24.76
C ASP E 649 -4.25 60.21 -24.77
N SER E 650 -4.89 59.11 -25.16
CA SER E 650 -6.35 59.07 -25.18
C SER E 650 -6.91 59.05 -23.76
N THR E 651 -6.37 58.19 -22.90
CA THR E 651 -6.86 58.01 -21.54
C THR E 651 -5.71 58.22 -20.57
N PRO E 652 -5.50 59.44 -20.10
CA PRO E 652 -4.35 59.74 -19.24
C PRO E 652 -4.64 59.68 -17.74
N ASP E 653 -5.81 59.22 -17.32
CA ASP E 653 -6.18 59.19 -15.92
C ASP E 653 -5.97 57.82 -15.29
N ILE E 654 -5.66 57.83 -14.00
CA ILE E 654 -5.43 56.61 -13.22
C ILE E 654 -6.42 56.61 -12.06
N ARG E 655 -7.07 55.46 -11.84
CA ARG E 655 -8.18 55.41 -10.90
C ARG E 655 -7.73 55.19 -9.45
N ILE E 656 -6.59 54.52 -9.25
CA ILE E 656 -6.12 54.11 -7.93
C ILE E 656 -7.25 53.31 -7.27
N SER E 657 -7.46 53.48 -5.97
CA SER E 657 -8.49 52.74 -5.26
C SER E 657 -8.98 53.53 -4.06
N GLY E 658 -8.55 53.14 -2.86
CA GLY E 658 -8.98 53.81 -1.66
C GLY E 658 -8.46 55.24 -1.59
N ASP E 659 -8.91 55.94 -0.55
CA ASP E 659 -8.50 57.32 -0.35
C ASP E 659 -6.99 57.42 -0.18
N VAL E 660 -6.36 58.31 -0.93
CA VAL E 660 -4.93 58.56 -0.84
C VAL E 660 -4.64 59.99 -0.39
N SER E 661 -5.25 60.96 -1.05
CA SER E 661 -5.08 62.39 -0.72
C SER E 661 -3.59 62.72 -0.87
N GLY E 662 -3.01 63.50 0.04
CA GLY E 662 -1.61 63.87 -0.08
C GLY E 662 -0.67 62.86 0.55
N LYS E 663 0.02 62.07 -0.28
CA LYS E 663 0.91 61.04 0.22
C LYS E 663 2.29 61.03 -0.44
N ASN E 664 2.54 61.88 -1.42
CA ASN E 664 3.84 61.96 -2.11
C ASN E 664 4.22 60.61 -2.72
N ILE E 665 3.42 60.22 -3.72
CA ILE E 665 3.69 58.99 -4.46
C ILE E 665 4.89 59.20 -5.38
N VAL E 666 5.45 58.10 -5.87
CA VAL E 666 6.47 58.13 -6.91
C VAL E 666 5.91 57.38 -8.11
N ILE E 667 5.85 58.05 -9.25
CA ILE E 667 5.22 57.49 -10.44
C ILE E 667 6.26 57.38 -11.55
N GLY E 668 6.21 56.27 -12.28
CA GLY E 668 7.13 56.06 -13.38
C GLY E 668 6.69 54.86 -14.19
N PHE E 669 7.50 54.54 -15.19
CA PHE E 669 7.23 53.41 -16.08
C PHE E 669 8.18 52.26 -15.75
N LEU E 670 7.65 51.06 -15.73
CA LEU E 670 8.47 49.88 -15.46
C LEU E 670 9.26 49.49 -16.70
N TYR E 671 10.52 49.11 -16.50
CA TYR E 671 11.38 48.67 -17.59
C TYR E 671 11.91 47.28 -17.30
N ASP E 672 12.16 46.52 -18.36
CA ASP E 672 12.51 45.11 -18.27
C ASP E 672 14.01 44.94 -18.39
N PHE E 673 14.63 44.41 -17.34
CA PHE E 673 16.05 44.03 -17.36
C PHE E 673 16.15 42.58 -17.76
N GLN E 674 16.63 42.31 -18.98
CA GLN E 674 16.69 40.97 -19.51
C GLN E 674 18.12 40.63 -19.91
N TYR E 675 18.54 39.42 -19.53
CA TYR E 675 19.89 38.93 -19.83
C TYR E 675 19.80 37.43 -20.04
N VAL E 676 20.35 36.95 -21.14
CA VAL E 676 20.35 35.52 -21.45
C VAL E 676 21.78 35.01 -21.42
N PHE E 677 21.97 33.85 -20.82
CA PHE E 677 23.29 33.26 -20.71
C PHE E 677 23.73 32.66 -22.04
N SER E 678 25.03 32.48 -22.17
CA SER E 678 25.54 31.66 -23.26
C SER E 678 25.33 30.19 -22.92
N ARG E 679 25.49 29.33 -23.92
CA ARG E 679 25.29 27.91 -23.71
C ARG E 679 26.30 27.38 -22.68
N PHE E 680 25.80 26.57 -21.74
CA PHE E 680 26.63 26.01 -20.68
C PHE E 680 27.44 24.87 -21.25
N LEU E 681 28.63 25.20 -21.77
CA LEU E 681 29.50 24.22 -22.39
C LEU E 681 30.80 24.12 -21.59
N ILE E 682 31.56 23.06 -21.87
CA ILE E 682 32.85 22.86 -21.21
C ILE E 682 33.87 23.79 -21.85
N LYS E 683 34.52 24.60 -21.02
CA LYS E 683 35.49 25.59 -21.48
C LYS E 683 36.85 25.26 -20.91
N GLN E 684 37.87 25.25 -21.77
CA GLN E 684 39.25 25.00 -21.37
C GLN E 684 40.03 26.30 -21.44
N GLU E 685 40.83 26.56 -20.40
CA GLU E 685 41.51 27.85 -20.30
C GLU E 685 42.62 27.99 -21.33
N GLN E 686 43.24 26.89 -21.74
CA GLN E 686 44.36 26.90 -22.69
C GLN E 686 45.54 27.70 -22.16
N ASN E 687 46.60 27.83 -22.97
CA ASN E 687 47.82 28.49 -22.54
C ASN E 687 48.12 29.78 -23.27
N ASP E 688 47.60 29.97 -24.49
CA ASP E 688 47.89 31.17 -25.26
C ASP E 688 47.01 32.35 -24.88
N GLY E 689 46.08 32.18 -23.95
CA GLY E 689 45.26 33.26 -23.45
C GLY E 689 43.81 33.24 -23.89
N THR E 690 43.43 32.34 -24.79
CA THR E 690 42.05 32.24 -25.24
C THR E 690 41.42 30.95 -24.71
N THR E 691 40.10 30.99 -24.58
CA THR E 691 39.35 29.86 -24.05
C THR E 691 38.75 29.04 -25.20
N SER E 692 38.96 27.73 -25.15
CA SER E 692 38.46 26.82 -26.18
C SER E 692 37.54 25.79 -25.56
N THR E 693 36.49 25.42 -26.28
CA THR E 693 35.54 24.42 -25.83
C THR E 693 35.80 23.10 -26.54
N GLU E 694 35.20 22.04 -26.01
CA GLU E 694 35.23 20.73 -26.64
C GLU E 694 33.81 20.29 -26.95
N ASP E 695 33.63 19.71 -28.14
CA ASP E 695 32.31 19.36 -28.65
C ASP E 695 32.34 17.99 -29.31
N SER E 696 33.23 17.12 -28.85
CA SER E 696 33.30 15.77 -29.41
C SER E 696 32.10 14.94 -29.00
N GLY E 697 31.75 14.96 -27.72
CA GLY E 697 30.64 14.17 -27.22
C GLY E 697 29.57 15.04 -26.59
N ARG E 698 28.35 14.53 -26.50
CA ARG E 698 27.26 15.31 -25.94
C ARG E 698 27.39 15.42 -24.43
N LEU E 699 26.77 16.46 -23.88
CA LEU E 699 26.78 16.71 -22.44
C LEU E 699 25.34 16.94 -21.98
N GLN E 700 24.87 16.09 -21.07
CA GLN E 700 23.56 16.24 -20.46
C GLN E 700 23.74 16.94 -19.13
N LEU E 701 23.51 18.25 -19.11
CA LEU E 701 23.64 19.04 -17.89
C LEU E 701 22.37 18.95 -17.07
N ARG E 702 22.54 18.88 -15.75
CA ARG E 702 21.51 18.44 -14.82
C ARG E 702 20.96 19.55 -13.94
N ARG E 703 21.84 20.33 -13.31
CA ARG E 703 21.42 21.45 -12.48
C ARG E 703 22.33 22.64 -12.74
N ALA E 704 21.78 23.82 -12.44
CA ALA E 704 22.54 25.07 -12.51
C ALA E 704 22.17 25.91 -11.30
N TRP E 705 23.03 26.87 -10.99
CA TRP E 705 22.80 27.76 -9.86
C TRP E 705 23.19 29.18 -10.24
N VAL E 706 22.72 30.13 -9.44
CA VAL E 706 23.04 31.53 -9.64
C VAL E 706 23.38 32.15 -8.29
N ASN E 707 24.43 32.96 -8.27
CA ASN E 707 24.86 33.67 -7.07
C ASN E 707 24.42 35.12 -7.19
N TYR E 708 23.84 35.65 -6.13
CA TYR E 708 23.33 37.01 -6.16
C TYR E 708 23.66 37.72 -4.85
N GLN E 709 23.91 39.02 -4.93
CA GLN E 709 24.27 39.78 -3.74
C GLN E 709 23.03 40.23 -2.98
N ASN E 710 22.19 41.08 -3.58
CA ASN E 710 20.93 41.46 -2.96
C ASN E 710 19.72 41.06 -3.79
N THR E 711 19.59 41.58 -5.01
CA THR E 711 18.46 41.33 -5.89
C THR E 711 17.12 41.77 -5.30
N GLY E 712 16.12 41.85 -6.18
CA GLY E 712 14.81 42.36 -5.85
C GLY E 712 13.69 41.47 -6.33
N ALA E 713 13.86 40.15 -6.20
CA ALA E 713 12.91 39.16 -6.69
C ALA E 713 12.79 39.17 -8.21
N PHE E 714 13.91 38.84 -8.86
CA PHE E 714 13.92 38.57 -10.28
C PHE E 714 13.47 37.13 -10.53
N THR E 715 13.45 36.72 -11.80
CA THR E 715 13.03 35.37 -12.18
C THR E 715 14.01 34.77 -13.17
N VAL E 716 14.14 33.45 -13.11
CA VAL E 716 15.02 32.68 -13.99
C VAL E 716 14.16 31.82 -14.89
N SER E 717 14.44 31.86 -16.19
CA SER E 717 13.67 31.14 -17.18
C SER E 717 14.57 30.21 -17.97
N VAL E 718 14.18 28.94 -18.05
CA VAL E 718 14.92 27.93 -18.81
C VAL E 718 14.06 27.51 -19.99
N ASP E 719 14.61 27.66 -21.19
CA ASP E 719 13.88 27.40 -22.42
C ASP E 719 14.69 26.49 -23.32
N ASN E 720 14.05 25.45 -23.82
CA ASN E 720 14.60 24.60 -24.87
C ASN E 720 13.66 24.70 -26.08
N GLY E 721 13.90 23.84 -27.08
CA GLY E 721 13.08 23.88 -28.27
C GLY E 721 11.62 23.61 -28.01
N SER E 722 11.32 22.77 -27.01
CA SER E 722 9.94 22.32 -26.80
C SER E 722 9.20 23.18 -25.77
N ARG E 723 9.69 23.21 -24.53
CA ARG E 723 8.97 23.82 -23.42
C ARG E 723 9.76 24.98 -22.85
N GLU E 724 9.27 25.53 -21.74
CA GLU E 724 9.87 26.69 -21.12
C GLU E 724 9.49 26.70 -19.65
N PHE E 725 10.48 26.63 -18.77
CA PHE E 725 10.27 26.56 -17.33
C PHE E 725 10.73 27.86 -16.69
N ASN E 726 9.99 28.32 -15.69
CA ASN E 726 10.26 29.57 -14.99
C ASN E 726 10.49 29.31 -13.52
N TYR E 727 11.60 29.82 -12.99
CA TYR E 727 11.91 29.73 -11.57
C TYR E 727 12.10 31.13 -11.02
N LEU E 728 11.53 31.39 -9.85
CA LEU E 728 11.52 32.72 -9.26
C LEU E 728 12.43 32.76 -8.05
N VAL E 729 13.33 33.73 -8.02
CA VAL E 729 14.26 33.92 -6.92
C VAL E 729 13.76 35.05 -6.05
N ASN E 730 13.64 34.81 -4.75
CA ASN E 730 13.11 35.81 -3.82
C ASN E 730 13.58 35.44 -2.42
N ALA E 731 13.11 36.21 -1.44
CA ALA E 731 13.47 35.97 -0.05
C ALA E 731 12.91 34.64 0.43
N ARG E 732 13.73 33.89 1.16
CA ARG E 732 13.28 32.63 1.73
C ARG E 732 12.37 32.87 2.93
N VAL E 733 11.38 31.99 3.08
CA VAL E 733 10.48 32.07 4.21
C VAL E 733 11.24 31.71 5.49
N GLY E 734 10.90 32.39 6.58
CA GLY E 734 11.59 32.16 7.84
C GLY E 734 13.03 32.63 7.82
N SER E 735 13.28 33.79 7.22
CA SER E 735 14.61 34.37 7.15
C SER E 735 14.61 35.73 7.82
N THR E 736 15.72 36.05 8.49
CA THR E 736 15.81 37.30 9.21
C THR E 736 15.67 38.50 8.28
N GLY E 737 16.17 38.38 7.06
CA GLY E 737 16.00 39.46 6.10
C GLY E 737 14.56 39.71 5.73
N LEU E 738 13.76 38.66 5.66
CA LEU E 738 12.36 38.76 5.28
C LEU E 738 11.53 39.09 6.51
N ARG E 739 11.08 40.34 6.60
CA ARG E 739 10.24 40.80 7.69
C ARG E 739 9.00 41.44 7.11
N LEU E 740 7.92 41.40 7.88
CA LEU E 740 6.63 41.86 7.37
C LEU E 740 6.65 43.33 7.02
N GLY E 741 7.25 44.16 7.88
CA GLY E 741 7.27 45.58 7.60
C GLY E 741 8.18 45.95 6.45
N GLN E 742 9.35 45.34 6.37
CA GLN E 742 10.44 45.86 5.55
C GLN E 742 10.54 45.13 4.21
N LYS E 743 11.44 45.65 3.37
CA LYS E 743 11.72 45.07 2.07
C LYS E 743 12.61 43.84 2.20
N ALA E 744 12.58 42.99 1.17
CA ALA E 744 13.31 41.73 1.16
C ALA E 744 14.69 41.94 0.52
N THR E 745 15.75 41.70 1.29
CA THR E 745 17.10 41.89 0.79
C THR E 745 17.63 40.63 0.11
N THR E 746 17.25 39.45 0.61
CA THR E 746 17.48 38.14 -0.03
C THR E 746 18.90 37.98 -0.61
N THR E 747 19.91 37.95 0.27
CA THR E 747 21.24 37.54 -0.12
C THR E 747 21.38 36.01 -0.06
N GLY E 748 22.06 35.44 -1.04
CA GLY E 748 22.32 34.02 -1.04
C GLY E 748 22.53 33.47 -2.44
N GLN E 749 22.40 32.16 -2.54
CA GLN E 749 22.55 31.43 -3.80
C GLN E 749 21.33 30.55 -4.04
N TYR E 750 20.93 30.45 -5.31
CA TYR E 750 19.73 29.72 -5.71
C TYR E 750 20.10 28.68 -6.76
N ARG E 751 19.64 27.44 -6.57
CA ARG E 751 19.87 26.35 -7.51
C ARG E 751 18.54 25.97 -8.16
N PHE E 752 18.56 25.81 -9.48
CA PHE E 752 17.35 25.50 -10.23
C PHE E 752 17.63 24.34 -11.19
N PRO E 753 16.61 23.57 -11.54
CA PRO E 753 16.81 22.39 -12.38
C PRO E 753 16.83 22.76 -13.87
N VAL E 754 17.91 22.38 -14.54
CA VAL E 754 18.04 22.54 -15.98
C VAL E 754 18.51 21.21 -16.58
N THR E 755 17.62 20.55 -17.33
CA THR E 755 17.81 19.18 -17.77
C THR E 755 17.70 19.09 -19.27
N GLY E 756 18.65 18.42 -19.91
CA GLY E 756 18.65 18.22 -21.33
C GLY E 756 20.03 18.42 -21.90
N ASN E 757 20.12 18.41 -23.22
CA ASN E 757 21.39 18.61 -23.90
C ASN E 757 21.90 20.02 -23.65
N ALA E 758 23.22 20.16 -23.57
CA ALA E 758 23.81 21.47 -23.26
C ALA E 758 23.52 22.48 -24.35
N LEU E 759 23.58 22.06 -25.61
CA LEU E 759 23.48 22.99 -26.73
C LEU E 759 22.09 23.60 -26.87
N TYR E 760 21.07 23.01 -26.27
CA TYR E 760 19.70 23.46 -26.48
C TYR E 760 19.05 24.12 -25.27
N GLN E 761 19.62 23.97 -24.08
CA GLN E 761 19.08 24.62 -22.89
C GLN E 761 19.49 26.09 -22.90
N LYS E 762 18.50 26.98 -22.94
CA LYS E 762 18.73 28.42 -22.92
C LYS E 762 18.26 28.98 -21.59
N VAL E 763 19.17 29.66 -20.89
CA VAL E 763 18.89 30.22 -19.57
C VAL E 763 18.91 31.74 -19.69
N SER E 764 17.88 32.38 -19.15
CA SER E 764 17.71 33.83 -19.25
C SER E 764 17.32 34.39 -17.88
N LEU E 765 17.37 35.72 -17.78
CA LEU E 765 16.95 36.43 -16.58
C LEU E 765 16.01 37.55 -16.98
N SER E 766 15.14 37.93 -16.04
CA SER E 766 14.20 39.02 -16.26
C SER E 766 13.75 39.54 -14.90
N SER E 767 13.58 40.87 -14.80
CA SER E 767 13.12 41.47 -13.56
C SER E 767 11.75 42.12 -13.70
N PHE E 768 11.60 43.10 -14.59
CA PHE E 768 10.38 43.91 -14.72
C PHE E 768 9.81 44.28 -13.35
N ASN E 769 10.66 44.87 -12.52
CA ASN E 769 10.29 45.24 -11.17
C ASN E 769 10.90 46.58 -10.82
N ALA E 770 10.34 47.23 -9.80
CA ALA E 770 10.91 48.45 -9.28
C ALA E 770 12.05 48.22 -8.31
N SER E 771 12.33 46.96 -7.97
CA SER E 771 13.38 46.62 -7.02
C SER E 771 14.69 46.35 -7.73
N PRO E 772 15.82 46.74 -7.13
CA PRO E 772 17.12 46.49 -7.78
C PRO E 772 17.47 45.01 -7.75
N VAL E 773 18.23 44.59 -8.76
CA VAL E 773 18.73 43.23 -8.83
C VAL E 773 20.25 43.27 -8.96
N SER E 774 20.88 42.20 -8.52
CA SER E 774 22.34 42.12 -8.52
C SER E 774 22.76 40.66 -8.58
N ILE E 775 23.15 40.20 -9.77
CA ILE E 775 23.59 38.83 -10.00
C ILE E 775 25.10 38.81 -10.14
N ILE E 776 25.76 37.97 -9.35
CA ILE E 776 27.21 37.92 -9.32
C ILE E 776 27.73 36.91 -10.33
N GLY E 777 27.39 35.64 -10.12
CA GLY E 777 27.89 34.58 -10.97
C GLY E 777 26.90 33.47 -11.21
N CYS E 778 27.36 32.34 -11.73
CA CYS E 778 26.49 31.21 -12.01
C CYS E 778 27.34 29.94 -12.03
N GLY E 779 26.70 28.84 -12.42
CA GLY E 779 27.39 27.57 -12.53
C GLY E 779 26.44 26.52 -13.05
N TRP E 780 27.00 25.33 -13.31
CA TRP E 780 26.22 24.23 -13.84
C TRP E 780 26.92 22.92 -13.52
N GLU E 781 26.20 21.82 -13.67
CA GLU E 781 26.78 20.49 -13.50
C GLU E 781 25.97 19.49 -14.29
N GLY E 782 26.65 18.48 -14.82
CA GLY E 782 25.98 17.49 -15.64
C GLY E 782 26.88 16.31 -15.94
N ASN E 783 26.37 15.41 -16.77
CA ASN E 783 27.06 14.18 -17.14
C ASN E 783 27.67 14.35 -18.52
N TYR E 784 29.00 14.23 -18.62
CA TYR E 784 29.65 14.45 -19.91
C TYR E 784 29.62 13.19 -20.78
N SER E 785 30.27 12.11 -20.33
CA SER E 785 30.32 10.85 -21.07
C SER E 785 30.92 11.04 -22.47
N ARG E 786 32.20 11.40 -22.47
CA ARG E 786 32.96 11.46 -23.72
C ARG E 786 33.18 10.06 -24.28
N ARG E 787 33.19 9.97 -25.60
CA ARG E 787 33.32 8.67 -26.28
C ARG E 787 34.78 8.32 -26.58
N ALA E 788 35.53 9.26 -27.15
CA ALA E 788 36.92 9.04 -27.53
C ALA E 788 37.80 10.08 -26.86
N ASN E 789 38.88 9.64 -26.22
CA ASN E 789 39.76 10.56 -25.54
C ASN E 789 40.58 11.36 -26.54
N GLY E 790 40.76 12.64 -26.26
CA GLY E 790 41.48 13.52 -27.16
C GLY E 790 42.98 13.52 -26.94
N ILE E 791 43.71 13.12 -27.97
CA ILE E 791 45.17 13.09 -27.89
C ILE E 791 45.70 14.52 -27.92
N ASP F 2 -30.10 31.90 -5.27
CA ASP F 2 -29.73 32.54 -6.52
C ASP F 2 -29.45 31.49 -7.60
N GLN F 3 -29.56 31.90 -8.86
CA GLN F 3 -29.32 31.02 -9.99
C GLN F 3 -27.93 31.17 -10.58
N ASP F 4 -27.07 31.96 -9.95
CA ASP F 4 -25.69 32.13 -10.40
C ASP F 4 -24.77 31.04 -9.87
N ILE F 5 -25.31 29.98 -9.28
CA ILE F 5 -24.49 28.91 -8.73
C ILE F 5 -23.65 28.29 -9.83
N LYS F 6 -22.34 28.23 -9.59
CA LYS F 6 -21.37 27.80 -10.60
C LYS F 6 -20.72 26.47 -10.26
N THR F 7 -20.73 26.06 -8.99
CA THR F 7 -20.01 24.86 -8.59
C THR F 7 -20.76 23.58 -8.95
N VAL F 8 -22.08 23.65 -9.10
CA VAL F 8 -22.90 22.47 -9.35
C VAL F 8 -23.62 22.66 -10.68
N ILE F 9 -23.56 21.64 -11.54
CA ILE F 9 -24.26 21.64 -12.81
C ILE F 9 -24.65 20.20 -13.14
N GLN F 10 -25.77 20.06 -13.85
CA GLN F 10 -26.27 18.75 -14.25
C GLN F 10 -26.63 18.76 -15.73
N TYR F 11 -26.10 17.79 -16.47
CA TYR F 11 -26.40 17.64 -17.88
C TYR F 11 -27.24 16.39 -18.12
N PRO F 12 -28.13 16.41 -19.09
CA PRO F 12 -28.83 15.18 -19.48
C PRO F 12 -27.88 14.21 -20.16
N VAL F 13 -28.17 12.91 -20.00
CA VAL F 13 -27.35 11.88 -20.60
C VAL F 13 -27.59 11.85 -22.10
N GLY F 14 -26.74 11.15 -22.84
CA GLY F 14 -26.80 11.11 -24.29
C GLY F 14 -25.59 11.69 -24.97
N THR F 15 -24.63 12.28 -24.25
CA THR F 15 -23.41 12.81 -24.82
C THR F 15 -22.22 12.19 -24.09
N THR F 16 -21.17 11.88 -24.85
CA THR F 16 -19.97 11.31 -24.24
C THR F 16 -19.13 12.36 -23.52
N GLU F 17 -19.19 13.61 -23.94
CA GLU F 17 -18.33 14.66 -23.42
C GLU F 17 -19.15 15.75 -22.76
N PHE F 18 -18.60 16.31 -21.69
CA PHE F 18 -19.25 17.38 -20.94
C PHE F 18 -18.22 18.42 -20.56
N ASP F 19 -18.70 19.63 -20.27
CA ASP F 19 -17.85 20.75 -19.91
C ASP F 19 -17.96 21.03 -18.42
N ILE F 20 -16.81 21.25 -17.78
CA ILE F 20 -16.77 21.69 -16.39
C ILE F 20 -16.94 23.21 -16.40
N PRO F 21 -17.99 23.75 -15.78
CA PRO F 21 -18.26 25.19 -15.85
C PRO F 21 -17.53 26.02 -14.81
N PHE F 22 -16.85 25.39 -13.84
CA PHE F 22 -16.17 26.09 -12.77
C PHE F 22 -14.68 25.82 -12.85
N ASP F 23 -13.89 26.70 -12.26
CA ASP F 23 -12.47 26.46 -12.12
C ASP F 23 -12.17 25.69 -10.84
N TYR F 24 -11.09 24.92 -10.86
CA TYR F 24 -10.72 24.06 -9.76
C TYR F 24 -9.21 24.08 -9.57
N LEU F 25 -8.78 23.74 -8.35
CA LEU F 25 -7.35 23.72 -8.05
C LEU F 25 -6.72 22.36 -8.27
N SER F 26 -7.47 21.28 -8.02
CA SER F 26 -6.97 19.93 -8.21
C SER F 26 -8.03 19.09 -8.92
N ARG F 27 -7.58 18.07 -9.65
CA ARG F 27 -8.51 17.20 -10.35
C ARG F 27 -9.32 16.36 -9.37
N LYS F 28 -8.78 16.10 -8.18
CA LYS F 28 -9.51 15.30 -7.20
C LYS F 28 -10.50 16.12 -6.41
N PHE F 29 -10.57 17.43 -6.61
CA PHE F 29 -11.64 18.24 -6.07
C PHE F 29 -12.89 18.23 -6.93
N VAL F 30 -12.82 17.63 -8.12
CA VAL F 30 -13.94 17.55 -9.04
C VAL F 30 -14.63 16.22 -8.87
N ARG F 31 -15.96 16.24 -8.78
CA ARG F 31 -16.77 15.04 -8.61
C ARG F 31 -17.69 14.89 -9.79
N VAL F 32 -17.63 13.73 -10.45
CA VAL F 32 -18.51 13.41 -11.58
C VAL F 32 -19.36 12.21 -11.18
N SER F 33 -20.67 12.36 -11.29
CA SER F 33 -21.61 11.33 -10.86
C SER F 33 -22.65 11.09 -11.93
N LEU F 34 -23.16 9.86 -11.96
CA LEU F 34 -24.33 9.51 -12.77
C LEU F 34 -25.54 9.52 -11.85
N VAL F 35 -26.52 10.37 -12.17
CA VAL F 35 -27.64 10.64 -11.27
C VAL F 35 -28.92 10.18 -11.94
N SER F 36 -29.72 9.41 -11.20
CA SER F 36 -31.07 9.04 -11.59
C SER F 36 -32.00 9.36 -10.42
N ASP F 37 -33.30 9.20 -10.66
CA ASP F 37 -34.28 9.53 -9.61
C ASP F 37 -34.12 8.61 -8.41
N ASP F 38 -33.85 7.33 -8.64
CA ASP F 38 -33.73 6.36 -7.56
C ASP F 38 -32.30 5.96 -7.24
N ASN F 39 -31.41 5.93 -8.22
CA ASN F 39 -30.05 5.49 -8.03
C ASN F 39 -29.07 6.61 -8.35
N ARG F 40 -27.94 6.61 -7.64
CA ARG F 40 -26.91 7.62 -7.82
C ARG F 40 -25.57 7.00 -7.44
N ARG F 41 -24.59 7.11 -8.34
CA ARG F 41 -23.27 6.55 -8.10
C ARG F 41 -22.21 7.52 -8.59
N LEU F 42 -21.12 7.60 -7.82
CA LEU F 42 -20.02 8.52 -8.10
C LEU F 42 -19.04 7.86 -9.06
N LEU F 43 -18.87 8.43 -10.24
CA LEU F 43 -17.90 7.90 -11.18
C LEU F 43 -16.49 8.18 -10.69
N SER F 44 -15.68 7.14 -10.59
CA SER F 44 -14.30 7.30 -10.19
C SER F 44 -13.49 7.92 -11.32
N ASN F 45 -12.33 8.44 -10.95
CA ASN F 45 -11.33 8.84 -11.94
C ASN F 45 -10.63 7.58 -12.43
N ILE F 46 -9.50 7.75 -13.11
CA ILE F 46 -8.69 6.63 -13.57
C ILE F 46 -9.47 5.81 -14.59
N THR F 47 -10.47 5.05 -14.12
CA THR F 47 -11.17 4.13 -14.99
C THR F 47 -12.37 4.79 -15.68
N GLU F 48 -13.29 5.36 -14.91
CA GLU F 48 -14.63 5.65 -15.42
C GLU F 48 -14.60 6.74 -16.49
N TYR F 49 -13.81 7.79 -16.30
CA TYR F 49 -13.79 8.90 -17.24
C TYR F 49 -12.38 9.45 -17.34
N ARG F 50 -12.18 10.32 -18.33
CA ARG F 50 -10.89 10.98 -18.54
C ARG F 50 -11.11 12.44 -18.89
N TYR F 51 -10.06 13.23 -18.72
CA TYR F 51 -10.12 14.67 -18.99
C TYR F 51 -9.70 14.92 -20.44
N VAL F 52 -10.65 15.34 -21.27
CA VAL F 52 -10.31 15.73 -22.63
C VAL F 52 -9.42 16.97 -22.61
N SER F 53 -9.77 17.93 -21.77
CA SER F 53 -8.99 19.17 -21.62
C SER F 53 -9.14 19.65 -20.19
N LYS F 54 -8.63 20.85 -19.92
CA LYS F 54 -8.71 21.40 -18.58
C LYS F 54 -10.16 21.64 -18.15
N THR F 55 -11.05 21.93 -19.09
CA THR F 55 -12.43 22.26 -18.78
C THR F 55 -13.45 21.31 -19.38
N ARG F 56 -13.02 20.10 -19.78
CA ARG F 56 -13.94 19.18 -20.43
C ARG F 56 -13.55 17.75 -20.08
N VAL F 57 -14.55 16.91 -19.79
CA VAL F 57 -14.34 15.51 -19.47
C VAL F 57 -15.08 14.65 -20.48
N LYS F 58 -14.70 13.38 -20.54
CA LYS F 58 -15.34 12.40 -21.41
C LYS F 58 -15.63 11.15 -20.61
N LEU F 59 -16.86 10.65 -20.71
CA LEU F 59 -17.27 9.45 -20.00
C LEU F 59 -16.88 8.22 -20.81
N LEU F 60 -16.18 7.29 -20.17
CA LEU F 60 -15.81 6.03 -20.79
C LEU F 60 -16.77 4.90 -20.45
N VAL F 61 -17.85 5.18 -19.73
CA VAL F 61 -18.80 4.17 -19.32
C VAL F 61 -20.15 4.47 -19.97
N ALA F 62 -21.04 3.49 -19.90
CA ALA F 62 -22.39 3.66 -20.42
C ALA F 62 -23.30 4.29 -19.37
N THR F 63 -24.21 5.14 -19.84
CA THR F 63 -25.11 5.88 -18.97
C THR F 63 -26.48 5.23 -18.85
N THR F 64 -26.64 4.01 -19.33
CA THR F 64 -27.93 3.34 -19.28
C THR F 64 -28.38 3.16 -17.82
N GLY F 65 -29.64 3.49 -17.55
CA GLY F 65 -30.17 3.46 -16.21
C GLY F 65 -30.01 4.76 -15.45
N PHE F 66 -29.36 5.77 -16.03
CA PHE F 66 -29.16 7.06 -15.39
C PHE F 66 -29.70 8.16 -16.30
N ASP F 67 -30.28 9.19 -15.69
CA ASP F 67 -30.91 10.25 -16.45
C ASP F 67 -30.01 11.46 -16.66
N ARG F 68 -29.19 11.81 -15.67
CA ARG F 68 -28.40 13.02 -15.72
C ARG F 68 -26.95 12.73 -15.33
N VAL F 69 -26.07 13.60 -15.79
CA VAL F 69 -24.66 13.57 -15.43
C VAL F 69 -24.37 14.85 -14.65
N GLU F 70 -23.82 14.71 -13.45
CA GLU F 70 -23.57 15.82 -12.55
C GLU F 70 -22.08 16.01 -12.36
N ILE F 71 -21.64 17.26 -12.41
CA ILE F 71 -20.26 17.64 -12.11
C ILE F 71 -20.29 18.69 -11.01
N ARG F 72 -19.62 18.40 -9.90
CA ARG F 72 -19.67 19.25 -8.72
C ARG F 72 -18.28 19.39 -8.13
N ARG F 73 -17.95 20.60 -7.68
CA ARG F 73 -16.66 20.88 -7.06
C ARG F 73 -16.77 20.67 -5.55
N PHE F 74 -15.87 19.86 -5.01
CA PHE F 74 -15.82 19.59 -3.57
C PHE F 74 -14.37 19.69 -3.13
N THR F 75 -13.94 20.90 -2.77
CA THR F 75 -12.58 21.13 -2.34
C THR F 75 -12.39 20.66 -0.91
N SER F 76 -11.23 20.05 -0.64
CA SER F 76 -10.89 19.52 0.67
C SER F 76 -9.85 20.40 1.33
N ALA F 77 -10.07 20.75 2.60
CA ALA F 77 -9.13 21.55 3.35
C ALA F 77 -8.03 20.72 4.00
N SER F 78 -8.21 19.40 4.13
CA SER F 78 -7.15 18.56 4.65
C SER F 78 -5.95 18.53 3.71
N GLU F 79 -6.20 18.48 2.41
CA GLU F 79 -5.15 18.43 1.40
C GLU F 79 -4.84 19.83 0.95
N ARG F 80 -3.76 20.41 1.48
CA ARG F 80 -3.37 21.76 1.12
C ARG F 80 -2.66 21.77 -0.22
N ILE F 81 -3.12 22.62 -1.14
CA ILE F 81 -2.46 22.76 -2.43
C ILE F 81 -1.08 23.38 -2.26
N VAL F 82 -0.98 24.41 -1.41
CA VAL F 82 0.26 25.13 -1.18
C VAL F 82 0.71 24.88 0.25
N ASP F 83 1.92 24.36 0.41
CA ASP F 83 2.53 24.13 1.70
C ASP F 83 3.80 24.97 1.79
N PHE F 84 3.90 25.77 2.84
CA PHE F 84 5.04 26.67 3.03
C PHE F 84 6.07 26.01 3.93
N SER F 85 7.34 26.19 3.57
CA SER F 85 8.45 25.61 4.31
C SER F 85 9.52 26.66 4.54
N ASP F 86 10.13 26.63 5.73
CA ASP F 86 11.23 27.53 6.02
C ASP F 86 12.40 27.26 5.08
N GLY F 87 13.06 28.33 4.65
CA GLY F 87 14.16 28.22 3.71
C GLY F 87 13.75 28.07 2.26
N SER F 88 12.46 28.08 1.97
CA SER F 88 11.97 27.99 0.60
C SER F 88 11.58 29.38 0.10
N VAL F 89 11.76 29.59 -1.19
CA VAL F 89 11.51 30.90 -1.78
C VAL F 89 10.05 31.27 -1.64
N LEU F 90 9.78 32.47 -1.15
CA LEU F 90 8.42 32.98 -1.02
C LEU F 90 7.98 33.57 -2.35
N ARG F 91 6.85 33.07 -2.86
CA ARG F 91 6.31 33.52 -4.14
C ARG F 91 4.91 34.06 -3.92
N ALA F 92 4.60 35.15 -4.63
CA ALA F 92 3.27 35.73 -4.52
C ALA F 92 2.20 34.81 -5.08
N ASN F 93 2.57 33.94 -6.02
CA ASN F 93 1.61 32.98 -6.56
C ASN F 93 1.13 32.03 -5.47
N ASP F 94 2.04 31.60 -4.60
CA ASP F 94 1.65 30.71 -3.50
C ASP F 94 0.66 31.39 -2.57
N LEU F 95 0.90 32.66 -2.26
CA LEU F 95 -0.01 33.40 -1.39
C LEU F 95 -1.39 33.57 -2.04
N ASN F 96 -1.42 33.79 -3.36
CA ASN F 96 -2.68 33.91 -4.06
C ASN F 96 -3.45 32.59 -4.04
N VAL F 97 -2.78 31.49 -4.34
CA VAL F 97 -3.44 30.19 -4.36
C VAL F 97 -3.87 29.78 -2.95
N SER F 98 -3.08 30.14 -1.94
CA SER F 98 -3.43 29.81 -0.56
C SER F 98 -4.76 30.42 -0.17
N GLN F 99 -4.97 31.69 -0.53
CA GLN F 99 -6.26 32.33 -0.27
C GLN F 99 -7.36 31.72 -1.13
N LEU F 100 -7.03 31.30 -2.35
CA LEU F 100 -8.04 30.80 -3.27
C LEU F 100 -8.70 29.53 -2.77
N GLN F 101 -7.92 28.63 -2.15
CA GLN F 101 -8.47 27.36 -1.69
C GLN F 101 -9.54 27.57 -0.63
N SER F 102 -9.29 28.46 0.32
CA SER F 102 -10.28 28.75 1.35
C SER F 102 -11.53 29.38 0.74
N ALA F 103 -11.35 30.24 -0.25
CA ALA F 103 -12.50 30.83 -0.93
C ALA F 103 -13.29 29.78 -1.68
N HIS F 104 -12.61 28.81 -2.31
CA HIS F 104 -13.31 27.77 -3.05
C HIS F 104 -14.20 26.93 -2.14
N ILE F 105 -13.69 26.57 -0.97
CA ILE F 105 -14.50 25.80 -0.02
C ILE F 105 -15.67 26.64 0.47
N ALA F 106 -15.42 27.91 0.80
CA ALA F 106 -16.49 28.77 1.29
C ALA F 106 -17.54 29.00 0.22
N GLU F 107 -17.13 29.19 -1.03
CA GLU F 107 -18.09 29.35 -2.12
C GLU F 107 -18.94 28.10 -2.28
N GLU F 108 -18.33 26.93 -2.11
CA GLU F 108 -19.09 25.68 -2.14
C GLU F 108 -20.12 25.64 -1.01
N ALA F 109 -19.76 26.17 0.15
CA ALA F 109 -20.70 26.25 1.26
C ALA F 109 -21.88 27.15 0.90
N ARG F 110 -21.60 28.30 0.30
CA ARG F 110 -22.67 29.24 -0.05
C ARG F 110 -23.58 28.65 -1.11
N ASP F 111 -23.01 27.96 -2.10
CA ASP F 111 -23.82 27.35 -3.14
C ASP F 111 -24.71 26.25 -2.58
N ALA F 112 -24.20 25.48 -1.63
CA ALA F 112 -25.01 24.43 -1.01
C ALA F 112 -26.19 25.02 -0.26
N ALA F 113 -25.97 26.11 0.48
CA ALA F 113 -27.05 26.73 1.22
C ALA F 113 -28.11 27.30 0.29
N LEU F 114 -27.68 27.94 -0.81
CA LEU F 114 -28.62 28.50 -1.76
C LEU F 114 -29.41 27.43 -2.49
N LEU F 115 -28.83 26.23 -2.64
CA LEU F 115 -29.52 25.14 -3.31
C LEU F 115 -30.66 24.58 -2.47
N ALA F 116 -30.67 24.86 -1.16
CA ALA F 116 -31.77 24.42 -0.31
C ALA F 116 -33.03 25.20 -0.63
N MET F 117 -34.10 24.89 0.07
CA MET F 117 -35.35 25.61 -0.14
C MET F 117 -35.25 27.01 0.45
N PRO F 118 -35.42 28.06 -0.34
CA PRO F 118 -35.31 29.42 0.21
C PRO F 118 -36.67 30.00 0.58
N GLU F 119 -36.69 30.95 1.50
CA GLU F 119 -37.91 31.69 1.77
C GLU F 119 -38.09 32.79 0.72
N ASP F 120 -39.33 32.98 0.31
CA ASP F 120 -39.61 34.00 -0.69
C ASP F 120 -39.59 35.38 -0.04
N ASP F 121 -39.94 36.40 -0.83
CA ASP F 121 -39.89 37.78 -0.34
C ASP F 121 -40.94 38.05 0.72
N ALA F 122 -41.93 37.16 0.86
CA ALA F 122 -42.97 37.33 1.88
C ALA F 122 -42.47 37.04 3.29
N GLY F 123 -41.29 36.47 3.43
CA GLY F 123 -40.74 36.18 4.74
C GLY F 123 -41.05 34.79 5.28
N ASN F 124 -41.54 33.88 4.44
CA ASN F 124 -41.86 32.53 4.86
C ASN F 124 -41.33 31.54 3.83
N LEU F 125 -41.08 30.32 4.28
CA LEU F 125 -40.45 29.31 3.43
C LEU F 125 -41.33 28.97 2.23
N ASP F 126 -40.69 28.74 1.10
CA ASP F 126 -41.38 28.43 -0.15
C ASP F 126 -40.94 27.04 -0.61
N ALA F 127 -41.90 26.11 -0.64
CA ALA F 127 -41.59 24.75 -1.08
C ALA F 127 -41.61 24.59 -2.58
N ARG F 128 -42.13 25.57 -3.31
CA ARG F 128 -42.13 25.57 -4.78
C ARG F 128 -42.81 24.31 -5.34
N ASN F 129 -43.98 23.99 -4.79
CA ASN F 129 -44.80 22.88 -5.26
C ASN F 129 -44.06 21.55 -5.22
N ARG F 130 -43.14 21.40 -4.28
CA ARG F 130 -42.45 20.13 -4.05
C ARG F 130 -43.00 19.47 -2.80
N LYS F 131 -42.84 18.16 -2.71
CA LYS F 131 -43.36 17.41 -1.56
C LYS F 131 -42.25 16.97 -0.64
N ILE F 132 -42.44 17.24 0.65
CA ILE F 132 -41.45 16.90 1.67
C ILE F 132 -41.59 15.42 2.02
N VAL F 133 -40.48 14.70 1.95
CA VAL F 133 -40.50 13.25 2.11
C VAL F 133 -39.76 12.88 3.40
N ARG F 134 -39.80 11.59 3.74
CA ARG F 134 -39.28 11.08 4.99
C ARG F 134 -39.94 11.79 6.17
N LEU F 135 -39.26 12.75 6.79
CA LEU F 135 -39.88 13.64 7.76
C LEU F 135 -40.48 12.84 8.93
N ALA F 136 -39.57 12.27 9.73
CA ALA F 136 -39.93 11.55 10.94
C ALA F 136 -41.02 12.29 11.71
N PRO F 137 -41.98 11.57 12.30
CA PRO F 137 -43.17 12.23 12.84
C PRO F 137 -42.83 13.24 13.94
N GLY F 138 -43.64 14.30 13.99
CA GLY F 138 -43.40 15.38 14.92
C GLY F 138 -44.01 15.10 16.28
N GLU F 139 -43.23 15.30 17.33
CA GLU F 139 -43.68 15.03 18.69
C GLU F 139 -44.12 16.29 19.41
N ALA F 140 -43.44 17.42 19.19
CA ALA F 140 -43.87 18.66 19.81
C ALA F 140 -45.15 19.17 19.16
N GLY F 141 -45.79 20.12 19.82
CA GLY F 141 -47.08 20.60 19.35
C GLY F 141 -47.00 21.27 17.98
N THR F 142 -46.01 22.12 17.78
CA THR F 142 -45.92 22.91 16.56
C THR F 142 -45.18 22.19 15.43
N ASP F 143 -44.74 20.96 15.65
CA ASP F 143 -43.98 20.26 14.62
C ASP F 143 -44.86 19.92 13.42
N ALA F 144 -44.22 19.80 12.26
CA ALA F 144 -44.91 19.35 11.06
C ALA F 144 -45.25 17.87 11.19
N ILE F 145 -46.26 17.44 10.42
CA ILE F 145 -46.80 16.10 10.54
C ILE F 145 -46.84 15.44 9.17
N ASN F 146 -46.79 14.11 9.17
CA ASN F 146 -47.02 13.29 8.00
C ASN F 146 -48.41 12.65 8.09
N LYS F 147 -48.81 11.94 7.04
CA LYS F 147 -50.14 11.33 7.09
C LYS F 147 -50.22 10.17 8.06
N ASN F 148 -49.09 9.55 8.42
CA ASN F 148 -49.13 8.55 9.47
C ASN F 148 -49.63 9.14 10.77
N GLN F 149 -49.22 10.37 11.09
CA GLN F 149 -49.84 11.09 12.19
C GLN F 149 -51.28 11.44 11.87
N LEU F 150 -51.56 11.79 10.61
CA LEU F 150 -52.92 12.13 10.20
C LEU F 150 -53.83 10.90 10.19
N ASP F 151 -53.34 9.79 9.64
CA ASP F 151 -54.17 8.59 9.55
C ASP F 151 -54.54 8.06 10.93
N THR F 152 -53.58 8.06 11.86
CA THR F 152 -53.91 7.69 13.24
C THR F 152 -54.90 8.68 13.85
N THR F 153 -54.75 9.96 13.51
CA THR F 153 -55.74 10.95 13.95
C THR F 153 -57.11 10.66 13.37
N LEU F 154 -57.17 10.28 12.10
CA LEU F 154 -58.43 9.91 11.47
C LEU F 154 -59.01 8.64 12.09
N MET G 1 -20.10 11.32 10.01
CA MET G 1 -19.19 11.54 8.91
C MET G 1 -19.95 11.52 7.59
N ASP G 2 -19.54 10.58 6.73
CA ASP G 2 -19.91 10.33 5.33
C ASP G 2 -19.09 11.23 4.40
N GLN G 3 -19.34 11.13 3.10
CA GLN G 3 -18.53 11.86 2.13
C GLN G 3 -18.74 13.36 2.22
N ASP G 4 -19.96 13.80 2.52
CA ASP G 4 -20.29 15.21 2.48
C ASP G 4 -20.00 15.94 3.79
N ILE G 5 -20.11 15.25 4.93
CA ILE G 5 -19.90 15.85 6.23
C ILE G 5 -18.61 15.31 6.82
N LYS G 6 -17.74 16.20 7.29
CA LYS G 6 -16.47 15.80 7.89
C LYS G 6 -16.31 16.22 9.33
N THR G 7 -16.79 17.41 9.69
CA THR G 7 -16.55 17.94 11.03
C THR G 7 -17.42 17.31 12.10
N VAL G 8 -18.41 16.51 11.72
CA VAL G 8 -19.37 15.95 12.66
C VAL G 8 -19.24 14.43 12.66
N ILE G 9 -19.22 13.85 13.86
CA ILE G 9 -19.27 12.41 14.02
C ILE G 9 -20.00 12.09 15.32
N GLN G 10 -20.72 10.98 15.33
CA GLN G 10 -21.42 10.51 16.51
C GLN G 10 -21.10 9.04 16.72
N TYR G 11 -20.69 8.69 17.93
CA TYR G 11 -20.39 7.31 18.27
C TYR G 11 -21.43 6.77 19.23
N PRO G 12 -21.87 5.53 19.04
CA PRO G 12 -22.72 4.89 20.05
C PRO G 12 -21.95 4.67 21.34
N VAL G 13 -22.67 4.72 22.45
CA VAL G 13 -22.07 4.53 23.77
C VAL G 13 -21.70 3.06 23.94
N GLY G 14 -20.87 2.77 24.93
CA GLY G 14 -20.43 1.40 25.17
C GLY G 14 -18.94 1.31 25.43
N THR G 15 -18.22 2.40 25.19
CA THR G 15 -16.80 2.46 25.44
C THR G 15 -16.47 3.81 26.05
N THR G 16 -15.27 3.90 26.64
CA THR G 16 -14.85 5.12 27.31
C THR G 16 -13.98 6.02 26.43
N GLU G 17 -13.15 5.43 25.58
CA GLU G 17 -12.23 6.18 24.74
C GLU G 17 -12.80 6.34 23.34
N PHE G 18 -12.65 7.53 22.78
CA PHE G 18 -13.18 7.85 21.46
C PHE G 18 -12.12 8.57 20.64
N ASP G 19 -12.25 8.48 19.32
CA ASP G 19 -11.28 9.03 18.40
C ASP G 19 -11.81 10.31 17.76
N ILE G 20 -10.92 11.29 17.59
CA ILE G 20 -11.26 12.53 16.90
C ILE G 20 -10.97 12.33 15.42
N PRO G 21 -11.98 12.32 14.55
CA PRO G 21 -11.77 11.94 13.15
C PRO G 21 -11.40 13.08 12.21
N PHE G 22 -11.07 14.26 12.72
CA PHE G 22 -10.75 15.40 11.88
C PHE G 22 -9.54 16.12 12.46
N ASP G 23 -8.88 16.89 11.60
CA ASP G 23 -7.77 17.73 12.03
C ASP G 23 -8.30 19.05 12.59
N TYR G 24 -7.62 19.56 13.62
CA TYR G 24 -8.05 20.77 14.30
C TYR G 24 -6.83 21.61 14.65
N LEU G 25 -7.07 22.91 14.85
CA LEU G 25 -5.99 23.84 15.16
C LEU G 25 -5.88 24.17 16.65
N SER G 26 -6.91 23.90 17.43
CA SER G 26 -6.84 24.07 18.87
C SER G 26 -7.80 23.09 19.52
N ARG G 27 -7.51 22.74 20.78
CA ARG G 27 -8.36 21.81 21.50
C ARG G 27 -9.68 22.45 21.92
N LYS G 28 -9.73 23.78 21.99
CA LYS G 28 -10.99 24.45 22.27
C LYS G 28 -11.99 24.32 21.13
N PHE G 29 -11.51 24.03 19.93
CA PHE G 29 -12.40 23.88 18.78
C PHE G 29 -13.04 22.51 18.71
N VAL G 30 -12.61 21.56 19.54
CA VAL G 30 -13.20 20.23 19.58
C VAL G 30 -14.20 20.19 20.74
N ARG G 31 -15.46 19.96 20.41
CA ARG G 31 -16.53 19.92 21.39
C ARG G 31 -17.09 18.50 21.49
N VAL G 32 -17.16 17.98 22.72
CA VAL G 32 -17.64 16.64 22.98
C VAL G 32 -18.95 16.74 23.74
N SER G 33 -19.98 16.08 23.22
CA SER G 33 -21.31 16.15 23.81
C SER G 33 -21.89 14.75 23.93
N LEU G 34 -22.75 14.56 24.93
CA LEU G 34 -23.51 13.34 25.10
C LEU G 34 -24.91 13.58 24.54
N VAL G 35 -25.30 12.79 23.55
CA VAL G 35 -26.50 13.04 22.76
C VAL G 35 -27.48 11.91 22.96
N SER G 36 -28.73 12.25 23.23
CA SER G 36 -29.85 11.33 23.22
C SER G 36 -31.00 11.98 22.45
N ASP G 37 -32.06 11.20 22.22
CA ASP G 37 -33.21 11.74 21.53
C ASP G 37 -33.88 12.85 22.34
N ASP G 38 -34.04 12.63 23.64
CA ASP G 38 -34.75 13.59 24.48
C ASP G 38 -33.92 14.85 24.71
N ASN G 39 -32.64 14.69 25.06
CA ASN G 39 -31.81 15.81 25.45
C ASN G 39 -30.38 15.60 24.96
N ARG G 40 -29.55 16.60 25.20
CA ARG G 40 -28.17 16.62 24.71
C ARG G 40 -27.38 17.62 25.53
N ARG G 41 -26.28 17.17 26.11
CA ARG G 41 -25.51 18.01 27.03
C ARG G 41 -24.04 18.02 26.62
N LEU G 42 -23.40 19.17 26.83
CA LEU G 42 -22.01 19.39 26.45
C LEU G 42 -21.08 19.02 27.60
N LEU G 43 -19.89 18.55 27.24
CA LEU G 43 -18.88 18.12 28.21
C LEU G 43 -17.68 19.05 28.15
N SER G 44 -17.19 19.44 29.33
CA SER G 44 -16.03 20.31 29.42
C SER G 44 -14.75 19.50 29.55
N ASN G 45 -13.65 20.09 29.11
CA ASN G 45 -12.37 19.42 29.16
C ASN G 45 -11.92 19.23 30.61
N ILE G 46 -10.89 18.42 30.79
CA ILE G 46 -10.27 18.16 32.09
C ILE G 46 -11.25 17.52 33.04
N THR G 47 -12.27 18.27 33.47
CA THR G 47 -13.20 17.77 34.47
C THR G 47 -14.01 16.58 33.96
N GLU G 48 -14.61 16.72 32.78
CA GLU G 48 -15.45 15.65 32.25
C GLU G 48 -14.66 14.65 31.41
N TYR G 49 -13.70 15.13 30.62
CA TYR G 49 -12.90 14.23 29.80
C TYR G 49 -11.49 14.78 29.69
N ARG G 50 -10.55 13.88 29.40
CA ARG G 50 -9.15 14.24 29.26
C ARG G 50 -8.61 13.67 27.96
N TYR G 51 -7.59 14.34 27.42
CA TYR G 51 -7.03 13.98 26.12
C TYR G 51 -6.03 12.84 26.30
N VAL G 52 -6.42 11.66 25.83
CA VAL G 52 -5.52 10.51 25.80
C VAL G 52 -4.34 10.77 24.87
N SER G 53 -4.61 11.22 23.66
CA SER G 53 -3.57 11.52 22.69
C SER G 53 -4.07 12.66 21.82
N LYS G 54 -3.27 12.98 20.79
CA LYS G 54 -3.61 14.12 19.94
C LYS G 54 -4.90 13.91 19.17
N THR G 55 -5.37 12.67 19.04
CA THR G 55 -6.59 12.38 18.32
C THR G 55 -7.56 11.49 19.10
N ARG G 56 -7.30 11.23 20.38
CA ARG G 56 -8.15 10.34 21.16
C ARG G 56 -8.44 10.98 22.52
N VAL G 57 -9.69 10.86 22.97
CA VAL G 57 -10.11 11.41 24.25
C VAL G 57 -10.70 10.30 25.11
N LYS G 58 -10.63 10.48 26.41
CA LYS G 58 -11.25 9.58 27.39
C LYS G 58 -12.17 10.40 28.29
N LEU G 59 -13.41 9.96 28.41
CA LEU G 59 -14.40 10.68 29.19
C LEU G 59 -14.50 10.09 30.59
N LEU G 60 -14.48 10.97 31.59
CA LEU G 60 -14.48 10.55 32.99
C LEU G 60 -15.87 10.49 33.58
N VAL G 61 -16.82 11.24 33.02
CA VAL G 61 -18.17 11.24 33.54
C VAL G 61 -18.94 10.03 33.02
N ALA G 62 -19.92 9.58 33.81
CA ALA G 62 -20.73 8.44 33.42
C ALA G 62 -21.60 8.78 32.21
N THR G 63 -21.78 7.80 31.34
CA THR G 63 -22.49 7.98 30.08
C THR G 63 -23.94 7.47 30.14
N THR G 64 -24.46 7.25 31.34
CA THR G 64 -25.83 6.75 31.46
C THR G 64 -26.83 7.82 31.03
N GLY G 65 -27.98 7.37 30.55
CA GLY G 65 -29.04 8.26 30.12
C GLY G 65 -28.87 8.84 28.75
N PHE G 66 -27.84 8.44 28.00
CA PHE G 66 -27.58 8.98 26.68
C PHE G 66 -27.30 7.83 25.71
N ASP G 67 -27.61 8.08 24.44
CA ASP G 67 -27.48 7.07 23.40
C ASP G 67 -26.20 7.16 22.59
N ARG G 68 -25.66 8.36 22.41
CA ARG G 68 -24.55 8.58 21.49
C ARG G 68 -23.58 9.58 22.08
N VAL G 69 -22.36 9.58 21.53
CA VAL G 69 -21.33 10.54 21.88
C VAL G 69 -20.94 11.26 20.60
N GLU G 70 -21.09 12.58 20.58
CA GLU G 70 -20.83 13.37 19.40
C GLU G 70 -19.59 14.22 19.60
N ILE G 71 -18.69 14.21 18.61
CA ILE G 71 -17.53 15.07 18.58
C ILE G 71 -17.64 15.96 17.35
N ARG G 72 -17.59 17.27 17.56
CA ARG G 72 -17.80 18.25 16.50
C ARG G 72 -16.74 19.33 16.59
N ARG G 73 -16.41 19.93 15.45
CA ARG G 73 -15.38 20.96 15.38
C ARG G 73 -16.03 22.32 15.25
N PHE G 74 -15.59 23.27 16.08
CA PHE G 74 -16.12 24.63 16.11
C PHE G 74 -14.95 25.60 16.08
N THR G 75 -14.50 25.96 14.88
CA THR G 75 -13.40 26.90 14.73
C THR G 75 -13.88 28.32 14.97
N SER G 76 -13.14 29.07 15.78
CA SER G 76 -13.52 30.43 16.13
C SER G 76 -13.20 31.35 14.96
N ALA G 77 -14.23 31.94 14.36
CA ALA G 77 -14.02 32.86 13.25
C ALA G 77 -13.47 34.21 13.71
N SER G 78 -13.99 34.71 14.84
CA SER G 78 -13.57 36.02 15.32
C SER G 78 -12.12 36.01 15.79
N GLU G 79 -11.70 34.97 16.49
CA GLU G 79 -10.39 34.90 17.09
C GLU G 79 -9.43 34.18 16.15
N ARG G 80 -8.40 34.89 15.69
CA ARG G 80 -7.39 34.32 14.82
C ARG G 80 -6.24 33.79 15.65
N ILE G 81 -5.84 32.54 15.37
CA ILE G 81 -4.73 31.94 16.11
C ILE G 81 -3.42 32.63 15.76
N VAL G 82 -3.23 33.00 14.50
CA VAL G 82 -2.01 33.66 14.03
C VAL G 82 -2.36 35.10 13.69
N ASP G 83 -1.70 36.04 14.37
CA ASP G 83 -1.86 37.46 14.12
C ASP G 83 -0.55 38.00 13.56
N PHE G 84 -0.62 38.62 12.39
CA PHE G 84 0.55 39.14 11.71
C PHE G 84 0.79 40.59 12.10
N SER G 85 2.04 40.92 12.42
CA SER G 85 2.41 42.27 12.81
C SER G 85 3.67 42.68 12.04
N ASP G 86 3.77 43.97 11.76
CA ASP G 86 4.93 44.49 11.03
C ASP G 86 6.19 44.38 11.88
N GLY G 87 7.32 44.20 11.20
CA GLY G 87 8.59 44.10 11.86
C GLY G 87 8.94 42.73 12.39
N SER G 88 8.04 41.76 12.29
CA SER G 88 8.27 40.41 12.77
C SER G 88 8.63 39.51 11.60
N VAL G 89 9.48 38.52 11.88
CA VAL G 89 9.91 37.59 10.83
C VAL G 89 8.73 36.76 10.36
N LEU G 90 8.62 36.57 9.05
CA LEU G 90 7.56 35.75 8.48
C LEU G 90 7.99 34.29 8.49
N ARG G 91 7.18 33.43 9.08
CA ARG G 91 7.48 32.01 9.20
C ARG G 91 6.46 31.18 8.42
N ALA G 92 6.91 30.01 7.97
CA ALA G 92 6.04 29.12 7.21
C ALA G 92 4.94 28.52 8.07
N ASN G 93 5.23 28.25 9.35
CA ASN G 93 4.20 27.72 10.23
C ASN G 93 3.04 28.70 10.39
N ASP G 94 3.35 29.99 10.51
CA ASP G 94 2.30 30.99 10.61
C ASP G 94 1.48 31.04 9.33
N LEU G 95 2.13 30.95 8.18
CA LEU G 95 1.40 30.93 6.91
C LEU G 95 0.55 29.68 6.78
N ASN G 96 1.06 28.54 7.24
CA ASN G 96 0.30 27.30 7.17
C ASN G 96 -0.93 27.35 8.08
N VAL G 97 -0.75 27.80 9.32
CA VAL G 97 -1.86 27.82 10.28
C VAL G 97 -2.89 28.87 9.88
N SER G 98 -2.43 30.04 9.43
CA SER G 98 -3.37 31.08 9.03
C SER G 98 -4.21 30.64 7.83
N GLN G 99 -3.58 29.92 6.89
CA GLN G 99 -4.34 29.36 5.78
C GLN G 99 -5.34 28.32 6.26
N LEU G 100 -4.94 27.49 7.22
CA LEU G 100 -5.80 26.40 7.67
C LEU G 100 -7.01 26.90 8.44
N GLN G 101 -6.86 27.96 9.24
CA GLN G 101 -7.98 28.46 10.00
C GLN G 101 -9.11 28.93 9.09
N SER G 102 -8.77 29.65 8.03
CA SER G 102 -9.78 30.06 7.06
C SER G 102 -10.39 28.83 6.39
N ALA G 103 -9.58 27.82 6.10
CA ALA G 103 -10.08 26.61 5.47
C ALA G 103 -11.00 25.83 6.41
N HIS G 104 -10.63 25.73 7.69
CA HIS G 104 -11.45 24.98 8.64
C HIS G 104 -12.80 25.64 8.86
N ILE G 105 -12.82 26.98 8.92
CA ILE G 105 -14.10 27.69 9.04
C ILE G 105 -14.95 27.44 7.80
N ALA G 106 -14.32 27.36 6.63
CA ALA G 106 -15.06 27.14 5.40
C ALA G 106 -15.72 25.75 5.39
N GLU G 107 -15.01 24.73 5.88
CA GLU G 107 -15.63 23.41 5.97
C GLU G 107 -16.83 23.42 6.90
N GLU G 108 -16.72 24.07 8.05
CA GLU G 108 -17.81 24.08 9.01
C GLU G 108 -19.06 24.74 8.43
N ALA G 109 -18.88 25.79 7.64
CA ALA G 109 -20.01 26.39 6.94
C ALA G 109 -20.58 25.43 5.92
N ARG G 110 -19.72 24.68 5.24
CA ARG G 110 -20.20 23.72 4.24
C ARG G 110 -21.05 22.63 4.88
N ASP G 111 -20.61 22.10 6.02
CA ASP G 111 -21.39 21.08 6.71
C ASP G 111 -22.73 21.63 7.18
N ALA G 112 -22.73 22.85 7.73
CA ALA G 112 -23.98 23.46 8.17
C ALA G 112 -24.92 23.67 6.99
N ALA G 113 -24.38 24.12 5.86
CA ALA G 113 -25.21 24.32 4.67
C ALA G 113 -25.77 22.99 4.17
N LEU G 114 -24.96 21.93 4.18
CA LEU G 114 -25.44 20.63 3.70
C LEU G 114 -26.43 20.00 4.67
N LEU G 115 -26.37 20.37 5.95
CA LEU G 115 -27.30 19.81 6.92
C LEU G 115 -28.71 20.36 6.76
N ALA G 116 -28.86 21.52 6.12
CA ALA G 116 -30.18 22.04 5.81
C ALA G 116 -30.88 21.12 4.80
N MET G 117 -32.21 21.17 4.82
CA MET G 117 -32.99 20.21 4.02
C MET G 117 -32.73 20.42 2.54
N PRO G 118 -32.11 19.46 1.85
CA PRO G 118 -31.80 19.65 0.44
C PRO G 118 -32.83 19.05 -0.50
N GLU G 119 -32.82 19.47 -1.75
CA GLU G 119 -33.54 18.75 -2.79
C GLU G 119 -32.80 17.45 -3.11
N ASP G 120 -33.56 16.38 -3.30
CA ASP G 120 -32.97 15.08 -3.59
C ASP G 120 -32.91 14.87 -5.11
N ASP G 121 -32.44 13.69 -5.50
CA ASP G 121 -32.33 13.36 -6.92
C ASP G 121 -33.69 13.29 -7.58
N ALA G 122 -34.71 12.82 -6.86
CA ALA G 122 -36.04 12.69 -7.45
C ALA G 122 -36.64 14.03 -7.82
N GLY G 123 -36.20 15.11 -7.17
CA GLY G 123 -36.67 16.44 -7.47
C GLY G 123 -37.57 17.07 -6.43
N ASN G 124 -37.68 16.49 -5.25
CA ASN G 124 -38.53 17.03 -4.19
C ASN G 124 -37.72 17.16 -2.91
N LEU G 125 -38.22 17.99 -2.00
CA LEU G 125 -37.52 18.25 -0.75
C LEU G 125 -37.42 16.97 0.08
N ASP G 126 -36.26 16.78 0.72
CA ASP G 126 -35.95 15.56 1.45
C ASP G 126 -35.61 15.94 2.89
N ALA G 127 -36.48 15.56 3.83
CA ALA G 127 -36.26 15.85 5.24
C ALA G 127 -35.29 14.90 5.91
N ARG G 128 -34.99 13.75 5.29
CA ARG G 128 -34.01 12.79 5.80
C ARG G 128 -34.35 12.31 7.21
N ASN G 129 -35.62 11.95 7.41
CA ASN G 129 -36.08 11.37 8.67
C ASN G 129 -35.82 12.29 9.86
N ARG G 130 -36.05 13.58 9.67
CA ARG G 130 -35.89 14.57 10.74
C ARG G 130 -37.20 15.34 10.87
N LYS G 131 -37.70 15.45 12.11
CA LYS G 131 -38.94 16.18 12.33
C LYS G 131 -38.68 17.68 12.28
N ILE G 132 -39.65 18.41 11.72
CA ILE G 132 -39.54 19.85 11.54
C ILE G 132 -40.06 20.52 12.81
N VAL G 133 -39.15 21.07 13.61
CA VAL G 133 -39.51 21.72 14.87
C VAL G 133 -39.88 23.17 14.61
N ARG G 134 -40.46 23.82 15.61
CA ARG G 134 -40.94 25.20 15.51
C ARG G 134 -42.02 25.25 14.44
N LEU G 135 -41.84 26.00 13.34
CA LEU G 135 -42.83 26.10 12.26
C LEU G 135 -44.04 26.91 12.69
N ALA G 136 -44.60 27.69 11.77
CA ALA G 136 -45.74 28.54 12.06
C ALA G 136 -47.02 27.93 11.51
N PRO G 137 -48.17 28.26 12.10
CA PRO G 137 -49.44 27.74 11.58
C PRO G 137 -49.67 28.16 10.13
N GLY G 138 -50.21 27.24 9.35
CA GLY G 138 -50.48 27.47 7.94
C GLY G 138 -51.92 27.91 7.72
N GLU G 139 -52.07 28.98 6.95
CA GLU G 139 -53.38 29.58 6.71
C GLU G 139 -53.95 29.24 5.33
N ALA G 140 -53.16 29.41 4.28
CA ALA G 140 -53.65 29.15 2.93
C ALA G 140 -53.88 27.66 2.71
N GLY G 141 -54.64 27.35 1.65
CA GLY G 141 -55.01 25.97 1.41
C GLY G 141 -53.83 25.06 1.19
N THR G 142 -52.83 25.53 0.44
CA THR G 142 -51.61 24.76 0.19
C THR G 142 -50.52 25.25 1.14
N ASP G 143 -50.61 24.80 2.39
CA ASP G 143 -49.66 25.15 3.43
C ASP G 143 -49.35 23.94 4.28
N ALA G 144 -48.12 23.89 4.80
CA ALA G 144 -47.74 22.83 5.72
C ALA G 144 -48.39 23.09 7.07
N ILE G 145 -48.99 22.06 7.64
CA ILE G 145 -49.74 22.19 8.88
C ILE G 145 -48.96 21.59 10.02
N ASN G 146 -49.11 22.17 11.20
CA ASN G 146 -48.52 21.63 12.42
C ASN G 146 -49.53 20.76 13.16
N LYS G 147 -49.06 20.10 14.22
CA LYS G 147 -49.94 19.20 14.95
C LYS G 147 -50.96 19.95 15.79
N ASN G 148 -50.72 21.23 16.09
CA ASN G 148 -51.72 22.02 16.79
C ASN G 148 -53.02 22.09 16.01
N GLN G 149 -52.94 22.36 14.71
CA GLN G 149 -54.13 22.36 13.88
C GLN G 149 -54.73 20.96 13.78
N LEU G 150 -53.88 19.94 13.67
CA LEU G 150 -54.37 18.57 13.62
C LEU G 150 -55.13 18.23 14.89
N ASP G 151 -54.62 18.65 16.04
CA ASP G 151 -55.32 18.44 17.30
C ASP G 151 -56.54 19.35 17.41
N THR G 152 -56.43 20.58 16.89
CA THR G 152 -57.54 21.53 16.98
C THR G 152 -58.76 21.02 16.22
N THR G 153 -58.57 20.59 14.98
CA THR G 153 -59.69 20.10 14.19
C THR G 153 -60.19 18.76 14.68
N LEU G 154 -59.40 18.06 15.50
CA LEU G 154 -59.87 16.79 16.08
C LEU G 154 -60.98 17.03 17.11
N GLY G 155 -60.97 18.19 17.77
CA GLY G 155 -61.96 18.43 18.81
C GLY G 155 -63.39 18.42 18.29
N GLU G 156 -63.60 18.95 17.10
CA GLU G 156 -64.93 19.00 16.51
C GLU G 156 -65.31 17.64 15.93
N ILE H 5 -28.36 36.97 11.69
CA ILE H 5 -28.07 37.24 10.29
C ILE H 5 -27.52 38.65 10.14
N LYS H 6 -26.21 38.76 9.92
CA LYS H 6 -25.54 40.04 9.83
C LYS H 6 -25.43 40.55 8.40
N THR H 7 -25.23 39.64 7.44
CA THR H 7 -24.99 40.05 6.07
C THR H 7 -26.23 40.58 5.36
N VAL H 8 -27.42 40.32 5.89
CA VAL H 8 -28.67 40.74 5.26
C VAL H 8 -29.43 41.63 6.23
N ILE H 9 -29.87 42.79 5.74
CA ILE H 9 -30.71 43.70 6.50
C ILE H 9 -31.75 44.29 5.56
N GLN H 10 -32.91 44.64 6.12
CA GLN H 10 -34.01 45.19 5.35
C GLN H 10 -34.55 46.42 6.06
N TYR H 11 -34.81 47.48 5.28
CA TYR H 11 -35.30 48.73 5.81
C TYR H 11 -36.64 49.08 5.18
N PRO H 12 -37.57 49.63 5.96
CA PRO H 12 -38.82 50.12 5.36
C PRO H 12 -38.58 51.32 4.49
N VAL H 13 -39.40 51.46 3.45
CA VAL H 13 -39.27 52.55 2.50
C VAL H 13 -39.74 53.85 3.16
N GLY H 14 -39.45 54.98 2.53
CA GLY H 14 -39.79 56.28 3.05
C GLY H 14 -38.60 57.16 3.38
N THR H 15 -37.37 56.65 3.28
CA THR H 15 -36.17 57.44 3.53
C THR H 15 -35.20 57.22 2.38
N THR H 16 -34.44 58.26 2.05
CA THR H 16 -33.46 58.14 0.99
C THR H 16 -32.13 57.60 1.50
N GLU H 17 -31.82 57.79 2.78
CA GLU H 17 -30.52 57.47 3.33
C GLU H 17 -30.61 56.20 4.17
N PHE H 18 -29.77 55.21 3.87
CA PHE H 18 -29.76 53.94 4.57
C PHE H 18 -28.34 53.55 4.94
N ASP H 19 -28.19 52.94 6.11
CA ASP H 19 -26.88 52.52 6.60
C ASP H 19 -26.58 51.08 6.20
N ILE H 20 -25.28 50.78 6.12
CA ILE H 20 -24.78 49.44 5.85
C ILE H 20 -24.21 48.89 7.15
N PRO H 21 -24.83 47.87 7.75
CA PRO H 21 -24.41 47.44 9.09
C PRO H 21 -23.17 46.57 9.09
N PHE H 22 -22.93 45.85 8.00
CA PHE H 22 -21.84 44.90 7.90
C PHE H 22 -20.63 45.51 7.23
N ASP H 23 -19.45 45.08 7.66
CA ASP H 23 -18.21 45.49 7.01
C ASP H 23 -18.00 44.69 5.73
N TYR H 24 -17.55 45.38 4.68
CA TYR H 24 -17.38 44.79 3.37
C TYR H 24 -16.00 45.13 2.83
N LEU H 25 -15.42 44.20 2.08
CA LEU H 25 -14.11 44.42 1.50
C LEU H 25 -14.14 45.33 0.28
N SER H 26 -15.20 45.24 -0.52
CA SER H 26 -15.33 46.06 -1.72
C SER H 26 -16.77 46.54 -1.85
N ARG H 27 -16.94 47.69 -2.48
CA ARG H 27 -18.27 48.23 -2.71
C ARG H 27 -19.06 47.40 -3.71
N LYS H 28 -18.39 46.60 -4.53
CA LYS H 28 -19.08 45.78 -5.52
C LYS H 28 -19.75 44.58 -4.86
N PHE H 29 -19.26 44.15 -3.69
CA PHE H 29 -19.87 43.01 -3.00
C PHE H 29 -21.21 43.37 -2.40
N VAL H 30 -21.44 44.65 -2.10
CA VAL H 30 -22.70 45.07 -1.51
C VAL H 30 -23.79 45.09 -2.58
N ARG H 31 -24.92 44.49 -2.27
CA ARG H 31 -26.07 44.44 -3.17
C ARG H 31 -27.21 45.24 -2.57
N VAL H 32 -27.73 46.21 -3.33
CA VAL H 32 -28.87 47.02 -2.93
C VAL H 32 -30.02 46.68 -3.87
N SER H 33 -31.15 46.29 -3.30
CA SER H 33 -32.29 45.84 -4.09
C SER H 33 -33.58 46.37 -3.45
N LEU H 34 -34.60 46.53 -4.30
CA LEU H 34 -35.94 46.91 -3.86
C LEU H 34 -36.78 45.65 -3.77
N VAL H 35 -37.34 45.39 -2.59
CA VAL H 35 -38.02 44.13 -2.30
C VAL H 35 -39.49 44.40 -2.05
N SER H 36 -40.34 43.68 -2.76
CA SER H 36 -41.78 43.65 -2.50
C SER H 36 -42.24 42.20 -2.53
N ASP H 37 -43.36 41.94 -1.87
CA ASP H 37 -43.88 40.57 -1.82
C ASP H 37 -44.21 40.04 -3.21
N ASP H 38 -44.54 40.94 -4.15
CA ASP H 38 -44.89 40.51 -5.50
C ASP H 38 -43.65 40.39 -6.38
N ASN H 39 -42.84 41.45 -6.44
CA ASN H 39 -41.70 41.48 -7.34
C ASN H 39 -40.49 42.02 -6.61
N ARG H 40 -39.32 41.79 -7.20
CA ARG H 40 -38.05 42.17 -6.62
C ARG H 40 -37.09 42.58 -7.73
N ARG H 41 -36.42 43.72 -7.54
CA ARG H 41 -35.51 44.23 -8.56
C ARG H 41 -34.24 44.73 -7.90
N LEU H 42 -33.12 44.59 -8.62
CA LEU H 42 -31.82 45.02 -8.16
C LEU H 42 -31.53 46.44 -8.63
N LEU H 43 -30.69 47.14 -7.88
CA LEU H 43 -30.30 48.51 -8.19
C LEU H 43 -28.83 48.57 -8.52
N SER H 44 -28.50 49.18 -9.66
CA SER H 44 -27.11 49.37 -10.04
C SER H 44 -26.53 50.61 -9.39
N ASN H 45 -25.22 50.60 -9.17
CA ASN H 45 -24.56 51.71 -8.54
C ASN H 45 -24.57 52.94 -9.45
N ILE H 46 -24.29 54.09 -8.86
CA ILE H 46 -24.19 55.37 -9.57
C ILE H 46 -25.55 55.78 -10.11
N THR H 47 -26.07 55.04 -11.09
CA THR H 47 -27.31 55.43 -11.74
C THR H 47 -28.50 55.35 -10.79
N GLU H 48 -28.66 54.22 -10.10
CA GLU H 48 -29.82 54.03 -9.24
C GLU H 48 -29.59 54.53 -7.83
N TYR H 49 -28.36 54.45 -7.32
CA TYR H 49 -28.05 54.91 -5.98
C TYR H 49 -26.58 55.30 -5.91
N ARG H 50 -26.24 56.09 -4.90
CA ARG H 50 -24.86 56.54 -4.72
C ARG H 50 -24.50 56.44 -3.24
N TYR H 51 -23.20 56.34 -2.98
CA TYR H 51 -22.69 56.15 -1.63
C TYR H 51 -22.49 57.51 -0.98
N VAL H 52 -23.28 57.79 0.05
CA VAL H 52 -23.08 59.03 0.82
C VAL H 52 -21.76 58.97 1.58
N SER H 53 -21.47 57.84 2.20
CA SER H 53 -20.23 57.67 2.95
C SER H 53 -19.84 56.20 2.84
N LYS H 54 -18.91 55.76 3.71
CA LYS H 54 -18.49 54.37 3.69
C LYS H 54 -19.62 53.44 4.10
N THR H 55 -20.41 53.84 5.08
CA THR H 55 -21.44 52.99 5.65
C THR H 55 -22.85 53.42 5.29
N ARG H 56 -23.02 54.41 4.42
CA ARG H 56 -24.34 54.94 4.11
C ARG H 56 -24.49 55.11 2.60
N VAL H 57 -25.71 54.88 2.10
CA VAL H 57 -26.04 55.05 0.70
C VAL H 57 -27.31 55.87 0.59
N LYS H 58 -27.52 56.43 -0.61
CA LYS H 58 -28.72 57.19 -0.91
C LYS H 58 -29.31 56.71 -2.22
N LEU H 59 -30.63 56.54 -2.25
CA LEU H 59 -31.33 56.04 -3.43
C LEU H 59 -31.77 57.21 -4.30
N LEU H 60 -31.28 57.23 -5.55
CA LEU H 60 -31.69 58.28 -6.49
C LEU H 60 -33.07 58.00 -7.05
N VAL H 61 -33.39 56.74 -7.35
CA VAL H 61 -34.66 56.41 -7.97
C VAL H 61 -35.76 56.33 -6.91
N ALA H 62 -37.00 56.33 -7.39
CA ALA H 62 -38.15 56.23 -6.50
C ALA H 62 -38.36 54.79 -6.04
N THR H 63 -38.96 54.64 -4.87
CA THR H 63 -39.20 53.35 -4.25
C THR H 63 -40.67 52.92 -4.35
N THR H 64 -41.41 53.48 -5.30
CA THR H 64 -42.83 53.16 -5.42
C THR H 64 -43.02 51.71 -5.85
N GLY H 65 -44.00 51.04 -5.24
CA GLY H 65 -44.31 49.66 -5.56
C GLY H 65 -43.48 48.63 -4.82
N PHE H 66 -42.57 49.06 -3.94
CA PHE H 66 -41.71 48.15 -3.19
C PHE H 66 -41.80 48.47 -1.72
N ASP H 67 -42.02 47.43 -0.90
CA ASP H 67 -42.24 47.64 0.52
C ASP H 67 -40.95 47.94 1.28
N ARG H 68 -39.87 47.26 0.92
CA ARG H 68 -38.64 47.31 1.70
C ARG H 68 -37.44 47.52 0.79
N VAL H 69 -36.37 48.06 1.39
CA VAL H 69 -35.07 48.20 0.74
C VAL H 69 -34.11 47.25 1.44
N GLU H 70 -33.46 46.39 0.67
CA GLU H 70 -32.61 45.33 1.20
C GLU H 70 -31.16 45.59 0.84
N ILE H 71 -30.27 45.41 1.81
CA ILE H 71 -28.83 45.49 1.60
C ILE H 71 -28.23 44.15 2.00
N ARG H 72 -27.53 43.51 1.05
CA ARG H 72 -26.95 42.19 1.27
C ARG H 72 -25.51 42.18 0.79
N ARG H 73 -24.67 41.41 1.47
CA ARG H 73 -23.27 41.24 1.12
C ARG H 73 -23.10 39.93 0.38
N PHE H 74 -22.51 40.00 -0.82
CA PHE H 74 -22.26 38.83 -1.65
C PHE H 74 -20.81 38.89 -2.11
N THR H 75 -19.90 38.37 -1.27
CA THR H 75 -18.49 38.39 -1.62
C THR H 75 -18.19 37.43 -2.75
N SER H 76 -17.44 37.90 -3.74
CA SER H 76 -17.12 37.10 -4.92
C SER H 76 -15.83 36.34 -4.67
N ALA H 77 -15.91 35.01 -4.72
CA ALA H 77 -14.73 34.18 -4.53
C ALA H 77 -13.81 34.19 -5.74
N SER H 78 -14.34 34.49 -6.93
CA SER H 78 -13.52 34.46 -8.15
C SER H 78 -12.44 35.54 -8.13
N GLU H 79 -12.80 36.76 -7.70
CA GLU H 79 -11.88 37.89 -7.72
C GLU H 79 -11.33 38.13 -6.32
N ARG H 80 -10.02 38.34 -6.24
CA ARG H 80 -9.35 38.56 -4.96
C ARG H 80 -9.13 40.06 -4.73
N ILE H 81 -9.53 40.53 -3.56
CA ILE H 81 -9.34 41.95 -3.24
C ILE H 81 -7.87 42.28 -3.09
N VAL H 82 -7.10 41.41 -2.45
CA VAL H 82 -5.67 41.63 -2.25
C VAL H 82 -4.92 40.80 -3.29
N ASP H 83 -4.23 41.48 -4.20
CA ASP H 83 -3.40 40.85 -5.21
C ASP H 83 -1.96 40.89 -4.74
N PHE H 84 -1.41 39.73 -4.41
CA PHE H 84 -0.04 39.64 -3.96
C PHE H 84 0.89 39.65 -5.17
N SER H 85 1.93 40.45 -5.11
CA SER H 85 2.87 40.59 -6.22
C SER H 85 4.29 40.64 -5.69
N ASP H 86 5.22 40.17 -6.51
CA ASP H 86 6.64 40.28 -6.20
C ASP H 86 7.16 41.65 -6.56
N GLY H 87 8.16 42.11 -5.81
CA GLY H 87 8.66 43.45 -5.97
C GLY H 87 7.85 44.51 -5.26
N SER H 88 6.76 44.13 -4.61
CA SER H 88 5.96 45.02 -3.78
C SER H 88 6.05 44.57 -2.34
N VAL H 89 6.19 45.53 -1.43
CA VAL H 89 6.39 45.20 -0.02
C VAL H 89 5.14 44.52 0.53
N LEU H 90 5.33 43.34 1.11
CA LEU H 90 4.26 42.61 1.77
C LEU H 90 3.95 43.31 3.09
N ARG H 91 2.66 43.35 3.45
CA ARG H 91 2.25 43.94 4.71
C ARG H 91 1.44 42.94 5.53
N ALA H 92 1.47 43.13 6.85
CA ALA H 92 0.65 42.32 7.73
C ALA H 92 -0.84 42.54 7.47
N ASN H 93 -1.22 43.79 7.19
CA ASN H 93 -2.61 44.07 6.86
C ASN H 93 -3.03 43.38 5.58
N ASP H 94 -2.13 43.27 4.60
CA ASP H 94 -2.45 42.56 3.37
C ASP H 94 -2.76 41.10 3.64
N LEU H 95 -1.97 40.47 4.52
CA LEU H 95 -2.27 39.09 4.91
C LEU H 95 -3.59 39.01 5.66
N ASN H 96 -3.85 39.96 6.55
CA ASN H 96 -5.09 39.95 7.31
C ASN H 96 -6.32 40.11 6.42
N VAL H 97 -6.24 41.03 5.45
CA VAL H 97 -7.37 41.23 4.55
C VAL H 97 -7.56 40.00 3.65
N SER H 98 -6.46 39.35 3.28
CA SER H 98 -6.56 38.18 2.41
C SER H 98 -7.36 37.07 3.06
N GLN H 99 -7.12 36.80 4.34
CA GLN H 99 -7.92 35.81 5.05
C GLN H 99 -9.35 36.31 5.27
N LEU H 100 -9.52 37.63 5.39
CA LEU H 100 -10.84 38.18 5.69
C LEU H 100 -11.84 37.93 4.57
N GLN H 101 -11.37 37.87 3.32
CA GLN H 101 -12.29 37.60 2.21
C GLN H 101 -12.89 36.21 2.33
N SER H 102 -12.08 35.21 2.64
CA SER H 102 -12.60 33.85 2.81
C SER H 102 -13.54 33.79 4.01
N ALA H 103 -13.22 34.52 5.08
CA ALA H 103 -14.09 34.53 6.25
C ALA H 103 -15.43 35.15 5.93
N HIS H 104 -15.45 36.20 5.11
CA HIS H 104 -16.71 36.85 4.75
C HIS H 104 -17.61 35.93 3.95
N ILE H 105 -17.05 35.15 3.02
CA ILE H 105 -17.85 34.23 2.25
C ILE H 105 -18.46 33.17 3.15
N ALA H 106 -17.68 32.66 4.12
CA ALA H 106 -18.20 31.67 5.04
C ALA H 106 -19.35 32.24 5.86
N GLU H 107 -19.24 33.51 6.27
CA GLU H 107 -20.32 34.14 7.03
C GLU H 107 -21.60 34.22 6.20
N GLU H 108 -21.48 34.54 4.91
CA GLU H 108 -22.66 34.56 4.05
C GLU H 108 -23.24 33.16 3.90
N ALA H 109 -22.39 32.14 3.86
CA ALA H 109 -22.88 30.77 3.77
C ALA H 109 -23.67 30.39 5.02
N ARG H 110 -23.17 30.76 6.20
CA ARG H 110 -23.92 30.47 7.43
C ARG H 110 -25.25 31.20 7.44
N ASP H 111 -25.27 32.47 7.04
CA ASP H 111 -26.52 33.22 7.00
C ASP H 111 -27.48 32.64 5.96
N ALA H 112 -26.97 32.30 4.78
CA ALA H 112 -27.83 31.71 3.75
C ALA H 112 -28.46 30.41 4.23
N ALA H 113 -27.72 29.66 5.06
CA ALA H 113 -28.32 28.49 5.70
C ALA H 113 -29.43 28.88 6.64
N LEU H 114 -29.26 30.00 7.36
CA LEU H 114 -30.28 30.43 8.32
C LEU H 114 -31.56 30.88 7.62
N LEU H 115 -31.46 31.39 6.39
CA LEU H 115 -32.67 31.71 5.64
C LEU H 115 -33.50 30.46 5.35
N ALA H 116 -32.84 29.36 5.00
CA ALA H 116 -33.51 28.08 4.85
C ALA H 116 -33.71 27.47 6.24
N MET H 117 -34.08 26.19 6.29
CA MET H 117 -34.21 25.50 7.56
C MET H 117 -32.91 24.78 7.87
N PRO H 118 -32.12 25.24 8.83
CA PRO H 118 -30.93 24.49 9.23
C PRO H 118 -31.22 23.56 10.39
N GLU H 119 -30.24 22.74 10.77
CA GLU H 119 -30.37 21.97 11.99
C GLU H 119 -30.12 22.88 13.19
N ASP H 120 -30.92 22.70 14.24
CA ASP H 120 -30.79 23.49 15.45
C ASP H 120 -30.51 22.59 16.63
N ASP H 121 -29.43 22.88 17.36
CA ASP H 121 -29.06 22.13 18.56
C ASP H 121 -29.00 20.63 18.28
N ALA H 122 -29.91 19.88 18.89
CA ALA H 122 -29.94 18.43 18.75
C ALA H 122 -30.72 18.06 17.49
N GLY H 123 -30.05 18.21 16.34
CA GLY H 123 -30.60 17.80 15.08
C GLY H 123 -31.86 18.58 14.70
N ASN H 124 -32.78 17.86 14.07
CA ASN H 124 -34.08 18.39 13.65
C ASN H 124 -33.93 19.52 12.64
N LEU H 125 -35.07 20.06 12.19
CA LEU H 125 -35.07 21.20 11.28
C LEU H 125 -36.06 22.22 11.81
N ASP H 126 -35.63 23.46 11.94
CA ASP H 126 -36.46 24.50 12.53
C ASP H 126 -36.86 25.54 11.48
N ALA H 127 -38.14 25.89 11.49
CA ALA H 127 -38.64 27.07 10.81
C ALA H 127 -38.92 28.12 11.87
N ARG H 128 -38.19 29.23 11.82
CA ARG H 128 -38.25 30.19 12.92
C ARG H 128 -39.59 30.89 12.93
N ASN H 129 -40.65 30.17 13.30
CA ASN H 129 -42.01 30.67 13.28
C ASN H 129 -42.38 31.18 11.89
N ARG H 130 -41.98 30.42 10.87
CA ARG H 130 -42.28 30.73 9.48
C ARG H 130 -43.10 29.60 8.89
N LYS H 131 -44.22 29.96 8.26
CA LYS H 131 -45.08 29.00 7.59
C LYS H 131 -44.45 28.57 6.27
N ILE H 132 -44.88 27.40 5.79
CA ILE H 132 -44.39 26.84 4.53
C ILE H 132 -45.49 26.99 3.50
N VAL H 133 -45.25 27.83 2.48
CA VAL H 133 -46.24 28.09 1.44
C VAL H 133 -46.11 27.06 0.33
N ARG H 134 -47.11 27.02 -0.54
CA ARG H 134 -47.15 26.11 -1.69
C ARG H 134 -47.11 24.68 -1.17
N LEU H 135 -46.05 23.91 -1.42
CA LEU H 135 -45.95 22.51 -1.01
C LEU H 135 -46.87 21.65 -1.86
N ALA H 136 -46.65 20.34 -1.87
CA ALA H 136 -47.44 19.46 -2.71
C ALA H 136 -48.09 18.38 -1.87
N PRO H 137 -49.25 17.88 -2.28
CA PRO H 137 -49.91 16.81 -1.52
C PRO H 137 -49.03 15.57 -1.45
N GLY H 138 -49.09 14.90 -0.30
CA GLY H 138 -48.26 13.73 -0.07
C GLY H 138 -48.85 12.46 -0.63
N GLU H 139 -48.09 11.81 -1.51
CA GLU H 139 -48.47 10.54 -2.09
C GLU H 139 -48.47 9.42 -1.04
N ALA H 140 -47.49 9.49 -0.15
CA ALA H 140 -47.28 8.49 0.90
C ALA H 140 -47.41 9.05 2.31
N GLY H 141 -47.56 8.15 3.28
CA GLY H 141 -47.73 8.53 4.67
C GLY H 141 -46.58 9.33 5.25
N THR H 142 -45.35 8.96 4.92
CA THR H 142 -44.17 9.67 5.41
C THR H 142 -44.15 11.12 4.92
N ASP H 143 -44.58 11.33 3.67
CA ASP H 143 -44.60 12.65 3.07
C ASP H 143 -45.50 13.62 3.82
N ALA H 144 -45.07 14.87 3.90
CA ALA H 144 -45.79 15.94 4.56
C ALA H 144 -47.13 16.18 3.87
N ILE H 145 -48.06 16.76 4.62
CA ILE H 145 -49.43 16.98 4.15
C ILE H 145 -49.73 18.47 4.19
N ASN H 146 -50.31 18.98 3.10
CA ASN H 146 -50.68 20.38 3.03
C ASN H 146 -52.02 20.61 3.73
N LYS H 147 -52.36 21.89 3.91
CA LYS H 147 -53.59 22.23 4.62
C LYS H 147 -54.83 21.82 3.85
N ASN H 148 -54.75 21.71 2.53
CA ASN H 148 -55.91 21.27 1.76
C ASN H 148 -56.34 19.87 2.17
N GLN H 149 -55.38 18.97 2.36
CA GLN H 149 -55.72 17.62 2.80
C GLN H 149 -56.35 17.63 4.18
N LEU H 150 -55.81 18.43 5.10
CA LEU H 150 -56.39 18.52 6.44
C LEU H 150 -57.82 19.04 6.38
N ASP H 151 -58.04 20.09 5.59
CA ASP H 151 -59.36 20.70 5.52
C ASP H 151 -60.39 19.73 4.95
N THR H 152 -60.04 19.00 3.89
CA THR H 152 -61.00 18.08 3.29
C THR H 152 -61.28 16.89 4.21
N THR H 153 -60.22 16.25 4.71
CA THR H 153 -60.42 15.02 5.49
C THR H 153 -61.10 15.30 6.83
N LEU H 154 -60.60 16.29 7.57
CA LEU H 154 -61.20 16.60 8.86
C LEU H 154 -62.38 17.55 8.77
N GLY H 155 -62.55 18.24 7.64
CA GLY H 155 -63.75 19.02 7.43
C GLY H 155 -64.95 18.13 7.20
N GLU H 156 -64.75 17.06 6.42
CA GLU H 156 -65.82 16.09 6.22
C GLU H 156 -66.13 15.34 7.52
N ALA H 157 -65.09 14.93 8.25
CA ALA H 157 -65.30 14.34 9.56
C ALA H 157 -65.92 15.35 10.51
N GLY H 158 -65.45 16.60 10.46
CA GLY H 158 -66.10 17.66 11.23
C GLY H 158 -67.51 17.94 10.74
N GLY H 159 -67.70 17.95 9.42
CA GLY H 159 -69.01 18.19 8.84
C GLY H 159 -69.09 17.75 7.39
#